data_2OTC
#
_entry.id   2OTC
#
_cell.length_a   104.030
_cell.length_b   114.690
_cell.length_c   93.780
_cell.angle_alpha   86.99
_cell.angle_beta   93.11
_cell.angle_gamma   118.81
#
_symmetry.space_group_name_H-M   'P 1'
#
loop_
_entity.id
_entity.type
_entity.pdbx_description
1 polymer 'ORNITHINE CARBAMOYLTRANSFERASE'
2 non-polymer N-(PHOSPHONOACETYL)-L-ORNITHINE
3 water water
#
_entity_poly.entity_id   1
_entity_poly.type   'polypeptide(L)'
_entity_poly.pdbx_seq_one_letter_code
;SGFYHKHFLKLLDFTPAELNSLLQLAAKLKADKKSGKEEAKLTGKNIALIFEKDSTRTRCSFEVAAYDQGARVTYLGPSG
SQIGHKESIKDTARVLGRMYDGIQYRGYGQEIVETLAEYARVPVWNGLTNEFHPTQLLADLLTMQEHLPGKAFNEMTLVY
AGDARNNMGNSMLEAAALTGLDLRLVAPQACWPEAALVTECRALAQQNGGNITLTEDVAKGVEGADFIYTDVWVSMGEAK
EKWAERIALLREYQVNSKMMQLTGNPEVKFLHCLPAFHDDQTTLGKKMAEEFGLHGGMEVTDEVFESAASIVFDQAENRM
HTIKAVMVATLSK
;
_entity_poly.pdbx_strand_id   A,B,C,D,E,F,G,H,I
#
loop_
_chem_comp.id
_chem_comp.type
_chem_comp.name
_chem_comp.formula
PAO non-polymer N-(PHOSPHONOACETYL)-L-ORNITHINE 'C7 H15 N2 O6 P'
#
# COMPACT_ATOMS: atom_id res chain seq x y z
N SER A 1 -8.25 27.92 -15.96
CA SER A 1 -9.51 28.66 -15.83
C SER A 1 -9.46 29.72 -14.71
N GLY A 2 -9.93 29.43 -13.48
CA GLY A 2 -9.82 30.37 -12.37
C GLY A 2 -8.48 30.14 -11.66
N PHE A 3 -7.46 30.06 -12.50
CA PHE A 3 -6.09 29.83 -12.10
C PHE A 3 -5.16 30.99 -12.33
N TYR A 4 -5.41 31.76 -13.37
CA TYR A 4 -4.55 32.87 -13.73
C TYR A 4 -4.46 33.86 -12.58
N HIS A 5 -3.22 34.17 -12.22
CA HIS A 5 -2.87 35.01 -11.09
C HIS A 5 -3.29 34.52 -9.71
N LYS A 6 -3.62 33.24 -9.58
CA LYS A 6 -3.92 32.67 -8.29
C LYS A 6 -2.64 32.27 -7.58
N HIS A 7 -2.57 32.29 -6.25
CA HIS A 7 -1.37 31.80 -5.58
C HIS A 7 -1.51 30.30 -5.40
N PHE A 8 -0.46 29.60 -5.00
CA PHE A 8 -0.58 28.18 -4.72
C PHE A 8 0.08 28.04 -3.36
N LEU A 9 -0.67 28.24 -2.27
CA LEU A 9 -0.09 28.20 -0.93
C LEU A 9 -0.39 26.93 -0.18
N LYS A 10 -1.63 26.45 -0.25
CA LYS A 10 -2.02 25.19 0.38
C LYS A 10 -3.11 24.58 -0.50
N LEU A 11 -3.30 23.26 -0.47
CA LEU A 11 -4.30 22.67 -1.33
C LEU A 11 -5.76 23.02 -1.09
N LEU A 12 -6.16 23.23 0.16
CA LEU A 12 -7.57 23.53 0.42
C LEU A 12 -8.06 24.88 -0.09
N ASP A 13 -7.21 25.69 -0.71
CA ASP A 13 -7.68 26.91 -1.34
C ASP A 13 -8.16 26.60 -2.75
N PHE A 14 -8.26 25.32 -3.08
CA PHE A 14 -8.72 24.86 -4.38
C PHE A 14 -9.87 23.88 -4.29
N THR A 15 -10.72 23.92 -5.32
CA THR A 15 -11.80 22.96 -5.39
C THR A 15 -11.28 21.64 -5.91
N PRO A 16 -12.01 20.53 -5.67
CA PRO A 16 -11.68 19.23 -6.25
C PRO A 16 -11.53 19.30 -7.75
N ALA A 17 -12.40 20.09 -8.37
CA ALA A 17 -12.33 20.29 -9.80
C ALA A 17 -11.08 21.01 -10.26
N GLU A 18 -10.65 21.99 -9.48
CA GLU A 18 -9.45 22.74 -9.79
C GLU A 18 -8.23 21.86 -9.69
N LEU A 19 -8.15 21.07 -8.62
CA LEU A 19 -7.05 20.17 -8.40
C LEU A 19 -6.92 19.18 -9.54
N ASN A 20 -8.08 18.72 -9.99
CA ASN A 20 -8.14 17.70 -11.02
C ASN A 20 -7.78 18.22 -12.39
N SER A 21 -8.10 19.48 -12.63
CA SER A 21 -7.79 20.17 -13.86
C SER A 21 -6.27 20.30 -13.96
N LEU A 22 -5.72 20.66 -12.80
CA LEU A 22 -4.32 20.91 -12.63
C LEU A 22 -3.53 19.66 -12.92
N LEU A 23 -4.01 18.61 -12.29
CA LEU A 23 -3.44 17.29 -12.44
C LEU A 23 -3.45 16.85 -13.89
N GLN A 24 -4.52 17.21 -14.58
CA GLN A 24 -4.69 16.88 -15.98
C GLN A 24 -3.71 17.66 -16.85
N LEU A 25 -3.52 18.95 -16.58
CA LEU A 25 -2.59 19.79 -17.32
C LEU A 25 -1.16 19.32 -17.17
N ALA A 26 -0.83 18.92 -15.95
CA ALA A 26 0.48 18.38 -15.64
C ALA A 26 0.76 17.18 -16.51
N ALA A 27 -0.24 16.31 -16.56
CA ALA A 27 -0.16 15.09 -17.33
C ALA A 27 0.03 15.32 -18.82
N LYS A 28 -0.59 16.40 -19.31
CA LYS A 28 -0.46 16.79 -20.70
C LYS A 28 0.97 17.26 -20.97
N LEU A 29 1.39 18.21 -20.13
CA LEU A 29 2.71 18.77 -20.22
C LEU A 29 3.84 17.76 -20.14
N LYS A 30 3.64 16.70 -19.35
CA LYS A 30 4.60 15.62 -19.22
C LYS A 30 4.73 14.92 -20.56
N ALA A 31 3.53 14.57 -21.04
CA ALA A 31 3.38 13.87 -22.30
C ALA A 31 3.91 14.68 -23.47
N ASP A 32 3.67 16.00 -23.47
CA ASP A 32 4.17 16.86 -24.51
C ASP A 32 5.67 16.91 -24.54
N LYS A 33 6.32 16.92 -23.37
CA LYS A 33 7.75 16.99 -23.34
C LYS A 33 8.40 15.70 -23.85
N LYS A 34 7.84 14.53 -23.53
CA LYS A 34 8.40 13.28 -24.01
C LYS A 34 8.22 13.11 -25.52
N SER A 35 7.10 13.56 -26.05
CA SER A 35 6.84 13.54 -27.48
C SER A 35 7.61 14.64 -28.21
N GLY A 36 8.19 15.61 -27.51
CA GLY A 36 8.93 16.70 -28.13
C GLY A 36 8.02 17.79 -28.71
N LYS A 37 6.71 17.68 -28.49
CA LYS A 37 5.75 18.65 -28.97
C LYS A 37 5.45 19.73 -27.91
N GLU A 38 6.38 19.99 -26.99
CA GLU A 38 6.10 20.96 -25.94
C GLU A 38 6.10 22.38 -26.51
N GLU A 39 4.94 23.00 -26.36
CA GLU A 39 4.79 24.38 -26.79
C GLU A 39 5.05 25.26 -25.57
N ALA A 40 6.11 26.08 -25.65
CA ALA A 40 6.48 26.99 -24.57
C ALA A 40 5.41 28.05 -24.33
N LYS A 41 5.02 28.30 -23.09
CA LYS A 41 3.96 29.26 -22.85
C LYS A 41 4.45 30.46 -22.07
N LEU A 42 5.38 30.21 -21.16
CA LEU A 42 5.90 31.26 -20.32
C LEU A 42 7.10 32.03 -20.87
N THR A 43 7.27 32.15 -22.19
CA THR A 43 8.35 32.91 -22.79
C THR A 43 8.45 34.37 -22.30
N GLY A 44 9.66 34.79 -21.94
CA GLY A 44 9.91 36.15 -21.48
C GLY A 44 9.38 36.50 -20.09
N LYS A 45 8.99 35.50 -19.30
CA LYS A 45 8.56 35.75 -17.93
C LYS A 45 9.75 35.53 -17.00
N ASN A 46 9.94 36.37 -16.00
CA ASN A 46 11.06 36.19 -15.09
C ASN A 46 10.53 35.76 -13.74
N ILE A 47 11.13 34.77 -13.11
CA ILE A 47 10.61 34.24 -11.86
C ILE A 47 11.66 34.26 -10.75
N ALA A 48 11.39 34.86 -9.58
CA ALA A 48 12.34 34.78 -8.49
C ALA A 48 12.08 33.51 -7.67
N LEU A 49 13.14 32.90 -7.14
CA LEU A 49 13.00 31.70 -6.34
C LEU A 49 13.66 31.91 -4.99
N ILE A 50 12.90 32.28 -3.97
CA ILE A 50 13.44 32.46 -2.62
C ILE A 50 13.60 31.09 -1.95
N PHE A 51 14.81 30.67 -1.57
CA PHE A 51 14.95 29.43 -0.80
C PHE A 51 15.52 29.66 0.59
N GLU A 52 14.81 29.41 1.69
CA GLU A 52 15.43 29.56 3.00
C GLU A 52 15.88 28.24 3.60
N LYS A 53 15.34 27.12 3.15
CA LYS A 53 15.83 25.79 3.54
C LYS A 53 16.44 25.15 2.30
N ASP A 54 17.23 24.09 2.46
CA ASP A 54 17.80 23.41 1.31
C ASP A 54 16.78 22.74 0.39
N SER A 55 17.24 22.34 -0.79
CA SER A 55 16.42 21.65 -1.77
C SER A 55 17.23 21.15 -2.96
N THR A 56 16.96 19.94 -3.43
CA THR A 56 17.51 19.50 -4.69
C THR A 56 16.33 19.46 -5.64
N ARG A 57 15.37 18.54 -5.42
CA ARG A 57 14.20 18.42 -6.27
C ARG A 57 13.41 19.68 -6.48
N THR A 58 12.78 20.26 -5.46
CA THR A 58 11.98 21.44 -5.66
C THR A 58 12.70 22.56 -6.42
N ARG A 59 13.95 22.89 -6.10
CA ARG A 59 14.69 23.90 -6.83
C ARG A 59 14.88 23.47 -8.27
N CYS A 60 15.45 22.29 -8.49
CA CYS A 60 15.70 21.85 -9.85
C CYS A 60 14.44 21.82 -10.67
N SER A 61 13.38 21.33 -10.06
CA SER A 61 12.08 21.27 -10.67
C SER A 61 11.64 22.64 -11.14
N PHE A 62 11.72 23.65 -10.28
CA PHE A 62 11.34 24.98 -10.69
C PHE A 62 12.19 25.50 -11.81
N GLU A 63 13.48 25.19 -11.78
CA GLU A 63 14.38 25.68 -12.80
C GLU A 63 14.15 25.07 -14.15
N VAL A 64 14.17 23.75 -14.28
CA VAL A 64 13.98 23.15 -15.59
C VAL A 64 12.57 23.42 -16.13
N ALA A 65 11.53 23.35 -15.30
CA ALA A 65 10.18 23.63 -15.75
C ALA A 65 10.07 25.03 -16.33
N ALA A 66 10.75 25.99 -15.72
CA ALA A 66 10.77 27.32 -16.25
C ALA A 66 11.55 27.38 -17.55
N TYR A 67 12.71 26.75 -17.59
CA TYR A 67 13.54 26.79 -18.79
C TYR A 67 12.85 26.18 -19.98
N ASP A 68 12.06 25.13 -19.73
CA ASP A 68 11.34 24.48 -20.80
C ASP A 68 10.27 25.38 -21.36
N GLN A 69 9.60 26.06 -20.45
CA GLN A 69 8.55 26.94 -20.80
C GLN A 69 9.05 28.31 -21.29
N GLY A 70 10.34 28.46 -21.50
CA GLY A 70 10.91 29.70 -21.99
C GLY A 70 11.02 30.83 -20.97
N ALA A 71 10.91 30.54 -19.68
CA ALA A 71 11.07 31.57 -18.66
C ALA A 71 12.48 31.57 -18.09
N ARG A 72 12.93 32.66 -17.47
CA ARG A 72 14.20 32.64 -16.76
C ARG A 72 13.99 32.73 -15.25
N VAL A 73 15.02 32.34 -14.54
CA VAL A 73 14.97 32.19 -13.09
C VAL A 73 16.06 32.92 -12.34
N THR A 74 15.77 33.39 -11.13
CA THR A 74 16.78 34.01 -10.29
C THR A 74 16.73 33.28 -8.95
N TYR A 75 17.79 32.56 -8.58
CA TYR A 75 17.79 31.83 -7.33
C TYR A 75 18.37 32.66 -6.18
N LEU A 76 17.51 33.07 -5.24
CA LEU A 76 17.97 33.79 -4.05
C LEU A 76 18.04 32.76 -2.96
N GLY A 77 19.19 32.11 -2.88
CA GLY A 77 19.41 31.07 -1.89
C GLY A 77 19.44 31.53 -0.44
N PRO A 78 19.56 30.62 0.54
CA PRO A 78 19.70 30.95 1.95
C PRO A 78 20.97 31.75 2.17
N SER A 79 20.74 33.00 2.51
CA SER A 79 21.78 34.01 2.71
C SER A 79 22.73 34.17 1.52
N GLY A 80 22.45 35.30 0.89
CA GLY A 80 23.10 35.82 -0.31
C GLY A 80 22.52 37.20 -0.61
N SER A 81 21.21 37.27 -0.40
CA SER A 81 20.45 38.50 -0.59
C SER A 81 20.17 39.15 0.76
N GLN A 82 19.38 40.22 0.76
CA GLN A 82 18.97 40.89 1.97
C GLN A 82 17.82 40.17 2.68
N ILE A 83 17.08 39.30 1.96
CA ILE A 83 15.92 38.55 2.46
C ILE A 83 16.20 37.62 3.64
N GLY A 84 17.46 37.17 3.80
CA GLY A 84 17.92 36.31 4.91
C GLY A 84 17.35 36.74 6.25
N HIS A 85 17.38 38.09 6.37
CA HIS A 85 16.84 39.03 7.35
C HIS A 85 17.81 40.07 7.89
N LYS A 86 17.35 41.21 7.40
CA LYS A 86 17.89 42.54 7.52
C LYS A 86 16.80 43.44 6.89
N GLU A 87 15.76 42.83 6.31
CA GLU A 87 14.67 43.50 5.62
C GLU A 87 13.35 42.74 5.80
N SER A 88 12.23 43.46 5.94
CA SER A 88 10.91 42.85 6.07
C SER A 88 10.55 42.00 4.86
N ILE A 89 9.87 40.88 5.12
CA ILE A 89 9.37 40.09 4.01
C ILE A 89 8.35 40.91 3.25
N LYS A 90 7.66 41.75 4.03
CA LYS A 90 6.72 42.71 3.48
C LYS A 90 7.44 43.64 2.51
N ASP A 91 8.62 44.14 2.85
CA ASP A 91 9.36 44.95 1.91
C ASP A 91 9.87 44.13 0.74
N THR A 92 10.40 42.96 1.04
CA THR A 92 10.96 42.09 0.03
C THR A 92 9.97 41.77 -1.07
N ALA A 93 8.76 41.50 -0.60
CA ALA A 93 7.68 41.16 -1.49
C ALA A 93 7.44 42.32 -2.43
N ARG A 94 7.18 43.48 -1.84
CA ARG A 94 6.92 44.68 -2.62
C ARG A 94 8.03 45.04 -3.57
N VAL A 95 9.26 44.62 -3.26
CA VAL A 95 10.35 44.88 -4.16
C VAL A 95 10.30 43.91 -5.33
N LEU A 96 10.33 42.63 -5.00
CA LEU A 96 10.35 41.61 -6.02
C LEU A 96 9.16 41.65 -6.94
N GLY A 97 7.98 42.02 -6.47
CA GLY A 97 6.78 42.10 -7.30
C GLY A 97 6.88 43.11 -8.43
N ARG A 98 7.70 44.14 -8.19
CA ARG A 98 7.94 45.15 -9.18
C ARG A 98 8.84 44.63 -10.30
N MET A 99 9.62 43.58 -10.05
CA MET A 99 10.53 43.07 -11.07
C MET A 99 10.11 41.75 -11.71
N TYR A 100 9.60 40.82 -10.91
CA TYR A 100 9.25 39.51 -11.42
C TYR A 100 7.78 39.29 -11.75
N ASP A 101 7.54 38.19 -12.45
CA ASP A 101 6.19 37.80 -12.83
C ASP A 101 5.59 36.76 -11.90
N GLY A 102 6.44 36.10 -11.11
CA GLY A 102 6.06 35.07 -10.16
C GLY A 102 7.18 34.85 -9.16
N ILE A 103 6.84 34.36 -7.97
CA ILE A 103 7.82 34.14 -6.91
C ILE A 103 7.59 32.79 -6.26
N GLN A 104 8.65 32.04 -6.07
CA GLN A 104 8.55 30.82 -5.30
C GLN A 104 9.12 31.10 -3.92
N TYR A 105 8.58 30.42 -2.91
CA TYR A 105 9.10 30.54 -1.57
C TYR A 105 9.24 29.20 -0.87
N ARG A 106 10.43 28.86 -0.41
CA ARG A 106 10.64 27.69 0.42
C ARG A 106 11.03 28.26 1.77
N GLY A 107 10.46 27.83 2.89
CA GLY A 107 10.85 28.43 4.14
C GLY A 107 10.21 27.83 5.36
N TYR A 108 10.14 28.73 6.33
CA TYR A 108 9.67 28.41 7.67
C TYR A 108 8.32 28.99 8.04
N GLY A 109 7.22 28.27 7.92
CA GLY A 109 6.00 28.86 8.44
C GLY A 109 5.23 29.67 7.43
N GLN A 110 3.98 29.22 7.41
CA GLN A 110 2.99 29.73 6.48
C GLN A 110 2.72 31.21 6.56
N GLU A 111 2.91 31.83 7.73
CA GLU A 111 2.71 33.27 7.88
C GLU A 111 3.55 33.98 6.82
N ILE A 112 4.82 33.57 6.73
CA ILE A 112 5.76 34.16 5.80
C ILE A 112 5.23 34.14 4.38
N VAL A 113 4.94 32.96 3.83
CA VAL A 113 4.51 32.92 2.45
C VAL A 113 3.18 33.61 2.21
N GLU A 114 2.32 33.68 3.22
CA GLU A 114 1.05 34.38 3.10
C GLU A 114 1.26 35.88 3.05
N THR A 115 2.14 36.37 3.90
CA THR A 115 2.48 37.77 3.91
C THR A 115 3.14 38.10 2.58
N LEU A 116 3.98 37.21 2.10
CA LEU A 116 4.66 37.39 0.84
C LEU A 116 3.64 37.48 -0.27
N ALA A 117 2.56 36.71 -0.20
CA ALA A 117 1.52 36.74 -1.21
C ALA A 117 0.59 37.95 -1.17
N GLU A 118 0.31 38.50 0.01
CA GLU A 118 -0.56 39.67 0.08
C GLU A 118 0.03 40.87 -0.61
N TYR A 119 1.31 41.06 -0.32
CA TYR A 119 2.03 42.22 -0.76
C TYR A 119 2.74 42.16 -2.10
N ALA A 120 3.08 40.97 -2.61
CA ALA A 120 3.81 40.91 -3.86
C ALA A 120 3.06 41.34 -5.13
N ARG A 121 1.75 41.12 -5.19
CA ARG A 121 0.94 41.39 -6.36
C ARG A 121 1.27 40.58 -7.61
N VAL A 122 1.96 39.46 -7.42
CA VAL A 122 2.22 38.46 -8.45
C VAL A 122 1.99 37.08 -7.84
N PRO A 123 1.76 36.00 -8.59
CA PRO A 123 1.54 34.67 -8.04
C PRO A 123 2.68 34.21 -7.15
N VAL A 124 2.33 33.71 -5.97
CA VAL A 124 3.33 33.19 -5.07
C VAL A 124 3.02 31.71 -4.87
N TRP A 125 4.04 30.90 -5.08
CA TRP A 125 3.91 29.46 -4.95
C TRP A 125 4.67 29.00 -3.73
N ASN A 126 4.11 28.06 -2.98
CA ASN A 126 4.73 27.51 -1.79
C ASN A 126 5.62 26.32 -2.12
N GLY A 127 6.92 26.56 -2.05
CA GLY A 127 7.93 25.54 -2.30
C GLY A 127 8.08 24.52 -1.18
N LEU A 128 7.50 24.80 -0.02
CA LEU A 128 7.50 24.02 1.20
C LEU A 128 7.68 25.09 2.22
N THR A 129 6.76 24.91 3.14
CA THR A 129 6.71 25.70 4.33
C THR A 129 6.71 24.70 5.50
N ASN A 130 6.73 25.17 6.74
CA ASN A 130 6.74 24.28 7.89
C ASN A 130 5.48 23.45 8.03
N GLU A 131 4.35 24.03 7.64
CA GLU A 131 3.06 23.38 7.80
C GLU A 131 2.57 22.65 6.58
N PHE A 132 2.70 23.24 5.40
CA PHE A 132 2.23 22.61 4.18
C PHE A 132 3.31 22.40 3.16
N HIS A 133 2.96 21.69 2.10
CA HIS A 133 3.91 21.38 1.05
C HIS A 133 3.07 21.01 -0.16
N PRO A 134 2.20 21.86 -0.68
CA PRO A 134 1.16 21.49 -1.64
C PRO A 134 1.66 20.91 -2.95
N THR A 135 2.77 21.49 -3.39
CA THR A 135 3.42 21.11 -4.62
C THR A 135 3.77 19.63 -4.63
N GLN A 136 4.22 19.07 -3.51
CA GLN A 136 4.56 17.66 -3.41
C GLN A 136 3.37 16.77 -3.72
N LEU A 137 2.29 17.04 -3.00
CA LEU A 137 1.12 16.23 -3.16
C LEU A 137 0.57 16.20 -4.56
N LEU A 138 0.70 17.29 -5.32
CA LEU A 138 0.29 17.28 -6.69
C LEU A 138 1.00 16.17 -7.44
N ALA A 139 2.32 16.20 -7.29
CA ALA A 139 3.15 15.19 -7.90
C ALA A 139 2.75 13.83 -7.37
N ASP A 140 2.63 13.63 -6.05
CA ASP A 140 2.28 12.32 -5.55
C ASP A 140 0.94 11.82 -6.06
N LEU A 141 -0.04 12.72 -6.17
CA LEU A 141 -1.35 12.36 -6.64
C LEU A 141 -1.26 11.81 -8.04
N LEU A 142 -0.56 12.53 -8.90
CA LEU A 142 -0.38 12.08 -10.25
C LEU A 142 0.37 10.78 -10.28
N THR A 143 1.44 10.63 -9.51
CA THR A 143 2.21 9.40 -9.54
C THR A 143 1.32 8.24 -9.10
N MET A 144 0.42 8.49 -8.14
CA MET A 144 -0.49 7.46 -7.68
C MET A 144 -1.45 7.05 -8.76
N GLN A 145 -1.87 8.05 -9.50
CA GLN A 145 -2.81 7.89 -10.58
C GLN A 145 -2.17 7.15 -11.75
N GLU A 146 -0.89 7.39 -12.01
CA GLU A 146 -0.20 6.73 -13.10
C GLU A 146 0.08 5.26 -12.78
N HIS A 147 0.15 4.87 -11.52
CA HIS A 147 0.39 3.48 -11.20
C HIS A 147 -0.86 2.64 -10.92
N LEU A 148 -2.03 3.26 -10.82
CA LEU A 148 -3.28 2.55 -10.71
C LEU A 148 -4.24 3.21 -11.68
N PRO A 149 -4.14 2.93 -12.98
CA PRO A 149 -5.01 3.51 -13.98
C PRO A 149 -6.41 2.95 -13.81
N GLY A 150 -7.37 3.74 -14.31
CA GLY A 150 -8.77 3.39 -14.23
C GLY A 150 -9.30 3.36 -12.80
N LYS A 151 -8.60 4.03 -11.90
CA LYS A 151 -9.05 4.11 -10.52
C LYS A 151 -9.19 5.57 -10.15
N ALA A 152 -10.39 5.91 -9.69
CA ALA A 152 -10.60 7.24 -9.15
C ALA A 152 -9.89 7.28 -7.81
N PHE A 153 -9.54 8.47 -7.32
CA PHE A 153 -8.85 8.55 -6.06
C PHE A 153 -9.60 7.97 -4.88
N ASN A 154 -10.93 8.04 -4.90
CA ASN A 154 -11.74 7.47 -3.83
C ASN A 154 -11.70 5.94 -3.77
N GLU A 155 -11.17 5.31 -4.82
CA GLU A 155 -11.00 3.86 -4.88
C GLU A 155 -9.63 3.41 -4.37
N MET A 156 -8.77 4.34 -3.93
CA MET A 156 -7.42 4.07 -3.49
C MET A 156 -7.21 4.18 -2.00
N THR A 157 -6.40 3.30 -1.42
CA THR A 157 -6.13 3.40 0.01
C THR A 157 -4.67 3.81 0.18
N LEU A 158 -4.43 4.98 0.78
CA LEU A 158 -3.08 5.45 1.01
C LEU A 158 -2.76 5.46 2.50
N VAL A 159 -1.68 4.82 2.89
CA VAL A 159 -1.22 4.83 4.27
C VAL A 159 0.01 5.70 4.40
N TYR A 160 0.05 6.51 5.45
CA TYR A 160 1.20 7.31 5.75
C TYR A 160 1.69 6.93 7.14
N ALA A 161 2.78 6.18 7.23
CA ALA A 161 3.37 5.91 8.54
C ALA A 161 4.29 7.05 8.98
N GLY A 162 4.91 7.01 10.16
CA GLY A 162 5.84 8.06 10.54
C GLY A 162 5.24 9.23 11.30
N ASP A 163 5.99 10.33 11.31
CA ASP A 163 5.60 11.57 11.94
C ASP A 163 4.46 12.26 11.20
N ALA A 164 3.26 12.03 11.70
CA ALA A 164 2.09 12.60 11.07
C ALA A 164 1.83 14.08 11.31
N ARG A 165 2.64 14.80 12.08
CA ARG A 165 2.36 16.21 12.29
C ARG A 165 3.34 17.15 11.61
N ASN A 166 4.17 16.63 10.73
CA ASN A 166 5.03 17.48 9.94
C ASN A 166 4.25 18.05 8.76
N ASN A 167 4.95 18.84 7.95
CA ASN A 167 4.32 19.46 6.79
C ASN A 167 3.72 18.44 5.83
N MET A 168 4.33 17.27 5.76
CA MET A 168 3.80 16.22 4.90
C MET A 168 2.52 15.58 5.40
N GLY A 169 2.39 15.43 6.70
CA GLY A 169 1.21 14.85 7.31
C GLY A 169 0.05 15.77 7.05
N ASN A 170 0.28 17.04 7.35
CA ASN A 170 -0.72 18.08 7.16
C ASN A 170 -1.20 18.11 5.72
N SER A 171 -0.27 17.99 4.80
CA SER A 171 -0.61 17.99 3.39
C SER A 171 -1.44 16.79 2.96
N MET A 172 -1.21 15.62 3.57
CA MET A 172 -1.99 14.43 3.28
C MET A 172 -3.47 14.67 3.49
N LEU A 173 -3.73 15.27 4.66
CA LEU A 173 -5.07 15.63 5.06
C LEU A 173 -5.77 16.45 4.01
N GLU A 174 -5.08 17.48 3.51
CA GLU A 174 -5.66 18.32 2.49
C GLU A 174 -5.98 17.54 1.24
N ALA A 175 -5.04 16.67 0.85
CA ALA A 175 -5.18 15.87 -0.34
C ALA A 175 -6.42 15.03 -0.29
N ALA A 176 -6.59 14.28 0.80
CA ALA A 176 -7.75 13.45 1.00
C ALA A 176 -9.05 14.25 1.03
N ALA A 177 -9.02 15.39 1.71
CA ALA A 177 -10.18 16.26 1.77
C ALA A 177 -10.67 16.67 0.38
N LEU A 178 -9.75 16.67 -0.57
CA LEU A 178 -10.07 17.02 -1.92
C LEU A 178 -10.23 15.83 -2.84
N THR A 179 -9.84 14.60 -2.46
CA THR A 179 -9.89 13.49 -3.39
C THR A 179 -10.71 12.30 -2.99
N GLY A 180 -11.07 12.25 -1.72
CA GLY A 180 -11.82 11.13 -1.19
C GLY A 180 -10.92 9.92 -1.05
N LEU A 181 -9.61 10.07 -0.95
CA LEU A 181 -8.71 8.95 -0.69
C LEU A 181 -9.05 8.34 0.67
N ASP A 182 -8.84 7.05 0.83
CA ASP A 182 -8.98 6.47 2.14
C ASP A 182 -7.62 6.68 2.85
N LEU A 183 -7.46 7.85 3.45
CA LEU A 183 -6.25 8.19 4.17
C LEU A 183 -6.11 7.42 5.46
N ARG A 184 -4.91 6.94 5.71
CA ARG A 184 -4.63 6.29 6.97
C ARG A 184 -3.31 6.82 7.46
N LEU A 185 -3.38 7.48 8.60
CA LEU A 185 -2.20 8.02 9.21
C LEU A 185 -1.77 7.08 10.31
N VAL A 186 -0.83 6.19 10.07
CA VAL A 186 -0.38 5.29 11.10
C VAL A 186 0.76 5.97 11.83
N ALA A 187 0.52 6.42 13.04
CA ALA A 187 1.49 7.16 13.81
C ALA A 187 1.23 7.03 15.30
N PRO A 188 2.19 7.24 16.20
CA PRO A 188 1.91 7.39 17.61
C PRO A 188 1.09 8.65 17.81
N GLN A 189 0.29 8.64 18.86
CA GLN A 189 -0.61 9.73 19.16
C GLN A 189 0.14 11.04 19.35
N ALA A 190 1.33 10.95 19.94
CA ALA A 190 2.16 12.12 20.15
C ALA A 190 2.53 12.85 18.87
N CYS A 191 2.52 12.12 17.76
CA CYS A 191 2.79 12.71 16.46
C CYS A 191 1.52 12.89 15.63
N TRP A 192 0.31 12.80 16.19
CA TRP A 192 -0.87 13.00 15.35
C TRP A 192 -1.06 14.46 14.95
N PRO A 193 -1.58 14.74 13.76
CA PRO A 193 -1.85 16.09 13.30
C PRO A 193 -2.88 16.75 14.18
N GLU A 194 -2.81 18.07 14.21
CA GLU A 194 -3.73 18.91 14.95
C GLU A 194 -5.18 18.57 14.60
N ALA A 195 -5.94 18.31 15.67
CA ALA A 195 -7.31 17.86 15.50
C ALA A 195 -8.25 18.78 14.76
N ALA A 196 -8.07 20.10 14.85
CA ALA A 196 -8.95 20.98 14.11
C ALA A 196 -8.90 20.75 12.62
N LEU A 197 -7.68 20.47 12.13
CA LEU A 197 -7.49 20.23 10.71
C LEU A 197 -7.98 18.85 10.29
N VAL A 198 -7.81 17.88 11.18
CA VAL A 198 -8.26 16.53 10.90
C VAL A 198 -9.76 16.52 10.67
N THR A 199 -10.48 17.15 11.59
CA THR A 199 -11.93 17.27 11.56
C THR A 199 -12.46 17.90 10.28
N GLU A 200 -11.88 19.04 9.90
CA GLU A 200 -12.27 19.76 8.71
C GLU A 200 -12.02 18.92 7.46
N CYS A 201 -10.83 18.36 7.40
CA CYS A 201 -10.48 17.54 6.27
C CYS A 201 -11.22 16.23 6.22
N ARG A 202 -11.59 15.68 7.37
CA ARG A 202 -12.30 14.41 7.40
C ARG A 202 -13.69 14.59 6.83
N ALA A 203 -14.33 15.67 7.29
CA ALA A 203 -15.65 16.03 6.83
C ALA A 203 -15.72 16.16 5.32
N LEU A 204 -14.70 16.80 4.77
CA LEU A 204 -14.58 17.00 3.35
C LEU A 204 -14.22 15.73 2.60
N ALA A 205 -13.38 14.91 3.20
CA ALA A 205 -12.99 13.66 2.56
C ALA A 205 -14.21 12.75 2.40
N GLN A 206 -14.96 12.58 3.48
CA GLN A 206 -16.17 11.77 3.51
C GLN A 206 -17.19 12.22 2.48
N GLN A 207 -17.32 13.54 2.26
CA GLN A 207 -18.21 14.08 1.24
C GLN A 207 -17.84 13.56 -0.13
N ASN A 208 -16.55 13.43 -0.34
CA ASN A 208 -16.05 12.94 -1.60
C ASN A 208 -15.83 11.43 -1.64
N GLY A 209 -16.26 10.74 -0.59
CA GLY A 209 -16.21 9.28 -0.54
C GLY A 209 -15.01 8.68 0.17
N GLY A 210 -14.20 9.47 0.87
CA GLY A 210 -13.04 8.93 1.57
C GLY A 210 -13.26 8.89 3.05
N ASN A 211 -12.19 8.81 3.83
CA ASN A 211 -12.23 8.79 5.29
C ASN A 211 -10.82 8.86 5.82
N ILE A 212 -10.58 9.71 6.81
CA ILE A 212 -9.25 9.82 7.39
C ILE A 212 -9.21 9.03 8.67
N THR A 213 -8.50 7.92 8.65
CA THR A 213 -8.34 7.11 9.85
C THR A 213 -7.00 7.43 10.51
N LEU A 214 -6.96 7.71 11.82
CA LEU A 214 -5.69 7.86 12.53
C LEU A 214 -5.55 6.68 13.46
N THR A 215 -4.41 6.01 13.56
CA THR A 215 -4.25 4.89 14.48
C THR A 215 -2.80 4.57 14.80
N GLU A 216 -2.56 4.25 16.07
CA GLU A 216 -1.24 3.82 16.49
C GLU A 216 -0.94 2.37 16.09
N ASP A 217 -1.98 1.59 15.74
CA ASP A 217 -1.74 0.22 15.35
C ASP A 217 -1.31 0.14 13.90
N VAL A 218 -0.14 -0.49 13.74
CA VAL A 218 0.43 -0.62 12.41
C VAL A 218 -0.40 -1.58 11.59
N ALA A 219 -0.65 -2.72 12.23
CA ALA A 219 -1.34 -3.81 11.60
C ALA A 219 -2.73 -3.49 11.05
N LYS A 220 -3.58 -2.79 11.79
CA LYS A 220 -4.87 -2.49 11.20
C LYS A 220 -4.85 -1.29 10.25
N GLY A 221 -3.79 -0.49 10.35
CA GLY A 221 -3.65 0.67 9.50
C GLY A 221 -3.23 0.31 8.08
N VAL A 222 -2.12 -0.42 7.94
CA VAL A 222 -1.59 -0.77 6.64
C VAL A 222 -2.42 -1.72 5.80
N GLU A 223 -3.33 -2.46 6.43
CA GLU A 223 -4.16 -3.45 5.77
C GLU A 223 -4.94 -2.96 4.55
N GLY A 224 -4.69 -3.59 3.41
CA GLY A 224 -5.37 -3.28 2.16
C GLY A 224 -4.89 -2.04 1.43
N ALA A 225 -3.80 -1.43 1.90
CA ALA A 225 -3.27 -0.22 1.27
C ALA A 225 -2.84 -0.43 -0.17
N ASP A 226 -3.08 0.55 -1.03
CA ASP A 226 -2.50 0.49 -2.36
C ASP A 226 -1.13 1.12 -2.30
N PHE A 227 -0.93 2.08 -1.38
CA PHE A 227 0.34 2.77 -1.23
C PHE A 227 0.79 2.94 0.20
N ILE A 228 2.05 2.65 0.50
CA ILE A 228 2.62 3.01 1.78
C ILE A 228 3.47 4.24 1.49
N TYR A 229 3.42 5.25 2.36
CA TYR A 229 4.19 6.48 2.17
C TYR A 229 4.83 6.85 3.50
N THR A 230 6.06 7.36 3.54
CA THR A 230 6.67 7.81 4.78
C THR A 230 7.66 8.96 4.54
N ASP A 231 8.24 9.53 5.60
CA ASP A 231 9.16 10.65 5.50
C ASP A 231 10.12 10.63 6.68
N VAL A 232 11.19 11.41 6.59
CA VAL A 232 12.19 11.51 7.65
C VAL A 232 11.55 11.82 8.99
N TRP A 233 12.10 11.33 10.09
CA TRP A 233 11.43 11.58 11.36
C TRP A 233 11.65 12.98 11.89
N VAL A 234 12.77 13.64 11.57
CA VAL A 234 12.93 15.04 11.92
C VAL A 234 13.03 15.81 10.61
N SER A 235 12.21 16.83 10.49
CA SER A 235 12.17 17.62 9.27
C SER A 235 13.18 18.74 9.27
N MET A 236 13.36 19.34 8.09
CA MET A 236 14.20 20.51 7.97
C MET A 236 13.73 21.65 8.86
N GLY A 237 14.66 22.20 9.62
CA GLY A 237 14.31 23.32 10.47
C GLY A 237 14.04 22.94 11.91
N GLU A 238 13.74 21.67 12.19
CA GLU A 238 13.56 21.25 13.56
C GLU A 238 14.93 21.07 14.20
N ALA A 239 14.95 21.28 15.53
CA ALA A 239 16.18 21.18 16.30
C ALA A 239 16.78 19.79 16.27
N LYS A 240 18.11 19.74 16.28
CA LYS A 240 18.85 18.48 16.23
C LYS A 240 18.53 17.55 17.40
N GLU A 241 18.11 18.18 18.49
CA GLU A 241 17.74 17.48 19.72
C GLU A 241 16.55 16.53 19.59
N LYS A 242 15.62 16.90 18.72
CA LYS A 242 14.46 16.11 18.44
C LYS A 242 14.76 14.70 17.98
N TRP A 243 15.89 14.46 17.33
CA TRP A 243 16.21 13.13 16.84
C TRP A 243 16.12 12.03 17.87
N ALA A 244 16.68 12.24 19.05
CA ALA A 244 16.62 11.23 20.09
C ALA A 244 15.21 10.87 20.55
N GLU A 245 14.30 11.83 20.65
CA GLU A 245 12.95 11.48 21.05
C GLU A 245 12.12 10.99 19.87
N ARG A 246 12.35 11.51 18.67
CA ARG A 246 11.58 11.08 17.52
C ARG A 246 11.91 9.64 17.14
N ILE A 247 13.17 9.22 17.28
CA ILE A 247 13.52 7.84 16.99
C ILE A 247 12.85 6.92 18.00
N ALA A 248 12.83 7.40 19.24
CA ALA A 248 12.22 6.68 20.32
C ALA A 248 10.75 6.38 20.08
N LEU A 249 10.06 7.38 19.56
CA LEU A 249 8.65 7.27 19.26
C LEU A 249 8.35 6.49 17.99
N LEU A 250 8.98 6.94 16.92
CA LEU A 250 8.67 6.43 15.62
C LEU A 250 9.34 5.17 15.13
N ARG A 251 10.34 4.55 15.76
CA ARG A 251 10.97 3.41 15.09
C ARG A 251 10.09 2.21 14.86
N GLU A 252 9.02 1.99 15.62
CA GLU A 252 8.15 0.88 15.29
C GLU A 252 7.30 1.20 14.07
N TYR A 253 7.38 2.43 13.58
CA TYR A 253 6.63 2.83 12.41
C TYR A 253 7.49 2.85 11.17
N GLN A 254 8.69 2.27 11.25
CA GLN A 254 9.59 2.12 10.12
C GLN A 254 8.88 1.34 9.02
N VAL A 255 9.02 1.75 7.78
CA VAL A 255 8.44 1.02 6.68
C VAL A 255 9.51 0.02 6.28
N ASN A 256 9.29 -1.19 6.75
CA ASN A 256 10.16 -2.32 6.49
C ASN A 256 9.41 -3.37 5.68
N SER A 257 9.99 -4.55 5.50
CA SER A 257 9.39 -5.60 4.68
C SER A 257 8.15 -6.22 5.29
N LYS A 258 8.24 -6.51 6.59
CA LYS A 258 7.15 -7.02 7.40
C LYS A 258 5.97 -6.07 7.35
N MET A 259 6.32 -4.80 7.33
CA MET A 259 5.39 -3.71 7.26
C MET A 259 4.62 -3.78 5.97
N MET A 260 5.34 -3.90 4.86
CA MET A 260 4.78 -4.07 3.54
C MET A 260 4.00 -5.37 3.37
N GLN A 261 4.28 -6.32 4.24
CA GLN A 261 3.65 -7.61 4.15
C GLN A 261 2.33 -7.61 4.88
N LEU A 262 2.24 -6.89 6.00
CA LEU A 262 0.98 -6.77 6.73
C LEU A 262 -0.12 -6.10 5.92
N THR A 263 0.26 -5.45 4.82
CA THR A 263 -0.68 -4.80 3.91
C THR A 263 -1.63 -5.85 3.37
N GLY A 264 -1.06 -6.95 2.89
CA GLY A 264 -1.86 -7.98 2.27
C GLY A 264 -1.95 -7.77 0.77
N ASN A 265 -1.73 -6.57 0.24
CA ASN A 265 -1.73 -6.35 -1.21
C ASN A 265 -0.31 -6.59 -1.72
N PRO A 266 -0.03 -7.52 -2.62
CA PRO A 266 1.30 -7.73 -3.16
C PRO A 266 1.67 -6.72 -4.25
N GLU A 267 0.69 -5.92 -4.64
CA GLU A 267 0.90 -4.87 -5.62
C GLU A 267 1.16 -3.52 -4.98
N VAL A 268 1.26 -3.48 -3.65
CA VAL A 268 1.44 -2.24 -2.92
C VAL A 268 2.75 -1.60 -3.30
N LYS A 269 2.65 -0.30 -3.57
CA LYS A 269 3.82 0.46 -3.91
C LYS A 269 4.15 1.46 -2.83
N PHE A 270 5.46 1.56 -2.63
CA PHE A 270 6.05 2.48 -1.68
C PHE A 270 6.32 3.86 -2.28
N LEU A 271 6.11 4.89 -1.45
CA LEU A 271 6.32 6.28 -1.84
C LEU A 271 7.07 6.99 -0.74
N HIS A 272 7.87 7.98 -1.11
CA HIS A 272 8.63 8.78 -0.16
C HIS A 272 9.05 10.03 -0.91
N CYS A 273 8.73 11.19 -0.34
CA CYS A 273 9.02 12.44 -1.00
C CYS A 273 10.50 12.73 -1.19
N LEU A 274 11.35 12.07 -0.38
CA LEU A 274 12.80 12.21 -0.34
C LEU A 274 13.28 13.58 0.20
N PRO A 275 14.52 13.78 0.68
CA PRO A 275 15.54 12.77 0.96
C PRO A 275 15.12 11.70 1.94
N ALA A 276 15.64 10.49 1.78
CA ALA A 276 15.29 9.42 2.70
C ALA A 276 16.52 8.83 3.36
N PHE A 277 16.61 8.68 4.67
CA PHE A 277 17.76 8.04 5.28
C PHE A 277 17.54 6.54 5.21
N HIS A 278 17.77 5.93 4.06
CA HIS A 278 17.55 4.50 3.96
C HIS A 278 18.79 3.67 4.05
N ASP A 279 20.00 4.22 4.02
CA ASP A 279 21.18 3.39 4.16
C ASP A 279 22.25 4.01 5.04
N ASP A 280 23.23 3.16 5.37
CA ASP A 280 24.33 3.52 6.25
C ASP A 280 25.49 4.07 5.42
N GLN A 281 25.11 4.98 4.53
CA GLN A 281 25.98 5.61 3.56
C GLN A 281 26.19 7.10 3.85
N THR A 282 25.18 7.79 4.35
CA THR A 282 25.33 9.22 4.57
C THR A 282 26.12 9.70 5.79
N THR A 283 26.19 11.03 5.79
CA THR A 283 26.83 11.82 6.82
C THR A 283 26.17 11.55 8.18
N LEU A 284 24.97 12.09 8.38
CA LEU A 284 24.22 11.86 9.61
C LEU A 284 23.41 10.58 9.55
N GLY A 285 23.44 9.94 8.38
CA GLY A 285 22.79 8.67 8.19
C GLY A 285 23.53 7.61 8.97
N LYS A 286 24.84 7.56 8.81
CA LYS A 286 25.66 6.58 9.50
C LYS A 286 25.78 6.86 10.99
N LYS A 287 25.87 8.15 11.34
CA LYS A 287 25.97 8.56 12.73
C LYS A 287 24.73 8.15 13.51
N MET A 288 23.55 8.37 12.93
CA MET A 288 22.31 7.97 13.55
C MET A 288 22.14 6.45 13.58
N ALA A 289 22.65 5.79 12.54
CA ALA A 289 22.50 4.36 12.40
C ALA A 289 23.28 3.52 13.40
N GLU A 290 24.44 4.00 13.83
CA GLU A 290 25.24 3.27 14.79
C GLU A 290 24.80 3.55 16.21
N GLU A 291 24.59 4.84 16.46
CA GLU A 291 24.21 5.34 17.75
C GLU A 291 22.94 4.71 18.32
N PHE A 292 21.84 4.84 17.60
CA PHE A 292 20.57 4.26 18.01
C PHE A 292 20.40 2.84 17.53
N GLY A 293 21.18 2.47 16.52
CA GLY A 293 21.11 1.14 15.98
C GLY A 293 20.07 0.99 14.89
N LEU A 294 19.86 1.99 14.01
CA LEU A 294 18.97 1.79 12.87
C LEU A 294 19.82 1.30 11.71
N HIS A 295 20.20 0.03 11.79
CA HIS A 295 21.04 -0.53 10.76
C HIS A 295 20.24 -0.94 9.54
N GLY A 296 20.55 -0.23 8.46
CA GLY A 296 19.91 -0.50 7.19
C GLY A 296 18.62 0.25 6.94
N GLY A 297 18.50 1.47 7.44
CA GLY A 297 17.29 2.23 7.18
C GLY A 297 16.67 2.80 8.44
N MET A 298 16.17 4.03 8.33
CA MET A 298 15.53 4.65 9.46
C MET A 298 14.06 4.65 9.14
N GLU A 299 13.49 5.65 8.46
CA GLU A 299 12.06 5.62 8.15
C GLU A 299 11.76 4.48 7.21
N VAL A 300 12.69 4.14 6.34
CA VAL A 300 12.49 3.03 5.46
C VAL A 300 13.77 2.25 5.33
N THR A 301 13.58 0.94 5.35
CA THR A 301 14.62 -0.03 5.12
C THR A 301 15.13 0.14 3.69
N ASP A 302 16.44 -0.04 3.51
CA ASP A 302 17.06 0.05 2.20
C ASP A 302 16.53 -1.03 1.28
N GLU A 303 16.19 -2.19 1.84
CA GLU A 303 15.60 -3.27 1.08
C GLU A 303 14.27 -2.84 0.47
N VAL A 304 13.46 -2.08 1.21
CA VAL A 304 12.20 -1.61 0.67
C VAL A 304 12.44 -0.46 -0.29
N PHE A 305 13.42 0.39 -0.01
CA PHE A 305 13.69 1.52 -0.87
C PHE A 305 14.14 1.07 -2.25
N GLU A 306 14.85 -0.04 -2.33
CA GLU A 306 15.32 -0.53 -3.60
C GLU A 306 14.46 -1.66 -4.13
N SER A 307 13.37 -1.93 -3.42
CA SER A 307 12.35 -2.91 -3.77
C SER A 307 11.70 -2.54 -5.10
N ALA A 308 11.06 -3.52 -5.74
CA ALA A 308 10.29 -3.25 -6.94
C ALA A 308 9.06 -2.41 -6.61
N ALA A 309 8.65 -2.42 -5.34
CA ALA A 309 7.53 -1.62 -4.89
C ALA A 309 7.87 -0.13 -4.89
N SER A 310 9.14 0.20 -4.66
CA SER A 310 9.56 1.57 -4.62
C SER A 310 9.37 2.23 -5.98
N ILE A 311 8.57 3.29 -5.97
CA ILE A 311 8.40 4.08 -7.16
C ILE A 311 8.76 5.53 -6.88
N VAL A 312 9.64 5.71 -5.88
CA VAL A 312 10.01 7.04 -5.44
C VAL A 312 10.67 7.89 -6.51
N PHE A 313 11.37 7.26 -7.46
CA PHE A 313 12.03 8.06 -8.47
C PHE A 313 11.06 8.49 -9.55
N ASP A 314 9.98 7.74 -9.76
CA ASP A 314 8.94 8.19 -10.67
C ASP A 314 8.27 9.40 -10.05
N GLN A 315 7.99 9.23 -8.76
CA GLN A 315 7.39 10.24 -7.93
C GLN A 315 8.23 11.49 -8.04
N ALA A 316 9.52 11.32 -7.80
CA ALA A 316 10.45 12.42 -7.89
C ALA A 316 10.45 13.14 -9.23
N GLU A 317 10.35 12.40 -10.33
CA GLU A 317 10.31 12.99 -11.64
C GLU A 317 9.06 13.84 -11.80
N ASN A 318 7.99 13.32 -11.22
CA ASN A 318 6.71 13.97 -11.35
C ASN A 318 6.62 15.28 -10.62
N ARG A 319 7.58 15.60 -9.75
CA ARG A 319 7.65 16.90 -9.12
C ARG A 319 7.74 18.04 -10.14
N MET A 320 8.56 17.90 -11.18
CA MET A 320 8.76 18.99 -12.10
C MET A 320 7.65 19.22 -13.11
N HIS A 321 6.98 18.15 -13.56
CA HIS A 321 5.89 18.32 -14.49
C HIS A 321 4.74 19.03 -13.79
N THR A 322 4.52 18.59 -12.57
CA THR A 322 3.53 19.16 -11.68
C THR A 322 3.73 20.64 -11.44
N ILE A 323 4.97 21.04 -11.15
CA ILE A 323 5.31 22.43 -10.95
C ILE A 323 5.22 23.23 -12.26
N LYS A 324 5.57 22.60 -13.39
CA LYS A 324 5.46 23.27 -14.66
C LYS A 324 4.01 23.65 -14.89
N ALA A 325 3.15 22.70 -14.52
CA ALA A 325 1.74 22.87 -14.64
C ALA A 325 1.23 24.01 -13.79
N VAL A 326 1.70 24.11 -12.54
CA VAL A 326 1.27 25.17 -11.67
C VAL A 326 1.66 26.50 -12.26
N MET A 327 2.86 26.56 -12.79
CA MET A 327 3.34 27.80 -13.35
C MET A 327 2.67 28.21 -14.63
N VAL A 328 2.38 27.29 -15.54
CA VAL A 328 1.72 27.73 -16.74
C VAL A 328 0.28 28.05 -16.42
N ALA A 329 -0.29 27.43 -15.39
CA ALA A 329 -1.65 27.73 -15.03
C ALA A 329 -1.82 29.11 -14.43
N THR A 330 -0.90 29.54 -13.56
CA THR A 330 -1.02 30.83 -12.91
C THR A 330 -0.47 32.00 -13.69
N LEU A 331 0.34 31.76 -14.71
CA LEU A 331 0.98 32.83 -15.45
C LEU A 331 0.51 33.03 -16.87
N SER A 332 -0.16 32.04 -17.43
CA SER A 332 -0.63 32.13 -18.81
C SER A 332 -2.12 32.28 -18.99
N LYS A 333 -2.38 33.00 -20.10
CA LYS A 333 -3.65 33.38 -20.73
C LYS A 333 -4.89 33.76 -19.91
N SER B 1 25.91 57.00 -27.48
CA SER B 1 26.91 57.72 -28.26
C SER B 1 28.35 57.40 -27.81
N GLY B 2 28.98 58.21 -26.94
CA GLY B 2 30.30 57.91 -26.40
C GLY B 2 30.14 57.06 -25.15
N PHE B 3 29.30 56.05 -25.31
CA PHE B 3 28.97 55.09 -24.27
C PHE B 3 29.44 53.69 -24.52
N TYR B 4 29.51 53.29 -25.79
CA TYR B 4 29.90 51.95 -26.15
C TYR B 4 31.30 51.64 -25.62
N HIS B 5 31.38 50.53 -24.90
CA HIS B 5 32.57 50.08 -24.21
C HIS B 5 33.12 50.97 -23.12
N LYS B 6 32.31 51.89 -22.62
CA LYS B 6 32.70 52.72 -21.51
C LYS B 6 32.43 51.99 -20.20
N HIS B 7 33.20 52.22 -19.13
CA HIS B 7 32.85 51.61 -17.85
C HIS B 7 31.85 52.49 -17.14
N PHE B 8 31.24 52.04 -16.05
CA PHE B 8 30.37 52.90 -15.30
C PHE B 8 30.84 52.71 -13.87
N LEU B 9 31.83 53.49 -13.43
CA LEU B 9 32.40 53.31 -12.10
C LEU B 9 31.96 54.36 -11.11
N LYS B 10 31.90 55.62 -11.52
CA LYS B 10 31.42 56.70 -10.67
C LYS B 10 30.77 57.73 -11.60
N LEU B 11 29.83 58.54 -11.11
CA LEU B 11 29.17 59.48 -12.00
C LEU B 11 30.00 60.59 -12.61
N LEU B 12 31.00 61.11 -11.90
CA LEU B 12 31.80 62.20 -12.45
C LEU B 12 32.67 61.85 -13.64
N ASP B 13 32.68 60.60 -14.09
CA ASP B 13 33.39 60.25 -15.30
C ASP B 13 32.48 60.50 -16.51
N PHE B 14 31.34 61.14 -16.27
CA PHE B 14 30.39 61.46 -17.31
C PHE B 14 30.00 62.94 -17.35
N THR B 15 29.70 63.38 -18.56
CA THR B 15 29.23 64.75 -18.69
C THR B 15 27.77 64.86 -18.31
N PRO B 16 27.27 66.06 -17.99
CA PRO B 16 25.85 66.29 -17.75
C PRO B 16 24.99 65.79 -18.89
N ALA B 17 25.49 66.01 -20.10
CA ALA B 17 24.81 65.53 -21.28
C ALA B 17 24.72 64.02 -21.38
N GLU B 18 25.80 63.35 -20.99
CA GLU B 18 25.84 61.90 -21.00
C GLU B 18 24.87 61.32 -20.00
N LEU B 19 24.87 61.88 -18.79
CA LEU B 19 23.99 61.45 -17.75
C LEU B 19 22.54 61.57 -18.17
N ASN B 20 22.26 62.67 -18.85
CA ASN B 20 20.91 62.99 -19.26
C ASN B 20 20.40 62.13 -20.40
N SER B 21 21.34 61.72 -21.24
CA SER B 21 21.06 60.84 -22.37
C SER B 21 20.66 59.47 -21.81
N LEU B 22 21.44 59.10 -20.81
CA LEU B 22 21.33 57.83 -20.15
C LEU B 22 19.97 57.71 -19.50
N LEU B 23 19.67 58.78 -18.77
CA LEU B 23 18.42 58.90 -18.08
C LEU B 23 17.24 58.80 -19.04
N GLN B 24 17.43 59.38 -20.21
CA GLN B 24 16.43 59.36 -21.25
C GLN B 24 16.23 57.96 -21.82
N LEU B 25 17.32 57.23 -22.07
CA LEU B 25 17.27 55.87 -22.58
C LEU B 25 16.57 54.92 -21.62
N ALA B 26 16.87 55.11 -20.35
CA ALA B 26 16.27 54.35 -19.29
C ALA B 26 14.77 54.50 -19.33
N ALA B 27 14.36 55.76 -19.46
CA ALA B 27 12.96 56.12 -19.51
C ALA B 27 12.23 55.51 -20.69
N LYS B 28 12.95 55.40 -21.82
CA LYS B 28 12.41 54.79 -23.02
C LYS B 28 12.21 53.30 -22.78
N LEU B 29 13.28 52.66 -22.33
CA LEU B 29 13.28 51.25 -22.04
C LEU B 29 12.23 50.81 -21.04
N LYS B 30 11.93 51.67 -20.06
CA LYS B 30 10.91 51.42 -19.08
C LYS B 30 9.56 51.35 -19.77
N ALA B 31 9.36 52.42 -20.55
CA ALA B 31 8.15 52.61 -21.30
C ALA B 31 7.94 51.51 -22.33
N ASP B 32 9.01 51.07 -22.99
CA ASP B 32 8.92 50.00 -23.95
C ASP B 32 8.51 48.70 -23.31
N LYS B 33 9.02 48.41 -22.12
CA LYS B 33 8.66 47.16 -21.47
C LYS B 33 7.20 47.15 -21.03
N LYS B 34 6.65 48.25 -20.55
CA LYS B 34 5.25 48.30 -20.14
C LYS B 34 4.31 48.19 -21.33
N SER B 35 4.67 48.80 -22.45
CA SER B 35 3.91 48.71 -23.69
C SER B 35 4.10 47.35 -24.37
N GLY B 36 5.08 46.54 -23.97
CA GLY B 36 5.35 45.25 -24.58
C GLY B 36 6.11 45.35 -25.91
N LYS B 37 6.52 46.56 -26.27
CA LYS B 37 7.28 46.80 -27.49
C LYS B 37 8.79 46.76 -27.25
N GLU B 38 9.26 46.05 -26.22
CA GLU B 38 10.68 46.04 -25.93
C GLU B 38 11.43 45.23 -26.98
N GLU B 39 12.34 45.93 -27.65
CA GLU B 39 13.19 45.30 -28.64
C GLU B 39 14.48 44.91 -27.93
N ALA B 40 14.75 43.60 -27.85
CA ALA B 40 15.97 43.09 -27.23
C ALA B 40 17.22 43.53 -27.96
N LYS B 41 18.24 44.02 -27.27
CA LYS B 41 19.43 44.49 -27.96
C LYS B 41 20.65 43.67 -27.63
N LEU B 42 20.71 43.20 -26.38
CA LEU B 42 21.85 42.44 -25.93
C LEU B 42 21.77 40.93 -26.16
N THR B 43 21.06 40.44 -27.17
CA THR B 43 20.98 39.01 -27.47
C THR B 43 22.34 38.33 -27.66
N GLY B 44 22.52 37.18 -27.00
CA GLY B 44 23.76 36.41 -27.10
C GLY B 44 24.97 37.01 -26.39
N LYS B 45 24.78 38.00 -25.52
CA LYS B 45 25.88 38.54 -24.74
C LYS B 45 25.91 37.84 -23.39
N ASN B 46 27.07 37.50 -22.87
CA ASN B 46 27.14 36.85 -21.57
C ASN B 46 27.72 37.81 -20.57
N ILE B 47 27.15 37.93 -19.38
CA ILE B 47 27.63 38.90 -18.40
C ILE B 47 27.99 38.25 -17.08
N ALA B 48 29.18 38.45 -16.53
CA ALA B 48 29.48 37.93 -15.20
C ALA B 48 29.06 38.95 -14.14
N LEU B 49 28.60 38.48 -12.99
CA LEU B 49 28.18 39.36 -11.92
C LEU B 49 28.92 38.99 -10.64
N ILE B 50 30.02 39.69 -10.34
CA ILE B 50 30.76 39.45 -9.12
C ILE B 50 30.07 40.12 -7.94
N PHE B 51 29.61 39.40 -6.91
CA PHE B 51 29.06 40.06 -5.72
C PHE B 51 29.87 39.78 -4.47
N GLU B 52 30.52 40.74 -3.82
CA GLU B 52 31.20 40.43 -2.58
C GLU B 52 30.42 40.83 -1.33
N LYS B 53 29.45 41.73 -1.46
CA LYS B 53 28.52 42.06 -0.38
C LYS B 53 27.14 41.58 -0.82
N ASP B 54 26.20 41.47 0.12
CA ASP B 54 24.85 41.06 -0.24
C ASP B 54 24.09 42.04 -1.14
N SER B 55 22.98 41.59 -1.70
CA SER B 55 22.13 42.40 -2.55
C SER B 55 20.83 41.69 -2.91
N THR B 56 19.71 42.41 -2.89
CA THR B 56 18.48 41.88 -3.44
C THR B 56 18.26 42.68 -4.71
N ARG B 57 17.96 43.99 -4.58
CA ARG B 57 17.71 44.84 -5.73
C ARG B 57 18.79 44.85 -6.78
N THR B 58 19.99 45.32 -6.50
CA THR B 58 21.02 45.38 -7.53
C THR B 58 21.23 44.05 -8.28
N ARG B 59 21.31 42.91 -7.59
CA ARG B 59 21.44 41.63 -8.26
C ARG B 59 20.23 41.36 -9.13
N CYS B 60 19.03 41.40 -8.55
CA CYS B 60 17.83 41.11 -9.31
C CYS B 60 17.72 42.00 -10.52
N SER B 61 17.99 43.27 -10.31
CA SER B 61 17.98 44.26 -11.35
C SER B 61 18.88 43.86 -12.50
N PHE B 62 20.12 43.49 -12.20
CA PHE B 62 21.01 43.08 -13.27
C PHE B 62 20.52 41.85 -13.98
N GLU B 63 19.92 40.91 -13.24
CA GLU B 63 19.45 39.68 -13.84
C GLU B 63 18.28 39.88 -14.75
N VAL B 64 17.18 40.49 -14.30
CA VAL B 64 16.02 40.64 -15.15
C VAL B 64 16.34 41.58 -16.32
N ALA B 65 17.06 42.67 -16.11
CA ALA B 65 17.40 43.56 -17.19
C ALA B 65 18.17 42.86 -18.29
N ALA B 66 19.06 41.95 -17.90
CA ALA B 66 19.77 41.16 -18.88
C ALA B 66 18.83 40.18 -19.58
N TYR B 67 17.98 39.50 -18.81
CA TYR B 67 17.10 38.53 -19.40
C TYR B 67 16.15 39.15 -20.38
N ASP B 68 15.71 40.37 -20.11
CA ASP B 68 14.81 41.06 -21.00
C ASP B 68 15.48 41.39 -22.30
N GLN B 69 16.72 41.83 -22.17
CA GLN B 69 17.50 42.21 -23.31
C GLN B 69 18.12 41.02 -24.04
N GLY B 70 17.74 39.80 -23.67
CA GLY B 70 18.25 38.61 -24.34
C GLY B 70 19.66 38.20 -23.96
N ALA B 71 20.22 38.70 -22.87
CA ALA B 71 21.54 38.30 -22.43
C ALA B 71 21.46 37.24 -21.35
N ARG B 72 22.53 36.47 -21.11
CA ARG B 72 22.55 35.57 -19.98
C ARG B 72 23.55 36.04 -18.92
N VAL B 73 23.35 35.51 -17.71
CA VAL B 73 24.09 35.96 -16.55
C VAL B 73 24.76 34.84 -15.77
N THR B 74 25.90 35.13 -15.14
CA THR B 74 26.57 34.16 -14.29
C THR B 74 26.80 34.86 -12.95
N TYR B 75 26.15 34.39 -11.88
CA TYR B 75 26.31 35.03 -10.60
C TYR B 75 27.44 34.40 -9.78
N LEU B 76 28.55 35.12 -9.59
CA LEU B 76 29.64 34.66 -8.76
C LEU B 76 29.47 35.35 -7.43
N GLY B 77 28.68 34.71 -6.57
CA GLY B 77 28.40 35.26 -5.26
C GLY B 77 29.58 35.32 -4.30
N PRO B 78 29.40 35.89 -3.09
CA PRO B 78 30.43 35.93 -2.06
C PRO B 78 30.79 34.51 -1.64
N SER B 79 32.02 34.16 -2.00
CA SER B 79 32.60 32.85 -1.81
C SER B 79 31.76 31.70 -2.38
N GLY B 80 32.34 31.24 -3.48
CA GLY B 80 31.86 30.17 -4.35
C GLY B 80 32.91 29.92 -5.42
N SER B 81 33.48 31.03 -5.88
CA SER B 81 34.52 31.03 -6.89
C SER B 81 35.88 31.26 -6.23
N GLN B 82 36.92 31.40 -7.04
CA GLN B 82 38.25 31.69 -6.55
C GLN B 82 38.44 33.17 -6.22
N ILE B 83 37.57 34.05 -6.76
CA ILE B 83 37.64 35.51 -6.57
C ILE B 83 37.51 35.99 -5.11
N GLY B 84 36.90 35.19 -4.23
CA GLY B 84 36.74 35.47 -2.80
C GLY B 84 38.02 36.03 -2.18
N HIS B 85 39.10 35.38 -2.64
CA HIS B 85 40.55 35.59 -2.50
C HIS B 85 41.37 34.39 -2.08
N LYS B 86 42.10 34.11 -3.15
CA LYS B 86 43.02 33.03 -3.37
C LYS B 86 43.67 33.37 -4.73
N GLU B 87 43.16 34.42 -5.41
CA GLU B 87 43.59 34.85 -6.72
C GLU B 87 43.50 36.38 -6.86
N SER B 88 44.46 37.01 -7.55
CA SER B 88 44.44 38.45 -7.79
C SER B 88 43.21 38.89 -8.55
N ILE B 89 42.69 40.07 -8.18
CA ILE B 89 41.60 40.64 -8.95
C ILE B 89 42.09 40.93 -10.35
N LYS B 90 43.38 41.26 -10.41
CA LYS B 90 44.06 41.47 -11.67
C LYS B 90 44.00 40.20 -12.51
N ASP B 91 44.24 39.03 -11.91
CA ASP B 91 44.12 37.80 -12.66
C ASP B 91 42.66 37.51 -13.00
N THR B 92 41.78 37.70 -12.03
CA THR B 92 40.37 37.42 -12.20
C THR B 92 39.80 38.18 -13.38
N ALA B 93 40.19 39.44 -13.45
CA ALA B 93 39.74 40.31 -14.50
C ALA B 93 40.16 39.74 -15.82
N ARG B 94 41.46 39.52 -15.97
CA ARG B 94 42.00 38.99 -17.20
C ARG B 94 41.40 37.66 -17.59
N VAL B 95 40.91 36.89 -16.62
CA VAL B 95 40.27 35.65 -16.95
C VAL B 95 38.87 35.91 -17.47
N LEU B 96 38.07 36.58 -16.67
CA LEU B 96 36.70 36.83 -17.03
C LEU B 96 36.54 37.60 -18.32
N GLY B 97 37.44 38.53 -18.64
CA GLY B 97 37.38 39.32 -19.87
C GLY B 97 37.47 38.47 -21.13
N ARG B 98 38.15 37.34 -21.00
CA ARG B 98 38.29 36.43 -22.11
C ARG B 98 36.99 35.67 -22.36
N MET B 99 36.10 35.58 -21.37
CA MET B 99 34.86 34.84 -21.54
C MET B 99 33.60 35.68 -21.68
N TYR B 100 33.50 36.75 -20.90
CA TYR B 100 32.31 37.58 -20.90
C TYR B 100 32.38 38.85 -21.73
N ASP B 101 31.19 39.44 -21.93
CA ASP B 101 31.08 40.68 -22.66
C ASP B 101 30.99 41.90 -21.77
N GLY B 102 30.69 41.68 -20.49
CA GLY B 102 30.56 42.72 -19.48
C GLY B 102 30.64 42.10 -18.09
N ILE B 103 31.05 42.89 -17.11
CA ILE B 103 31.21 42.41 -15.74
C ILE B 103 30.62 43.40 -14.76
N GLN B 104 29.85 42.92 -13.81
CA GLN B 104 29.39 43.77 -12.74
C GLN B 104 30.24 43.47 -11.52
N TYR B 105 30.45 44.48 -10.68
CA TYR B 105 31.16 44.28 -9.44
C TYR B 105 30.51 44.97 -8.26
N ARG B 106 30.16 44.24 -7.22
CA ARG B 106 29.68 44.81 -5.98
C ARG B 106 30.79 44.51 -4.99
N GLY B 107 31.26 45.45 -4.18
CA GLY B 107 32.33 45.10 -3.27
C GLY B 107 32.76 46.22 -2.34
N TYR B 108 34.02 46.05 -1.99
CA TYR B 108 34.69 46.90 -1.02
C TYR B 108 35.74 47.84 -1.58
N GLY B 109 35.44 49.09 -1.86
CA GLY B 109 36.54 49.94 -2.26
C GLY B 109 36.80 49.97 -3.74
N GLN B 110 36.81 51.24 -4.14
CA GLN B 110 36.95 51.63 -5.52
C GLN B 110 38.20 51.15 -6.20
N GLU B 111 39.30 50.94 -5.46
CA GLU B 111 40.53 50.45 -6.04
C GLU B 111 40.23 49.16 -6.79
N ILE B 112 39.50 48.27 -6.12
CA ILE B 112 39.14 46.98 -6.67
C ILE B 112 38.47 47.11 -8.02
N VAL B 113 37.34 47.82 -8.09
CA VAL B 113 36.62 47.89 -9.35
C VAL B 113 37.41 48.62 -10.44
N GLU B 114 38.30 49.54 -10.06
CA GLU B 114 39.12 50.24 -11.02
C GLU B 114 40.18 49.32 -11.60
N THR B 115 40.79 48.52 -10.74
CA THR B 115 41.77 47.56 -11.17
C THR B 115 41.07 46.54 -12.06
N LEU B 116 39.85 46.16 -11.67
CA LEU B 116 39.08 45.22 -12.43
C LEU B 116 38.80 45.79 -13.80
N ALA B 117 38.57 47.09 -13.91
CA ALA B 117 38.31 47.73 -15.19
C ALA B 117 39.52 47.93 -16.08
N GLU B 118 40.71 48.16 -15.52
CA GLU B 118 41.90 48.34 -16.34
C GLU B 118 42.25 47.09 -17.13
N TYR B 119 42.19 45.99 -16.40
CA TYR B 119 42.61 44.71 -16.92
C TYR B 119 41.58 43.86 -17.61
N ALA B 120 40.30 44.03 -17.37
CA ALA B 120 39.30 43.18 -18.01
C ALA B 120 39.12 43.30 -19.51
N ARG B 121 39.30 44.51 -20.06
CA ARG B 121 39.06 44.80 -21.47
C ARG B 121 37.64 44.64 -21.96
N VAL B 122 36.69 44.64 -21.03
CA VAL B 122 35.26 44.67 -21.30
C VAL B 122 34.61 45.69 -20.33
N PRO B 123 33.43 46.24 -20.58
CA PRO B 123 32.78 47.19 -19.69
C PRO B 123 32.61 46.66 -18.27
N VAL B 124 33.03 47.46 -17.30
CA VAL B 124 32.85 47.08 -15.91
C VAL B 124 31.92 48.10 -15.27
N TRP B 125 30.89 47.60 -14.63
CA TRP B 125 29.90 48.43 -13.99
C TRP B 125 30.02 48.29 -12.48
N ASN B 126 29.91 49.39 -11.76
CA ASN B 126 29.99 49.39 -10.31
C ASN B 126 28.63 49.15 -9.67
N GLY B 127 28.48 47.95 -9.13
CA GLY B 127 27.27 47.55 -8.44
C GLY B 127 27.09 48.15 -7.06
N LEU B 128 28.13 48.77 -6.53
CA LEU B 128 28.24 49.43 -5.25
C LEU B 128 29.60 48.99 -4.80
N THR B 129 30.25 50.05 -4.41
CA THR B 129 31.55 49.97 -3.83
C THR B 129 31.46 50.72 -2.50
N ASN B 130 32.53 50.75 -1.72
CA ASN B 130 32.50 51.44 -0.43
C ASN B 130 32.31 52.94 -0.54
N GLU B 131 32.87 53.53 -1.61
CA GLU B 131 32.84 54.96 -1.78
C GLU B 131 31.72 55.46 -2.66
N PHE B 132 31.46 54.80 -3.78
CA PHE B 132 30.41 55.24 -4.68
C PHE B 132 29.33 54.20 -4.91
N HIS B 133 28.29 54.59 -5.60
CA HIS B 133 27.18 53.71 -5.87
C HIS B 133 26.43 54.33 -7.04
N PRO B 134 27.05 54.54 -8.20
CA PRO B 134 26.50 55.38 -9.26
C PRO B 134 25.17 54.95 -9.83
N THR B 135 25.03 53.64 -9.92
CA THR B 135 23.85 52.99 -10.44
C THR B 135 22.61 53.42 -9.66
N GLN B 136 22.70 53.56 -8.34
CA GLN B 136 21.58 53.98 -7.52
C GLN B 136 21.06 55.35 -7.92
N LEU B 137 22.00 56.30 -7.95
CA LEU B 137 21.62 57.65 -8.27
C LEU B 137 20.96 57.81 -9.61
N LEU B 138 21.32 56.99 -10.60
CA LEU B 138 20.63 57.05 -11.87
C LEU B 138 19.15 56.81 -11.67
N ALA B 139 18.88 55.72 -10.98
CA ALA B 139 17.51 55.38 -10.64
C ALA B 139 16.89 56.50 -9.83
N ASP B 140 17.53 57.00 -8.77
CA ASP B 140 16.93 58.05 -7.98
C ASP B 140 16.63 59.31 -8.78
N LEU B 141 17.55 59.67 -9.68
CA LEU B 141 17.37 60.84 -10.49
C LEU B 141 16.12 60.72 -11.33
N LEU B 142 15.98 59.58 -11.99
CA LEU B 142 14.81 59.34 -12.78
C LEU B 142 13.57 59.34 -11.91
N THR B 143 13.60 58.69 -10.77
CA THR B 143 12.41 58.63 -9.92
C THR B 143 12.04 60.04 -9.50
N MET B 144 13.04 60.89 -9.25
CA MET B 144 12.78 62.26 -8.86
C MET B 144 12.13 63.05 -9.97
N GLN B 145 12.59 62.74 -11.17
CA GLN B 145 12.11 63.37 -12.37
C GLN B 145 10.69 62.94 -12.68
N GLU B 146 10.35 61.68 -12.42
CA GLU B 146 9.02 61.18 -12.68
C GLU B 146 8.00 61.73 -11.70
N HIS B 147 8.40 62.14 -10.50
CA HIS B 147 7.46 62.69 -9.55
C HIS B 147 7.34 64.21 -9.55
N LEU B 148 8.21 64.92 -10.26
CA LEU B 148 8.10 66.36 -10.43
C LEU B 148 8.32 66.61 -11.91
N PRO B 149 7.33 66.38 -12.77
CA PRO B 149 7.45 66.61 -14.19
C PRO B 149 7.52 68.09 -14.46
N GLY B 150 8.12 68.40 -15.61
CA GLY B 150 8.31 69.79 -16.04
C GLY B 150 9.26 70.57 -15.14
N LYS B 151 10.09 69.86 -14.39
CA LYS B 151 11.07 70.49 -13.55
C LYS B 151 12.44 69.98 -13.95
N ALA B 152 13.31 70.93 -14.27
CA ALA B 152 14.70 70.58 -14.49
C ALA B 152 15.31 70.26 -13.13
N PHE B 153 16.39 69.50 -13.09
CA PHE B 153 16.98 69.15 -11.81
C PHE B 153 17.43 70.33 -10.99
N ASN B 154 17.85 71.42 -11.63
CA ASN B 154 18.27 72.62 -10.91
C ASN B 154 17.12 73.35 -10.22
N GLU B 155 15.88 72.97 -10.54
CA GLU B 155 14.70 73.52 -9.89
C GLU B 155 14.24 72.70 -8.68
N MET B 156 14.96 71.62 -8.35
CA MET B 156 14.61 70.72 -7.26
C MET B 156 15.49 70.82 -6.03
N THR B 157 14.92 70.69 -4.86
CA THR B 157 15.74 70.73 -3.66
C THR B 157 15.73 69.34 -3.03
N LEU B 158 16.90 68.70 -2.94
CA LEU B 158 17.00 67.38 -2.35
C LEU B 158 17.77 67.43 -1.04
N VAL B 159 17.20 66.92 0.03
CA VAL B 159 17.87 66.86 1.31
C VAL B 159 18.25 65.40 1.61
N TYR B 160 19.46 65.21 2.10
CA TYR B 160 19.91 63.91 2.52
C TYR B 160 20.27 64.00 4.00
N ALA B 161 19.45 63.47 4.88
CA ALA B 161 19.81 63.40 6.29
C ALA B 161 20.68 62.17 6.57
N GLY B 162 21.14 61.92 7.81
CA GLY B 162 21.89 60.70 8.08
C GLY B 162 23.40 60.82 7.90
N ASP B 163 24.03 59.65 7.79
CA ASP B 163 25.46 59.51 7.59
C ASP B 163 25.88 59.97 6.20
N ALA B 164 26.35 61.19 6.15
CA ALA B 164 26.75 61.76 4.89
C ALA B 164 28.10 61.33 4.34
N ARG B 165 28.87 60.45 5.01
CA ARG B 165 30.15 60.06 4.45
C ARG B 165 30.20 58.62 3.95
N ASN B 166 29.03 57.98 3.87
CA ASN B 166 28.99 56.65 3.27
C ASN B 166 28.96 56.77 1.76
N ASN B 167 28.91 55.62 1.10
CA ASN B 167 28.89 55.59 -0.36
C ASN B 167 27.73 56.38 -0.96
N MET B 168 26.61 56.43 -0.24
CA MET B 168 25.48 57.19 -0.71
C MET B 168 25.65 58.69 -0.63
N GLY B 169 26.32 59.16 0.40
CA GLY B 169 26.57 60.57 0.58
C GLY B 169 27.46 61.04 -0.54
N ASN B 170 28.55 60.31 -0.72
CA ASN B 170 29.50 60.60 -1.76
C ASN B 170 28.85 60.67 -3.12
N SER B 171 27.95 59.73 -3.38
CA SER B 171 27.25 59.70 -4.63
C SER B 171 26.32 60.89 -4.84
N MET B 172 25.71 61.40 -3.78
CA MET B 172 24.85 62.58 -3.86
C MET B 172 25.59 63.76 -4.45
N LEU B 173 26.81 63.95 -3.92
CA LEU B 173 27.69 65.00 -4.35
C LEU B 173 27.93 64.95 -5.84
N GLU B 174 28.21 63.75 -6.35
CA GLU B 174 28.43 63.61 -7.77
C GLU B 174 27.21 63.98 -8.57
N ALA B 175 26.06 63.52 -8.08
CA ALA B 175 24.80 63.75 -8.74
C ALA B 175 24.54 65.24 -8.92
N ALA B 176 24.66 65.98 -7.81
CA ALA B 176 24.48 67.41 -7.84
C ALA B 176 25.47 68.13 -8.73
N ALA B 177 26.73 67.69 -8.66
CA ALA B 177 27.77 68.26 -9.51
C ALA B 177 27.42 68.17 -11.00
N LEU B 178 26.61 67.19 -11.33
CA LEU B 178 26.19 66.97 -12.68
C LEU B 178 24.78 67.49 -12.98
N THR B 179 23.96 67.85 -11.99
CA THR B 179 22.59 68.22 -12.28
C THR B 179 22.15 69.59 -11.83
N GLY B 180 22.95 70.20 -10.97
CA GLY B 180 22.61 71.49 -10.42
C GLY B 180 21.51 71.36 -9.39
N LEU B 181 21.30 70.20 -8.79
CA LEU B 181 20.34 70.04 -7.70
C LEU B 181 20.75 70.93 -6.54
N ASP B 182 19.80 71.41 -5.76
CA ASP B 182 20.15 72.11 -4.55
C ASP B 182 20.32 71.02 -3.47
N LEU B 183 21.52 70.45 -3.42
CA LEU B 183 21.84 69.43 -2.44
C LEU B 183 21.94 69.97 -1.05
N ARG B 184 21.38 69.24 -0.10
CA ARG B 184 21.53 69.61 1.28
C ARG B 184 21.83 68.34 2.04
N LEU B 185 23.01 68.34 2.64
CA LEU B 185 23.43 67.22 3.42
C LEU B 185 23.23 67.56 4.87
N VAL B 186 22.13 67.14 5.47
CA VAL B 186 21.91 67.43 6.88
C VAL B 186 22.52 66.30 7.68
N ALA B 187 23.63 66.56 8.32
CA ALA B 187 24.36 65.55 9.06
C ALA B 187 25.19 66.17 10.17
N PRO B 188 25.59 65.46 11.23
CA PRO B 188 26.60 65.93 12.15
C PRO B 188 27.91 66.05 11.40
N GLN B 189 28.73 66.97 11.87
CA GLN B 189 30.00 67.26 11.25
C GLN B 189 30.90 66.03 11.18
N ALA B 190 30.83 65.19 12.22
CA ALA B 190 31.60 63.97 12.27
C ALA B 190 31.32 63.02 11.11
N CYS B 191 30.12 63.13 10.55
CA CYS B 191 29.74 62.34 9.40
C CYS B 191 29.78 63.13 8.10
N TRP B 192 30.37 64.31 8.02
CA TRP B 192 30.39 65.02 6.74
C TRP B 192 31.33 64.38 5.73
N PRO B 193 31.01 64.44 4.44
CA PRO B 193 31.85 63.89 3.40
C PRO B 193 33.16 64.65 3.34
N GLU B 194 34.17 63.93 2.85
CA GLU B 194 35.50 64.47 2.65
C GLU B 194 35.46 65.78 1.88
N ALA B 195 36.10 66.79 2.47
CA ALA B 195 36.06 68.13 1.92
C ALA B 195 36.60 68.30 0.52
N ALA B 196 37.61 67.52 0.12
CA ALA B 196 38.12 67.68 -1.23
C ALA B 196 37.06 67.41 -2.29
N LEU B 197 36.22 66.41 -2.00
CA LEU B 197 35.16 66.05 -2.93
C LEU B 197 34.01 67.04 -2.90
N VAL B 198 33.73 67.58 -1.72
CA VAL B 198 32.67 68.55 -1.58
C VAL B 198 32.97 69.76 -2.43
N THR B 199 34.18 70.28 -2.30
CA THR B 199 34.67 71.43 -3.02
C THR B 199 34.57 71.29 -4.54
N GLU B 200 35.07 70.15 -5.05
CA GLU B 200 35.03 69.86 -6.46
C GLU B 200 33.61 69.79 -6.99
N CYS B 201 32.79 69.04 -6.26
CA CYS B 201 31.41 68.89 -6.64
C CYS B 201 30.60 70.15 -6.46
N ARG B 202 30.95 71.00 -5.50
CA ARG B 202 30.21 72.21 -5.26
C ARG B 202 30.42 73.17 -6.41
N ALA B 203 31.69 73.28 -6.79
CA ALA B 203 32.08 74.12 -7.90
C ALA B 203 31.34 73.78 -9.18
N LEU B 204 31.22 72.48 -9.42
CA LEU B 204 30.51 71.97 -10.57
C LEU B 204 29.00 72.12 -10.46
N ALA B 205 28.47 71.94 -9.26
CA ALA B 205 27.05 72.09 -9.07
C ALA B 205 26.61 73.51 -9.36
N GLN B 206 27.32 74.48 -8.77
CA GLN B 206 27.07 75.90 -8.96
C GLN B 206 27.12 76.31 -10.42
N GLN B 207 28.04 75.74 -11.20
CA GLN B 207 28.13 75.98 -12.63
C GLN B 207 26.83 75.63 -13.33
N ASN B 208 26.22 74.55 -12.86
CA ASN B 208 24.98 74.09 -13.41
C ASN B 208 23.75 74.63 -12.72
N GLY B 209 23.94 75.55 -11.78
CA GLY B 209 22.85 76.23 -11.11
C GLY B 209 22.44 75.68 -9.76
N GLY B 210 23.21 74.77 -9.18
CA GLY B 210 22.88 74.21 -7.88
C GLY B 210 23.76 74.74 -6.78
N ASN B 211 23.84 74.05 -5.66
CA ASN B 211 24.67 74.43 -4.52
C ASN B 211 24.61 73.32 -3.49
N ILE B 212 25.77 72.92 -2.97
CA ILE B 212 25.80 71.89 -1.96
C ILE B 212 25.93 72.52 -0.60
N THR B 213 24.87 72.46 0.18
CA THR B 213 24.89 72.97 1.52
C THR B 213 25.12 71.84 2.52
N LEU B 214 26.08 71.96 3.45
CA LEU B 214 26.24 70.98 4.52
C LEU B 214 25.83 71.65 5.81
N THR B 215 25.04 71.03 6.68
CA THR B 215 24.67 71.64 7.94
C THR B 215 24.18 70.65 9.00
N GLU B 216 24.61 70.89 10.24
CA GLU B 216 24.13 70.08 11.34
C GLU B 216 22.71 70.45 11.77
N ASP B 217 22.21 71.62 11.35
CA ASP B 217 20.86 72.00 11.74
C ASP B 217 19.84 71.36 10.83
N VAL B 218 18.94 70.64 11.49
CA VAL B 218 17.91 69.93 10.76
C VAL B 218 16.94 70.91 10.15
N ALA B 219 16.51 71.82 11.02
CA ALA B 219 15.51 72.80 10.65
C ALA B 219 15.84 73.68 9.47
N LYS B 220 17.06 74.23 9.37
CA LYS B 220 17.31 75.05 8.19
C LYS B 220 17.68 74.23 6.96
N GLY B 221 18.04 72.96 7.17
CA GLY B 221 18.38 72.09 6.08
C GLY B 221 17.18 71.59 5.31
N VAL B 222 16.23 70.98 6.01
CA VAL B 222 15.05 70.41 5.37
C VAL B 222 14.09 71.40 4.74
N GLU B 223 14.15 72.67 5.14
CA GLU B 223 13.26 73.70 4.65
C GLU B 223 13.15 73.84 3.13
N GLY B 224 11.94 73.69 2.62
CA GLY B 224 11.65 73.83 1.20
C GLY B 224 12.04 72.65 0.32
N ALA B 225 12.46 71.54 0.91
CA ALA B 225 12.86 70.38 0.15
C ALA B 225 11.75 69.79 -0.69
N ASP B 226 12.08 69.31 -1.89
CA ASP B 226 11.10 68.56 -2.65
C ASP B 226 11.22 67.09 -2.25
N PHE B 227 12.42 66.67 -1.84
CA PHE B 227 12.66 65.30 -1.44
C PHE B 227 13.50 65.16 -0.18
N ILE B 228 13.08 64.32 0.74
CA ILE B 228 13.93 63.94 1.85
C ILE B 228 14.46 62.55 1.49
N TYR B 229 15.74 62.28 1.72
CA TYR B 229 16.35 61.01 1.41
C TYR B 229 17.21 60.58 2.60
N THR B 230 17.27 59.30 2.96
CA THR B 230 18.16 58.83 4.02
C THR B 230 18.60 57.40 3.80
N ASP B 231 19.47 56.86 4.65
CA ASP B 231 20.01 55.51 4.52
C ASP B 231 20.39 54.99 5.89
N VAL B 232 20.63 53.67 5.99
CA VAL B 232 21.03 53.02 7.23
C VAL B 232 22.23 53.71 7.85
N TRP B 233 22.32 53.74 9.18
CA TRP B 233 23.43 54.45 9.76
C TRP B 233 24.76 53.71 9.70
N VAL B 234 24.75 52.37 9.67
CA VAL B 234 25.97 51.62 9.43
C VAL B 234 25.77 50.87 8.12
N SER B 235 26.72 51.05 7.22
CA SER B 235 26.64 50.41 5.92
C SER B 235 27.20 49.01 5.90
N MET B 236 26.94 48.31 4.79
CA MET B 236 27.51 47.00 4.59
C MET B 236 29.04 47.05 4.60
N GLY B 237 29.62 46.16 5.38
CA GLY B 237 31.07 46.10 5.42
C GLY B 237 31.68 46.84 6.60
N GLU B 238 30.95 47.78 7.21
CA GLU B 238 31.49 48.43 8.39
C GLU B 238 31.31 47.50 9.59
N ALA B 239 32.23 47.68 10.55
CA ALA B 239 32.24 46.86 11.75
C ALA B 239 30.99 47.03 12.59
N LYS B 240 30.56 45.93 13.21
CA LYS B 240 29.36 45.91 14.03
C LYS B 240 29.42 46.89 15.20
N GLU B 241 30.66 47.20 15.62
CA GLU B 241 30.94 48.12 16.71
C GLU B 241 30.48 49.56 16.48
N LYS B 242 30.54 49.96 15.21
CA LYS B 242 30.10 51.27 14.79
C LYS B 242 28.67 51.60 15.16
N TRP B 243 27.78 50.62 15.27
CA TRP B 243 26.39 50.88 15.58
C TRP B 243 26.18 51.74 16.81
N ALA B 244 26.85 51.43 17.91
CA ALA B 244 26.69 52.19 19.12
C ALA B 244 27.08 53.66 19.00
N GLU B 245 28.15 53.98 18.26
CA GLU B 245 28.49 55.39 18.12
C GLU B 245 27.69 56.06 17.03
N ARG B 246 27.32 55.34 15.96
CA ARG B 246 26.55 55.94 14.90
C ARG B 246 25.15 56.27 15.35
N ILE B 247 24.54 55.47 16.20
CA ILE B 247 23.22 55.78 16.71
C ILE B 247 23.29 57.02 17.59
N ALA B 248 24.37 57.08 18.36
CA ALA B 248 24.62 58.18 19.24
C ALA B 248 24.68 59.51 18.51
N LEU B 249 25.35 59.50 17.36
CA LEU B 249 25.49 60.67 16.54
C LEU B 249 24.26 61.02 15.73
N LEU B 250 23.81 60.03 14.98
CA LEU B 250 22.76 60.25 14.03
C LEU B 250 21.32 60.19 14.48
N ARG B 251 20.92 59.79 15.69
CA ARG B 251 19.48 59.66 15.93
C ARG B 251 18.67 60.95 15.87
N GLU B 252 19.26 62.12 16.06
CA GLU B 252 18.48 63.33 15.88
C GLU B 252 18.26 63.61 14.39
N TYR B 253 18.90 62.83 13.53
CA TYR B 253 18.74 63.01 12.10
C TYR B 253 17.80 61.99 11.51
N GLN B 254 17.05 61.29 12.37
CA GLN B 254 16.03 60.34 11.93
C GLN B 254 15.01 61.08 11.09
N VAL B 255 14.56 60.48 9.99
CA VAL B 255 13.53 61.09 9.18
C VAL B 255 12.23 60.58 9.77
N ASN B 256 11.64 61.47 10.55
CA ASN B 256 10.38 61.22 11.21
C ASN B 256 9.33 62.19 10.68
N SER B 257 8.15 62.23 11.30
CA SER B 257 7.05 63.07 10.82
C SER B 257 7.28 64.57 11.00
N LYS B 258 7.78 64.91 12.18
CA LYS B 258 8.18 66.26 12.55
C LYS B 258 9.22 66.77 11.58
N MET B 259 10.08 65.85 11.18
CA MET B 259 11.15 66.10 10.25
C MET B 259 10.57 66.49 8.91
N MET B 260 9.63 65.69 8.43
CA MET B 260 8.91 65.96 7.20
C MET B 260 8.04 67.21 7.26
N GLN B 261 7.73 67.64 8.48
CA GLN B 261 6.87 68.77 8.67
C GLN B 261 7.68 70.06 8.64
N LEU B 262 8.89 70.04 9.17
CA LEU B 262 9.77 71.20 9.14
C LEU B 262 10.14 71.61 7.72
N THR B 263 9.89 70.74 6.74
CA THR B 263 10.14 71.00 5.34
C THR B 263 9.30 72.22 4.93
N GLY B 264 8.03 72.15 5.25
CA GLY B 264 7.11 73.20 4.85
C GLY B 264 6.44 72.83 3.55
N ASN B 265 6.98 71.94 2.72
CA ASN B 265 6.31 71.50 1.49
C ASN B 265 5.43 70.31 1.83
N PRO B 266 4.12 70.33 1.63
CA PRO B 266 3.25 69.18 1.89
C PRO B 266 3.29 68.14 0.79
N GLU B 267 3.96 68.48 -0.30
CA GLU B 267 4.14 67.58 -1.42
C GLU B 267 5.47 66.85 -1.37
N VAL B 268 6.24 67.04 -0.29
CA VAL B 268 7.55 66.44 -0.16
C VAL B 268 7.44 64.94 -0.14
N LYS B 269 8.31 64.33 -0.94
CA LYS B 269 8.35 62.90 -1.00
C LYS B 269 9.64 62.37 -0.42
N PHE B 270 9.45 61.26 0.28
CA PHE B 270 10.54 60.52 0.91
C PHE B 270 11.17 59.48 -0.02
N LEU B 271 12.48 59.34 0.10
CA LEU B 271 13.26 58.41 -0.70
C LEU B 271 14.22 57.67 0.21
N HIS B 272 14.54 56.43 -0.13
CA HIS B 272 15.48 55.61 0.62
C HIS B 272 15.89 54.48 -0.31
N CYS B 273 17.18 54.31 -0.49
CA CYS B 273 17.68 53.31 -1.41
C CYS B 273 17.35 51.87 -1.01
N LEU B 274 17.08 51.67 0.28
CA LEU B 274 16.79 50.37 0.91
C LEU B 274 18.00 49.43 0.98
N PRO B 275 18.07 48.39 1.83
CA PRO B 275 17.17 48.08 2.95
C PRO B 275 17.04 49.19 3.98
N ALA B 276 15.86 49.30 4.58
CA ALA B 276 15.69 50.31 5.61
C ALA B 276 15.25 49.71 6.92
N PHE B 277 15.87 50.02 8.06
CA PHE B 277 15.39 49.48 9.33
C PHE B 277 14.27 50.39 9.81
N HIS B 278 13.07 50.23 9.27
CA HIS B 278 12.00 51.10 9.68
C HIS B 278 11.05 50.47 10.66
N ASP B 279 11.11 49.18 10.97
CA ASP B 279 10.20 48.63 11.96
C ASP B 279 10.87 47.62 12.87
N ASP B 280 10.13 47.28 13.92
CA ASP B 280 10.59 46.37 14.97
C ASP B 280 10.21 44.93 14.61
N GLN B 281 10.49 44.61 13.35
CA GLN B 281 10.17 43.35 12.71
C GLN B 281 11.40 42.52 12.41
N THR B 282 12.52 43.14 12.05
CA THR B 282 13.70 42.36 11.70
C THR B 282 14.54 41.73 12.81
N THR B 283 15.53 41.03 12.28
CA THR B 283 16.54 40.33 13.05
C THR B 283 17.30 41.33 13.94
N LEU B 284 18.19 42.12 13.32
CA LEU B 284 18.93 43.13 14.05
C LEU B 284 18.15 44.43 14.17
N GLY B 285 17.00 44.46 13.54
CA GLY B 285 16.10 45.59 13.62
C GLY B 285 15.52 45.66 15.03
N LYS B 286 15.00 44.53 15.52
CA LYS B 286 14.41 44.48 16.85
C LYS B 286 15.46 44.56 17.94
N LYS B 287 16.62 43.94 17.72
CA LYS B 287 17.70 43.97 18.68
C LYS B 287 18.19 45.39 18.91
N MET B 288 18.38 46.14 17.83
CA MET B 288 18.78 47.53 17.92
C MET B 288 17.69 48.41 18.50
N ALA B 289 16.44 48.08 18.20
CA ALA B 289 15.31 48.88 18.62
C ALA B 289 15.01 48.85 20.11
N GLU B 290 15.29 47.73 20.77
CA GLU B 290 15.05 47.63 22.20
C GLU B 290 16.20 48.18 23.00
N GLU B 291 17.40 47.78 22.56
CA GLU B 291 18.65 48.15 23.19
C GLU B 291 18.84 49.65 23.34
N PHE B 292 18.86 50.36 22.22
CA PHE B 292 19.03 51.80 22.20
C PHE B 292 17.70 52.52 22.37
N GLY B 293 16.62 51.83 22.06
CA GLY B 293 15.31 52.41 22.17
C GLY B 293 14.87 53.12 20.90
N LEU B 294 15.19 52.62 19.69
CA LEU B 294 14.64 53.22 18.48
C LEU B 294 13.34 52.47 18.16
N HIS B 295 12.31 52.79 18.93
CA HIS B 295 11.05 52.12 18.73
C HIS B 295 10.27 52.72 17.59
N GLY B 296 10.10 51.88 16.57
CA GLY B 296 9.33 52.26 15.40
C GLY B 296 10.14 52.93 14.31
N GLY B 297 11.40 52.55 14.13
CA GLY B 297 12.19 53.15 13.06
C GLY B 297 13.53 53.66 13.53
N MET B 298 14.54 53.46 12.70
CA MET B 298 15.84 53.95 13.03
C MET B 298 16.09 55.13 12.12
N GLU B 299 16.63 54.97 10.91
CA GLU B 299 16.85 56.11 10.03
C GLU B 299 15.52 56.72 9.63
N VAL B 300 14.50 55.90 9.52
CA VAL B 300 13.19 56.42 9.19
C VAL B 300 12.15 55.69 10.00
N THR B 301 11.23 56.49 10.48
CA THR B 301 10.05 56.04 11.18
C THR B 301 9.20 55.21 10.22
N ASP B 302 8.57 54.16 10.74
CA ASP B 302 7.71 53.29 9.96
C ASP B 302 6.51 54.06 9.45
N GLU B 303 6.05 55.03 10.23
CA GLU B 303 4.96 55.90 9.82
C GLU B 303 5.32 56.66 8.55
N VAL B 304 6.57 57.15 8.45
CA VAL B 304 6.98 57.86 7.26
C VAL B 304 7.24 56.88 6.13
N PHE B 305 7.76 55.70 6.44
CA PHE B 305 8.05 54.73 5.41
C PHE B 305 6.78 54.26 4.70
N GLU B 306 5.68 54.18 5.44
CA GLU B 306 4.43 53.75 4.86
C GLU B 306 3.52 54.91 4.52
N SER B 307 4.04 56.12 4.70
CA SER B 307 3.38 57.37 4.37
C SER B 307 3.09 57.45 2.88
N ALA B 308 2.15 58.33 2.51
CA ALA B 308 1.90 58.57 1.10
C ALA B 308 3.09 59.27 0.45
N ALA B 309 3.92 59.91 1.27
CA ALA B 309 5.13 60.56 0.77
C ALA B 309 6.17 59.56 0.31
N SER B 310 6.18 58.37 0.92
CA SER B 310 7.13 57.35 0.55
C SER B 310 6.91 56.88 -0.86
N ILE B 311 7.95 57.05 -1.66
CA ILE B 311 7.93 56.55 -3.02
C ILE B 311 9.08 55.60 -3.24
N VAL B 312 9.55 54.98 -2.14
CA VAL B 312 10.71 54.11 -2.18
C VAL B 312 10.55 52.91 -3.09
N PHE B 313 9.32 52.41 -3.25
CA PHE B 313 9.16 51.25 -4.08
C PHE B 313 9.15 51.60 -5.55
N ASP B 314 8.76 52.84 -5.89
CA ASP B 314 8.90 53.30 -7.25
C ASP B 314 10.37 53.41 -7.58
N GLN B 315 11.05 54.02 -6.63
CA GLN B 315 12.48 54.21 -6.66
C GLN B 315 13.14 52.87 -6.90
N ALA B 316 12.76 51.91 -6.07
CA ALA B 316 13.28 50.57 -6.18
C ALA B 316 13.06 49.92 -7.53
N GLU B 317 11.88 50.13 -8.13
CA GLU B 317 11.60 49.58 -9.44
C GLU B 317 12.51 50.18 -10.48
N ASN B 318 12.76 51.47 -10.29
CA ASN B 318 13.56 52.20 -11.23
C ASN B 318 15.01 51.81 -11.26
N ARG B 319 15.47 51.02 -10.28
CA ARG B 319 16.81 50.47 -10.29
C ARG B 319 17.07 49.62 -11.53
N MET B 320 16.13 48.77 -11.92
CA MET B 320 16.37 47.85 -13.02
C MET B 320 16.29 48.45 -14.41
N HIS B 321 15.40 49.45 -14.61
CA HIS B 321 15.32 50.07 -15.92
C HIS B 321 16.60 50.85 -16.17
N THR B 322 17.02 51.52 -15.13
CA THR B 322 18.25 52.28 -15.11
C THR B 322 19.48 51.43 -15.46
N ILE B 323 19.58 50.26 -14.84
CA ILE B 323 20.65 49.34 -15.12
C ILE B 323 20.54 48.74 -16.52
N LYS B 324 19.32 48.50 -16.98
CA LYS B 324 19.13 47.97 -18.33
C LYS B 324 19.70 48.96 -19.32
N ALA B 325 19.44 50.23 -19.02
CA ALA B 325 19.92 51.32 -19.82
C ALA B 325 21.42 51.38 -19.86
N VAL B 326 22.08 51.22 -18.71
CA VAL B 326 23.51 51.25 -18.66
C VAL B 326 24.07 50.15 -19.51
N MET B 327 23.47 48.98 -19.41
CA MET B 327 23.96 47.85 -20.15
C MET B 327 23.73 47.93 -21.64
N VAL B 328 22.58 48.42 -22.09
CA VAL B 328 22.42 48.49 -23.52
C VAL B 328 23.27 49.62 -24.05
N ALA B 329 23.56 50.63 -23.24
CA ALA B 329 24.38 51.72 -23.70
C ALA B 329 25.84 51.31 -23.88
N THR B 330 26.40 50.52 -22.97
CA THR B 330 27.79 50.15 -23.05
C THR B 330 28.08 48.93 -23.91
N LEU B 331 27.08 48.14 -24.24
CA LEU B 331 27.28 46.91 -24.99
C LEU B 331 26.76 46.90 -26.40
N SER B 332 25.86 47.81 -26.74
CA SER B 332 25.28 47.85 -28.06
C SER B 332 25.72 49.01 -28.95
N LYS B 333 25.71 48.62 -30.24
CA LYS B 333 26.01 49.37 -31.47
C LYS B 333 27.13 50.42 -31.54
N SER C 1 31.67 11.24 -32.90
CA SER C 1 31.49 9.86 -33.34
C SER C 1 31.09 8.92 -32.19
N GLY C 2 32.03 8.20 -31.55
CA GLY C 2 31.74 7.38 -30.39
C GLY C 2 31.85 8.23 -29.12
N PHE C 3 31.22 9.39 -29.23
CA PHE C 3 31.18 10.39 -28.18
C PHE C 3 29.82 10.63 -27.58
N TYR C 4 28.77 10.47 -28.37
CA TYR C 4 27.42 10.71 -27.92
C TYR C 4 27.09 9.83 -26.73
N HIS C 5 26.62 10.48 -25.67
CA HIS C 5 26.33 9.86 -24.39
C HIS C 5 27.49 9.22 -23.64
N LYS C 6 28.71 9.57 -24.02
CA LYS C 6 29.88 9.10 -23.29
C LYS C 6 30.15 9.99 -22.10
N HIS C 7 30.72 9.50 -21.00
CA HIS C 7 31.07 10.39 -19.90
C HIS C 7 32.45 10.96 -20.18
N PHE C 8 32.90 11.95 -19.43
CA PHE C 8 34.25 12.45 -19.60
C PHE C 8 34.79 12.48 -18.17
N LEU C 9 35.34 11.36 -17.69
CA LEU C 9 35.81 11.29 -16.31
C LEU C 9 37.31 11.38 -16.17
N LYS C 10 38.06 10.70 -17.04
CA LYS C 10 39.51 10.77 -17.05
C LYS C 10 39.95 10.61 -18.50
N LEU C 11 41.13 11.10 -18.88
CA LEU C 11 41.53 10.98 -20.27
C LEU C 11 41.79 9.59 -20.82
N LEU C 12 42.30 8.66 -20.02
CA LEU C 12 42.60 7.33 -20.53
C LEU C 12 41.39 6.49 -20.92
N ASP C 13 40.17 6.99 -20.73
CA ASP C 13 39.00 6.27 -21.22
C ASP C 13 38.77 6.63 -22.69
N PHE C 14 39.72 7.33 -23.29
CA PHE C 14 39.65 7.72 -24.69
C PHE C 14 40.86 7.30 -25.50
N THR C 15 40.60 7.05 -26.78
CA THR C 15 41.70 6.73 -27.66
C THR C 15 42.43 7.98 -28.09
N PRO C 16 43.68 7.88 -28.56
CA PRO C 16 44.40 9.01 -29.13
C PRO C 16 43.61 9.71 -30.22
N ALA C 17 42.94 8.90 -31.02
CA ALA C 17 42.09 9.43 -32.07
C ALA C 17 40.90 10.22 -31.56
N GLU C 18 40.31 9.74 -30.47
CA GLU C 18 39.18 10.42 -29.87
C GLU C 18 39.59 11.76 -29.30
N LEU C 19 40.70 11.77 -28.59
CA LEU C 19 41.23 12.97 -28.01
C LEU C 19 41.51 14.02 -29.05
N ASN C 20 42.03 13.55 -30.17
CA ASN C 20 42.44 14.42 -31.25
C ASN C 20 41.26 15.00 -32.02
N SER C 21 40.20 14.22 -32.09
CA SER C 21 38.96 14.62 -32.73
C SER C 21 38.34 15.75 -31.93
N LEU C 22 38.41 15.53 -30.62
CA LEU C 22 37.85 16.41 -29.64
C LEU C 22 38.53 17.76 -29.70
N LEU C 23 39.84 17.66 -29.72
CA LEU C 23 40.70 18.81 -29.81
C LEU C 23 40.42 19.61 -31.07
N GLN C 24 40.12 18.89 -32.14
CA GLN C 24 39.80 19.48 -33.41
C GLN C 24 38.46 20.20 -33.37
N LEU C 25 37.45 19.60 -32.76
CA LEU C 25 36.13 20.19 -32.62
C LEU C 25 36.16 21.47 -31.81
N ALA C 26 36.94 21.42 -30.74
CA ALA C 26 37.14 22.56 -29.88
C ALA C 26 37.66 23.73 -30.68
N ALA C 27 38.67 23.42 -31.48
CA ALA C 27 39.32 24.41 -32.32
C ALA C 27 38.38 25.03 -33.34
N LYS C 28 37.45 24.23 -33.85
CA LYS C 28 36.45 24.69 -34.78
C LYS C 28 35.50 25.64 -34.08
N LEU C 29 34.97 25.17 -32.96
CA LEU C 29 34.05 25.94 -32.14
C LEU C 29 34.59 27.27 -31.69
N LYS C 30 35.89 27.33 -31.41
CA LYS C 30 36.57 28.55 -31.01
C LYS C 30 36.50 29.54 -32.15
N ALA C 31 36.93 28.99 -33.30
CA ALA C 31 36.99 29.73 -34.53
C ALA C 31 35.63 30.20 -34.98
N ASP C 32 34.61 29.37 -34.81
CA ASP C 32 33.25 29.74 -35.17
C ASP C 32 32.74 30.88 -34.32
N LYS C 33 33.06 30.89 -33.03
CA LYS C 33 32.58 31.95 -32.17
C LYS C 33 33.23 33.30 -32.51
N LYS C 34 34.53 33.31 -32.84
CA LYS C 34 35.19 34.56 -33.19
C LYS C 34 34.69 35.13 -34.52
N SER C 35 34.42 34.25 -35.48
CA SER C 35 33.86 34.64 -36.75
C SER C 35 32.38 34.99 -36.65
N GLY C 36 31.71 34.67 -35.54
CA GLY C 36 30.28 34.93 -35.38
C GLY C 36 29.39 33.93 -36.10
N LYS C 37 29.98 32.90 -36.69
CA LYS C 37 29.24 31.86 -37.39
C LYS C 37 28.91 30.68 -36.48
N GLU C 38 28.83 30.87 -35.16
CA GLU C 38 28.57 29.77 -34.27
C GLU C 38 27.14 29.28 -34.40
N GLU C 39 27.03 28.01 -34.80
CA GLU C 39 25.73 27.39 -34.91
C GLU C 39 25.47 26.66 -33.60
N ALA C 40 24.43 27.10 -32.88
CA ALA C 40 24.05 26.49 -31.60
C ALA C 40 23.60 25.04 -31.78
N LYS C 41 24.07 24.12 -30.96
CA LYS C 41 23.70 22.74 -31.15
C LYS C 41 22.90 22.18 -29.98
N LEU C 42 23.24 22.66 -28.78
CA LEU C 42 22.59 22.20 -27.59
C LEU C 42 21.32 22.96 -27.18
N THR C 43 20.57 23.55 -28.10
CA THR C 43 19.33 24.26 -27.78
C THR C 43 18.30 23.41 -27.02
N GLY C 44 17.75 23.98 -25.94
CA GLY C 44 16.75 23.30 -25.12
C GLY C 44 17.27 22.16 -24.25
N LYS C 45 18.57 22.03 -24.06
CA LYS C 45 19.12 21.03 -23.17
C LYS C 45 19.36 21.68 -21.81
N ASN C 46 19.06 20.99 -20.72
CA ASN C 46 19.28 21.58 -19.40
C ASN C 46 20.42 20.85 -18.74
N ILE C 47 21.36 21.54 -18.13
CA ILE C 47 22.53 20.90 -17.54
C ILE C 47 22.70 21.24 -16.06
N ALA C 48 22.82 20.27 -15.16
CA ALA C 48 23.10 20.59 -13.76
C ALA C 48 24.60 20.70 -13.56
N LEU C 49 25.04 21.60 -12.68
CA LEU C 49 26.46 21.76 -12.40
C LEU C 49 26.69 21.62 -10.90
N ILE C 50 27.07 20.44 -10.44
CA ILE C 50 27.38 20.21 -9.03
C ILE C 50 28.78 20.75 -8.71
N PHE C 51 28.95 21.73 -7.82
CA PHE C 51 30.29 22.15 -7.42
C PHE C 51 30.55 21.90 -5.94
N GLU C 52 31.49 21.04 -5.53
CA GLU C 52 31.76 20.92 -4.11
C GLU C 52 33.02 21.67 -3.66
N LYS C 53 33.91 22.01 -4.59
CA LYS C 53 35.05 22.88 -4.31
C LYS C 53 34.82 24.17 -5.09
N ASP C 54 35.55 25.23 -4.76
CA ASP C 54 35.43 26.48 -5.50
C ASP C 54 35.88 26.40 -6.96
N SER C 55 35.53 27.44 -7.72
CA SER C 55 35.91 27.55 -9.13
C SER C 55 35.53 28.89 -9.72
N THR C 56 36.42 29.48 -10.53
CA THR C 56 36.05 30.64 -11.31
C THR C 56 36.01 30.13 -12.74
N ARG C 57 37.16 29.77 -13.31
CA ARG C 57 37.23 29.28 -14.68
C ARG C 57 36.32 28.13 -15.01
N THR C 58 36.49 26.95 -14.42
CA THR C 58 35.65 25.82 -14.77
C THR C 58 34.15 26.12 -14.70
N ARG C 59 33.64 26.78 -13.66
CA ARG C 59 32.23 27.15 -13.61
C ARG C 59 31.89 28.09 -14.73
N CYS C 60 32.59 29.21 -14.85
CA CYS C 60 32.27 30.16 -15.88
C CYS C 60 32.30 29.54 -17.27
N SER C 61 33.31 28.73 -17.49
CA SER C 61 33.48 28.01 -18.72
C SER C 61 32.25 27.17 -19.03
N PHE C 62 31.77 26.38 -18.07
CA PHE C 62 30.59 25.60 -18.31
C PHE C 62 29.39 26.45 -18.59
N GLU C 63 29.26 27.59 -17.92
CA GLU C 63 28.11 28.44 -18.10
C GLU C 63 28.07 29.11 -19.45
N VAL C 64 29.12 29.84 -19.84
CA VAL C 64 29.09 30.52 -21.12
C VAL C 64 29.04 29.53 -22.26
N ALA C 65 29.79 28.42 -22.22
CA ALA C 65 29.76 27.44 -23.28
C ALA C 65 28.36 26.88 -23.48
N ALA C 66 27.63 26.68 -22.40
CA ALA C 66 26.26 26.25 -22.51
C ALA C 66 25.39 27.34 -23.08
N TYR C 67 25.54 28.57 -22.60
CA TYR C 67 24.71 29.66 -23.07
C TYR C 67 24.90 29.91 -24.54
N ASP C 68 26.12 29.73 -25.04
CA ASP C 68 26.39 29.95 -26.44
C ASP C 68 25.71 28.90 -27.28
N GLN C 69 25.77 27.68 -26.78
CA GLN C 69 25.18 26.56 -27.46
C GLN C 69 23.66 26.47 -27.25
N GLY C 70 23.04 27.47 -26.64
CA GLY C 70 21.61 27.49 -26.43
C GLY C 70 21.10 26.60 -25.31
N ALA C 71 21.96 26.14 -24.40
CA ALA C 71 21.52 25.33 -23.28
C ALA C 71 21.36 26.18 -22.04
N ARG C 72 20.59 25.73 -21.03
CA ARG C 72 20.54 26.43 -19.77
C ARG C 72 21.22 25.61 -18.66
N VAL C 73 21.57 26.31 -17.60
CA VAL C 73 22.36 25.75 -16.52
C VAL C 73 21.77 25.93 -15.13
N THR C 74 22.02 24.98 -14.24
CA THR C 74 21.57 25.10 -12.85
C THR C 74 22.80 24.89 -11.99
N TYR C 75 23.25 25.92 -11.27
CA TYR C 75 24.43 25.77 -10.44
C TYR C 75 24.09 25.33 -9.01
N LEU C 76 24.43 24.09 -8.65
CA LEU C 76 24.24 23.61 -7.30
C LEU C 76 25.58 23.72 -6.62
N GLY C 77 25.82 24.91 -6.05
CA GLY C 77 27.08 25.19 -5.39
C GLY C 77 27.33 24.40 -4.11
N PRO C 78 28.51 24.55 -3.47
CA PRO C 78 28.83 23.92 -2.21
C PRO C 78 27.88 24.41 -1.13
N SER C 79 27.06 23.46 -0.70
CA SER C 79 25.99 23.68 0.27
C SER C 79 25.03 24.82 -0.10
N GLY C 80 23.87 24.29 -0.50
CA GLY C 80 22.70 25.01 -0.96
C GLY C 80 21.59 24.00 -1.21
N SER C 81 22.01 22.87 -1.77
CA SER C 81 21.13 21.77 -2.07
C SER C 81 21.28 20.67 -1.01
N GLN C 82 20.63 19.54 -1.22
CA GLN C 82 20.74 18.40 -0.32
C GLN C 82 22.03 17.59 -0.60
N ILE C 83 22.64 17.75 -1.79
CA ILE C 83 23.84 17.02 -2.21
C ILE C 83 25.10 17.23 -1.33
N GLY C 84 25.15 18.36 -0.59
CA GLY C 84 26.24 18.69 0.34
C GLY C 84 26.66 17.48 1.19
N HIS C 85 25.58 16.79 1.60
CA HIS C 85 25.41 15.51 2.29
C HIS C 85 24.49 15.52 3.50
N LYS C 86 23.45 14.80 3.12
CA LYS C 86 22.23 14.50 3.82
C LYS C 86 21.52 13.47 2.91
N GLU C 87 22.08 13.22 1.72
CA GLU C 87 21.53 12.33 0.71
C GLU C 87 22.65 11.62 -0.07
N SER C 88 22.45 10.35 -0.42
CA SER C 88 23.42 9.59 -1.21
C SER C 88 23.68 10.22 -2.55
N ILE C 89 24.94 10.16 -2.99
CA ILE C 89 25.27 10.61 -4.34
C ILE C 89 24.53 9.72 -5.33
N LYS C 90 24.39 8.47 -4.91
CA LYS C 90 23.62 7.49 -5.66
C LYS C 90 22.19 7.97 -5.82
N ASP C 91 21.58 8.49 -4.76
CA ASP C 91 20.23 9.02 -4.91
C ASP C 91 20.23 10.30 -5.73
N THR C 92 21.19 11.17 -5.46
CA THR C 92 21.28 12.45 -6.13
C THR C 92 21.35 12.27 -7.64
N ALA C 93 22.16 11.31 -8.02
CA ALA C 93 22.36 11.01 -9.41
C ALA C 93 21.04 10.62 -10.03
N ARG C 94 20.41 9.61 -9.45
CA ARG C 94 19.14 9.13 -9.94
C ARG C 94 18.07 10.19 -9.97
N VAL C 95 18.17 11.21 -9.13
CA VAL C 95 17.22 12.28 -9.17
C VAL C 95 17.52 13.20 -10.35
N LEU C 96 18.73 13.73 -10.36
CA LEU C 96 19.12 14.66 -11.39
C LEU C 96 19.01 14.10 -12.79
N GLY C 97 19.28 12.82 -13.00
CA GLY C 97 19.20 12.20 -14.31
C GLY C 97 17.80 12.23 -14.92
N ARG C 98 16.81 12.26 -14.03
CA ARG C 98 15.43 12.33 -14.46
C ARG C 98 15.08 13.73 -14.94
N MET C 99 15.84 14.75 -14.54
CA MET C 99 15.53 16.11 -14.96
C MET C 99 16.46 16.71 -16.00
N TYR C 100 17.76 16.46 -15.87
CA TYR C 100 18.74 17.06 -16.77
C TYR C 100 19.23 16.16 -17.91
N ASP C 101 19.89 16.81 -18.85
CA ASP C 101 20.45 16.13 -20.00
C ASP C 101 21.92 15.82 -19.84
N GLY C 102 22.58 16.48 -18.89
CA GLY C 102 23.99 16.31 -18.58
C GLY C 102 24.29 16.88 -17.20
N ILE C 103 25.34 16.38 -16.57
CA ILE C 103 25.71 16.81 -15.22
C ILE C 103 27.21 17.04 -15.15
N GLN C 104 27.61 18.16 -14.56
CA GLN C 104 29.02 18.37 -14.29
C GLN C 104 29.24 18.10 -12.81
N TYR C 105 30.43 17.62 -12.48
CA TYR C 105 30.79 17.42 -11.09
C TYR C 105 32.19 17.91 -10.76
N ARG C 106 32.31 18.80 -9.80
CA ARG C 106 33.61 19.22 -9.28
C ARG C 106 33.63 18.68 -7.87
N GLY C 107 34.67 18.01 -7.41
CA GLY C 107 34.62 17.50 -6.05
C GLY C 107 35.87 16.81 -5.59
N TYR C 108 35.59 15.92 -4.65
CA TYR C 108 36.60 15.18 -3.93
C TYR C 108 36.70 13.71 -4.26
N GLY C 109 37.57 13.27 -5.14
CA GLY C 109 37.70 11.84 -5.29
C GLY C 109 36.79 11.25 -6.34
N GLN C 110 37.53 10.51 -7.16
CA GLN C 110 36.99 9.89 -8.34
C GLN C 110 35.87 8.91 -8.10
N GLU C 111 35.82 8.27 -6.92
CA GLU C 111 34.75 7.35 -6.60
C GLU C 111 33.42 8.06 -6.80
N ILE C 112 33.33 9.27 -6.25
CA ILE C 112 32.14 10.07 -6.32
C ILE C 112 31.65 10.26 -7.74
N VAL C 113 32.48 10.83 -8.61
CA VAL C 113 32.01 11.09 -9.95
C VAL C 113 31.73 9.81 -10.74
N GLU C 114 32.39 8.71 -10.41
CA GLU C 114 32.13 7.45 -11.06
C GLU C 114 30.79 6.88 -10.65
N THR C 115 30.50 6.97 -9.37
CA THR C 115 29.24 6.53 -8.85
C THR C 115 28.14 7.41 -9.45
N LEU C 116 28.43 8.70 -9.57
CA LEU C 116 27.50 9.63 -10.13
C LEU C 116 27.22 9.25 -11.57
N ALA C 117 28.23 8.78 -12.31
CA ALA C 117 28.06 8.37 -13.69
C ALA C 117 27.35 7.04 -13.90
N GLU C 118 27.50 6.07 -13.01
CA GLU C 118 26.82 4.80 -13.16
C GLU C 118 25.32 4.93 -13.10
N TYR C 119 24.91 5.70 -12.11
CA TYR C 119 23.52 5.85 -11.79
C TYR C 119 22.74 6.97 -12.46
N ALA C 120 23.40 8.03 -12.95
CA ALA C 120 22.66 9.12 -13.54
C ALA C 120 21.95 8.85 -14.87
N ARG C 121 22.50 7.97 -15.71
CA ARG C 121 21.98 7.70 -17.04
C ARG C 121 22.00 8.86 -18.02
N VAL C 122 22.81 9.88 -17.74
CA VAL C 122 23.09 10.99 -18.63
C VAL C 122 24.61 11.24 -18.59
N PRO C 123 25.23 11.91 -19.56
CA PRO C 123 26.66 12.19 -19.56
C PRO C 123 27.11 12.92 -18.31
N VAL C 124 28.16 12.43 -17.69
CA VAL C 124 28.72 13.09 -16.52
C VAL C 124 30.14 13.52 -16.88
N TRP C 125 30.42 14.78 -16.65
CA TRP C 125 31.72 15.34 -16.94
C TRP C 125 32.43 15.67 -15.66
N ASN C 126 33.72 15.40 -15.60
CA ASN C 126 34.53 15.67 -14.42
C ASN C 126 35.12 17.08 -14.44
N GLY C 127 34.55 17.93 -13.60
CA GLY C 127 34.98 19.31 -13.46
C GLY C 127 36.30 19.49 -12.71
N LEU C 128 36.78 18.43 -12.07
CA LEU C 128 37.99 18.32 -11.28
C LEU C 128 37.50 17.52 -10.12
N THR C 129 38.35 16.54 -9.95
CA THR C 129 38.25 15.62 -8.85
C THR C 129 39.61 15.64 -8.16
N ASN C 130 39.79 14.91 -7.06
CA ASN C 130 41.05 14.91 -6.35
C ASN C 130 42.19 14.30 -7.14
N GLU C 131 41.88 13.30 -7.96
CA GLU C 131 42.88 12.56 -8.71
C GLU C 131 43.09 13.05 -10.12
N PHE C 132 42.01 13.33 -10.84
CA PHE C 132 42.13 13.78 -12.22
C PHE C 132 41.50 15.14 -12.47
N HIS C 133 41.72 15.65 -13.67
CA HIS C 133 41.21 16.94 -14.03
C HIS C 133 41.23 16.98 -15.55
N PRO C 134 40.54 16.09 -16.26
CA PRO C 134 40.73 15.88 -17.69
C PRO C 134 40.46 17.08 -18.57
N THR C 135 39.44 17.81 -18.17
CA THR C 135 39.00 19.00 -18.86
C THR C 135 40.12 20.01 -19.01
N GLN C 136 40.97 20.18 -17.99
CA GLN C 136 42.09 21.10 -18.03
C GLN C 136 43.05 20.76 -19.16
N LEU C 137 43.48 19.51 -19.14
CA LEU C 137 44.45 19.08 -20.12
C LEU C 137 43.99 19.24 -21.55
N LEU C 138 42.69 19.10 -21.82
CA LEU C 138 42.20 19.35 -23.15
C LEU C 138 42.58 20.75 -23.59
N ALA C 139 42.22 21.68 -22.72
CA ALA C 139 42.54 23.07 -22.95
C ALA C 139 44.03 23.24 -23.07
N ASP C 140 44.84 22.71 -22.16
CA ASP C 140 46.28 22.88 -22.24
C ASP C 140 46.87 22.31 -23.52
N LEU C 141 46.36 21.16 -23.95
CA LEU C 141 46.84 20.52 -25.15
C LEU C 141 46.63 21.43 -26.34
N LEU C 142 45.42 21.96 -26.45
CA LEU C 142 45.13 22.87 -27.53
C LEU C 142 45.98 24.11 -27.42
N THR C 143 46.14 24.69 -26.24
CA THR C 143 46.92 25.90 -26.11
C THR C 143 48.35 25.62 -26.53
N MET C 144 48.85 24.42 -26.22
CA MET C 144 50.20 24.04 -26.60
C MET C 144 50.35 23.95 -28.10
N GLN C 145 49.30 23.43 -28.70
CA GLN C 145 49.22 23.23 -30.12
C GLN C 145 49.11 24.56 -30.85
N GLU C 146 48.41 25.52 -30.27
CA GLU C 146 48.26 26.83 -30.90
C GLU C 146 49.54 27.64 -30.82
N HIS C 147 50.43 27.39 -29.87
CA HIS C 147 51.67 28.13 -29.80
C HIS C 147 52.86 27.47 -30.47
N LEU C 148 52.75 26.24 -30.92
CA LEU C 148 53.78 25.58 -31.69
C LEU C 148 53.06 24.91 -32.85
N PRO C 149 52.68 25.65 -33.89
CA PRO C 149 52.00 25.10 -35.05
C PRO C 149 52.97 24.23 -35.84
N GLY C 150 52.38 23.32 -36.59
CA GLY C 150 53.13 22.37 -37.40
C GLY C 150 53.97 21.41 -36.58
N LYS C 151 53.62 21.24 -35.32
CA LYS C 151 54.31 20.31 -34.46
C LYS C 151 53.29 19.32 -33.91
N ALA C 152 53.59 18.04 -34.15
CA ALA C 152 52.78 16.99 -33.54
C ALA C 152 53.15 16.99 -32.06
N PHE C 153 52.26 16.46 -31.22
CA PHE C 153 52.56 16.44 -29.80
C PHE C 153 53.81 15.67 -29.42
N ASN C 154 54.15 14.62 -30.17
CA ASN C 154 55.36 13.86 -29.92
C ASN C 154 56.65 14.62 -30.20
N GLU C 155 56.54 15.77 -30.87
CA GLU C 155 57.67 16.64 -31.15
C GLU C 155 57.86 17.73 -30.07
N MET C 156 57.02 17.74 -29.03
CA MET C 156 57.05 18.73 -27.98
C MET C 156 57.58 18.23 -26.64
N THR C 157 58.34 19.06 -25.93
CA THR C 157 58.82 18.63 -24.63
C THR C 157 58.11 19.47 -23.57
N LEU C 158 57.34 18.85 -22.70
CA LEU C 158 56.63 19.54 -21.64
C LEU C 158 57.21 19.18 -20.28
N VAL C 159 57.59 20.18 -19.50
CA VAL C 159 58.09 19.96 -18.15
C VAL C 159 57.04 20.42 -17.15
N TYR C 160 56.83 19.62 -16.12
CA TYR C 160 55.94 19.98 -15.04
C TYR C 160 56.75 19.99 -13.76
N ALA C 161 57.09 21.15 -13.23
CA ALA C 161 57.74 21.22 -11.92
C ALA C 161 56.70 21.17 -10.79
N GLY C 162 57.09 21.19 -9.52
CA GLY C 162 56.10 21.23 -8.45
C GLY C 162 55.65 19.88 -7.92
N ASP C 163 54.52 19.90 -7.23
CA ASP C 163 53.87 18.73 -6.68
C ASP C 163 53.31 17.81 -7.75
N ALA C 164 54.09 16.81 -8.09
CA ALA C 164 53.68 15.88 -9.12
C ALA C 164 52.64 14.84 -8.74
N ARG C 165 52.14 14.78 -7.50
CA ARG C 165 51.14 13.79 -7.17
C ARG C 165 49.73 14.34 -6.95
N ASN C 166 49.53 15.60 -7.29
CA ASN C 166 48.19 16.16 -7.23
C ASN C 166 47.41 15.76 -8.49
N ASN C 167 46.17 16.22 -8.56
CA ASN C 167 45.32 15.90 -9.69
C ASN C 167 45.91 16.33 -11.02
N MET C 168 46.69 17.41 -11.00
CA MET C 168 47.32 17.88 -12.22
C MET C 168 48.47 17.02 -12.69
N GLY C 169 49.23 16.47 -11.76
CA GLY C 169 50.34 15.61 -12.08
C GLY C 169 49.80 14.35 -12.74
N ASN C 170 48.82 13.77 -12.08
CA ASN C 170 48.17 12.58 -12.56
C ASN C 170 47.63 12.77 -13.96
N SER C 171 47.02 13.92 -14.20
CA SER C 171 46.48 14.23 -15.50
C SER C 171 47.55 14.36 -16.58
N MET C 172 48.73 14.87 -16.24
CA MET C 172 49.83 15.00 -17.18
C MET C 172 50.18 13.64 -17.80
N LEU C 173 50.28 12.67 -16.89
CA LEU C 173 50.57 11.30 -17.24
C LEU C 173 49.61 10.78 -18.29
N GLU C 174 48.32 11.00 -18.05
CA GLU C 174 47.33 10.55 -19.00
C GLU C 174 47.51 11.20 -20.35
N ALA C 175 47.78 12.52 -20.32
CA ALA C 175 47.93 13.29 -21.53
C ALA C 175 49.05 12.73 -22.38
N ALA C 176 50.21 12.54 -21.78
CA ALA C 176 51.36 11.98 -22.47
C ALA C 176 51.10 10.57 -23.00
N ALA C 177 50.44 9.75 -22.18
CA ALA C 177 50.09 8.40 -22.60
C ALA C 177 49.27 8.39 -23.88
N LEU C 178 48.56 9.47 -24.12
CA LEU C 178 47.74 9.61 -25.29
C LEU C 178 48.37 10.46 -26.38
N THR C 179 49.44 11.21 -26.13
CA THR C 179 49.96 12.09 -27.16
C THR C 179 51.40 11.90 -27.57
N GLY C 180 52.13 11.13 -26.78
CA GLY C 180 53.53 10.91 -27.04
C GLY C 180 54.34 12.14 -26.70
N LEU C 181 53.86 13.03 -25.84
CA LEU C 181 54.64 14.17 -25.37
C LEU C 181 55.87 13.66 -24.64
N ASP C 182 56.96 14.41 -24.67
CA ASP C 182 58.09 14.06 -23.85
C ASP C 182 57.82 14.70 -22.47
N LEU C 183 57.07 14.00 -21.64
CA LEU C 183 56.75 14.47 -20.31
C LEU C 183 57.94 14.45 -19.38
N ARG C 184 58.09 15.50 -18.61
CA ARG C 184 59.12 15.53 -17.61
C ARG C 184 58.51 16.08 -16.34
N LEU C 185 58.50 15.24 -15.33
CA LEU C 185 57.97 15.62 -14.05
C LEU C 185 59.12 15.97 -13.15
N VAL C 186 59.47 17.24 -13.02
CA VAL C 186 60.56 17.61 -12.14
C VAL C 186 59.98 17.86 -10.77
N ALA C 187 60.23 16.95 -9.86
CA ALA C 187 59.66 17.02 -8.52
C ALA C 187 60.53 16.28 -7.52
N PRO C 188 60.48 16.55 -6.22
CA PRO C 188 61.07 15.69 -5.21
C PRO C 188 60.36 14.35 -5.25
N GLN C 189 61.10 13.32 -4.87
CA GLN C 189 60.59 11.97 -4.88
C GLN C 189 59.36 11.80 -4.01
N ALA C 190 59.34 12.52 -2.89
CA ALA C 190 58.21 12.50 -1.98
C ALA C 190 56.90 12.92 -2.63
N CYS C 191 57.00 13.74 -3.68
CA CYS C 191 55.85 14.17 -4.42
C CYS C 191 55.69 13.45 -5.75
N TRP C 192 56.39 12.35 -6.03
CA TRP C 192 56.19 11.67 -7.30
C TRP C 192 54.85 10.97 -7.40
N PRO C 193 54.24 10.90 -8.59
CA PRO C 193 52.98 10.22 -8.78
C PRO C 193 53.14 8.74 -8.53
N GLU C 194 52.02 8.13 -8.16
CA GLU C 194 51.94 6.70 -7.91
C GLU C 194 52.51 5.89 -9.07
N ALA C 195 53.44 5.01 -8.72
CA ALA C 195 54.16 4.25 -9.73
C ALA C 195 53.33 3.38 -10.64
N ALA C 196 52.21 2.83 -10.17
CA ALA C 196 51.41 2.01 -11.04
C ALA C 196 50.90 2.77 -12.25
N LEU C 197 50.54 4.03 -12.02
CA LEU C 197 50.04 4.87 -13.09
C LEU C 197 51.15 5.36 -14.02
N VAL C 198 52.32 5.61 -13.44
CA VAL C 198 53.46 6.05 -14.21
C VAL C 198 53.80 4.99 -15.24
N THR C 199 53.93 3.75 -14.79
CA THR C 199 54.25 2.61 -15.60
C THR C 199 53.30 2.41 -16.77
N GLU C 200 51.99 2.43 -16.48
CA GLU C 200 50.97 2.25 -17.48
C GLU C 200 51.02 3.36 -18.52
N CYS C 201 51.10 4.59 -18.03
CA CYS C 201 51.18 5.72 -18.91
C CYS C 201 52.46 5.82 -19.67
N ARG C 202 53.57 5.35 -19.09
CA ARG C 202 54.86 5.42 -19.75
C ARG C 202 54.86 4.49 -20.95
N ALA C 203 54.36 3.29 -20.71
CA ALA C 203 54.25 2.28 -21.74
C ALA C 203 53.47 2.77 -22.95
N LEU C 204 52.38 3.45 -22.66
CA LEU C 204 51.53 4.03 -23.67
C LEU C 204 52.13 5.24 -24.35
N ALA C 205 52.85 6.06 -23.59
CA ALA C 205 53.49 7.22 -24.16
C ALA C 205 54.53 6.82 -25.18
N GLN C 206 55.40 5.88 -24.79
CA GLN C 206 56.46 5.36 -25.64
C GLN C 206 55.92 4.76 -26.93
N GLN C 207 54.76 4.08 -26.87
CA GLN C 207 54.11 3.55 -28.05
C GLN C 207 53.81 4.65 -29.05
N ASN C 208 53.43 5.80 -28.52
CA ASN C 208 53.12 6.93 -29.35
C ASN C 208 54.29 7.86 -29.60
N GLY C 209 55.48 7.46 -29.17
CA GLY C 209 56.70 8.19 -29.43
C GLY C 209 57.17 9.13 -28.32
N GLY C 210 56.58 9.08 -27.14
CA GLY C 210 56.99 9.95 -26.05
C GLY C 210 57.77 9.20 -25.00
N ASN C 211 57.87 9.75 -23.79
CA ASN C 211 58.58 9.14 -22.67
C ASN C 211 58.32 9.97 -21.43
N ILE C 212 57.99 9.33 -20.32
CA ILE C 212 57.76 10.06 -19.09
C ILE C 212 59.00 9.96 -18.23
N THR C 213 59.70 11.06 -18.09
CA THR C 213 60.87 11.11 -17.23
C THR C 213 60.51 11.70 -15.87
N LEU C 214 60.86 11.07 -14.75
CA LEU C 214 60.68 11.68 -13.44
C LEU C 214 62.05 12.00 -12.89
N THR C 215 62.30 13.17 -12.31
CA THR C 215 63.60 13.49 -11.76
C THR C 215 63.59 14.62 -10.75
N GLU C 216 64.37 14.44 -9.68
CA GLU C 216 64.51 15.51 -8.70
C GLU C 216 65.45 16.61 -9.19
N ASP C 217 66.26 16.36 -10.22
CA ASP C 217 67.15 17.38 -10.70
C ASP C 217 66.44 18.35 -11.63
N VAL C 218 66.53 19.61 -11.24
CA VAL C 218 65.86 20.64 -12.00
C VAL C 218 66.54 20.83 -13.34
N ALA C 219 67.85 20.95 -13.23
CA ALA C 219 68.69 21.21 -14.38
C ALA C 219 68.59 20.22 -15.52
N LYS C 220 68.60 18.91 -15.25
CA LYS C 220 68.48 18.01 -16.39
C LYS C 220 67.04 17.82 -16.85
N GLY C 221 66.08 18.19 -16.00
CA GLY C 221 64.69 18.06 -16.33
C GLY C 221 64.21 19.14 -17.29
N VAL C 222 64.42 20.40 -16.94
CA VAL C 222 63.96 21.52 -17.75
C VAL C 222 64.63 21.70 -19.10
N GLU C 223 65.81 21.10 -19.28
CA GLU C 223 66.59 21.23 -20.50
C GLU C 223 65.85 20.88 -21.80
N GLY C 224 65.79 21.85 -22.70
CA GLY C 224 65.16 21.69 -24.00
C GLY C 224 63.64 21.72 -24.03
N ALA C 225 63.01 22.06 -22.91
CA ALA C 225 61.56 22.12 -22.83
C ALA C 225 60.95 23.15 -23.77
N ASP C 226 59.80 22.82 -24.37
CA ASP C 226 59.08 23.82 -25.11
C ASP C 226 58.15 24.54 -24.13
N PHE C 227 57.71 23.85 -23.08
CA PHE C 227 56.82 24.42 -22.09
C PHE C 227 57.20 24.08 -20.67
N ILE C 228 57.19 25.08 -19.79
CA ILE C 228 57.30 24.82 -18.36
C ILE C 228 55.89 24.98 -17.83
N TYR C 229 55.44 24.09 -16.93
CA TYR C 229 54.10 24.14 -16.37
C TYR C 229 54.22 23.90 -14.86
N THR C 230 53.43 24.59 -14.03
CA THR C 230 53.42 24.32 -12.60
C THR C 230 52.07 24.60 -11.97
N ASP C 231 51.88 24.34 -10.67
CA ASP C 231 50.63 24.52 -9.97
C ASP C 231 50.89 24.80 -8.50
N VAL C 232 49.86 25.26 -7.78
CA VAL C 232 49.97 25.55 -6.36
C VAL C 232 50.51 24.36 -5.58
N TRP C 233 51.27 24.58 -4.52
CA TRP C 233 51.83 23.43 -3.83
C TRP C 233 50.84 22.68 -2.97
N VAL C 234 49.81 23.34 -2.45
CA VAL C 234 48.74 22.63 -1.75
C VAL C 234 47.47 22.85 -2.56
N SER C 235 46.81 21.76 -2.89
CA SER C 235 45.61 21.84 -3.69
C SER C 235 44.36 22.05 -2.86
N MET C 236 43.27 22.36 -3.56
CA MET C 236 41.98 22.47 -2.92
C MET C 236 41.58 21.18 -2.22
N GLY C 237 41.18 21.31 -0.97
CA GLY C 237 40.74 20.14 -0.24
C GLY C 237 41.80 19.55 0.66
N GLU C 238 43.08 19.83 0.42
CA GLU C 238 44.10 19.35 1.32
C GLU C 238 44.13 20.23 2.57
N ALA C 239 44.56 19.61 3.67
CA ALA C 239 44.62 20.29 4.95
C ALA C 239 45.59 21.45 4.96
N LYS C 240 45.23 22.50 5.70
CA LYS C 240 46.04 23.70 5.79
C LYS C 240 47.44 23.44 6.33
N GLU C 241 47.56 22.37 7.10
CA GLU C 241 48.80 21.93 7.71
C GLU C 241 49.91 21.56 6.72
N LYS C 242 49.47 21.01 5.58
CA LYS C 242 50.36 20.62 4.52
C LYS C 242 51.24 21.74 4.02
N TRP C 243 50.80 23.00 4.08
CA TRP C 243 51.59 24.10 3.57
C TRP C 243 53.02 24.15 4.08
N ALA C 244 53.21 24.01 5.38
CA ALA C 244 54.55 24.05 5.94
C ALA C 244 55.48 22.97 5.43
N GLU C 245 55.00 21.74 5.21
CA GLU C 245 55.88 20.73 4.68
C GLU C 245 56.00 20.81 3.18
N ARG C 246 54.95 21.21 2.46
CA ARG C 246 55.03 21.31 1.03
C ARG C 246 55.95 22.43 0.59
N ILE C 247 55.99 23.55 1.30
CA ILE C 247 56.91 24.61 0.96
C ILE C 247 58.33 24.14 1.17
N ALA C 248 58.51 23.40 2.26
CA ALA C 248 59.79 22.85 2.61
C ALA C 248 60.37 21.96 1.52
N LEU C 249 59.51 21.15 0.93
CA LEU C 249 59.90 20.25 -0.13
C LEU C 249 60.05 20.92 -1.48
N LEU C 250 59.00 21.61 -1.87
CA LEU C 250 58.92 22.15 -3.19
C LEU C 250 59.55 23.49 -3.48
N ARG C 251 60.06 24.32 -2.56
CA ARG C 251 60.52 25.63 -2.99
C ARG C 251 61.69 25.66 -3.95
N GLU C 252 62.54 24.64 -4.00
CA GLU C 252 63.57 24.65 -5.00
C GLU C 252 63.01 24.34 -6.38
N TYR C 253 61.73 23.98 -6.45
CA TYR C 253 61.09 23.69 -7.71
C TYR C 253 60.24 24.84 -8.19
N GLN C 254 60.41 26.01 -7.58
CA GLN C 254 59.73 27.23 -8.01
C GLN C 254 60.11 27.53 -9.45
N VAL C 255 59.15 27.93 -10.27
CA VAL C 255 59.44 28.30 -11.64
C VAL C 255 59.77 29.77 -11.58
N ASN C 256 61.07 30.02 -11.60
CA ASN C 256 61.63 31.35 -11.57
C ASN C 256 62.36 31.63 -12.86
N SER C 257 63.09 32.74 -12.95
CA SER C 257 63.78 33.13 -14.19
C SER C 257 64.96 32.25 -14.55
N LYS C 258 65.76 31.93 -13.53
CA LYS C 258 66.89 31.02 -13.62
C LYS C 258 66.43 29.66 -14.10
N MET C 259 65.25 29.31 -13.65
CA MET C 259 64.58 28.07 -13.97
C MET C 259 64.29 28.04 -15.45
N MET C 260 63.67 29.11 -15.94
CA MET C 260 63.37 29.29 -17.35
C MET C 260 64.62 29.41 -18.22
N GLN C 261 65.73 29.76 -17.58
CA GLN C 261 66.96 29.95 -18.31
C GLN C 261 67.69 28.63 -18.48
N LEU C 262 67.63 27.75 -17.49
CA LEU C 262 68.25 26.45 -17.59
C LEU C 262 67.64 25.60 -18.70
N THR C 263 66.48 26.00 -19.21
CA THR C 263 65.81 25.33 -20.31
C THR C 263 66.74 25.33 -21.51
N GLY C 264 67.25 26.51 -21.83
CA GLY C 264 68.08 26.66 -23.00
C GLY C 264 67.25 27.10 -24.19
N ASN C 265 65.93 26.88 -24.22
CA ASN C 265 65.09 27.37 -25.32
C ASN C 265 64.62 28.77 -24.96
N PRO C 266 64.91 29.81 -25.74
CA PRO C 266 64.43 31.16 -25.47
C PRO C 266 62.98 31.38 -25.89
N GLU C 267 62.42 30.39 -26.57
CA GLU C 267 61.04 30.43 -26.99
C GLU C 267 60.13 29.69 -26.03
N VAL C 268 60.67 29.21 -24.90
CA VAL C 268 59.90 28.44 -23.95
C VAL C 268 58.79 29.28 -23.36
N LYS C 269 57.63 28.66 -23.33
CA LYS C 269 56.48 29.31 -22.77
C LYS C 269 56.03 28.64 -21.49
N PHE C 270 55.65 29.51 -20.57
CA PHE C 270 55.12 29.12 -19.28
C PHE C 270 53.62 28.87 -19.28
N LEU C 271 53.20 27.88 -18.51
CA LEU C 271 51.79 27.49 -18.40
C LEU C 271 51.47 27.27 -16.94
N HIS C 272 50.24 27.54 -16.54
CA HIS C 272 49.76 27.34 -15.18
C HIS C 272 48.25 27.34 -15.25
N CYS C 273 47.65 26.30 -14.72
CA CYS C 273 46.20 26.16 -14.80
C CYS C 273 45.43 27.22 -14.04
N LEU C 274 46.09 27.87 -13.07
CA LEU C 274 45.55 28.90 -12.19
C LEU C 274 44.52 28.36 -11.18
N PRO C 275 44.19 29.03 -10.05
CA PRO C 275 44.85 30.20 -9.47
C PRO C 275 46.32 30.01 -9.18
N ALA C 276 47.10 31.07 -9.29
CA ALA C 276 48.52 30.96 -8.99
C ALA C 276 48.94 31.94 -7.92
N PHE C 277 49.64 31.54 -6.86
CA PHE C 277 50.11 32.51 -5.87
C PHE C 277 51.40 33.11 -6.40
N HIS C 278 51.31 34.07 -7.31
CA HIS C 278 52.52 34.64 -7.85
C HIS C 278 52.88 35.98 -7.26
N ASP C 279 52.05 36.63 -6.47
CA ASP C 279 52.45 37.90 -5.88
C ASP C 279 52.01 38.06 -4.44
N ASP C 280 52.57 39.09 -3.82
CA ASP C 280 52.34 39.40 -2.40
C ASP C 280 51.15 40.35 -2.28
N GLN C 281 50.10 39.97 -3.00
CA GLN C 281 48.85 40.70 -3.14
C GLN C 281 47.68 40.03 -2.45
N THR C 282 47.64 38.69 -2.46
CA THR C 282 46.49 38.00 -1.87
C THR C 282 46.42 37.88 -0.36
N THR C 283 45.29 37.27 -0.01
CA THR C 283 44.90 36.95 1.33
C THR C 283 45.95 36.04 1.98
N LEU C 284 45.95 34.76 1.58
CA LEU C 284 46.92 33.81 2.08
C LEU C 284 48.21 33.84 1.29
N GLY C 285 48.21 34.65 0.24
CA GLY C 285 49.39 34.87 -0.57
C GLY C 285 50.40 35.65 0.21
N LYS C 286 49.98 36.75 0.83
CA LYS C 286 50.87 37.58 1.62
C LYS C 286 51.27 36.94 2.93
N LYS C 287 50.32 36.21 3.55
CA LYS C 287 50.58 35.53 4.80
C LYS C 287 51.66 34.47 4.62
N MET C 288 51.57 33.68 3.55
CA MET C 288 52.56 32.68 3.23
C MET C 288 53.89 33.30 2.81
N ALA C 289 53.82 34.43 2.14
CA ALA C 289 55.00 35.09 1.62
C ALA C 289 55.92 35.70 2.65
N GLU C 290 55.36 36.18 3.77
CA GLU C 290 56.17 36.77 4.82
C GLU C 290 56.72 35.72 5.75
N GLU C 291 55.82 34.82 6.12
CA GLU C 291 56.10 33.74 7.05
C GLU C 291 57.28 32.87 6.63
N PHE C 292 57.17 32.24 5.47
CA PHE C 292 58.21 31.39 4.95
C PHE C 292 59.25 32.17 4.16
N GLY C 293 58.85 33.36 3.71
CA GLY C 293 59.74 34.18 2.94
C GLY C 293 59.69 33.90 1.44
N LEU C 294 58.53 33.59 0.86
CA LEU C 294 58.43 33.47 -0.60
C LEU C 294 58.06 34.85 -1.14
N HIS C 295 59.03 35.73 -1.14
CA HIS C 295 58.78 37.08 -1.62
C HIS C 295 58.81 37.16 -3.13
N GLY C 296 57.63 37.47 -3.65
CA GLY C 296 57.46 37.65 -5.08
C GLY C 296 57.13 36.38 -5.84
N GLY C 297 56.36 35.48 -5.24
CA GLY C 297 55.98 34.27 -5.95
C GLY C 297 56.26 33.00 -5.17
N MET C 298 55.33 32.06 -5.27
CA MET C 298 55.52 30.80 -4.61
C MET C 298 55.83 29.80 -5.69
N GLU C 299 54.85 29.14 -6.31
CA GLU C 299 55.16 28.18 -7.37
C GLU C 299 55.79 28.90 -8.55
N VAL C 300 55.39 30.13 -8.78
CA VAL C 300 55.98 30.89 -9.86
C VAL C 300 56.19 32.31 -9.41
N THR C 301 57.34 32.81 -9.80
CA THR C 301 57.74 34.19 -9.61
C THR C 301 56.78 35.07 -10.42
N ASP C 302 56.46 36.24 -9.86
CA ASP C 302 55.59 37.20 -10.53
C ASP C 302 56.23 37.70 -11.81
N GLU C 303 57.57 37.80 -11.81
CA GLU C 303 58.31 38.18 -13.00
C GLU C 303 58.07 37.20 -14.13
N VAL C 304 58.01 35.90 -13.83
CA VAL C 304 57.76 34.92 -14.87
C VAL C 304 56.29 34.91 -15.22
N PHE C 305 55.41 35.13 -14.26
CA PHE C 305 53.99 35.12 -14.53
C PHE C 305 53.59 36.24 -15.47
N GLU C 306 54.27 37.38 -15.38
CA GLU C 306 53.96 38.50 -16.23
C GLU C 306 54.93 38.62 -17.41
N SER C 307 55.80 37.62 -17.52
CA SER C 307 56.77 37.48 -18.60
C SER C 307 56.05 37.33 -19.93
N ALA C 308 56.78 37.59 -21.02
CA ALA C 308 56.23 37.35 -22.34
C ALA C 308 56.05 35.86 -22.59
N ALA C 309 56.77 35.03 -21.83
CA ALA C 309 56.64 33.59 -21.92
C ALA C 309 55.30 33.11 -21.39
N SER C 310 54.75 33.82 -20.41
CA SER C 310 53.48 33.45 -19.84
C SER C 310 52.36 33.53 -20.86
N ILE C 311 51.74 32.38 -21.06
CA ILE C 311 50.58 32.33 -21.93
C ILE C 311 49.38 31.78 -21.17
N VAL C 312 49.42 31.96 -19.84
CA VAL C 312 48.39 31.40 -18.98
C VAL C 312 47.00 31.91 -19.27
N PHE C 313 46.88 33.15 -19.76
CA PHE C 313 45.55 33.66 -20.01
C PHE C 313 44.99 33.14 -21.32
N ASP C 314 45.85 32.78 -22.26
CA ASP C 314 45.37 32.12 -23.46
C ASP C 314 44.85 30.75 -23.08
N GLN C 315 45.67 30.10 -22.25
CA GLN C 315 45.38 28.80 -21.70
C GLN C 315 44.02 28.87 -21.04
N ALA C 316 43.88 29.85 -20.16
CA ALA C 316 42.64 30.04 -19.45
C ALA C 316 41.44 30.23 -20.35
N GLU C 317 41.58 30.98 -21.45
CA GLU C 317 40.49 31.18 -22.38
C GLU C 317 40.09 29.86 -23.02
N ASN C 318 41.12 29.06 -23.28
CA ASN C 318 40.90 27.81 -23.96
C ASN C 318 40.17 26.79 -23.13
N ARG C 319 40.00 27.02 -21.83
CA ARG C 319 39.17 26.16 -20.99
C ARG C 319 37.74 26.07 -21.49
N MET C 320 37.14 27.19 -21.88
CA MET C 320 35.73 27.18 -22.25
C MET C 320 35.42 26.62 -23.63
N HIS C 321 36.32 26.82 -24.60
CA HIS C 321 36.08 26.27 -25.93
C HIS C 321 36.15 24.76 -25.84
N THR C 322 37.15 24.31 -25.11
CA THR C 322 37.37 22.92 -24.84
C THR C 322 36.18 22.23 -24.19
N ILE C 323 35.61 22.86 -23.17
CA ILE C 323 34.43 22.36 -22.51
C ILE C 323 33.20 22.42 -23.41
N LYS C 324 33.10 23.45 -24.25
CA LYS C 324 31.98 23.55 -25.17
C LYS C 324 32.01 22.35 -26.09
N ALA C 325 33.23 22.01 -26.49
CA ALA C 325 33.46 20.89 -27.36
C ALA C 325 33.05 19.58 -26.70
N VAL C 326 33.41 19.39 -25.43
CA VAL C 326 33.04 18.18 -24.75
C VAL C 326 31.54 18.05 -24.69
N MET C 327 30.87 19.17 -24.41
CA MET C 327 29.44 19.13 -24.31
C MET C 327 28.71 18.94 -25.61
N VAL C 328 29.17 19.55 -26.70
CA VAL C 328 28.44 19.30 -27.93
C VAL C 328 28.76 17.91 -28.41
N ALA C 329 29.91 17.36 -28.05
CA ALA C 329 30.24 16.02 -28.48
C ALA C 329 29.41 14.96 -27.77
N THR C 330 29.16 15.11 -26.48
CA THR C 330 28.43 14.10 -25.74
C THR C 330 26.92 14.26 -25.76
N LEU C 331 26.42 15.41 -26.18
CA LEU C 331 25.00 15.67 -26.16
C LEU C 331 24.32 15.78 -27.50
N SER C 332 25.09 16.00 -28.56
CA SER C 332 24.53 16.15 -29.89
C SER C 332 24.77 15.01 -30.85
N LYS C 333 23.73 14.89 -31.71
CA LYS C 333 23.52 13.98 -32.84
C LYS C 333 23.95 12.50 -32.80
N SER D 1 -12.43 -35.95 -17.09
CA SER D 1 -13.14 -35.98 -15.82
C SER D 1 -14.29 -34.94 -15.76
N GLY D 2 -14.09 -33.74 -15.20
CA GLY D 2 -15.09 -32.68 -15.22
C GLY D 2 -14.94 -31.87 -16.49
N PHE D 3 -14.83 -32.61 -17.58
CA PHE D 3 -14.65 -32.08 -18.92
C PHE D 3 -15.81 -32.33 -19.85
N TYR D 4 -16.51 -33.45 -19.66
CA TYR D 4 -17.60 -33.81 -20.53
C TYR D 4 -18.67 -32.73 -20.51
N HIS D 5 -19.04 -32.30 -21.71
CA HIS D 5 -19.96 -31.21 -21.96
C HIS D 5 -19.57 -29.84 -21.44
N LYS D 6 -18.29 -29.65 -21.13
CA LYS D 6 -17.81 -28.34 -20.73
C LYS D 6 -17.48 -27.51 -21.95
N HIS D 7 -17.60 -26.18 -21.92
CA HIS D 7 -17.17 -25.39 -23.07
C HIS D 7 -15.70 -25.10 -22.94
N PHE D 8 -15.05 -24.57 -23.97
CA PHE D 8 -13.65 -24.20 -23.84
C PHE D 8 -13.62 -22.79 -24.39
N LEU D 9 -13.88 -21.78 -23.56
CA LEU D 9 -13.96 -20.41 -24.04
C LEU D 9 -12.73 -19.59 -23.69
N LYS D 10 -12.22 -19.71 -22.48
CA LYS D 10 -11.00 -19.02 -22.06
C LYS D 10 -10.31 -19.93 -21.06
N LEU D 11 -8.99 -19.84 -20.87
CA LEU D 11 -8.32 -20.73 -19.96
C LEU D 11 -8.65 -20.62 -18.48
N LEU D 12 -8.95 -19.43 -17.97
CA LEU D 12 -9.23 -19.29 -16.55
C LEU D 12 -10.53 -19.94 -16.08
N ASP D 13 -11.32 -20.55 -16.96
CA ASP D 13 -12.48 -21.30 -16.53
C ASP D 13 -12.06 -22.72 -16.15
N PHE D 14 -10.75 -22.96 -16.11
CA PHE D 14 -10.20 -24.25 -15.76
C PHE D 14 -9.20 -24.18 -14.61
N THR D 15 -9.15 -25.28 -13.86
CA THR D 15 -8.17 -25.36 -12.80
C THR D 15 -6.81 -25.75 -13.37
N PRO D 16 -5.71 -25.48 -12.65
CA PRO D 16 -4.39 -25.94 -13.04
C PRO D 16 -4.35 -27.43 -13.31
N ALA D 17 -5.07 -28.17 -12.48
CA ALA D 17 -5.18 -29.60 -12.65
C ALA D 17 -5.88 -30.01 -13.94
N GLU D 18 -6.93 -29.27 -14.29
CA GLU D 18 -7.68 -29.55 -15.49
C GLU D 18 -6.83 -29.28 -16.72
N LEU D 19 -6.13 -28.16 -16.71
CA LEU D 19 -5.27 -27.79 -17.80
C LEU D 19 -4.20 -28.83 -18.03
N ASN D 20 -3.69 -29.34 -16.93
CA ASN D 20 -2.59 -30.29 -16.97
C ASN D 20 -3.02 -31.67 -17.43
N SER D 21 -4.26 -32.01 -17.11
CA SER D 21 -4.86 -33.26 -17.51
C SER D 21 -5.02 -33.26 -19.03
N LEU D 22 -5.46 -32.10 -19.48
CA LEU D 22 -5.76 -31.84 -20.86
C LEU D 22 -4.51 -31.98 -21.69
N LEU D 23 -3.49 -31.30 -21.17
CA LEU D 23 -2.19 -31.31 -21.78
C LEU D 23 -1.63 -32.73 -21.89
N GLN D 24 -1.92 -33.52 -20.87
CA GLN D 24 -1.50 -34.89 -20.82
C GLN D 24 -2.23 -35.74 -21.85
N LEU D 25 -3.54 -35.56 -22.00
CA LEU D 25 -4.34 -36.27 -22.97
C LEU D 25 -3.91 -35.99 -24.40
N ALA D 26 -3.62 -34.71 -24.64
CA ALA D 26 -3.13 -34.26 -25.91
C ALA D 26 -1.87 -35.01 -26.29
N ALA D 27 -0.98 -35.08 -25.31
CA ALA D 27 0.29 -35.75 -25.47
C ALA D 27 0.15 -37.24 -25.78
N LYS D 28 -0.86 -37.86 -25.18
CA LYS D 28 -1.16 -39.26 -25.41
C LYS D 28 -1.64 -39.45 -26.84
N LEU D 29 -2.65 -38.65 -27.19
CA LEU D 29 -3.24 -38.67 -28.50
C LEU D 29 -2.25 -38.44 -29.64
N LYS D 30 -1.25 -37.58 -29.40
CA LYS D 30 -0.21 -37.31 -30.35
C LYS D 30 0.58 -38.57 -30.60
N ALA D 31 1.00 -39.12 -29.46
CA ALA D 31 1.78 -40.33 -29.41
C ALA D 31 1.05 -41.51 -30.01
N ASP D 32 -0.26 -41.62 -29.76
CA ASP D 32 -1.06 -42.69 -30.32
C ASP D 32 -1.14 -42.59 -31.82
N LYS D 33 -1.25 -41.40 -32.38
CA LYS D 33 -1.35 -41.26 -33.80
C LYS D 33 -0.05 -41.62 -34.50
N LYS D 34 1.12 -41.25 -33.94
CA LYS D 34 2.39 -41.60 -34.55
C LYS D 34 2.67 -43.10 -34.51
N SER D 35 2.28 -43.74 -33.41
CA SER D 35 2.40 -45.18 -33.27
C SER D 35 1.35 -45.94 -34.09
N GLY D 36 0.32 -45.26 -34.60
CA GLY D 36 -0.75 -45.90 -35.35
C GLY D 36 -1.77 -46.63 -34.48
N LYS D 37 -1.64 -46.50 -33.16
CA LYS D 37 -2.56 -47.12 -32.22
C LYS D 37 -3.70 -46.18 -31.84
N GLU D 38 -4.05 -45.21 -32.67
CA GLU D 38 -5.08 -44.26 -32.30
C GLU D 38 -6.45 -44.93 -32.32
N GLU D 39 -7.08 -44.91 -31.15
CA GLU D 39 -8.41 -45.45 -31.00
C GLU D 39 -9.38 -44.29 -31.16
N ALA D 40 -10.21 -44.34 -32.21
CA ALA D 40 -11.20 -43.30 -32.47
C ALA D 40 -12.25 -43.22 -31.38
N LYS D 41 -12.57 -42.04 -30.88
CA LYS D 41 -13.53 -41.95 -29.79
C LYS D 41 -14.80 -41.22 -30.19
N LEU D 42 -14.63 -40.23 -31.06
CA LEU D 42 -15.75 -39.43 -31.50
C LEU D 42 -16.51 -39.95 -32.72
N THR D 43 -16.54 -41.25 -32.99
CA THR D 43 -17.28 -41.81 -34.11
C THR D 43 -18.76 -41.44 -34.14
N GLY D 44 -19.24 -41.01 -35.32
CA GLY D 44 -20.63 -40.63 -35.51
C GLY D 44 -21.06 -39.31 -34.86
N LYS D 45 -20.12 -38.47 -34.43
CA LYS D 45 -20.45 -37.17 -33.89
C LYS D 45 -20.33 -36.15 -35.00
N ASN D 46 -21.25 -35.19 -35.09
CA ASN D 46 -21.16 -34.19 -36.15
C ASN D 46 -20.80 -32.86 -35.52
N ILE D 47 -19.87 -32.12 -36.07
CA ILE D 47 -19.43 -30.87 -35.47
C ILE D 47 -19.55 -29.69 -36.43
N ALA D 48 -20.22 -28.58 -36.06
CA ALA D 48 -20.24 -27.41 -36.91
C ALA D 48 -19.03 -26.54 -36.62
N LEU D 49 -18.48 -25.89 -37.64
CA LEU D 49 -17.34 -25.01 -37.45
C LEU D 49 -17.66 -23.63 -38.01
N ILE D 50 -18.09 -22.70 -37.16
CA ILE D 50 -18.36 -21.33 -37.58
C ILE D 50 -17.06 -20.55 -37.71
N PHE D 51 -16.69 -20.04 -38.89
CA PHE D 51 -15.51 -19.19 -38.99
C PHE D 51 -15.84 -17.78 -39.44
N GLU D 52 -15.66 -16.72 -38.65
CA GLU D 52 -15.91 -15.38 -39.17
C GLU D 52 -14.66 -14.64 -39.59
N LYS D 53 -13.48 -15.05 -39.11
CA LYS D 53 -12.20 -14.54 -39.58
C LYS D 53 -11.50 -15.67 -40.30
N ASP D 54 -10.46 -15.37 -41.08
CA ASP D 54 -9.72 -16.43 -41.77
C ASP D 54 -8.95 -17.37 -40.82
N SER D 55 -8.48 -18.49 -41.38
CA SER D 55 -7.71 -19.47 -40.66
C SER D 55 -7.15 -20.56 -41.57
N THR D 56 -5.90 -20.95 -41.35
CA THR D 56 -5.38 -22.13 -42.01
C THR D 56 -5.24 -23.17 -40.90
N ARG D 57 -4.33 -22.94 -39.94
CA ARG D 57 -4.12 -23.88 -38.85
C ARG D 57 -5.34 -24.24 -38.05
N THR D 58 -5.98 -23.32 -37.35
CA THR D 58 -7.14 -23.67 -36.54
C THR D 58 -8.21 -24.45 -37.30
N ARG D 59 -8.59 -24.05 -38.52
CA ARG D 59 -9.56 -24.80 -39.29
C ARG D 59 -9.03 -26.19 -39.61
N CYS D 60 -7.85 -26.28 -40.22
CA CYS D 60 -7.32 -27.57 -40.58
C CYS D 60 -7.21 -28.50 -39.38
N SER D 61 -6.74 -27.92 -38.28
CA SER D 61 -6.61 -28.63 -37.04
C SER D 61 -7.94 -29.23 -36.62
N PHE D 62 -9.01 -28.44 -36.61
CA PHE D 62 -10.29 -28.98 -36.24
C PHE D 62 -10.75 -30.06 -37.18
N GLU D 63 -10.46 -29.92 -38.46
CA GLU D 63 -10.91 -30.88 -39.44
C GLU D 63 -10.19 -32.21 -39.32
N VAL D 64 -8.87 -32.24 -39.38
CA VAL D 64 -8.16 -33.51 -39.29
C VAL D 64 -8.38 -34.17 -37.94
N ALA D 65 -8.34 -33.42 -36.83
CA ALA D 65 -8.56 -34.00 -35.52
C ALA D 65 -9.91 -34.68 -35.43
N ALA D 66 -10.92 -34.10 -36.05
CA ALA D 66 -12.22 -34.73 -36.08
C ALA D 66 -12.20 -35.96 -36.97
N TYR D 67 -11.59 -35.86 -38.15
CA TYR D 67 -11.57 -36.99 -39.05
C TYR D 67 -10.85 -38.17 -38.46
N ASP D 68 -9.81 -37.92 -37.68
CA ASP D 68 -9.07 -38.99 -37.06
C ASP D 68 -9.90 -39.70 -36.02
N GLN D 69 -10.63 -38.89 -35.28
CA GLN D 69 -11.47 -39.39 -34.23
C GLN D 69 -12.80 -39.94 -34.75
N GLY D 70 -12.97 -40.04 -36.06
CA GLY D 70 -14.19 -40.59 -36.64
C GLY D 70 -15.38 -39.65 -36.65
N ALA D 71 -15.20 -38.35 -36.45
CA ALA D 71 -16.29 -37.40 -36.51
C ALA D 71 -16.36 -36.72 -37.86
N ARG D 72 -17.50 -36.15 -38.24
CA ARG D 72 -17.55 -35.35 -39.45
C ARG D 72 -17.76 -33.87 -39.13
N VAL D 73 -17.42 -33.05 -40.11
CA VAL D 73 -17.38 -31.61 -39.94
C VAL D 73 -18.19 -30.82 -40.96
N THR D 74 -18.74 -29.68 -40.57
CA THR D 74 -19.44 -28.80 -41.51
C THR D 74 -18.81 -27.43 -41.36
N TYR D 75 -18.14 -26.93 -42.40
CA TYR D 75 -17.50 -25.63 -42.30
C TYR D 75 -18.42 -24.50 -42.78
N LEU D 76 -18.88 -23.67 -41.85
CA LEU D 76 -19.69 -22.51 -42.19
C LEU D 76 -18.74 -21.32 -42.19
N GLY D 77 -18.12 -21.12 -43.35
CA GLY D 77 -17.16 -20.03 -43.50
C GLY D 77 -17.72 -18.63 -43.41
N PRO D 78 -16.88 -17.58 -43.47
CA PRO D 78 -17.33 -16.19 -43.48
C PRO D 78 -18.15 -15.93 -44.73
N SER D 79 -19.43 -15.70 -44.45
CA SER D 79 -20.46 -15.50 -45.45
C SER D 79 -20.56 -16.62 -46.49
N GLY D 80 -21.63 -17.35 -46.24
CA GLY D 80 -22.09 -18.52 -46.98
C GLY D 80 -23.43 -18.96 -46.40
N SER D 81 -23.50 -18.87 -45.08
CA SER D 81 -24.68 -19.20 -44.32
C SER D 81 -25.43 -17.93 -43.92
N GLN D 82 -26.47 -18.07 -43.12
CA GLN D 82 -27.22 -16.93 -42.61
C GLN D 82 -26.52 -16.28 -41.41
N ILE D 83 -25.60 -16.99 -40.75
CA ILE D 83 -24.87 -16.53 -39.56
C ILE D 83 -24.01 -15.26 -39.76
N GLY D 84 -23.61 -14.98 -41.01
CA GLY D 84 -22.84 -13.78 -41.39
C GLY D 84 -23.36 -12.51 -40.72
N HIS D 85 -24.70 -12.50 -40.71
CA HIS D 85 -25.70 -11.63 -40.08
C HIS D 85 -26.79 -11.09 -40.99
N LYS D 86 -27.89 -11.70 -40.55
CA LYS D 86 -29.24 -11.63 -41.06
C LYS D 86 -30.06 -12.41 -40.02
N GLU D 87 -29.40 -13.02 -39.03
CA GLU D 87 -29.99 -13.85 -37.99
C GLU D 87 -29.21 -13.72 -36.67
N SER D 88 -29.92 -13.71 -35.53
CA SER D 88 -29.29 -13.64 -34.21
C SER D 88 -28.35 -14.81 -33.97
N ILE D 89 -27.24 -14.53 -33.29
CA ILE D 89 -26.35 -15.61 -32.88
C ILE D 89 -27.11 -16.50 -31.91
N LYS D 90 -27.99 -15.85 -31.16
CA LYS D 90 -28.88 -16.54 -30.25
C LYS D 90 -29.75 -17.52 -31.03
N ASP D 91 -30.30 -17.11 -32.17
CA ASP D 91 -31.06 -18.06 -32.96
C ASP D 91 -30.18 -19.12 -33.58
N THR D 92 -29.04 -18.70 -34.10
CA THR D 92 -28.10 -19.59 -34.76
C THR D 92 -27.69 -20.73 -33.86
N ALA D 93 -27.43 -20.35 -32.62
CA ALA D 93 -27.00 -21.30 -31.62
C ALA D 93 -28.08 -22.32 -31.43
N ARG D 94 -29.28 -21.85 -31.11
CA ARG D 94 -30.41 -22.72 -30.89
C ARG D 94 -30.72 -23.61 -32.08
N VAL D 95 -30.37 -23.18 -33.28
CA VAL D 95 -30.58 -24.01 -34.43
C VAL D 95 -29.52 -25.10 -34.49
N LEU D 96 -28.27 -24.68 -34.51
CA LEU D 96 -27.19 -25.61 -34.63
C LEU D 96 -27.14 -26.63 -33.52
N GLY D 97 -27.52 -26.28 -32.29
CA GLY D 97 -27.51 -27.20 -31.17
C GLY D 97 -28.44 -28.39 -31.35
N ARG D 98 -29.49 -28.16 -32.13
CA ARG D 98 -30.44 -29.21 -32.43
C ARG D 98 -29.86 -30.20 -33.42
N MET D 99 -28.85 -29.82 -34.20
CA MET D 99 -28.29 -30.73 -35.18
C MET D 99 -26.92 -31.30 -34.85
N TYR D 100 -26.03 -30.49 -34.28
CA TYR D 100 -24.68 -30.92 -33.99
C TYR D 100 -24.41 -31.34 -32.56
N ASP D 101 -23.26 -31.98 -32.39
CA ASP D 101 -22.81 -32.44 -31.09
C ASP D 101 -21.83 -31.48 -30.44
N GLY D 102 -21.25 -30.58 -31.23
CA GLY D 102 -20.28 -29.60 -30.79
C GLY D 102 -20.15 -28.50 -31.84
N ILE D 103 -19.74 -27.31 -31.41
CA ILE D 103 -19.62 -26.17 -32.30
C ILE D 103 -18.32 -25.43 -32.04
N GLN D 104 -17.61 -25.11 -33.10
CA GLN D 104 -16.44 -24.25 -32.94
C GLN D 104 -16.83 -22.87 -33.40
N TYR D 105 -16.21 -21.86 -32.80
CA TYR D 105 -16.43 -20.49 -33.20
C TYR D 105 -15.15 -19.68 -33.31
N ARG D 106 -14.87 -19.11 -34.47
CA ARG D 106 -13.77 -18.18 -34.63
C ARG D 106 -14.45 -16.85 -34.90
N GLY D 107 -14.08 -15.75 -34.25
CA GLY D 107 -14.78 -14.52 -34.53
C GLY D 107 -14.25 -13.31 -33.80
N TYR D 108 -15.22 -12.42 -33.64
CA TYR D 108 -14.99 -11.11 -33.08
C TYR D 108 -15.56 -10.87 -31.69
N GLY D 109 -14.81 -11.03 -30.62
CA GLY D 109 -15.40 -10.65 -29.35
C GLY D 109 -16.13 -11.78 -28.65
N GLN D 110 -15.66 -11.86 -27.41
CA GLN D 110 -16.07 -12.89 -26.48
C GLN D 110 -17.54 -12.95 -26.20
N GLU D 111 -18.24 -11.81 -26.28
CA GLU D 111 -19.68 -11.79 -26.05
C GLU D 111 -20.35 -12.83 -26.95
N ILE D 112 -19.95 -12.78 -28.23
CA ILE D 112 -20.49 -13.68 -29.24
C ILE D 112 -20.37 -15.13 -28.83
N VAL D 113 -19.15 -15.62 -28.59
CA VAL D 113 -18.99 -17.02 -28.27
C VAL D 113 -19.65 -17.41 -26.95
N GLU D 114 -19.77 -16.48 -26.02
CA GLU D 114 -20.43 -16.74 -24.76
C GLU D 114 -21.93 -16.90 -24.94
N THR D 115 -22.49 -16.02 -25.75
CA THR D 115 -23.90 -16.08 -26.06
C THR D 115 -24.15 -17.37 -26.82
N LEU D 116 -23.24 -17.73 -27.71
CA LEU D 116 -23.34 -18.93 -28.49
C LEU D 116 -23.33 -20.12 -27.55
N ALA D 117 -22.54 -20.08 -26.48
CA ALA D 117 -22.49 -21.16 -25.53
C ALA D 117 -23.66 -21.29 -24.58
N GLU D 118 -24.31 -20.18 -24.19
CA GLU D 118 -25.46 -20.26 -23.31
C GLU D 118 -26.62 -20.99 -23.93
N TYR D 119 -26.86 -20.60 -25.18
CA TYR D 119 -28.00 -21.08 -25.92
C TYR D 119 -27.84 -22.35 -26.73
N ALA D 120 -26.64 -22.75 -27.12
CA ALA D 120 -26.50 -23.94 -27.95
C ALA D 120 -26.83 -25.28 -27.31
N ARG D 121 -26.57 -25.43 -26.00
CA ARG D 121 -26.74 -26.68 -25.28
C ARG D 121 -25.86 -27.84 -25.72
N VAL D 122 -24.77 -27.51 -26.42
CA VAL D 122 -23.70 -28.44 -26.78
C VAL D 122 -22.36 -27.75 -26.51
N PRO D 123 -21.23 -28.44 -26.36
CA PRO D 123 -19.94 -27.82 -26.12
C PRO D 123 -19.56 -26.80 -27.20
N VAL D 124 -19.15 -25.62 -26.76
CA VAL D 124 -18.70 -24.60 -27.69
C VAL D 124 -17.25 -24.33 -27.39
N TRP D 125 -16.44 -24.40 -28.44
CA TRP D 125 -15.01 -24.17 -28.31
C TRP D 125 -14.65 -22.86 -28.99
N ASN D 126 -13.76 -22.10 -28.37
CA ASN D 126 -13.31 -20.83 -28.92
C ASN D 126 -12.12 -21.00 -29.85
N GLY D 127 -12.39 -20.84 -31.14
CA GLY D 127 -11.38 -20.94 -32.18
C GLY D 127 -10.44 -19.74 -32.26
N LEU D 128 -10.78 -18.66 -31.58
CA LEU D 128 -10.10 -17.38 -31.49
C LEU D 128 -11.24 -16.43 -31.57
N THR D 129 -11.10 -15.58 -30.59
CA THR D 129 -11.97 -14.45 -30.44
C THR D 129 -11.06 -13.22 -30.35
N ASN D 130 -11.62 -12.02 -30.27
CA ASN D 130 -10.81 -10.81 -30.20
C ASN D 130 -9.97 -10.71 -28.94
N GLU D 131 -10.50 -11.23 -27.84
CA GLU D 131 -9.84 -11.12 -26.55
C GLU D 131 -9.01 -12.32 -26.18
N PHE D 132 -9.52 -13.53 -26.39
CA PHE D 132 -8.78 -14.73 -26.03
C PHE D 132 -8.53 -15.64 -27.19
N HIS D 133 -7.74 -16.68 -26.94
CA HIS D 133 -7.38 -17.62 -27.97
C HIS D 133 -6.90 -18.86 -27.24
N PRO D 134 -7.70 -19.51 -26.39
CA PRO D 134 -7.23 -20.51 -25.44
C PRO D 134 -6.57 -21.74 -26.05
N THR D 135 -7.15 -22.13 -27.18
CA THR D 135 -6.70 -23.28 -27.93
C THR D 135 -5.23 -23.15 -28.30
N GLN D 136 -4.76 -21.97 -28.67
CA GLN D 136 -3.37 -21.73 -29.03
C GLN D 136 -2.44 -22.06 -27.89
N LEU D 137 -2.72 -21.45 -26.75
CA LEU D 137 -1.88 -21.65 -25.60
C LEU D 137 -1.75 -23.08 -25.16
N LEU D 138 -2.78 -23.90 -25.34
CA LEU D 138 -2.66 -25.31 -25.03
C LEU D 138 -1.52 -25.92 -25.82
N ALA D 139 -1.59 -25.66 -27.13
CA ALA D 139 -0.57 -26.12 -28.02
C ALA D 139 0.77 -25.54 -27.61
N ASP D 140 0.89 -24.23 -27.38
CA ASP D 140 2.16 -23.65 -27.00
C ASP D 140 2.73 -24.23 -25.71
N LEU D 141 1.85 -24.47 -24.74
CA LEU D 141 2.28 -25.02 -23.48
C LEU D 141 2.92 -26.37 -23.69
N LEU D 142 2.25 -27.22 -24.44
CA LEU D 142 2.79 -28.52 -24.73
C LEU D 142 4.07 -28.40 -25.52
N THR D 143 4.14 -27.53 -26.52
CA THR D 143 5.36 -27.41 -27.31
C THR D 143 6.50 -26.96 -26.40
N MET D 144 6.19 -26.11 -25.42
CA MET D 144 7.21 -25.64 -24.49
C MET D 144 7.72 -26.75 -23.62
N GLN D 145 6.78 -27.60 -23.25
CA GLN D 145 7.05 -28.73 -22.41
C GLN D 145 7.85 -29.79 -23.14
N GLU D 146 7.60 -29.96 -24.44
CA GLU D 146 8.33 -30.94 -25.23
C GLU D 146 9.76 -30.51 -25.49
N HIS D 147 10.06 -29.22 -25.47
CA HIS D 147 11.42 -28.77 -25.71
C HIS D 147 12.26 -28.52 -24.46
N LEU D 148 11.66 -28.58 -23.27
CA LEU D 148 12.39 -28.51 -22.03
C LEU D 148 11.81 -29.59 -21.14
N PRO D 149 12.19 -30.86 -21.34
CA PRO D 149 11.70 -31.97 -20.55
C PRO D 149 12.28 -31.86 -19.14
N GLY D 150 11.54 -32.49 -18.23
CA GLY D 150 11.92 -32.49 -16.82
C GLY D 150 11.85 -31.12 -16.18
N LYS D 151 11.12 -30.20 -16.79
CA LYS D 151 10.94 -28.88 -16.24
C LYS D 151 9.46 -28.64 -16.04
N ALA D 152 9.12 -28.30 -14.80
CA ALA D 152 7.75 -27.86 -14.52
C ALA D 152 7.60 -26.47 -15.14
N PHE D 153 6.38 -26.06 -15.43
CA PHE D 153 6.19 -24.75 -16.02
C PHE D 153 6.70 -23.60 -15.18
N ASN D 154 6.65 -23.72 -13.85
CA ASN D 154 7.17 -22.68 -12.97
C ASN D 154 8.69 -22.52 -13.03
N GLU D 155 9.39 -23.47 -13.66
CA GLU D 155 10.83 -23.40 -13.84
C GLU D 155 11.21 -22.77 -15.19
N MET D 156 10.23 -22.34 -15.99
CA MET D 156 10.45 -21.76 -17.31
C MET D 156 10.24 -20.26 -17.39
N THR D 157 11.05 -19.57 -18.16
CA THR D 157 10.84 -18.14 -18.32
C THR D 157 10.39 -17.88 -19.75
N LEU D 158 9.18 -17.34 -19.93
CA LEU D 158 8.66 -17.05 -21.25
C LEU D 158 8.54 -15.55 -21.46
N VAL D 159 9.12 -15.03 -22.52
CA VAL D 159 9.00 -13.62 -22.85
C VAL D 159 8.10 -13.46 -24.06
N TYR D 160 7.22 -12.48 -24.01
CA TYR D 160 6.38 -12.14 -25.11
C TYR D 160 6.65 -10.70 -25.50
N ALA D 161 7.37 -10.45 -26.59
CA ALA D 161 7.53 -9.10 -27.08
C ALA D 161 6.34 -8.67 -27.93
N GLY D 162 6.29 -7.44 -28.46
CA GLY D 162 5.19 -7.07 -29.35
C GLY D 162 3.98 -6.45 -28.67
N ASP D 163 2.87 -6.46 -29.40
CA ASP D 163 1.59 -5.94 -28.94
C ASP D 163 0.98 -6.82 -27.86
N ALA D 164 1.20 -6.41 -26.63
CA ALA D 164 0.71 -7.17 -25.50
C ALA D 164 -0.78 -7.05 -25.19
N ARG D 165 -1.57 -6.28 -25.93
CA ARG D 165 -2.99 -6.19 -25.61
C ARG D 165 -3.91 -6.86 -26.62
N ASN D 166 -3.33 -7.62 -27.54
CA ASN D 166 -4.15 -8.41 -28.45
C ASN D 166 -4.62 -9.69 -27.76
N ASN D 167 -5.37 -10.50 -28.49
CA ASN D 167 -5.87 -11.74 -27.94
C ASN D 167 -4.78 -12.66 -27.45
N MET D 168 -3.61 -12.60 -28.06
CA MET D 168 -2.50 -13.43 -27.63
C MET D 168 -1.87 -12.99 -26.33
N GLY D 169 -1.81 -11.68 -26.10
CA GLY D 169 -1.26 -11.13 -24.88
C GLY D 169 -2.13 -11.55 -23.73
N ASN D 170 -3.42 -11.32 -23.91
CA ASN D 170 -4.41 -11.67 -22.93
C ASN D 170 -4.34 -13.13 -22.56
N SER D 171 -4.17 -13.98 -23.56
CA SER D 171 -4.07 -15.40 -23.34
C SER D 171 -2.82 -15.80 -22.56
N MET D 172 -1.71 -15.10 -22.75
CA MET D 172 -0.47 -15.37 -22.02
C MET D 172 -0.71 -15.28 -20.52
N LEU D 173 -1.39 -14.19 -20.16
CA LEU D 173 -1.74 -13.92 -18.79
C LEU D 173 -2.48 -15.08 -18.16
N GLU D 174 -3.47 -15.59 -18.87
CA GLU D 174 -4.22 -16.71 -18.37
C GLU D 174 -3.35 -17.92 -18.16
N ALA D 175 -2.47 -18.17 -19.14
CA ALA D 175 -1.59 -19.31 -19.12
C ALA D 175 -0.73 -19.30 -17.87
N ALA D 176 -0.06 -18.17 -17.64
CA ALA D 176 0.77 -18.01 -16.47
C ALA D 176 0.01 -18.13 -15.16
N ALA D 177 -1.19 -17.54 -15.12
CA ALA D 177 -2.03 -17.63 -13.94
C ALA D 177 -2.33 -19.08 -13.56
N LEU D 178 -2.27 -19.95 -14.54
CA LEU D 178 -2.52 -21.35 -14.34
C LEU D 178 -1.26 -22.19 -14.27
N THR D 179 -0.08 -21.69 -14.64
CA THR D 179 1.09 -22.55 -14.68
C THR D 179 2.28 -22.12 -13.85
N GLY D 180 2.24 -20.87 -13.40
CA GLY D 180 3.33 -20.33 -12.63
C GLY D 180 4.51 -20.04 -13.53
N LEU D 181 4.33 -19.85 -14.82
CA LEU D 181 5.40 -19.43 -15.72
C LEU D 181 5.92 -18.06 -15.28
N ASP D 182 7.19 -17.79 -15.51
CA ASP D 182 7.68 -16.45 -15.27
C ASP D 182 7.40 -15.66 -16.56
N LEU D 183 6.17 -15.14 -16.65
CA LEU D 183 5.77 -14.35 -17.79
C LEU D 183 6.45 -13.01 -17.85
N ARG D 184 6.87 -12.62 -19.03
CA ARG D 184 7.43 -11.31 -19.22
C ARG D 184 6.83 -10.76 -20.49
N LEU D 185 6.11 -9.67 -20.32
CA LEU D 185 5.49 -9.01 -21.44
C LEU D 185 6.34 -7.81 -21.79
N VAL D 186 7.24 -7.92 -22.76
CA VAL D 186 8.04 -6.79 -23.14
C VAL D 186 7.29 -6.03 -24.22
N ALA D 187 6.77 -4.88 -23.87
CA ALA D 187 5.94 -4.09 -24.77
C ALA D 187 5.97 -2.62 -24.38
N PRO D 188 5.68 -1.66 -25.26
CA PRO D 188 5.43 -0.29 -24.88
C PRO D 188 4.19 -0.25 -24.03
N GLN D 189 4.15 0.73 -23.14
CA GLN D 189 3.05 0.88 -22.21
C GLN D 189 1.71 1.04 -22.92
N ALA D 190 1.74 1.71 -24.06
CA ALA D 190 0.54 1.91 -24.86
C ALA D 190 -0.12 0.61 -25.32
N CYS D 191 0.70 -0.44 -25.41
CA CYS D 191 0.20 -1.75 -25.75
C CYS D 191 0.10 -2.69 -24.56
N TRP D 192 0.18 -2.24 -23.32
CA TRP D 192 0.05 -3.17 -22.21
C TRP D 192 -1.36 -3.68 -22.02
N PRO D 193 -1.53 -4.93 -21.58
CA PRO D 193 -2.85 -5.50 -21.35
C PRO D 193 -3.55 -4.76 -20.22
N GLU D 194 -4.87 -4.82 -20.28
CA GLU D 194 -5.74 -4.22 -19.28
C GLU D 194 -5.35 -4.65 -17.87
N ALA D 195 -5.14 -3.63 -17.03
CA ALA D 195 -4.66 -3.87 -15.69
C ALA D 195 -5.50 -4.76 -14.81
N ALA D 196 -6.82 -4.74 -14.96
CA ALA D 196 -7.64 -5.61 -14.13
C ALA D 196 -7.29 -7.07 -14.30
N LEU D 197 -7.01 -7.44 -15.55
CA LEU D 197 -6.67 -8.81 -15.86
C LEU D 197 -5.26 -9.18 -15.43
N VAL D 198 -4.35 -8.21 -15.54
CA VAL D 198 -2.98 -8.42 -15.13
C VAL D 198 -2.93 -8.76 -13.65
N THR D 199 -3.60 -7.95 -12.85
CA THR D 199 -3.69 -8.10 -11.41
C THR D 199 -4.22 -9.47 -10.98
N GLU D 200 -5.34 -9.88 -11.57
CA GLU D 200 -5.96 -11.14 -11.27
C GLU D 200 -5.05 -12.31 -11.62
N CYS D 201 -4.50 -12.24 -12.82
CA CYS D 201 -3.61 -13.27 -13.27
C CYS D 201 -2.29 -13.29 -12.56
N ARG D 202 -1.81 -12.14 -12.10
CA ARG D 202 -0.54 -12.06 -11.41
C ARG D 202 -0.65 -12.74 -10.08
N ALA D 203 -1.74 -12.42 -9.38
CA ALA D 203 -2.04 -13.01 -8.10
C ALA D 203 -2.06 -14.54 -8.15
N LEU D 204 -2.69 -15.04 -9.19
CA LEU D 204 -2.78 -16.47 -9.42
C LEU D 204 -1.47 -17.09 -9.86
N ALA D 205 -0.70 -16.36 -10.67
CA ALA D 205 0.57 -16.87 -11.12
C ALA D 205 1.52 -17.07 -9.94
N GLN D 206 1.63 -16.03 -9.10
CA GLN D 206 2.46 -16.04 -7.91
C GLN D 206 2.10 -17.19 -6.96
N GLN D 207 0.80 -17.50 -6.82
CA GLN D 207 0.36 -18.62 -6.01
C GLN D 207 0.97 -19.92 -6.49
N ASN D 208 1.09 -20.03 -7.81
CA ASN D 208 1.66 -21.21 -8.42
C ASN D 208 3.15 -21.11 -8.66
N GLY D 209 3.78 -20.05 -8.17
CA GLY D 209 5.22 -19.90 -8.23
C GLY D 209 5.75 -19.05 -9.38
N GLY D 210 4.90 -18.36 -10.12
CA GLY D 210 5.35 -17.52 -11.22
C GLY D 210 5.30 -16.06 -10.89
N ASN D 211 5.30 -15.20 -11.90
CA ASN D 211 5.22 -13.75 -11.74
C ASN D 211 5.09 -13.12 -13.11
N ILE D 212 4.16 -12.18 -13.26
CA ILE D 212 3.98 -11.51 -14.53
C ILE D 212 4.67 -10.16 -14.47
N THR D 213 5.76 -10.05 -15.20
CA THR D 213 6.48 -8.79 -15.28
C THR D 213 6.09 -8.05 -16.56
N LEU D 214 5.71 -6.77 -16.49
CA LEU D 214 5.49 -5.97 -17.69
C LEU D 214 6.61 -4.94 -17.78
N THR D 215 7.23 -4.71 -18.93
CA THR D 215 8.28 -3.72 -19.03
C THR D 215 8.55 -3.25 -20.45
N GLU D 216 8.77 -1.94 -20.59
CA GLU D 216 9.15 -1.40 -21.88
C GLU D 216 10.61 -1.67 -22.23
N ASP D 217 11.44 -2.04 -21.25
CA ASP D 217 12.83 -2.31 -21.54
C ASP D 217 13.01 -3.71 -22.08
N VAL D 218 13.61 -3.73 -23.26
CA VAL D 218 13.83 -5.00 -23.93
C VAL D 218 14.86 -5.81 -23.20
N ALA D 219 15.95 -5.11 -22.91
CA ALA D 219 17.11 -5.72 -22.29
C ALA D 219 16.85 -6.39 -20.95
N LYS D 220 16.11 -5.77 -20.03
CA LYS D 220 15.89 -6.48 -18.78
C LYS D 220 14.77 -7.50 -18.86
N GLY D 221 13.93 -7.39 -19.89
CA GLY D 221 12.84 -8.32 -20.08
C GLY D 221 13.29 -9.66 -20.63
N VAL D 222 13.99 -9.65 -21.75
CA VAL D 222 14.43 -10.89 -22.40
C VAL D 222 15.47 -11.72 -21.65
N GLU D 223 16.17 -11.10 -20.70
CA GLU D 223 17.22 -11.76 -19.93
C GLU D 223 16.83 -13.07 -19.25
N GLY D 224 17.54 -14.13 -19.60
CA GLY D 224 17.34 -15.44 -19.03
C GLY D 224 16.14 -16.23 -19.53
N ALA D 225 15.47 -15.73 -20.57
CA ALA D 225 14.31 -16.40 -21.13
C ALA D 225 14.61 -17.78 -21.68
N ASP D 226 13.69 -18.72 -21.49
CA ASP D 226 13.83 -19.99 -22.16
C ASP D 226 13.17 -19.88 -23.54
N PHE D 227 12.15 -19.02 -23.64
CA PHE D 227 11.42 -18.82 -24.89
C PHE D 227 11.14 -17.37 -25.20
N ILE D 228 11.38 -16.96 -26.44
CA ILE D 228 10.91 -15.66 -26.91
C ILE D 228 9.69 -15.98 -27.76
N TYR D 229 8.62 -15.19 -27.63
CA TYR D 229 7.40 -15.40 -28.39
C TYR D 229 6.93 -14.05 -28.91
N THR D 230 6.39 -13.96 -30.13
CA THR D 230 5.82 -12.72 -30.63
C THR D 230 4.68 -12.96 -31.62
N ASP D 231 4.03 -11.91 -32.11
CA ASP D 231 2.90 -12.00 -33.02
C ASP D 231 2.82 -10.76 -33.88
N VAL D 232 2.01 -10.82 -34.95
CA VAL D 232 1.82 -9.70 -35.86
C VAL D 232 1.43 -8.44 -35.10
N TRP D 233 1.83 -7.27 -35.57
CA TRP D 233 1.50 -6.08 -34.81
C TRP D 233 0.06 -5.62 -34.95
N VAL D 234 -0.59 -5.90 -36.08
CA VAL D 234 -2.01 -5.65 -36.20
C VAL D 234 -2.69 -7.00 -36.39
N SER D 235 -3.69 -7.25 -35.56
CA SER D 235 -4.39 -8.53 -35.61
C SER D 235 -5.53 -8.53 -36.60
N MET D 236 -6.05 -9.73 -36.86
CA MET D 236 -7.23 -9.87 -37.69
C MET D 236 -8.41 -9.11 -37.13
N GLY D 237 -9.04 -8.32 -37.99
CA GLY D 237 -10.21 -7.58 -37.56
C GLY D 237 -9.91 -6.14 -37.18
N GLU D 238 -8.66 -5.80 -36.87
CA GLU D 238 -8.34 -4.42 -36.59
C GLU D 238 -8.24 -3.65 -37.91
N ALA D 239 -8.54 -2.35 -37.82
CA ALA D 239 -8.52 -1.49 -38.99
C ALA D 239 -7.14 -1.36 -39.62
N LYS D 240 -7.13 -1.25 -40.94
CA LYS D 240 -5.88 -1.16 -41.70
C LYS D 240 -5.04 0.05 -41.30
N GLU D 241 -5.73 1.07 -40.78
CA GLU D 241 -5.11 2.31 -40.33
C GLU D 241 -4.13 2.16 -39.18
N LYS D 242 -4.42 1.19 -38.31
CA LYS D 242 -3.58 0.87 -37.18
C LYS D 242 -2.15 0.55 -37.54
N TRP D 243 -1.89 0.00 -38.73
CA TRP D 243 -0.54 -0.36 -39.11
C TRP D 243 0.49 0.73 -38.94
N ALA D 244 0.19 1.94 -39.41
CA ALA D 244 1.12 3.04 -39.28
C ALA D 244 1.49 3.41 -37.85
N GLU D 245 0.53 3.37 -36.92
CA GLU D 245 0.88 3.68 -35.55
C GLU D 245 1.46 2.49 -34.82
N ARG D 246 1.04 1.26 -35.14
CA ARG D 246 1.57 0.11 -34.47
C ARG D 246 3.01 -0.14 -34.86
N ILE D 247 3.40 0.12 -36.10
CA ILE D 247 4.79 -0.05 -36.48
C ILE D 247 5.65 0.98 -35.75
N ALA D 248 5.08 2.17 -35.64
CA ALA D 248 5.74 3.25 -34.95
C ALA D 248 6.08 2.93 -33.51
N LEU D 249 5.14 2.28 -32.84
CA LEU D 249 5.31 1.88 -31.46
C LEU D 249 6.17 0.65 -31.28
N LEU D 250 5.78 -0.40 -31.98
CA LEU D 250 6.39 -1.68 -31.79
C LEU D 250 7.67 -2.02 -32.51
N ARG D 251 8.21 -1.27 -33.47
CA ARG D 251 9.38 -1.80 -34.17
C ARG D 251 10.63 -2.02 -33.33
N GLU D 252 10.82 -1.33 -32.21
CA GLU D 252 11.95 -1.64 -31.38
C GLU D 252 11.75 -2.95 -30.63
N TYR D 253 10.55 -3.51 -30.73
CA TYR D 253 10.26 -4.77 -30.07
C TYR D 253 10.30 -5.93 -31.02
N GLN D 254 10.85 -5.72 -32.22
CA GLN D 254 11.06 -6.77 -33.22
C GLN D 254 11.93 -7.85 -32.60
N VAL D 255 11.60 -9.11 -32.84
CA VAL D 255 12.44 -10.19 -32.35
C VAL D 255 13.43 -10.43 -33.47
N ASN D 256 14.61 -9.89 -33.23
CA ASN D 256 15.74 -10.01 -34.14
C ASN D 256 16.86 -10.79 -33.47
N SER D 257 18.04 -10.85 -34.08
CA SER D 257 19.15 -11.62 -33.56
C SER D 257 19.76 -11.07 -32.29
N LYS D 258 19.95 -9.75 -32.28
CA LYS D 258 20.42 -8.99 -31.14
C LYS D 258 19.50 -9.20 -29.95
N MET D 259 18.23 -9.29 -30.28
CA MET D 259 17.17 -9.50 -29.34
C MET D 259 17.34 -10.84 -28.67
N MET D 260 17.53 -11.88 -29.49
CA MET D 260 17.80 -13.24 -29.03
C MET D 260 19.12 -13.36 -28.29
N GLN D 261 20.01 -12.40 -28.52
CA GLN D 261 21.32 -12.45 -27.92
C GLN D 261 21.29 -11.83 -26.54
N LEU D 262 20.50 -10.78 -26.34
CA LEU D 262 20.36 -10.16 -25.04
C LEU D 262 19.77 -11.10 -24.00
N THR D 263 19.19 -12.21 -24.45
CA THR D 263 18.62 -13.23 -23.58
C THR D 263 19.73 -13.76 -22.68
N GLY D 264 20.84 -14.13 -23.30
CA GLY D 264 21.93 -14.71 -22.57
C GLY D 264 21.83 -16.23 -22.60
N ASN D 265 20.67 -16.84 -22.85
CA ASN D 265 20.56 -18.29 -22.97
C ASN D 265 20.79 -18.67 -24.42
N PRO D 266 21.79 -19.48 -24.77
CA PRO D 266 22.01 -19.91 -26.15
C PRO D 266 21.08 -21.02 -26.59
N GLU D 267 20.31 -21.55 -25.64
CA GLU D 267 19.34 -22.59 -25.91
C GLU D 267 17.93 -22.02 -26.09
N VAL D 268 17.81 -20.70 -26.08
CA VAL D 268 16.51 -20.05 -26.19
C VAL D 268 15.87 -20.38 -27.52
N LYS D 269 14.60 -20.73 -27.41
CA LYS D 269 13.85 -21.04 -28.59
C LYS D 269 12.76 -20.01 -28.83
N PHE D 270 12.62 -19.72 -30.11
CA PHE D 270 11.61 -18.80 -30.62
C PHE D 270 10.27 -19.46 -30.91
N LEU D 271 9.20 -18.75 -30.62
CA LEU D 271 7.84 -19.22 -30.83
C LEU D 271 7.03 -18.12 -31.48
N HIS D 272 6.06 -18.48 -32.30
CA HIS D 272 5.17 -17.54 -32.97
C HIS D 272 3.97 -18.34 -33.43
N CYS D 273 2.79 -17.90 -33.05
CA CYS D 273 1.57 -18.61 -33.36
C CYS D 273 1.27 -18.71 -34.85
N LEU D 274 1.85 -17.79 -35.64
CA LEU D 274 1.68 -17.65 -37.08
C LEU D 274 0.27 -17.17 -37.49
N PRO D 275 0.01 -16.62 -38.69
CA PRO D 275 0.97 -16.17 -39.70
C PRO D 275 1.97 -15.16 -39.22
N ALA D 276 3.18 -15.19 -39.76
CA ALA D 276 4.19 -14.23 -39.37
C ALA D 276 4.71 -13.43 -40.54
N PHE D 277 4.76 -12.11 -40.52
CA PHE D 277 5.34 -11.37 -41.64
C PHE D 277 6.85 -11.35 -41.45
N HIS D 278 7.53 -12.43 -41.79
CA HIS D 278 8.95 -12.44 -41.59
C HIS D 278 9.75 -12.19 -42.84
N ASP D 279 9.18 -12.16 -44.04
CA ASP D 279 9.98 -11.87 -45.21
C ASP D 279 9.28 -10.96 -46.20
N ASP D 280 10.08 -10.49 -47.16
CA ASP D 280 9.63 -9.56 -48.19
C ASP D 280 9.11 -10.33 -49.40
N GLN D 281 8.28 -11.32 -49.07
CA GLN D 281 7.70 -12.26 -50.00
C GLN D 281 6.19 -12.07 -50.18
N THR D 282 5.48 -11.70 -49.12
CA THR D 282 4.04 -11.57 -49.23
C THR D 282 3.46 -10.33 -49.91
N THR D 283 2.14 -10.42 -49.95
CA THR D 283 1.26 -9.40 -50.50
C THR D 283 1.45 -8.08 -49.75
N LEU D 284 0.92 -8.02 -48.52
CA LEU D 284 1.07 -6.84 -47.69
C LEU D 284 2.38 -6.86 -46.90
N GLY D 285 3.09 -7.97 -47.04
CA GLY D 285 4.39 -8.13 -46.41
C GLY D 285 5.38 -7.22 -47.11
N LYS D 286 5.41 -7.27 -48.44
CA LYS D 286 6.32 -6.44 -49.20
C LYS D 286 5.93 -4.99 -49.21
N LYS D 287 4.62 -4.72 -49.25
CA LYS D 287 4.11 -3.36 -49.23
C LYS D 287 4.49 -2.65 -47.94
N MET D 288 4.33 -3.33 -46.81
CA MET D 288 4.72 -2.79 -45.51
C MET D 288 6.23 -2.66 -45.38
N ALA D 289 6.95 -3.60 -45.97
CA ALA D 289 8.40 -3.65 -45.86
C ALA D 289 9.14 -2.54 -46.56
N GLU D 290 8.61 -2.05 -47.69
CA GLU D 290 9.25 -0.99 -48.42
C GLU D 290 8.89 0.38 -47.86
N GLU D 291 7.58 0.51 -47.61
CA GLU D 291 6.99 1.73 -47.12
C GLU D 291 7.62 2.24 -45.83
N PHE D 292 7.55 1.44 -44.78
CA PHE D 292 8.12 1.78 -43.50
C PHE D 292 9.59 1.41 -43.40
N GLY D 293 10.01 0.49 -44.25
CA GLY D 293 11.38 0.03 -44.25
C GLY D 293 11.62 -1.12 -43.30
N LEU D 294 10.70 -2.08 -43.13
CA LEU D 294 11.00 -3.27 -42.34
C LEU D 294 11.56 -4.33 -43.29
N HIS D 295 12.80 -4.12 -43.69
CA HIS D 295 13.42 -5.04 -44.61
C HIS D 295 13.93 -6.29 -43.93
N GLY D 296 13.29 -7.38 -44.30
CA GLY D 296 13.67 -8.69 -43.77
C GLY D 296 12.97 -9.08 -42.49
N GLY D 297 11.71 -8.69 -42.31
CA GLY D 297 11.00 -9.08 -41.11
C GLY D 297 10.35 -7.93 -40.40
N MET D 298 9.15 -8.17 -39.88
CA MET D 298 8.47 -7.14 -39.14
C MET D 298 8.52 -7.58 -37.69
N GLU D 299 7.58 -8.36 -37.17
CA GLU D 299 7.66 -8.79 -35.78
C GLU D 299 8.88 -9.66 -35.57
N VAL D 300 9.25 -10.42 -36.57
CA VAL D 300 10.43 -11.24 -36.46
C VAL D 300 11.20 -11.21 -37.76
N THR D 301 12.49 -11.11 -37.58
CA THR D 301 13.45 -11.18 -38.65
C THR D 301 13.37 -12.58 -39.27
N ASP D 302 13.55 -12.65 -40.60
CA ASP D 302 13.53 -13.91 -41.31
C ASP D 302 14.68 -14.79 -40.87
N GLU D 303 15.82 -14.16 -40.51
CA GLU D 303 16.96 -14.89 -39.99
C GLU D 303 16.59 -15.63 -38.72
N VAL D 304 15.80 -15.02 -37.84
CA VAL D 304 15.40 -15.69 -36.61
C VAL D 304 14.30 -16.71 -36.92
N PHE D 305 13.43 -16.41 -37.85
CA PHE D 305 12.36 -17.33 -38.18
C PHE D 305 12.89 -18.64 -38.74
N GLU D 306 13.99 -18.57 -39.47
CA GLU D 306 14.56 -19.77 -40.05
C GLU D 306 15.74 -20.28 -39.25
N SER D 307 15.98 -19.64 -38.10
CA SER D 307 17.01 -19.99 -37.14
C SER D 307 16.75 -21.40 -36.59
N ALA D 308 17.79 -22.00 -36.02
CA ALA D 308 17.61 -23.29 -35.35
C ALA D 308 16.78 -23.11 -34.08
N ALA D 309 16.71 -21.89 -33.57
CA ALA D 309 15.90 -21.58 -32.41
C ALA D 309 14.42 -21.66 -32.72
N SER D 310 14.05 -21.35 -33.96
CA SER D 310 12.65 -21.39 -34.35
C SER D 310 12.10 -22.80 -34.27
N ILE D 311 11.07 -22.92 -33.45
CA ILE D 311 10.36 -24.17 -33.35
C ILE D 311 8.89 -23.98 -33.67
N VAL D 312 8.62 -22.93 -34.46
CA VAL D 312 7.26 -22.56 -34.79
C VAL D 312 6.47 -23.63 -35.52
N PHE D 313 7.15 -24.47 -36.30
CA PHE D 313 6.41 -25.49 -37.02
C PHE D 313 6.07 -26.67 -36.14
N ASP D 314 6.87 -26.90 -35.09
CA ASP D 314 6.50 -27.92 -34.12
C ASP D 314 5.26 -27.44 -33.38
N GLN D 315 5.36 -26.17 -32.99
CA GLN D 315 4.30 -25.47 -32.32
C GLN D 315 3.04 -25.61 -33.14
N ALA D 316 3.17 -25.26 -34.42
CA ALA D 316 2.05 -25.35 -35.34
C ALA D 316 1.43 -26.74 -35.43
N GLU D 317 2.25 -27.78 -35.43
CA GLU D 317 1.75 -29.14 -35.48
C GLU D 317 0.95 -29.45 -34.24
N ASN D 318 1.45 -28.93 -33.13
CA ASN D 318 0.83 -29.19 -31.86
C ASN D 318 -0.53 -28.57 -31.69
N ARG D 319 -0.93 -27.66 -32.58
CA ARG D 319 -2.27 -27.12 -32.57
C ARG D 319 -3.34 -28.20 -32.72
N MET D 320 -3.13 -29.16 -33.62
CA MET D 320 -4.17 -30.15 -33.88
C MET D 320 -4.29 -31.26 -32.85
N HIS D 321 -3.19 -31.67 -32.24
CA HIS D 321 -3.27 -32.70 -31.21
C HIS D 321 -4.00 -32.14 -30.01
N THR D 322 -3.63 -30.91 -29.69
CA THR D 322 -4.25 -30.15 -28.63
C THR D 322 -5.76 -29.99 -28.79
N ILE D 323 -6.19 -29.65 -30.00
CA ILE D 323 -7.60 -29.52 -30.30
C ILE D 323 -8.30 -30.88 -30.30
N LYS D 324 -7.61 -31.93 -30.75
CA LYS D 324 -8.18 -33.26 -30.73
C LYS D 324 -8.51 -33.63 -29.30
N ALA D 325 -7.57 -33.25 -28.43
CA ALA D 325 -7.70 -33.50 -27.02
C ALA D 325 -8.89 -32.77 -26.43
N VAL D 326 -9.08 -31.51 -26.80
CA VAL D 326 -10.19 -30.75 -26.29
C VAL D 326 -11.49 -31.40 -26.69
N MET D 327 -11.54 -31.85 -27.94
CA MET D 327 -12.75 -32.44 -28.44
C MET D 327 -13.04 -33.81 -27.87
N VAL D 328 -12.05 -34.67 -27.67
CA VAL D 328 -12.40 -35.94 -27.10
C VAL D 328 -12.71 -35.76 -25.63
N ALA D 329 -12.16 -34.73 -24.99
CA ALA D 329 -12.46 -34.51 -23.60
C ALA D 329 -13.87 -34.02 -23.37
N THR D 330 -14.38 -33.12 -24.21
CA THR D 330 -15.71 -32.57 -24.01
C THR D 330 -16.83 -33.38 -24.61
N LEU D 331 -16.54 -34.33 -25.50
CA LEU D 331 -17.56 -35.09 -26.18
C LEU D 331 -17.65 -36.55 -25.81
N SER D 332 -16.61 -37.10 -25.22
CA SER D 332 -16.60 -38.50 -24.87
C SER D 332 -16.69 -38.81 -23.38
N LYS D 333 -17.33 -39.99 -23.20
CA LYS D 333 -17.64 -40.74 -21.97
C LYS D 333 -18.05 -40.04 -20.66
N SER E 1 -41.58 -46.30 -52.06
CA SER E 1 -42.27 -47.02 -53.12
C SER E 1 -42.00 -46.43 -54.51
N GLY E 2 -42.87 -45.55 -55.06
CA GLY E 2 -42.61 -44.88 -56.33
C GLY E 2 -41.83 -43.60 -56.06
N PHE E 3 -40.78 -43.78 -55.25
CA PHE E 3 -39.89 -42.73 -54.83
C PHE E 3 -38.48 -42.86 -55.33
N TYR E 4 -38.02 -44.09 -55.51
CA TYR E 4 -36.66 -44.34 -55.95
C TYR E 4 -36.41 -43.68 -57.29
N HIS E 5 -35.33 -42.90 -57.31
CA HIS E 5 -34.93 -42.08 -58.44
C HIS E 5 -35.89 -40.99 -58.88
N LYS E 6 -36.83 -40.62 -58.03
CA LYS E 6 -37.71 -39.51 -58.31
C LYS E 6 -37.05 -38.20 -57.93
N HIS E 7 -37.34 -37.08 -58.59
CA HIS E 7 -36.78 -35.81 -58.14
C HIS E 7 -37.71 -35.24 -57.08
N PHE E 8 -37.31 -34.19 -56.38
CA PHE E 8 -38.19 -33.56 -55.42
C PHE E 8 -38.09 -32.08 -55.78
N LEU E 9 -38.89 -31.61 -56.72
CA LEU E 9 -38.80 -30.23 -57.17
C LEU E 9 -39.88 -29.34 -56.63
N LYS E 10 -41.12 -29.82 -56.61
CA LYS E 10 -42.25 -29.07 -56.04
C LYS E 10 -43.21 -30.10 -55.46
N LEU E 11 -44.04 -29.75 -54.48
CA LEU E 11 -44.91 -30.74 -53.89
C LEU E 11 -46.01 -31.33 -54.77
N LEU E 12 -46.57 -30.57 -55.71
CA LEU E 12 -47.65 -31.10 -56.53
C LEU E 12 -47.24 -32.19 -57.51
N ASP E 13 -45.97 -32.57 -57.58
CA ASP E 13 -45.56 -33.70 -58.40
C ASP E 13 -45.74 -34.98 -57.59
N PHE E 14 -46.38 -34.88 -56.42
CA PHE E 14 -46.63 -36.02 -55.56
C PHE E 14 -48.10 -36.17 -55.19
N THR E 15 -48.48 -37.43 -54.98
CA THR E 15 -49.84 -37.68 -54.52
C THR E 15 -49.94 -37.43 -53.03
N PRO E 16 -51.15 -37.22 -52.50
CA PRO E 16 -51.38 -37.12 -51.06
C PRO E 16 -50.80 -38.30 -50.31
N ALA E 17 -50.97 -39.47 -50.91
CA ALA E 17 -50.42 -40.68 -50.34
C ALA E 17 -48.90 -40.71 -50.27
N GLU E 18 -48.27 -40.18 -51.32
CA GLU E 18 -46.83 -40.12 -51.38
C GLU E 18 -46.29 -39.18 -50.32
N LEU E 19 -46.91 -38.02 -50.21
CA LEU E 19 -46.52 -37.02 -49.24
C LEU E 19 -46.60 -37.57 -47.83
N ASN E 20 -47.65 -38.34 -47.61
CA ASN E 20 -47.95 -38.88 -46.29
C ASN E 20 -47.02 -40.01 -45.91
N SER E 21 -46.58 -40.76 -46.90
CA SER E 21 -45.64 -41.85 -46.74
C SER E 21 -44.30 -41.27 -46.30
N LEU E 22 -43.99 -40.18 -46.99
CA LEU E 22 -42.75 -39.46 -46.83
C LEU E 22 -42.65 -38.92 -45.43
N LEU E 23 -43.75 -38.28 -45.05
CA LEU E 23 -43.89 -37.71 -43.73
C LEU E 23 -43.74 -38.76 -42.65
N GLN E 24 -44.24 -39.94 -42.94
CA GLN E 24 -44.16 -41.07 -42.04
C GLN E 24 -42.74 -41.57 -41.90
N LEU E 25 -42.01 -41.69 -43.02
CA LEU E 25 -40.62 -42.13 -43.02
C LEU E 25 -39.72 -41.19 -42.24
N ALA E 26 -39.98 -39.90 -42.44
CA ALA E 26 -39.26 -38.86 -41.74
C ALA E 26 -39.39 -39.04 -40.25
N ALA E 27 -40.63 -39.28 -39.84
CA ALA E 27 -40.97 -39.47 -38.45
C ALA E 27 -40.30 -40.69 -37.83
N LYS E 28 -40.14 -41.74 -38.65
CA LYS E 28 -39.45 -42.95 -38.23
C LYS E 28 -37.98 -42.65 -38.01
N LEU E 29 -37.38 -42.06 -39.05
CA LEU E 29 -35.99 -41.70 -39.03
C LEU E 29 -35.58 -40.78 -37.89
N LYS E 30 -36.49 -39.87 -37.51
CA LYS E 30 -36.28 -38.98 -36.40
C LYS E 30 -36.17 -39.78 -35.12
N ALA E 31 -37.19 -40.62 -34.98
CA ALA E 31 -37.33 -41.50 -33.84
C ALA E 31 -36.17 -42.48 -33.73
N ASP E 32 -35.71 -43.02 -34.86
CA ASP E 32 -34.59 -43.92 -34.88
C ASP E 32 -33.31 -43.25 -34.42
N LYS E 33 -33.09 -42.00 -34.80
CA LYS E 33 -31.88 -41.33 -34.41
C LYS E 33 -31.87 -41.02 -32.91
N LYS E 34 -32.99 -40.63 -32.31
CA LYS E 34 -33.03 -40.37 -30.88
C LYS E 34 -32.85 -41.63 -30.05
N SER E 35 -33.41 -42.74 -30.51
CA SER E 35 -33.25 -44.03 -29.87
C SER E 35 -31.86 -44.63 -30.12
N GLY E 36 -31.08 -44.10 -31.06
CA GLY E 36 -29.77 -44.61 -31.40
C GLY E 36 -29.82 -45.87 -32.27
N LYS E 37 -31.00 -46.26 -32.72
CA LYS E 37 -31.18 -47.41 -33.57
C LYS E 37 -31.17 -47.04 -35.05
N GLU E 38 -30.53 -45.94 -35.44
CA GLU E 38 -30.55 -45.53 -36.82
C GLU E 38 -29.70 -46.45 -37.68
N GLU E 39 -30.37 -47.08 -38.63
CA GLU E 39 -29.69 -47.95 -39.57
C GLU E 39 -29.36 -47.11 -40.79
N ALA E 40 -28.07 -46.94 -41.07
CA ALA E 40 -27.60 -46.18 -42.23
C ALA E 40 -28.01 -46.82 -43.54
N LYS E 41 -28.55 -46.07 -44.49
CA LYS E 41 -28.99 -46.67 -45.72
C LYS E 41 -28.21 -46.20 -46.92
N LEU E 42 -27.81 -44.94 -46.88
CA LEU E 42 -27.09 -44.33 -47.97
C LEU E 42 -25.56 -44.49 -47.93
N THR E 43 -25.01 -45.53 -47.31
CA THR E 43 -23.57 -45.76 -47.26
C THR E 43 -22.89 -45.78 -48.64
N GLY E 44 -21.78 -45.06 -48.78
CA GLY E 44 -21.03 -45.00 -50.02
C GLY E 44 -21.68 -44.22 -51.16
N LYS E 45 -22.70 -43.43 -50.89
CA LYS E 45 -23.30 -42.59 -51.91
C LYS E 45 -22.68 -41.20 -51.81
N ASN E 46 -22.38 -40.56 -52.94
CA ASN E 46 -21.79 -39.23 -52.89
C ASN E 46 -22.81 -38.23 -53.38
N ILE E 47 -22.99 -37.10 -52.70
CA ILE E 47 -24.02 -36.14 -53.09
C ILE E 47 -23.44 -34.76 -53.32
N ALA E 48 -23.68 -34.11 -54.46
CA ALA E 48 -23.24 -32.74 -54.65
C ALA E 48 -24.30 -31.78 -54.12
N LEU E 49 -23.89 -30.65 -53.56
CA LEU E 49 -24.82 -29.67 -53.05
C LEU E 49 -24.54 -28.32 -53.67
N ILE E 50 -25.25 -27.95 -54.73
CA ILE E 50 -25.09 -26.66 -55.36
C ILE E 50 -25.82 -25.58 -54.56
N PHE E 51 -25.14 -24.57 -54.02
CA PHE E 51 -25.86 -23.47 -53.36
C PHE E 51 -25.65 -22.14 -54.07
N GLU E 52 -26.66 -21.48 -54.64
CA GLU E 52 -26.42 -20.16 -55.21
C GLU E 52 -26.88 -19.02 -54.32
N LYS E 53 -27.77 -19.28 -53.36
CA LYS E 53 -28.13 -18.31 -52.34
C LYS E 53 -27.61 -18.83 -51.01
N ASP E 54 -27.55 -17.99 -49.98
CA ASP E 54 -27.09 -18.45 -48.67
C ASP E 54 -28.03 -19.46 -48.00
N SER E 55 -27.53 -20.09 -46.93
CA SER E 55 -28.28 -21.05 -46.16
C SER E 55 -27.54 -21.49 -44.91
N THR E 56 -28.24 -21.61 -43.78
CA THR E 56 -27.67 -22.24 -42.61
C THR E 56 -28.41 -23.56 -42.50
N ARG E 57 -29.71 -23.53 -42.18
CA ARG E 57 -30.50 -24.74 -42.03
C ARG E 57 -30.48 -25.69 -43.19
N THR E 58 -30.97 -25.34 -44.36
CA THR E 58 -30.98 -26.26 -45.48
C THR E 58 -29.62 -26.91 -45.76
N ARG E 59 -28.51 -26.17 -45.79
CA ARG E 59 -27.20 -26.76 -45.99
C ARG E 59 -26.87 -27.71 -44.86
N CYS E 60 -26.93 -27.24 -43.62
CA CYS E 60 -26.59 -28.09 -42.50
C CYS E 60 -27.40 -29.35 -42.47
N SER E 61 -28.70 -29.18 -42.73
CA SER E 61 -29.62 -30.27 -42.80
C SER E 61 -29.17 -31.32 -43.80
N PHE E 62 -28.84 -30.89 -45.02
CA PHE E 62 -28.37 -31.85 -46.00
C PHE E 62 -27.10 -32.53 -45.59
N GLU E 63 -26.21 -31.81 -44.93
CA GLU E 63 -24.95 -32.37 -44.53
C GLU E 63 -25.08 -33.40 -43.43
N VAL E 64 -25.69 -33.07 -42.30
CA VAL E 64 -25.79 -34.03 -41.21
C VAL E 64 -26.66 -35.22 -41.63
N ALA E 65 -27.78 -35.01 -42.32
CA ALA E 65 -28.62 -36.10 -42.75
C ALA E 65 -27.87 -37.08 -43.63
N ALA E 66 -26.98 -36.57 -44.48
CA ALA E 66 -26.15 -37.45 -45.28
C ALA E 66 -25.13 -38.16 -44.42
N TYR E 67 -24.48 -37.44 -43.51
CA TYR E 67 -23.46 -38.05 -42.69
C TYR E 67 -24.01 -39.14 -41.82
N ASP E 68 -25.25 -38.98 -41.36
CA ASP E 68 -25.88 -39.99 -40.53
C ASP E 68 -26.16 -41.24 -41.32
N GLN E 69 -26.62 -41.02 -42.53
CA GLN E 69 -26.94 -42.10 -43.41
C GLN E 69 -25.72 -42.71 -44.10
N GLY E 70 -24.51 -42.31 -43.70
CA GLY E 70 -23.30 -42.86 -44.27
C GLY E 70 -22.93 -42.34 -45.65
N ALA E 71 -23.49 -41.23 -46.10
CA ALA E 71 -23.14 -40.66 -47.38
C ALA E 71 -22.13 -39.52 -47.21
N ARG E 72 -21.38 -39.16 -48.26
CA ARG E 72 -20.55 -37.98 -48.18
C ARG E 72 -21.08 -36.87 -49.08
N VAL E 73 -20.62 -35.66 -48.79
CA VAL E 73 -21.14 -34.46 -49.40
C VAL E 73 -20.06 -33.56 -50.02
N THR E 74 -20.40 -32.86 -51.10
CA THR E 74 -19.48 -31.89 -51.69
C THR E 74 -20.25 -30.58 -51.79
N TYR E 75 -19.84 -29.55 -51.06
CA TYR E 75 -20.55 -28.29 -51.10
C TYR E 75 -19.97 -27.34 -52.16
N LEU E 76 -20.71 -27.09 -53.24
CA LEU E 76 -20.31 -26.14 -54.25
C LEU E 76 -21.07 -24.86 -53.96
N GLY E 77 -20.47 -24.06 -53.10
CA GLY E 77 -21.09 -22.80 -52.69
C GLY E 77 -21.21 -21.75 -53.78
N PRO E 78 -21.83 -20.59 -53.50
CA PRO E 78 -21.94 -19.48 -54.43
C PRO E 78 -20.55 -18.95 -54.77
N SER E 79 -20.20 -19.19 -56.02
CA SER E 79 -18.91 -18.87 -56.59
C SER E 79 -17.71 -19.45 -55.81
N GLY E 80 -17.21 -20.48 -56.49
CA GLY E 80 -16.09 -21.32 -56.10
C GLY E 80 -15.79 -22.28 -57.25
N SER E 81 -16.89 -22.75 -57.83
CA SER E 81 -16.85 -23.65 -58.97
C SER E 81 -17.12 -22.89 -60.26
N GLN E 82 -17.24 -23.61 -61.37
CA GLN E 82 -17.55 -23.01 -62.65
C GLN E 82 -19.06 -22.75 -62.79
N ILE E 83 -19.90 -23.41 -61.98
CA ILE E 83 -21.36 -23.30 -62.01
C ILE E 83 -21.93 -21.89 -61.76
N GLY E 84 -21.16 -21.02 -61.07
CA GLY E 84 -21.52 -19.62 -60.78
C GLY E 84 -22.13 -18.92 -62.00
N HIS E 85 -21.46 -19.25 -63.13
CA HIS E 85 -21.70 -19.00 -64.54
C HIS E 85 -20.53 -18.44 -65.33
N LYS E 86 -20.21 -19.42 -66.16
CA LYS E 86 -19.13 -19.51 -67.11
C LYS E 86 -19.40 -20.82 -67.87
N GLU E 87 -20.41 -21.59 -67.43
CA GLU E 87 -20.78 -22.89 -67.97
C GLU E 87 -22.30 -23.11 -67.87
N SER E 88 -22.89 -23.75 -68.88
CA SER E 88 -24.32 -24.07 -68.88
C SER E 88 -24.71 -24.95 -67.71
N ILE E 89 -25.89 -24.70 -67.16
CA ILE E 89 -26.42 -25.58 -66.13
C ILE E 89 -26.63 -26.95 -66.75
N LYS E 90 -26.98 -26.92 -68.04
CA LYS E 90 -27.13 -28.12 -68.83
C LYS E 90 -25.81 -28.88 -68.85
N ASP E 91 -24.68 -28.21 -69.05
CA ASP E 91 -23.42 -28.90 -68.99
C ASP E 91 -23.09 -29.36 -67.58
N THR E 92 -23.32 -28.47 -66.62
CA THR E 92 -23.02 -28.76 -65.22
C THR E 92 -23.70 -30.03 -64.75
N ALA E 93 -24.96 -30.13 -65.15
CA ALA E 93 -25.77 -31.25 -64.78
C ALA E 93 -25.13 -32.51 -65.32
N ARG E 94 -24.93 -32.52 -66.63
CA ARG E 94 -24.34 -33.67 -67.28
C ARG E 94 -22.97 -34.04 -66.73
N VAL E 95 -22.26 -33.09 -66.16
CA VAL E 95 -20.99 -33.40 -65.56
C VAL E 95 -21.20 -34.05 -64.22
N LEU E 96 -21.91 -33.36 -63.34
CA LEU E 96 -22.13 -33.86 -62.01
C LEU E 96 -22.83 -35.20 -61.96
N GLY E 97 -23.75 -35.48 -62.89
CA GLY E 97 -24.47 -36.75 -62.92
C GLY E 97 -23.56 -37.96 -63.13
N ARG E 98 -22.45 -37.71 -63.81
CA ARG E 98 -21.47 -38.75 -64.05
C ARG E 98 -20.69 -39.07 -62.78
N MET E 99 -20.64 -38.16 -61.81
CA MET E 99 -19.87 -38.41 -60.60
C MET E 99 -20.70 -38.69 -59.35
N TYR E 100 -21.80 -37.98 -59.16
CA TYR E 100 -22.62 -38.14 -57.97
C TYR E 100 -23.85 -39.02 -58.11
N ASP E 101 -24.41 -39.36 -56.94
CA ASP E 101 -25.60 -40.17 -56.88
C ASP E 101 -26.86 -39.35 -56.70
N GLY E 102 -26.72 -38.09 -56.30
CA GLY E 102 -27.80 -37.16 -56.08
C GLY E 102 -27.26 -35.74 -56.03
N ILE E 103 -28.10 -34.76 -56.34
CA ILE E 103 -27.70 -33.37 -56.38
C ILE E 103 -28.74 -32.49 -55.70
N GLN E 104 -28.30 -31.60 -54.85
CA GLN E 104 -29.21 -30.62 -54.30
C GLN E 104 -28.98 -29.30 -55.03
N TYR E 105 -30.03 -28.51 -55.16
CA TYR E 105 -29.90 -27.20 -55.76
C TYR E 105 -30.65 -26.13 -55.00
N ARG E 106 -29.97 -25.08 -54.56
CA ARG E 106 -30.60 -23.91 -53.97
C ARG E 106 -30.36 -22.81 -54.99
N GLY E 107 -31.34 -22.02 -55.38
CA GLY E 107 -31.07 -21.01 -56.36
C GLY E 107 -32.23 -20.12 -56.71
N TYR E 108 -32.09 -19.63 -57.94
CA TYR E 108 -33.00 -18.65 -58.50
C TYR E 108 -33.93 -19.17 -59.59
N GLY E 109 -35.15 -19.54 -59.31
CA GLY E 109 -36.00 -19.88 -60.44
C GLY E 109 -35.96 -21.34 -60.83
N GLN E 110 -37.20 -21.80 -60.87
CA GLN E 110 -37.51 -23.18 -61.13
C GLN E 110 -37.01 -23.73 -62.44
N GLU E 111 -36.86 -22.88 -63.46
CA GLU E 111 -36.35 -23.32 -64.74
C GLU E 111 -35.02 -24.03 -64.52
N ILE E 112 -34.16 -23.37 -63.74
CA ILE E 112 -32.84 -23.88 -63.45
C ILE E 112 -32.89 -25.29 -62.89
N VAL E 113 -33.57 -25.50 -61.76
CA VAL E 113 -33.57 -26.82 -61.17
C VAL E 113 -34.26 -27.87 -62.04
N GLU E 114 -35.20 -27.47 -62.89
CA GLU E 114 -35.85 -28.38 -63.79
C GLU E 114 -34.92 -28.82 -64.90
N THR E 115 -34.19 -27.86 -65.44
CA THR E 115 -33.21 -28.16 -66.45
C THR E 115 -32.13 -29.04 -65.84
N LEU E 116 -31.76 -28.75 -64.60
CA LEU E 116 -30.78 -29.52 -63.91
C LEU E 116 -31.27 -30.95 -63.75
N ALA E 117 -32.56 -31.14 -63.51
CA ALA E 117 -33.13 -32.47 -63.37
C ALA E 117 -33.30 -33.26 -64.66
N GLU E 118 -33.57 -32.61 -65.79
CA GLU E 118 -33.72 -33.33 -67.04
C GLU E 118 -32.44 -34.01 -67.48
N TYR E 119 -31.37 -33.24 -67.36
CA TYR E 119 -30.07 -33.64 -67.83
C TYR E 119 -29.17 -34.39 -66.87
N ALA E 120 -29.34 -34.26 -65.56
CA ALA E 120 -28.44 -34.94 -64.64
C ALA E 120 -28.49 -36.46 -64.60
N ARG E 121 -29.66 -37.06 -64.82
CA ARG E 121 -29.88 -38.49 -64.71
C ARG E 121 -29.67 -39.10 -63.33
N VAL E 122 -29.71 -38.25 -62.30
CA VAL E 122 -29.72 -38.65 -60.89
C VAL E 122 -30.77 -37.81 -60.17
N PRO E 123 -31.29 -38.18 -59.01
CA PRO E 123 -32.28 -37.41 -58.28
C PRO E 123 -31.82 -35.98 -57.98
N VAL E 124 -32.68 -35.02 -58.30
CA VAL E 124 -32.38 -33.63 -58.00
C VAL E 124 -33.42 -33.14 -57.01
N TRP E 125 -32.93 -32.57 -55.93
CA TRP E 125 -33.79 -32.06 -54.88
C TRP E 125 -33.73 -30.55 -54.87
N ASN E 126 -34.87 -29.90 -54.68
CA ASN E 126 -34.94 -28.45 -54.64
C ASN E 126 -34.72 -27.90 -53.23
N GLY E 127 -33.55 -27.32 -53.04
CA GLY E 127 -33.17 -26.73 -51.77
C GLY E 127 -33.86 -25.40 -51.46
N LEU E 128 -34.51 -24.82 -52.44
CA LEU E 128 -35.24 -23.56 -52.44
C LEU E 128 -34.83 -22.98 -53.75
N THR E 129 -35.92 -22.60 -54.36
CA THR E 129 -35.89 -21.89 -55.61
C THR E 129 -36.70 -20.63 -55.39
N ASN E 130 -36.79 -19.74 -56.38
CA ASN E 130 -37.55 -18.51 -56.23
C ASN E 130 -39.03 -18.71 -56.06
N GLU E 131 -39.57 -19.75 -56.69
CA GLU E 131 -40.99 -20.02 -56.67
C GLU E 131 -41.43 -21.00 -55.63
N PHE E 132 -40.70 -22.11 -55.47
CA PHE E 132 -41.08 -23.13 -54.50
C PHE E 132 -40.02 -23.38 -53.46
N HIS E 133 -40.37 -24.19 -52.48
CA HIS E 133 -39.47 -24.52 -51.40
C HIS E 133 -40.01 -25.78 -50.76
N PRO E 134 -40.16 -26.89 -51.48
CA PRO E 134 -40.94 -28.04 -51.03
C PRO E 134 -40.46 -28.69 -49.75
N THR E 135 -39.14 -28.72 -49.64
CA THR E 135 -38.47 -29.31 -48.51
C THR E 135 -38.91 -28.68 -47.20
N GLN E 136 -39.12 -27.36 -47.17
CA GLN E 136 -39.58 -26.66 -45.98
C GLN E 136 -40.92 -27.18 -45.49
N LEU E 137 -41.87 -27.19 -46.42
CA LEU E 137 -43.19 -27.61 -46.06
C LEU E 137 -43.29 -29.00 -45.51
N LEU E 138 -42.42 -29.92 -45.97
CA LEU E 138 -42.40 -31.24 -45.40
C LEU E 138 -42.16 -31.16 -43.91
N ALA E 139 -41.10 -30.43 -43.58
CA ALA E 139 -40.76 -30.20 -42.20
C ALA E 139 -41.91 -29.52 -41.50
N ASP E 140 -42.47 -28.44 -42.03
CA ASP E 140 -43.56 -27.75 -41.36
C ASP E 140 -44.77 -28.64 -41.13
N LEU E 141 -45.09 -29.48 -42.12
CA LEU E 141 -46.23 -30.37 -42.01
C LEU E 141 -46.04 -31.30 -40.83
N LEU E 142 -44.86 -31.91 -40.76
CA LEU E 142 -44.58 -32.80 -39.66
C LEU E 142 -44.61 -32.03 -38.36
N THR E 143 -44.01 -30.85 -38.28
CA THR E 143 -43.99 -30.11 -37.03
C THR E 143 -45.42 -29.81 -36.61
N MET E 144 -46.29 -29.52 -37.58
CA MET E 144 -47.68 -29.23 -37.27
C MET E 144 -48.39 -30.44 -36.72
N GLN E 145 -48.03 -31.57 -37.29
CA GLN E 145 -48.58 -32.84 -36.92
C GLN E 145 -48.12 -33.26 -35.53
N GLU E 146 -46.87 -32.96 -35.18
CA GLU E 146 -46.34 -33.30 -33.88
C GLU E 146 -46.93 -32.45 -32.78
N HIS E 147 -47.42 -31.24 -33.07
CA HIS E 147 -48.01 -30.41 -32.03
C HIS E 147 -49.52 -30.50 -31.91
N LEU E 148 -50.20 -31.17 -32.83
CA LEU E 148 -51.62 -31.43 -32.72
C LEU E 148 -51.80 -32.89 -33.09
N PRO E 149 -51.52 -33.82 -32.16
CA PRO E 149 -51.67 -35.24 -32.41
C PRO E 149 -53.15 -35.58 -32.50
N GLY E 150 -53.40 -36.68 -33.19
CA GLY E 150 -54.76 -37.16 -33.41
C GLY E 150 -55.60 -36.24 -34.27
N LYS E 151 -54.93 -35.37 -35.03
CA LYS E 151 -55.62 -34.48 -35.93
C LYS E 151 -55.10 -34.73 -37.34
N ALA E 152 -56.06 -35.02 -38.23
CA ALA E 152 -55.71 -35.10 -39.64
C ALA E 152 -55.46 -33.67 -40.11
N PHE E 153 -54.71 -33.50 -41.20
CA PHE E 153 -54.45 -32.16 -41.68
C PHE E 153 -55.67 -31.36 -42.04
N ASN E 154 -56.73 -32.02 -42.52
CA ASN E 154 -57.97 -31.34 -42.86
C ASN E 154 -58.72 -30.78 -41.65
N GLU E 155 -58.31 -31.19 -40.44
CA GLU E 155 -58.89 -30.69 -39.20
C GLU E 155 -58.12 -29.48 -38.64
N MET E 156 -57.07 -29.02 -39.34
CA MET E 156 -56.22 -27.93 -38.89
C MET E 156 -56.40 -26.63 -39.67
N THR E 157 -56.33 -25.50 -38.99
CA THR E 157 -56.44 -24.24 -39.70
C THR E 157 -55.08 -23.55 -39.65
N LEU E 158 -54.46 -23.31 -40.80
CA LEU E 158 -53.17 -22.65 -40.87
C LEU E 158 -53.31 -21.28 -41.51
N VAL E 159 -52.84 -20.24 -40.84
CA VAL E 159 -52.85 -18.90 -41.40
C VAL E 159 -51.43 -18.50 -41.76
N TYR E 160 -51.27 -17.88 -42.92
CA TYR E 160 -50.01 -17.35 -43.34
C TYR E 160 -50.17 -15.86 -43.57
N ALA E 161 -49.68 -15.02 -42.68
CA ALA E 161 -49.69 -13.59 -42.91
C ALA E 161 -48.49 -13.17 -43.76
N GLY E 162 -48.31 -11.90 -44.12
CA GLY E 162 -47.11 -11.49 -44.84
C GLY E 162 -47.23 -11.52 -46.36
N ASP E 163 -46.07 -11.52 -47.00
CA ASP E 163 -45.94 -11.59 -48.44
C ASP E 163 -46.32 -12.96 -48.99
N ALA E 164 -47.56 -13.03 -49.45
CA ALA E 164 -48.07 -14.28 -49.97
C ALA E 164 -47.62 -14.69 -51.36
N ARG E 165 -46.80 -13.91 -52.07
CA ARG E 165 -46.37 -14.33 -53.40
C ARG E 165 -44.92 -14.73 -53.50
N ASN E 166 -44.26 -14.88 -52.36
CA ASN E 166 -42.90 -15.41 -52.37
C ASN E 166 -42.93 -16.93 -52.48
N ASN E 167 -41.75 -17.53 -52.49
CA ASN E 167 -41.65 -18.98 -52.60
C ASN E 167 -42.38 -19.71 -51.51
N MET E 168 -42.47 -19.11 -50.33
CA MET E 168 -43.19 -19.72 -49.23
C MET E 168 -44.70 -19.71 -49.37
N GLY E 169 -45.22 -18.64 -49.95
CA GLY E 169 -46.64 -18.51 -50.18
C GLY E 169 -47.08 -19.58 -51.16
N ASN E 170 -46.33 -19.63 -52.26
CA ASN E 170 -46.59 -20.59 -53.31
C ASN E 170 -46.57 -22.00 -52.77
N SER E 171 -45.61 -22.29 -51.91
CA SER E 171 -45.50 -23.60 -51.32
C SER E 171 -46.67 -23.95 -50.41
N MET E 172 -47.24 -22.97 -49.69
CA MET E 172 -48.39 -23.19 -48.85
C MET E 172 -49.56 -23.78 -49.63
N LEU E 173 -49.78 -23.15 -50.78
CA LEU E 173 -50.82 -23.56 -51.71
C LEU E 173 -50.69 -25.01 -52.07
N GLU E 174 -49.47 -25.43 -52.42
CA GLU E 174 -49.26 -26.82 -52.76
C GLU E 174 -49.57 -27.75 -51.61
N ALA E 175 -49.12 -27.33 -50.42
CA ALA E 175 -49.31 -28.13 -49.22
C ALA E 175 -50.78 -28.40 -48.98
N ALA E 176 -51.58 -27.33 -48.98
CA ALA E 176 -53.01 -27.44 -48.79
C ALA E 176 -53.68 -28.28 -49.87
N ALA E 177 -53.28 -28.08 -51.12
CA ALA E 177 -53.80 -28.86 -52.22
C ALA E 177 -53.63 -30.36 -52.01
N LEU E 178 -52.62 -30.72 -51.23
CA LEU E 178 -52.33 -32.09 -50.93
C LEU E 178 -52.81 -32.53 -49.57
N THR E 179 -53.21 -31.65 -48.65
CA THR E 179 -53.55 -32.07 -47.31
C THR E 179 -54.94 -31.74 -46.82
N GLY E 180 -55.60 -30.84 -47.54
CA GLY E 180 -56.91 -30.39 -47.14
C GLY E 180 -56.83 -29.47 -45.95
N LEU E 181 -55.70 -28.82 -45.70
CA LEU E 181 -55.59 -27.82 -44.64
C LEU E 181 -56.55 -26.67 -44.95
N ASP E 182 -57.06 -26.01 -43.92
CA ASP E 182 -57.82 -24.81 -44.16
C ASP E 182 -56.79 -23.67 -44.24
N LEU E 183 -56.24 -23.47 -45.44
CA LEU E 183 -55.27 -22.43 -45.67
C LEU E 183 -55.89 -21.05 -45.65
N ARG E 184 -55.21 -20.13 -45.01
CA ARG E 184 -55.64 -18.75 -45.03
C ARG E 184 -54.42 -17.90 -45.27
N LEU E 185 -54.47 -17.21 -46.39
CA LEU E 185 -53.38 -16.33 -46.75
C LEU E 185 -53.81 -14.92 -46.42
N VAL E 186 -53.41 -14.40 -45.27
CA VAL E 186 -53.77 -13.04 -44.92
C VAL E 186 -52.69 -12.12 -45.47
N ALA E 187 -53.00 -11.39 -46.51
CA ALA E 187 -52.03 -10.54 -47.18
C ALA E 187 -52.72 -9.41 -47.89
N PRO E 188 -52.07 -8.28 -48.21
CA PRO E 188 -52.60 -7.29 -49.13
C PRO E 188 -52.70 -7.93 -50.50
N GLN E 189 -53.65 -7.44 -51.28
CA GLN E 189 -53.92 -7.96 -52.60
C GLN E 189 -52.70 -7.89 -53.50
N ALA E 190 -51.93 -6.82 -53.34
CA ALA E 190 -50.71 -6.63 -54.11
C ALA E 190 -49.70 -7.74 -53.94
N CYS E 191 -49.77 -8.42 -52.80
CA CYS E 191 -48.92 -9.56 -52.54
C CYS E 191 -49.63 -10.89 -52.67
N TRP E 192 -50.82 -10.98 -53.27
CA TRP E 192 -51.45 -12.28 -53.39
C TRP E 192 -50.78 -13.17 -54.43
N PRO E 193 -50.76 -14.49 -54.23
CA PRO E 193 -50.17 -15.42 -55.16
C PRO E 193 -50.94 -15.41 -56.47
N GLU E 194 -50.21 -15.77 -57.51
CA GLU E 194 -50.76 -15.87 -58.86
C GLU E 194 -52.02 -16.72 -58.88
N ALA E 195 -53.07 -16.13 -59.45
CA ALA E 195 -54.38 -16.75 -59.45
C ALA E 195 -54.47 -18.11 -60.12
N ALA E 196 -53.70 -18.36 -61.16
CA ALA E 196 -53.78 -19.67 -61.79
C ALA E 196 -53.44 -20.80 -60.83
N LEU E 197 -52.45 -20.54 -59.98
CA LEU E 197 -52.03 -21.53 -59.01
C LEU E 197 -53.00 -21.67 -57.85
N VAL E 198 -53.60 -20.54 -57.46
CA VAL E 198 -54.57 -20.55 -56.38
C VAL E 198 -55.74 -21.44 -56.76
N THR E 199 -56.27 -21.22 -57.95
CA THR E 199 -57.39 -21.96 -58.49
C THR E 199 -57.17 -23.47 -58.53
N GLU E 200 -56.01 -23.88 -59.07
CA GLU E 200 -55.64 -25.27 -59.18
C GLU E 200 -55.53 -25.91 -57.80
N CYS E 201 -54.81 -25.22 -56.92
CA CYS E 201 -54.63 -25.71 -55.59
C CYS E 201 -55.88 -25.68 -54.76
N ARG E 202 -56.78 -24.73 -55.02
CA ARG E 202 -58.00 -24.62 -54.25
C ARG E 202 -58.90 -25.80 -54.55
N ALA E 203 -59.00 -26.08 -55.85
CA ALA E 203 -59.78 -27.19 -56.33
C ALA E 203 -59.37 -28.51 -55.70
N LEU E 204 -58.06 -28.69 -55.62
CA LEU E 204 -57.49 -29.87 -55.01
C LEU E 204 -57.62 -29.90 -53.51
N ALA E 205 -57.50 -28.74 -52.87
CA ALA E 205 -57.64 -28.68 -51.44
C ALA E 205 -59.05 -29.09 -51.01
N GLN E 206 -60.04 -28.50 -51.67
CA GLN E 206 -61.45 -28.78 -51.42
C GLN E 206 -61.79 -30.26 -51.60
N GLN E 207 -61.17 -30.92 -52.59
CA GLN E 207 -61.36 -32.35 -52.80
C GLN E 207 -60.95 -33.13 -51.58
N ASN E 208 -59.88 -32.66 -50.94
CA ASN E 208 -59.37 -33.30 -49.75
C ASN E 208 -59.95 -32.75 -48.46
N GLY E 209 -60.93 -31.85 -48.56
CA GLY E 209 -61.62 -31.32 -47.41
C GLY E 209 -61.14 -29.98 -46.89
N GLY E 210 -60.26 -29.28 -47.61
CA GLY E 210 -59.77 -27.99 -47.16
C GLY E 210 -60.38 -26.86 -47.95
N ASN E 211 -59.73 -25.69 -47.92
CA ASN E 211 -60.19 -24.50 -48.64
C ASN E 211 -59.13 -23.43 -48.50
N ILE E 212 -58.78 -22.78 -49.61
CA ILE E 212 -57.80 -21.73 -49.56
C ILE E 212 -58.51 -20.39 -49.56
N THR E 213 -58.47 -19.71 -48.43
CA THR E 213 -59.05 -18.39 -48.33
C THR E 213 -57.99 -17.31 -48.49
N LEU E 214 -58.16 -16.32 -49.35
CA LEU E 214 -57.23 -15.19 -49.42
C LEU E 214 -57.97 -13.97 -48.90
N THR E 215 -57.39 -13.14 -48.03
CA THR E 215 -58.06 -11.95 -47.55
C THR E 215 -57.12 -10.90 -46.98
N GLU E 216 -57.44 -9.64 -47.28
CA GLU E 216 -56.67 -8.54 -46.71
C GLU E 216 -57.06 -8.26 -45.26
N ASP E 217 -58.19 -8.78 -44.79
CA ASP E 217 -58.58 -8.54 -43.42
C ASP E 217 -57.88 -9.50 -42.48
N VAL E 218 -57.18 -8.89 -41.53
CA VAL E 218 -56.43 -9.67 -40.58
C VAL E 218 -57.36 -10.42 -39.65
N ALA E 219 -58.31 -9.64 -39.14
CA ALA E 219 -59.25 -10.13 -38.17
C ALA E 219 -60.08 -11.34 -38.59
N LYS E 220 -60.63 -11.35 -39.82
CA LYS E 220 -61.39 -12.54 -40.17
C LYS E 220 -60.51 -13.69 -40.65
N GLY E 221 -59.26 -13.38 -41.01
CA GLY E 221 -58.34 -14.40 -41.46
C GLY E 221 -57.78 -15.24 -40.33
N VAL E 222 -57.20 -14.60 -39.32
CA VAL E 222 -56.58 -15.31 -38.21
C VAL E 222 -57.52 -16.08 -37.28
N GLU E 223 -58.81 -15.74 -37.31
CA GLU E 223 -59.81 -16.36 -36.46
C GLU E 223 -59.88 -17.88 -36.49
N GLY E 224 -59.68 -18.49 -35.33
CA GLY E 224 -59.74 -19.94 -35.17
C GLY E 224 -58.52 -20.72 -35.65
N ALA E 225 -57.44 -20.02 -36.02
CA ALA E 225 -56.25 -20.68 -36.50
C ALA E 225 -55.60 -21.59 -35.47
N ASP E 226 -55.08 -22.73 -35.91
CA ASP E 226 -54.27 -23.53 -35.01
C ASP E 226 -52.84 -23.05 -35.09
N PHE E 227 -52.44 -22.51 -36.26
CA PHE E 227 -51.09 -22.01 -36.47
C PHE E 227 -51.04 -20.69 -37.20
N ILE E 228 -50.23 -19.76 -36.70
CA ILE E 228 -49.93 -18.56 -37.45
C ILE E 228 -48.52 -18.79 -38.01
N TYR E 229 -48.29 -18.43 -39.27
CA TYR E 229 -47.00 -18.62 -39.92
C TYR E 229 -46.65 -17.33 -40.67
N THR E 230 -45.39 -16.91 -40.70
CA THR E 230 -44.99 -15.75 -41.50
C THR E 230 -43.55 -15.85 -41.97
N ASP E 231 -43.06 -14.90 -42.77
CA ASP E 231 -41.73 -14.90 -43.33
C ASP E 231 -41.27 -13.49 -43.58
N VAL E 232 -39.96 -13.30 -43.83
CA VAL E 232 -39.39 -12.00 -44.12
C VAL E 232 -40.12 -11.30 -45.25
N TRP E 233 -40.22 -9.98 -45.22
CA TRP E 233 -40.98 -9.34 -46.27
C TRP E 233 -40.25 -9.25 -47.61
N VAL E 234 -38.91 -9.20 -47.60
CA VAL E 234 -38.17 -9.29 -48.84
C VAL E 234 -37.35 -10.57 -48.77
N SER E 235 -37.48 -11.39 -49.80
CA SER E 235 -36.78 -12.65 -49.83
C SER E 235 -35.38 -12.55 -50.41
N MET E 236 -34.63 -13.63 -50.25
CA MET E 236 -33.31 -13.72 -50.85
C MET E 236 -33.38 -13.57 -52.36
N GLY E 237 -32.54 -12.70 -52.88
CA GLY E 237 -32.50 -12.52 -54.32
C GLY E 237 -33.30 -11.35 -54.82
N GLU E 238 -34.27 -10.85 -54.04
CA GLU E 238 -34.99 -9.67 -54.46
C GLU E 238 -34.12 -8.44 -54.19
N ALA E 239 -34.36 -7.41 -55.01
CA ALA E 239 -33.61 -6.17 -54.92
C ALA E 239 -33.81 -5.45 -53.60
N LYS E 240 -32.74 -4.81 -53.13
CA LYS E 240 -32.75 -4.11 -51.85
C LYS E 240 -33.79 -2.99 -51.80
N GLU E 241 -34.12 -2.48 -52.99
CA GLU E 241 -35.11 -1.42 -53.17
C GLU E 241 -36.53 -1.77 -52.72
N LYS E 242 -36.86 -3.05 -52.88
CA LYS E 242 -38.14 -3.57 -52.48
C LYS E 242 -38.49 -3.34 -51.03
N TRP E 243 -37.49 -3.28 -50.13
CA TRP E 243 -37.76 -3.10 -48.73
C TRP E 243 -38.68 -1.93 -48.39
N ALA E 244 -38.42 -0.77 -48.97
CA ALA E 244 -39.26 0.39 -48.69
C ALA E 244 -40.73 0.22 -49.09
N GLU E 245 -41.01 -0.43 -50.21
CA GLU E 245 -42.41 -0.63 -50.56
C GLU E 245 -43.02 -1.82 -49.85
N ARG E 246 -42.24 -2.87 -49.58
CA ARG E 246 -42.77 -4.03 -48.91
C ARG E 246 -43.12 -3.72 -47.47
N ILE E 247 -42.35 -2.89 -46.79
CA ILE E 247 -42.68 -2.52 -45.42
C ILE E 247 -43.96 -1.71 -45.41
N ALA E 248 -44.07 -0.85 -46.42
CA ALA E 248 -45.22 0.00 -46.57
C ALA E 248 -46.51 -0.80 -46.70
N LEU E 249 -46.44 -1.87 -47.46
CA LEU E 249 -47.58 -2.75 -47.68
C LEU E 249 -47.86 -3.68 -46.52
N LEU E 250 -46.83 -4.41 -46.14
CA LEU E 250 -46.98 -5.46 -45.17
C LEU E 250 -46.94 -5.13 -43.70
N ARG E 251 -46.59 -3.95 -43.19
CA ARG E 251 -46.47 -3.83 -41.75
C ARG E 251 -47.73 -4.03 -40.94
N GLU E 252 -48.92 -3.85 -41.50
CA GLU E 252 -50.10 -4.17 -40.72
C GLU E 252 -50.31 -5.68 -40.64
N TYR E 253 -49.50 -6.45 -41.36
CA TYR E 253 -49.60 -7.89 -41.33
C TYR E 253 -48.54 -8.50 -40.45
N GLN E 254 -47.87 -7.68 -39.64
CA GLN E 254 -46.89 -8.15 -38.65
C GLN E 254 -47.57 -9.13 -37.71
N VAL E 255 -46.91 -10.22 -37.37
CA VAL E 255 -47.46 -11.15 -36.41
C VAL E 255 -46.98 -10.65 -35.07
N ASN E 256 -47.90 -9.98 -34.41
CA ASN E 256 -47.66 -9.41 -33.09
C ASN E 256 -48.59 -10.09 -32.08
N SER E 257 -48.65 -9.58 -30.86
CA SER E 257 -49.45 -10.20 -29.80
C SER E 257 -50.95 -10.08 -30.00
N LYS E 258 -51.36 -8.88 -30.40
CA LYS E 258 -52.74 -8.55 -30.75
C LYS E 258 -53.22 -9.45 -31.86
N MET E 259 -52.29 -9.73 -32.76
CA MET E 259 -52.49 -10.56 -33.92
C MET E 259 -52.81 -11.97 -33.45
N MET E 260 -51.98 -12.49 -32.57
CA MET E 260 -52.16 -13.80 -31.95
C MET E 260 -53.41 -13.88 -31.08
N GLN E 261 -53.89 -12.72 -30.66
CA GLN E 261 -55.03 -12.67 -29.78
C GLN E 261 -56.33 -12.69 -30.57
N LEU E 262 -56.34 -12.05 -31.74
CA LEU E 262 -57.51 -12.08 -32.60
C LEU E 262 -57.85 -13.48 -33.10
N THR E 263 -56.93 -14.42 -32.94
CA THR E 263 -57.12 -15.80 -33.31
C THR E 263 -58.29 -16.35 -32.51
N GLY E 264 -58.24 -16.13 -31.21
CA GLY E 264 -59.24 -16.67 -30.32
C GLY E 264 -58.80 -18.02 -29.76
N ASN E 265 -57.87 -18.75 -30.39
CA ASN E 265 -57.37 -20.00 -29.84
C ASN E 265 -56.18 -19.68 -28.94
N PRO E 266 -56.18 -19.99 -27.65
CA PRO E 266 -55.04 -19.75 -26.78
C PRO E 266 -53.95 -20.79 -26.92
N GLU E 267 -54.23 -21.84 -27.69
CA GLU E 267 -53.27 -22.88 -27.97
C GLU E 267 -52.56 -22.67 -29.29
N VAL E 268 -52.82 -21.54 -29.95
CA VAL E 268 -52.24 -21.27 -31.25
C VAL E 268 -50.73 -21.17 -31.16
N LYS E 269 -50.11 -21.85 -32.10
CA LYS E 269 -48.67 -21.84 -32.16
C LYS E 269 -48.19 -21.11 -33.40
N PHE E 270 -47.12 -20.37 -33.15
CA PHE E 270 -46.42 -19.62 -34.18
C PHE E 270 -45.34 -20.42 -34.90
N LEU E 271 -45.23 -20.18 -36.20
CA LEU E 271 -44.27 -20.86 -37.05
C LEU E 271 -43.58 -19.83 -37.93
N HIS E 272 -42.33 -20.07 -38.28
CA HIS E 272 -41.56 -19.20 -39.16
C HIS E 272 -40.39 -20.03 -39.65
N CYS E 273 -40.22 -20.09 -40.96
CA CYS E 273 -39.18 -20.89 -41.55
C CYS E 273 -37.77 -20.46 -41.20
N LEU E 274 -37.62 -19.17 -40.81
CA LEU E 274 -36.37 -18.51 -40.48
C LEU E 274 -35.44 -18.29 -41.68
N PRO E 275 -34.45 -17.37 -41.68
CA PRO E 275 -34.19 -16.33 -40.70
C PRO E 275 -35.34 -15.37 -40.45
N ALA E 276 -35.47 -14.89 -39.23
CA ALA E 276 -36.54 -13.94 -38.96
C ALA E 276 -36.01 -12.64 -38.42
N PHE E 277 -36.37 -11.47 -38.93
CA PHE E 277 -35.91 -10.21 -38.34
C PHE E 277 -36.83 -9.89 -37.17
N HIS E 278 -36.62 -10.53 -36.03
CA HIS E 278 -37.49 -10.25 -34.91
C HIS E 278 -36.91 -9.32 -33.88
N ASP E 279 -35.64 -8.96 -33.92
CA ASP E 279 -35.12 -8.02 -32.94
C ASP E 279 -34.17 -7.00 -33.52
N ASP E 280 -33.88 -6.00 -32.70
CA ASP E 280 -33.03 -4.87 -33.07
C ASP E 280 -31.58 -5.18 -32.73
N GLN E 281 -31.20 -6.39 -33.13
CA GLN E 281 -29.90 -6.99 -32.88
C GLN E 281 -29.05 -7.13 -34.14
N THR E 282 -29.67 -7.42 -35.28
CA THR E 282 -28.90 -7.63 -36.49
C THR E 282 -28.34 -6.42 -37.23
N THR E 283 -27.62 -6.82 -38.27
CA THR E 283 -26.98 -5.92 -39.21
C THR E 283 -28.02 -5.02 -39.88
N LEU E 284 -28.78 -5.60 -40.81
CA LEU E 284 -29.84 -4.87 -41.49
C LEU E 284 -31.15 -4.88 -40.69
N GLY E 285 -31.13 -5.62 -39.58
CA GLY E 285 -32.25 -5.67 -38.68
C GLY E 285 -32.38 -4.34 -37.97
N LYS E 286 -31.28 -3.82 -37.44
CA LYS E 286 -31.29 -2.57 -36.73
C LYS E 286 -31.45 -1.38 -37.67
N LYS E 287 -30.83 -1.47 -38.85
CA LYS E 287 -30.91 -0.41 -39.83
C LYS E 287 -32.35 -0.22 -40.30
N MET E 288 -33.05 -1.32 -40.57
CA MET E 288 -34.45 -1.27 -40.96
C MET E 288 -35.35 -0.83 -39.81
N ALA E 289 -34.98 -1.23 -38.59
CA ALA E 289 -35.79 -0.94 -37.43
C ALA E 289 -35.84 0.50 -37.00
N GLU E 290 -34.76 1.24 -37.23
CA GLU E 290 -34.72 2.65 -36.86
C GLU E 290 -35.33 3.52 -37.94
N GLU E 291 -34.93 3.21 -39.17
CA GLU E 291 -35.33 3.93 -40.35
C GLU E 291 -36.85 4.01 -40.52
N PHE E 292 -37.50 2.85 -40.63
CA PHE E 292 -38.93 2.79 -40.79
C PHE E 292 -39.66 2.78 -39.45
N GLY E 293 -38.92 2.43 -38.41
CA GLY E 293 -39.50 2.40 -37.09
C GLY E 293 -40.15 1.05 -36.75
N LEU E 294 -39.58 -0.10 -37.18
CA LEU E 294 -40.11 -1.38 -36.74
C LEU E 294 -39.33 -1.78 -35.49
N HIS E 295 -39.67 -1.12 -34.39
CA HIS E 295 -38.98 -1.39 -33.16
C HIS E 295 -39.51 -2.64 -32.47
N GLY E 296 -38.61 -3.62 -32.40
CA GLY E 296 -38.93 -4.87 -31.75
C GLY E 296 -39.55 -5.91 -32.64
N GLY E 297 -39.18 -5.95 -33.92
CA GLY E 297 -39.72 -6.99 -34.79
C GLY E 297 -40.27 -6.43 -36.08
N MET E 298 -40.04 -7.15 -37.16
CA MET E 298 -40.57 -6.74 -38.43
C MET E 298 -41.70 -7.68 -38.75
N GLU E 299 -41.48 -8.83 -39.39
CA GLU E 299 -42.58 -9.75 -39.68
C GLU E 299 -43.15 -10.29 -38.39
N VAL E 300 -42.31 -10.45 -37.38
CA VAL E 300 -42.80 -10.91 -36.11
C VAL E 300 -42.10 -10.17 -35.00
N THR E 301 -42.92 -9.82 -34.04
CA THR E 301 -42.48 -9.20 -32.80
C THR E 301 -41.59 -10.19 -32.05
N ASP E 302 -40.56 -9.67 -31.39
CA ASP E 302 -39.65 -10.48 -30.61
C ASP E 302 -40.37 -11.14 -29.45
N GLU E 303 -41.38 -10.46 -28.91
CA GLU E 303 -42.21 -11.01 -27.86
C GLU E 303 -42.91 -12.27 -28.33
N VAL E 304 -43.40 -12.28 -29.57
CA VAL E 304 -44.06 -13.47 -30.08
C VAL E 304 -43.02 -14.52 -30.46
N PHE E 305 -41.87 -14.10 -30.96
CA PHE E 305 -40.85 -15.05 -31.34
C PHE E 305 -40.34 -15.84 -30.15
N GLU E 306 -40.28 -15.20 -28.98
CA GLU E 306 -39.79 -15.87 -27.80
C GLU E 306 -40.93 -16.35 -26.90
N SER E 307 -42.15 -16.19 -27.40
CA SER E 307 -43.38 -16.64 -26.77
C SER E 307 -43.37 -18.16 -26.60
N ALA E 308 -44.21 -18.66 -25.70
CA ALA E 308 -44.38 -20.10 -25.57
C ALA E 308 -45.06 -20.67 -26.81
N ALA E 309 -45.75 -19.82 -27.56
CA ALA E 309 -46.39 -20.23 -28.80
C ALA E 309 -45.37 -20.56 -29.88
N SER E 310 -44.23 -19.87 -29.84
CA SER E 310 -43.20 -20.10 -30.84
C SER E 310 -42.66 -21.51 -30.75
N ILE E 311 -42.79 -22.22 -31.86
CA ILE E 311 -42.21 -23.53 -31.96
C ILE E 311 -41.26 -23.61 -33.14
N VAL E 312 -40.72 -22.44 -33.51
CA VAL E 312 -39.86 -22.33 -34.67
C VAL E 312 -38.61 -23.17 -34.60
N PHE E 313 -38.09 -23.42 -33.40
CA PHE E 313 -36.87 -24.20 -33.32
C PHE E 313 -37.16 -25.69 -33.44
N ASP E 314 -38.37 -26.12 -33.07
CA ASP E 314 -38.75 -27.49 -33.32
C ASP E 314 -38.87 -27.69 -34.82
N GLN E 315 -39.53 -26.71 -35.41
CA GLN E 315 -39.74 -26.64 -36.83
C GLN E 315 -38.40 -26.74 -37.51
N ALA E 316 -37.49 -25.89 -37.08
CA ALA E 316 -36.15 -25.88 -37.62
C ALA E 316 -35.43 -27.22 -37.52
N GLU E 317 -35.57 -27.92 -36.40
CA GLU E 317 -34.96 -29.23 -36.24
C GLU E 317 -35.53 -30.21 -37.24
N ASN E 318 -36.83 -30.07 -37.46
CA ASN E 318 -37.51 -30.98 -38.34
C ASN E 318 -37.13 -30.84 -39.78
N ARG E 319 -36.41 -29.78 -40.16
CA ARG E 319 -35.87 -29.66 -41.51
C ARG E 319 -34.96 -30.83 -41.88
N MET E 320 -34.08 -31.25 -40.98
CA MET E 320 -33.11 -32.27 -41.32
C MET E 320 -33.63 -33.70 -41.35
N HIS E 321 -34.60 -34.02 -40.50
CA HIS E 321 -35.16 -35.36 -40.52
C HIS E 321 -35.93 -35.54 -41.81
N THR E 322 -36.67 -34.50 -42.14
CA THR E 322 -37.43 -34.43 -43.36
C THR E 322 -36.59 -34.61 -44.61
N ILE E 323 -35.46 -33.92 -44.67
CA ILE E 323 -34.53 -34.06 -45.77
C ILE E 323 -33.86 -35.43 -45.79
N LYS E 324 -33.57 -35.99 -44.61
CA LYS E 324 -32.98 -37.30 -44.54
C LYS E 324 -33.93 -38.29 -45.20
N ALA E 325 -35.21 -38.08 -44.90
CA ALA E 325 -36.24 -38.90 -45.44
C ALA E 325 -36.32 -38.81 -46.95
N VAL E 326 -36.23 -37.60 -47.49
CA VAL E 326 -36.29 -37.43 -48.92
C VAL E 326 -35.14 -38.16 -49.57
N MET E 327 -33.97 -38.05 -48.96
CA MET E 327 -32.81 -38.69 -49.52
C MET E 327 -32.81 -40.19 -49.42
N VAL E 328 -33.26 -40.77 -48.31
CA VAL E 328 -33.26 -42.22 -48.28
C VAL E 328 -34.37 -42.73 -49.17
N ALA E 329 -35.42 -41.95 -49.38
CA ALA E 329 -36.49 -42.39 -50.24
C ALA E 329 -36.10 -42.41 -51.70
N THR E 330 -35.36 -41.42 -52.18
CA THR E 330 -35.00 -41.35 -53.58
C THR E 330 -33.74 -42.12 -53.96
N LEU E 331 -32.93 -42.50 -52.98
CA LEU E 331 -31.66 -43.15 -53.27
C LEU E 331 -31.57 -44.60 -52.86
N SER E 332 -32.46 -45.06 -52.00
CA SER E 332 -32.42 -46.43 -51.54
C SER E 332 -33.53 -47.34 -52.05
N LYS E 333 -33.07 -48.61 -52.16
CA LYS E 333 -33.77 -49.84 -52.56
C LYS E 333 -34.82 -49.87 -53.69
N SER F 1 4.51 -48.61 -58.33
CA SER F 1 5.91 -48.98 -58.19
C SER F 1 6.78 -47.80 -57.70
N GLY F 2 7.46 -47.05 -58.58
CA GLY F 2 8.22 -45.87 -58.19
C GLY F 2 7.29 -44.66 -58.20
N PHE F 3 6.14 -44.88 -57.57
CA PHE F 3 5.08 -43.90 -57.46
C PHE F 3 4.81 -43.42 -56.06
N TYR F 4 5.03 -44.29 -55.07
CA TYR F 4 4.76 -43.96 -53.69
C TYR F 4 5.58 -42.75 -53.27
N HIS F 5 4.87 -41.78 -52.72
CA HIS F 5 5.40 -40.49 -52.32
C HIS F 5 5.99 -39.61 -53.42
N LYS F 6 5.66 -39.90 -54.67
CA LYS F 6 6.09 -39.06 -55.78
C LYS F 6 5.11 -37.91 -55.94
N HIS F 7 5.54 -36.73 -56.42
CA HIS F 7 4.56 -35.68 -56.68
C HIS F 7 4.02 -35.86 -58.09
N PHE F 8 2.98 -35.14 -58.47
CA PHE F 8 2.48 -35.23 -59.82
C PHE F 8 2.37 -33.78 -60.25
N LEU F 9 3.45 -33.19 -60.76
CA LEU F 9 3.43 -31.77 -61.12
C LEU F 9 3.32 -31.53 -62.61
N LYS F 10 4.05 -32.29 -63.42
CA LYS F 10 3.97 -32.18 -64.87
C LYS F 10 4.22 -33.57 -65.43
N LEU F 11 3.74 -33.89 -66.63
CA LEU F 11 3.94 -35.24 -67.14
C LEU F 11 5.36 -35.68 -67.45
N LEU F 12 6.24 -34.78 -67.90
CA LEU F 12 7.59 -35.18 -68.24
C LEU F 12 8.47 -35.61 -67.07
N ASP F 13 7.96 -35.56 -65.83
CA ASP F 13 8.71 -36.09 -64.71
C ASP F 13 8.45 -37.60 -64.59
N PHE F 14 7.78 -38.16 -65.58
CA PHE F 14 7.47 -39.58 -65.62
C PHE F 14 7.94 -40.27 -66.89
N THR F 15 8.27 -41.54 -66.75
CA THR F 15 8.63 -42.31 -67.92
C THR F 15 7.40 -42.76 -68.67
N PRO F 16 7.51 -43.12 -69.95
CA PRO F 16 6.42 -43.69 -70.71
C PRO F 16 5.79 -44.89 -70.02
N ALA F 17 6.66 -45.69 -69.41
CA ALA F 17 6.21 -46.83 -68.65
C ALA F 17 5.38 -46.48 -67.43
N GLU F 18 5.80 -45.41 -66.74
CA GLU F 18 5.10 -44.95 -65.57
C GLU F 18 3.73 -44.42 -65.93
N LEU F 19 3.67 -43.63 -66.99
CA LEU F 19 2.43 -43.07 -67.46
C LEU F 19 1.44 -44.15 -67.82
N ASN F 20 1.97 -45.20 -68.43
CA ASN F 20 1.17 -46.30 -68.92
C ASN F 20 0.64 -47.20 -67.81
N SER F 21 1.43 -47.30 -66.76
CA SER F 21 1.09 -48.06 -65.57
C SER F 21 -0.09 -47.38 -64.89
N LEU F 22 0.05 -46.06 -64.85
CA LEU F 22 -0.89 -45.18 -64.21
C LEU F 22 -2.23 -45.28 -64.89
N LEU F 23 -2.14 -45.18 -66.20
CA LEU F 23 -3.30 -45.27 -67.06
C LEU F 23 -4.01 -46.59 -66.88
N GLN F 24 -3.23 -47.63 -66.67
CA GLN F 24 -3.73 -48.96 -66.46
C GLN F 24 -4.46 -49.08 -65.12
N LEU F 25 -3.88 -48.51 -64.06
CA LEU F 25 -4.47 -48.52 -62.73
C LEU F 25 -5.79 -47.78 -62.69
N ALA F 26 -5.82 -46.66 -63.39
CA ALA F 26 -7.01 -45.86 -63.51
C ALA F 26 -8.14 -46.67 -64.11
N ALA F 27 -7.78 -47.38 -65.17
CA ALA F 27 -8.71 -48.23 -65.88
C ALA F 27 -9.28 -49.35 -65.03
N LYS F 28 -8.43 -49.88 -64.14
CA LYS F 28 -8.83 -50.91 -63.22
C LYS F 28 -9.83 -50.35 -62.22
N LEU F 29 -9.41 -49.25 -61.59
CA LEU F 29 -10.22 -48.56 -60.61
C LEU F 29 -11.59 -48.14 -61.11
N LYS F 30 -11.67 -47.76 -62.38
CA LYS F 30 -12.91 -47.39 -63.03
C LYS F 30 -13.83 -48.59 -63.05
N ALA F 31 -13.23 -49.66 -63.58
CA ALA F 31 -13.89 -50.93 -63.74
C ALA F 31 -14.32 -51.51 -62.40
N ASP F 32 -13.48 -51.38 -61.37
CA ASP F 32 -13.83 -51.86 -60.05
C ASP F 32 -15.01 -51.13 -59.47
N LYS F 33 -15.10 -49.82 -59.69
CA LYS F 33 -16.22 -49.07 -59.14
C LYS F 33 -17.53 -49.44 -59.82
N LYS F 34 -17.54 -49.66 -61.13
CA LYS F 34 -18.77 -50.03 -61.81
C LYS F 34 -19.26 -51.43 -61.43
N SER F 35 -18.32 -52.35 -61.24
CA SER F 35 -18.62 -53.70 -60.78
C SER F 35 -18.97 -53.73 -59.29
N GLY F 36 -18.71 -52.66 -58.54
CA GLY F 36 -18.98 -52.62 -57.10
C GLY F 36 -17.93 -53.35 -56.27
N LYS F 37 -16.86 -53.83 -56.90
CA LYS F 37 -15.79 -54.53 -56.23
C LYS F 37 -14.66 -53.57 -55.83
N GLU F 38 -14.93 -52.28 -55.64
CA GLU F 38 -13.87 -51.35 -55.31
C GLU F 38 -13.38 -51.57 -53.90
N GLU F 39 -12.09 -51.89 -53.83
CA GLU F 39 -11.44 -52.07 -52.54
C GLU F 39 -10.80 -50.74 -52.16
N ALA F 40 -11.27 -50.13 -51.08
CA ALA F 40 -10.74 -48.86 -50.60
C ALA F 40 -9.28 -48.98 -50.16
N LYS F 41 -8.41 -48.07 -50.58
CA LYS F 41 -7.01 -48.20 -50.22
C LYS F 41 -6.53 -47.07 -49.34
N LEU F 42 -7.08 -45.88 -49.57
CA LEU F 42 -6.69 -44.71 -48.83
C LEU F 42 -7.46 -44.45 -47.53
N THR F 43 -8.00 -45.47 -46.86
CA THR F 43 -8.70 -45.29 -45.59
C THR F 43 -7.90 -44.56 -44.51
N GLY F 44 -8.53 -43.58 -43.87
CA GLY F 44 -7.90 -42.80 -42.81
C GLY F 44 -6.82 -41.83 -43.25
N LYS F 45 -6.71 -41.52 -44.54
CA LYS F 45 -5.77 -40.53 -45.01
C LYS F 45 -6.49 -39.20 -45.15
N ASN F 46 -5.88 -38.09 -44.76
CA ASN F 46 -6.54 -36.80 -44.87
C ASN F 46 -5.86 -36.00 -45.96
N ILE F 47 -6.60 -35.35 -46.85
CA ILE F 47 -5.99 -34.65 -47.96
C ILE F 47 -6.43 -33.19 -48.01
N ALA F 48 -5.52 -32.21 -48.06
CA ALA F 48 -5.92 -30.83 -48.23
C ALA F 48 -6.05 -30.51 -49.70
N LEU F 49 -7.00 -29.65 -50.07
CA LEU F 49 -7.19 -29.27 -51.46
C LEU F 49 -7.14 -27.75 -51.57
N ILE F 50 -6.00 -27.18 -51.92
CA ILE F 50 -5.87 -25.75 -52.12
C ILE F 50 -6.42 -25.34 -53.49
N PHE F 51 -7.46 -24.51 -53.58
CA PHE F 51 -7.90 -24.03 -54.88
C PHE F 51 -7.76 -22.53 -55.03
N GLU F 52 -6.93 -21.98 -55.93
CA GLU F 52 -6.89 -20.54 -56.09
C GLU F 52 -7.68 -20.04 -57.30
N LYS F 53 -7.96 -20.91 -58.26
CA LYS F 53 -8.85 -20.60 -59.37
C LYS F 53 -10.10 -21.47 -59.22
N ASP F 54 -11.18 -21.15 -59.90
CA ASP F 54 -12.39 -21.97 -59.84
C ASP F 54 -12.22 -23.38 -60.41
N SER F 55 -13.20 -24.24 -60.12
CA SER F 55 -13.23 -25.61 -60.61
C SER F 55 -14.54 -26.31 -60.29
N THR F 56 -15.08 -27.07 -61.23
CA THR F 56 -16.19 -27.95 -60.93
C THR F 56 -15.59 -29.35 -61.00
N ARG F 57 -15.20 -29.80 -62.20
CA ARG F 57 -14.64 -31.13 -62.37
C ARG F 57 -13.45 -31.46 -61.49
N THR F 58 -12.32 -30.79 -61.62
CA THR F 58 -11.16 -31.13 -60.80
C THR F 58 -11.45 -31.21 -59.31
N ARG F 59 -12.18 -30.25 -58.71
CA ARG F 59 -12.53 -30.33 -57.32
C ARG F 59 -13.40 -31.54 -57.05
N CYS F 60 -14.51 -31.67 -57.76
CA CYS F 60 -15.41 -32.79 -57.53
C CYS F 60 -14.71 -34.11 -57.66
N SER F 61 -13.88 -34.21 -58.70
CA SER F 61 -13.09 -35.37 -58.96
C SER F 61 -12.23 -35.73 -57.76
N PHE F 62 -11.50 -34.76 -57.21
CA PHE F 62 -10.69 -35.05 -56.05
C PHE F 62 -11.51 -35.48 -54.87
N GLU F 63 -12.69 -34.89 -54.70
CA GLU F 63 -13.52 -35.20 -53.56
C GLU F 63 -14.12 -36.59 -53.63
N VAL F 64 -14.82 -36.95 -54.70
CA VAL F 64 -15.43 -38.26 -54.77
C VAL F 64 -14.36 -39.35 -54.82
N ALA F 65 -13.27 -39.18 -55.57
CA ALA F 65 -12.23 -40.18 -55.62
C ALA F 65 -11.65 -40.45 -54.24
N ALA F 66 -11.51 -39.42 -53.43
CA ALA F 66 -11.06 -39.62 -52.07
C ALA F 66 -12.12 -40.32 -51.24
N TYR F 67 -13.37 -39.90 -51.36
CA TYR F 67 -14.42 -40.50 -50.56
C TYR F 67 -14.59 -41.96 -50.87
N ASP F 68 -14.39 -42.35 -52.12
CA ASP F 68 -14.51 -43.74 -52.52
C ASP F 68 -13.42 -44.57 -51.90
N GLN F 69 -12.23 -43.99 -51.92
CA GLN F 69 -11.07 -44.64 -51.39
C GLN F 69 -10.97 -44.56 -49.87
N GLY F 70 -12.02 -44.06 -49.20
CA GLY F 70 -12.03 -43.97 -47.75
C GLY F 70 -11.20 -42.83 -47.16
N ALA F 71 -10.81 -41.85 -47.94
CA ALA F 71 -10.07 -40.71 -47.42
C ALA F 71 -10.99 -39.53 -47.14
N ARG F 72 -10.60 -38.57 -46.30
CA ARG F 72 -11.37 -37.35 -46.16
C ARG F 72 -10.62 -36.16 -46.74
N VAL F 73 -11.39 -35.11 -47.00
CA VAL F 73 -10.90 -33.95 -47.71
C VAL F 73 -11.16 -32.62 -47.00
N THR F 74 -10.27 -31.65 -47.17
CA THR F 74 -10.48 -30.32 -46.62
C THR F 74 -10.32 -29.35 -47.79
N TYR F 75 -11.39 -28.65 -48.18
CA TYR F 75 -11.30 -27.73 -49.28
C TYR F 75 -10.95 -26.31 -48.82
N LEU F 76 -9.74 -25.84 -49.14
CA LEU F 76 -9.33 -24.48 -48.83
C LEU F 76 -9.50 -23.71 -50.13
N GLY F 77 -10.72 -23.20 -50.30
CA GLY F 77 -11.05 -22.45 -51.51
C GLY F 77 -10.33 -21.10 -51.66
N PRO F 78 -10.53 -20.39 -52.79
CA PRO F 78 -9.98 -19.06 -53.00
C PRO F 78 -10.53 -18.10 -51.97
N SER F 79 -9.61 -17.68 -51.12
CA SER F 79 -9.88 -16.82 -49.97
C SER F 79 -10.97 -17.33 -49.05
N GLY F 80 -10.42 -17.80 -47.93
CA GLY F 80 -11.11 -18.38 -46.79
C GLY F 80 -10.08 -18.66 -45.70
N SER F 81 -8.93 -19.12 -46.17
CA SER F 81 -7.78 -19.42 -45.32
C SER F 81 -6.76 -18.28 -45.40
N GLN F 82 -5.61 -18.48 -44.76
CA GLN F 82 -4.53 -17.51 -44.80
C GLN F 82 -3.71 -17.63 -46.10
N ILE F 83 -3.80 -18.77 -46.80
CA ILE F 83 -3.07 -19.05 -48.04
C ILE F 83 -3.34 -18.08 -49.22
N GLY F 84 -4.50 -17.42 -49.22
CA GLY F 84 -4.90 -16.42 -50.23
C GLY F 84 -3.75 -15.47 -50.58
N HIS F 85 -3.08 -15.10 -49.47
CA HIS F 85 -1.84 -14.36 -49.24
C HIS F 85 -1.91 -13.23 -48.24
N LYS F 86 -1.16 -13.64 -47.23
CA LYS F 86 -0.90 -13.03 -45.96
C LYS F 86 0.18 -13.92 -45.33
N GLU F 87 0.51 -15.04 -45.99
CA GLU F 87 1.46 -16.05 -45.52
C GLU F 87 2.20 -16.68 -46.70
N SER F 88 3.50 -16.98 -46.53
CA SER F 88 4.30 -17.64 -47.57
C SER F 88 3.74 -19.00 -47.94
N ILE F 89 3.83 -19.33 -49.23
CA ILE F 89 3.45 -20.67 -49.64
C ILE F 89 4.41 -21.65 -49.01
N LYS F 90 5.63 -21.17 -48.82
CA LYS F 90 6.66 -21.92 -48.12
C LYS F 90 6.20 -22.23 -46.71
N ASP F 91 5.62 -21.25 -45.99
CA ASP F 91 5.11 -21.53 -44.68
C ASP F 91 3.88 -22.43 -44.74
N THR F 92 2.99 -22.14 -45.67
CA THR F 92 1.75 -22.88 -45.82
C THR F 92 2.02 -24.36 -46.01
N ALA F 93 3.00 -24.63 -46.84
CA ALA F 93 3.38 -25.98 -47.16
C ALA F 93 3.81 -26.66 -45.89
N ARG F 94 4.80 -26.08 -45.23
CA ARG F 94 5.32 -26.64 -44.00
C ARG F 94 4.26 -26.83 -42.92
N VAL F 95 3.20 -26.04 -42.97
CA VAL F 95 2.13 -26.23 -42.01
C VAL F 95 1.29 -27.42 -42.40
N LEU F 96 0.75 -27.37 -43.62
CA LEU F 96 -0.12 -28.42 -44.08
C LEU F 96 0.52 -29.78 -44.08
N GLY F 97 1.81 -29.89 -44.37
CA GLY F 97 2.51 -31.18 -44.40
C GLY F 97 2.53 -31.89 -43.05
N ARG F 98 2.46 -31.09 -41.98
CA ARG F 98 2.42 -31.63 -40.65
C ARG F 98 1.06 -32.23 -40.35
N MET F 99 0.00 -31.83 -41.06
CA MET F 99 -1.32 -32.35 -40.78
C MET F 99 -1.87 -33.34 -41.79
N TYR F 100 -1.64 -33.11 -43.08
CA TYR F 100 -2.18 -33.95 -44.12
C TYR F 100 -1.23 -34.99 -44.70
N ASP F 101 -1.82 -35.92 -45.45
CA ASP F 101 -1.07 -36.98 -46.09
C ASP F 101 -0.78 -36.67 -47.56
N GLY F 102 -1.50 -35.71 -48.13
CA GLY F 102 -1.36 -35.28 -49.51
C GLY F 102 -2.02 -33.93 -49.69
N ILE F 103 -1.56 -33.18 -50.69
CA ILE F 103 -2.08 -31.84 -50.96
C ILE F 103 -2.32 -31.65 -52.44
N GLN F 104 -3.48 -31.11 -52.79
CA GLN F 104 -3.71 -30.74 -54.16
C GLN F 104 -3.54 -29.23 -54.27
N TYR F 105 -3.08 -28.77 -55.43
CA TYR F 105 -2.97 -27.35 -55.68
C TYR F 105 -3.49 -26.94 -57.04
N ARG F 106 -4.44 -26.04 -57.09
CA ARG F 106 -4.90 -25.44 -58.34
C ARG F 106 -4.44 -24.00 -58.26
N GLY F 107 -3.81 -23.40 -59.25
CA GLY F 107 -3.39 -22.03 -59.10
C GLY F 107 -2.74 -21.43 -60.31
N TYR F 108 -1.90 -20.47 -59.95
CA TYR F 108 -1.21 -19.63 -60.90
C TYR F 108 0.29 -19.86 -61.03
N GLY F 109 0.76 -20.64 -61.97
CA GLY F 109 2.20 -20.69 -62.11
C GLY F 109 2.87 -21.77 -61.29
N GLN F 110 3.64 -22.50 -62.10
CA GLN F 110 4.35 -23.66 -61.66
C GLN F 110 5.31 -23.45 -60.51
N GLU F 111 5.87 -22.24 -60.39
CA GLU F 111 6.78 -21.96 -59.28
C GLU F 111 6.10 -22.30 -57.97
N ILE F 112 4.86 -21.83 -57.85
CA ILE F 112 4.07 -22.04 -56.66
C ILE F 112 3.97 -23.51 -56.29
N VAL F 113 3.45 -24.35 -57.18
CA VAL F 113 3.27 -25.74 -56.83
C VAL F 113 4.60 -26.47 -56.61
N GLU F 114 5.67 -26.02 -57.24
CA GLU F 114 6.97 -26.61 -57.04
C GLU F 114 7.53 -26.27 -55.67
N THR F 115 7.36 -25.02 -55.28
CA THR F 115 7.78 -24.59 -53.98
C THR F 115 6.95 -25.33 -52.93
N LEU F 116 5.66 -25.49 -53.22
CA LEU F 116 4.77 -26.19 -52.34
C LEU F 116 5.24 -27.63 -52.18
N ALA F 117 5.75 -28.24 -53.24
CA ALA F 117 6.23 -29.60 -53.18
C ALA F 117 7.58 -29.79 -52.50
N GLU F 118 8.50 -28.83 -52.58
CA GLU F 118 9.78 -28.97 -51.93
C GLU F 118 9.66 -29.03 -50.41
N TYR F 119 8.84 -28.12 -49.93
CA TYR F 119 8.66 -27.92 -48.52
C TYR F 119 7.60 -28.73 -47.80
N ALA F 120 6.57 -29.21 -48.48
CA ALA F 120 5.52 -29.94 -47.80
C ALA F 120 5.87 -31.30 -47.19
N ARG F 121 6.80 -32.04 -47.81
CA ARG F 121 7.16 -33.38 -47.40
C ARG F 121 6.05 -34.44 -47.49
N VAL F 122 5.02 -34.14 -48.27
CA VAL F 122 3.96 -35.08 -48.63
C VAL F 122 3.70 -34.94 -50.13
N PRO F 123 3.08 -35.89 -50.83
CA PRO F 123 2.79 -35.79 -52.26
C PRO F 123 1.98 -34.56 -52.60
N VAL F 124 2.43 -33.82 -53.60
CA VAL F 124 1.70 -32.66 -54.06
C VAL F 124 1.28 -32.93 -55.51
N TRP F 125 0.00 -32.75 -55.76
CA TRP F 125 -0.55 -32.97 -57.08
C TRP F 125 -0.97 -31.66 -57.69
N ASN F 126 -0.70 -31.48 -58.98
CA ASN F 126 -1.05 -30.26 -59.69
C ASN F 126 -2.46 -30.32 -60.27
N GLY F 127 -3.36 -29.58 -59.63
CA GLY F 127 -4.74 -29.49 -60.05
C GLY F 127 -4.97 -28.66 -61.31
N LEU F 128 -3.97 -27.91 -61.72
CA LEU F 128 -3.91 -27.03 -62.87
C LEU F 128 -3.17 -25.86 -62.30
N THR F 129 -2.21 -25.56 -63.13
CA THR F 129 -1.36 -24.42 -62.94
C THR F 129 -1.43 -23.63 -64.25
N ASN F 130 -0.78 -22.47 -64.32
CA ASN F 130 -0.82 -21.67 -65.53
C ASN F 130 -0.16 -22.32 -66.74
N GLU F 131 0.88 -23.10 -66.49
CA GLU F 131 1.65 -23.72 -67.55
C GLU F 131 1.24 -25.14 -67.87
N PHE F 132 1.02 -25.96 -66.85
CA PHE F 132 0.65 -27.35 -67.09
C PHE F 132 -0.67 -27.73 -66.48
N HIS F 133 -1.12 -28.94 -66.78
CA HIS F 133 -2.39 -29.41 -66.30
C HIS F 133 -2.34 -30.93 -66.44
N PRO F 134 -1.40 -31.63 -65.82
CA PRO F 134 -1.10 -33.02 -66.12
C PRO F 134 -2.25 -34.00 -65.93
N THR F 135 -2.99 -33.73 -64.87
CA THR F 135 -4.13 -34.52 -64.48
C THR F 135 -5.14 -34.64 -65.62
N GLN F 136 -5.38 -33.57 -66.38
CA GLN F 136 -6.30 -33.58 -67.50
C GLN F 136 -5.90 -34.60 -68.55
N LEU F 137 -4.66 -34.47 -68.98
CA LEU F 137 -4.17 -35.34 -70.02
C LEU F 137 -4.24 -36.81 -69.69
N LEU F 138 -4.08 -37.18 -68.41
CA LEU F 138 -4.24 -38.56 -68.03
C LEU F 138 -5.62 -39.05 -68.43
N ALA F 139 -6.59 -38.26 -68.00
CA ALA F 139 -7.97 -38.55 -68.33
C ALA F 139 -8.14 -38.57 -69.84
N ASP F 140 -7.67 -37.55 -70.57
CA ASP F 140 -7.85 -37.54 -72.00
C ASP F 140 -7.20 -38.74 -72.70
N LEU F 141 -6.02 -39.13 -72.23
CA LEU F 141 -5.32 -40.25 -72.82
C LEU F 141 -6.15 -41.50 -72.69
N LEU F 142 -6.67 -41.75 -71.50
CA LEU F 142 -7.51 -42.90 -71.29
C LEU F 142 -8.76 -42.79 -72.12
N THR F 143 -9.40 -41.63 -72.18
CA THR F 143 -10.64 -41.52 -72.95
C THR F 143 -10.34 -41.80 -74.41
N MET F 144 -9.16 -41.39 -74.89
CA MET F 144 -8.78 -41.64 -76.26
C MET F 144 -8.59 -43.10 -76.53
N GLN F 145 -8.03 -43.75 -75.53
CA GLN F 145 -7.74 -45.16 -75.58
C GLN F 145 -9.03 -45.98 -75.53
N GLU F 146 -10.02 -45.52 -74.77
CA GLU F 146 -11.28 -46.23 -74.67
C GLU F 146 -12.10 -46.11 -75.94
N HIS F 147 -11.91 -45.08 -76.76
CA HIS F 147 -12.67 -44.94 -77.98
C HIS F 147 -11.98 -45.47 -79.22
N LEU F 148 -10.71 -45.86 -79.15
CA LEU F 148 -10.01 -46.51 -80.24
C LEU F 148 -9.28 -47.67 -79.62
N PRO F 149 -9.95 -48.79 -79.33
CA PRO F 149 -9.33 -49.95 -78.74
C PRO F 149 -8.42 -50.61 -79.77
N GLY F 150 -7.45 -51.35 -79.23
CA GLY F 150 -6.48 -52.04 -80.06
C GLY F 150 -5.56 -51.10 -80.83
N LYS F 151 -5.48 -49.86 -80.37
CA LYS F 151 -4.60 -48.89 -80.99
C LYS F 151 -3.63 -48.38 -79.94
N ALA F 152 -2.35 -48.51 -80.26
CA ALA F 152 -1.33 -47.90 -79.42
C ALA F 152 -1.42 -46.40 -79.65
N PHE F 153 -0.94 -45.59 -78.71
CA PHE F 153 -1.00 -44.17 -78.89
C PHE F 153 -0.27 -43.63 -80.11
N ASN F 154 0.82 -44.30 -80.51
CA ASN F 154 1.56 -43.90 -81.70
C ASN F 154 0.81 -44.12 -83.00
N GLU F 155 -0.30 -44.87 -82.94
CA GLU F 155 -1.16 -45.11 -84.10
C GLU F 155 -2.30 -44.09 -84.20
N MET F 156 -2.37 -43.12 -83.28
CA MET F 156 -3.43 -42.13 -83.23
C MET F 156 -3.01 -40.73 -83.64
N THR F 157 -3.89 -40.02 -84.34
CA THR F 157 -3.55 -38.65 -84.71
C THR F 157 -4.45 -37.71 -83.92
N LEU F 158 -3.87 -36.85 -83.08
CA LEU F 158 -4.62 -35.91 -82.30
C LEU F 158 -4.35 -34.49 -82.75
N VAL F 159 -5.39 -33.74 -83.08
CA VAL F 159 -5.26 -32.34 -83.45
C VAL F 159 -5.77 -31.46 -82.33
N TYR F 160 -5.04 -30.40 -82.04
CA TYR F 160 -5.47 -29.42 -81.07
C TYR F 160 -5.55 -28.07 -81.77
N ALA F 161 -6.74 -27.60 -82.06
CA ALA F 161 -6.90 -26.25 -82.60
C ALA F 161 -6.91 -25.21 -81.49
N GLY F 162 -7.01 -23.91 -81.77
CA GLY F 162 -7.11 -22.92 -80.69
C GLY F 162 -5.78 -22.35 -80.21
N ASP F 163 -5.84 -21.77 -79.02
CA ASP F 163 -4.70 -21.19 -78.34
C ASP F 163 -3.72 -22.25 -77.86
N ALA F 164 -2.70 -22.46 -78.66
CA ALA F 164 -1.71 -23.46 -78.34
C ALA F 164 -0.68 -23.10 -77.28
N ARG F 165 -0.70 -21.91 -76.68
CA ARG F 165 0.28 -21.61 -75.65
C ARG F 165 -0.27 -21.52 -74.25
N ASN F 166 -1.51 -21.96 -74.06
CA ASN F 166 -2.06 -22.05 -72.71
C ASN F 166 -1.58 -23.32 -72.04
N ASN F 167 -2.02 -23.52 -70.80
CA ASN F 167 -1.62 -24.70 -70.06
C ASN F 167 -1.99 -26.00 -70.75
N MET F 168 -3.07 -25.99 -71.52
CA MET F 168 -3.47 -27.18 -72.25
C MET F 168 -2.59 -27.50 -73.44
N GLY F 169 -2.10 -26.48 -74.13
CA GLY F 169 -1.23 -26.66 -75.26
C GLY F 169 0.06 -27.28 -74.78
N ASN F 170 0.61 -26.67 -73.74
CA ASN F 170 1.83 -27.13 -73.13
C ASN F 170 1.73 -28.57 -72.71
N SER F 171 0.60 -28.92 -72.12
CA SER F 171 0.38 -30.29 -71.69
C SER F 171 0.30 -31.29 -72.82
N MET F 172 -0.24 -30.89 -73.99
CA MET F 172 -0.30 -31.75 -75.16
C MET F 172 1.08 -32.24 -75.56
N LEU F 173 1.99 -31.27 -75.58
CA LEU F 173 3.37 -31.51 -75.91
C LEU F 173 3.97 -32.60 -75.04
N GLU F 174 3.74 -32.49 -73.73
CA GLU F 174 4.25 -33.48 -72.82
C GLU F 174 3.68 -34.85 -73.10
N ALA F 175 2.37 -34.87 -73.37
CA ALA F 175 1.66 -36.11 -73.63
C ALA F 175 2.27 -36.85 -74.80
N ALA F 176 2.42 -36.13 -75.91
CA ALA F 176 3.01 -36.69 -77.10
C ALA F 176 4.45 -37.16 -76.90
N ALA F 177 5.22 -36.35 -76.18
CA ALA F 177 6.60 -36.71 -75.87
C ALA F 177 6.70 -38.05 -75.14
N LEU F 178 5.63 -38.41 -74.46
CA LEU F 178 5.57 -39.65 -73.73
C LEU F 178 4.79 -40.73 -74.45
N THR F 179 4.02 -40.45 -75.50
CA THR F 179 3.19 -41.48 -76.09
C THR F 179 3.40 -41.77 -77.56
N GLY F 180 4.11 -40.86 -78.23
CA GLY F 180 4.35 -41.00 -79.64
C GLY F 180 3.10 -40.67 -80.42
N LEU F 181 2.14 -39.91 -79.87
CA LEU F 181 0.98 -39.46 -80.61
C LEU F 181 1.44 -38.58 -81.78
N ASP F 182 0.68 -38.58 -82.86
CA ASP F 182 0.97 -37.66 -83.92
C ASP F 182 0.26 -36.35 -83.55
N LEU F 183 0.91 -35.54 -82.73
CA LEU F 183 0.36 -34.26 -82.32
C LEU F 183 0.33 -33.25 -83.42
N ARG F 184 -0.78 -32.53 -83.50
CA ARG F 184 -0.88 -31.45 -84.46
C ARG F 184 -1.50 -30.28 -83.73
N LEU F 185 -0.71 -29.21 -83.65
CA LEU F 185 -1.18 -28.01 -83.01
C LEU F 185 -1.58 -27.05 -84.09
N VAL F 186 -2.87 -26.97 -84.43
CA VAL F 186 -3.29 -26.03 -85.44
C VAL F 186 -3.62 -24.73 -84.75
N ALA F 187 -2.77 -23.73 -84.93
CA ALA F 187 -2.92 -22.46 -84.25
C ALA F 187 -2.25 -21.35 -85.05
N PRO F 188 -2.59 -20.07 -84.89
CA PRO F 188 -1.80 -18.97 -85.41
C PRO F 188 -0.46 -18.98 -84.70
N GLN F 189 0.54 -18.48 -85.40
CA GLN F 189 1.91 -18.45 -84.90
C GLN F 189 2.01 -17.67 -83.60
N ALA F 190 1.23 -16.61 -83.50
CA ALA F 190 1.21 -15.80 -82.29
C ALA F 190 0.82 -16.57 -81.03
N CYS F 191 0.08 -17.65 -81.22
CA CYS F 191 -0.30 -18.52 -80.13
C CYS F 191 0.50 -19.80 -80.08
N TRP F 192 1.61 -19.96 -80.80
CA TRP F 192 2.36 -21.20 -80.71
C TRP F 192 3.08 -21.36 -79.38
N PRO F 193 3.23 -22.59 -78.87
CA PRO F 193 3.93 -22.83 -77.63
C PRO F 193 5.39 -22.49 -77.78
N GLU F 194 5.99 -22.17 -76.63
CA GLU F 194 7.41 -21.84 -76.53
C GLU F 194 8.27 -22.91 -77.19
N ALA F 195 9.12 -22.43 -78.09
CA ALA F 195 9.93 -23.33 -78.89
C ALA F 195 10.87 -24.25 -78.14
N ALA F 196 11.40 -23.83 -76.99
CA ALA F 196 12.28 -24.71 -76.26
C ALA F 196 11.59 -26.00 -75.85
N LEU F 197 10.31 -25.88 -75.48
CA LEU F 197 9.54 -27.03 -75.06
C LEU F 197 9.11 -27.89 -76.22
N VAL F 198 8.81 -27.24 -77.35
CA VAL F 198 8.42 -27.95 -78.55
C VAL F 198 9.53 -28.88 -78.98
N THR F 199 10.73 -28.34 -79.07
CA THR F 199 11.94 -29.06 -79.46
C THR F 199 12.22 -30.29 -78.60
N GLU F 200 12.18 -30.11 -77.28
CA GLU F 200 12.42 -31.18 -76.34
C GLU F 200 11.38 -32.28 -76.47
N CYS F 201 10.12 -31.84 -76.51
CA CYS F 201 9.04 -32.78 -76.65
C CYS F 201 8.98 -33.45 -78.00
N ARG F 202 9.41 -32.75 -79.05
CA ARG F 202 9.37 -33.31 -80.39
C ARG F 202 10.36 -34.45 -80.49
N ALA F 203 11.56 -34.18 -79.98
CA ALA F 203 12.63 -35.15 -79.95
C ALA F 203 12.21 -36.44 -79.28
N LEU F 204 11.52 -36.28 -78.15
CA LEU F 204 11.02 -37.40 -77.39
C LEU F 204 9.85 -38.09 -78.05
N ALA F 205 8.98 -37.33 -78.69
CA ALA F 205 7.85 -37.91 -79.38
C ALA F 205 8.31 -38.82 -80.51
N GLN F 206 9.21 -38.31 -81.35
CA GLN F 206 9.78 -39.03 -82.46
C GLN F 206 10.47 -40.32 -82.02
N GLN F 207 11.14 -40.32 -80.87
CA GLN F 207 11.75 -41.51 -80.32
C GLN F 207 10.71 -42.60 -80.10
N ASN F 208 9.53 -42.18 -79.68
CA ASN F 208 8.45 -43.09 -79.43
C ASN F 208 7.54 -43.30 -80.61
N GLY F 209 7.90 -42.74 -81.76
CA GLY F 209 7.17 -42.95 -83.00
C GLY F 209 6.17 -41.88 -83.38
N GLY F 210 6.16 -40.74 -82.69
CA GLY F 210 5.22 -39.67 -83.01
C GLY F 210 5.89 -38.53 -83.72
N ASN F 211 5.27 -37.35 -83.71
CA ASN F 211 5.82 -36.14 -84.33
C ASN F 211 4.90 -34.98 -83.97
N ILE F 212 5.47 -33.86 -83.56
CA ILE F 212 4.68 -32.70 -83.23
C ILE F 212 4.72 -31.73 -84.39
N THR F 213 3.60 -31.61 -85.07
CA THR F 213 3.50 -30.67 -86.17
C THR F 213 2.83 -29.39 -85.70
N LEU F 214 3.39 -28.20 -85.96
CA LEU F 214 2.70 -26.94 -85.67
C LEU F 214 2.35 -26.32 -87.00
N THR F 215 1.14 -25.78 -87.20
CA THR F 215 0.78 -25.15 -88.46
C THR F 215 -0.42 -24.22 -88.36
N GLU F 216 -0.32 -23.08 -89.04
CA GLU F 216 -1.44 -22.16 -89.10
C GLU F 216 -2.51 -22.63 -90.08
N ASP F 217 -2.20 -23.58 -90.97
CA ASP F 217 -3.20 -24.05 -91.90
C ASP F 217 -4.10 -25.09 -91.26
N VAL F 218 -5.38 -24.77 -91.31
CA VAL F 218 -6.36 -25.63 -90.71
C VAL F 218 -6.48 -26.93 -91.49
N ALA F 219 -6.60 -26.72 -92.79
CA ALA F 219 -6.81 -27.82 -93.72
C ALA F 219 -5.75 -28.90 -93.71
N LYS F 220 -4.46 -28.55 -93.71
CA LYS F 220 -3.48 -29.64 -93.68
C LYS F 220 -3.26 -30.20 -92.28
N GLY F 221 -3.67 -29.45 -91.25
CA GLY F 221 -3.52 -29.89 -89.89
C GLY F 221 -4.54 -30.95 -89.49
N VAL F 222 -5.81 -30.65 -89.67
CA VAL F 222 -6.88 -31.57 -89.27
C VAL F 222 -6.98 -32.87 -90.05
N GLU F 223 -6.39 -32.92 -91.24
CA GLU F 223 -6.44 -34.08 -92.12
C GLU F 223 -6.01 -35.41 -91.49
N GLY F 224 -6.92 -36.37 -91.49
CA GLY F 224 -6.67 -37.70 -90.98
C GLY F 224 -6.70 -37.86 -89.46
N ALA F 225 -7.10 -36.81 -88.74
CA ALA F 225 -7.16 -36.86 -87.30
C ALA F 225 -8.11 -37.91 -86.76
N ASP F 226 -7.75 -38.56 -85.67
CA ASP F 226 -8.71 -39.42 -85.00
C ASP F 226 -9.47 -38.58 -83.99
N PHE F 227 -8.85 -37.52 -83.47
CA PHE F 227 -9.46 -36.63 -82.50
C PHE F 227 -9.22 -35.16 -82.77
N ILE F 228 -10.26 -34.35 -82.69
CA ILE F 228 -10.09 -32.90 -82.68
C ILE F 228 -10.27 -32.50 -81.23
N TYR F 229 -9.44 -31.60 -80.71
CA TYR F 229 -9.51 -31.14 -79.33
C TYR F 229 -9.38 -29.63 -79.33
N THR F 230 -10.09 -28.90 -78.46
CA THR F 230 -9.92 -27.45 -78.36
C THR F 230 -10.23 -26.96 -76.95
N ASP F 231 -10.04 -25.67 -76.67
CA ASP F 231 -10.26 -25.08 -75.35
C ASP F 231 -10.62 -23.61 -75.50
N VAL F 232 -11.13 -23.01 -74.42
CA VAL F 232 -11.50 -21.60 -74.41
C VAL F 232 -10.36 -20.72 -74.89
N TRP F 233 -10.65 -19.61 -75.55
CA TRP F 233 -9.55 -18.81 -76.06
C TRP F 233 -8.85 -17.98 -75.01
N VAL F 234 -9.53 -17.58 -73.93
CA VAL F 234 -8.85 -16.94 -72.82
C VAL F 234 -9.02 -17.85 -71.62
N SER F 235 -7.89 -18.17 -70.99
CA SER F 235 -7.92 -19.07 -69.85
C SER F 235 -8.18 -18.37 -68.54
N MET F 236 -8.44 -19.16 -67.50
CA MET F 236 -8.58 -18.64 -66.16
C MET F 236 -7.33 -17.90 -65.72
N GLY F 237 -7.53 -16.69 -65.21
CA GLY F 237 -6.40 -15.92 -64.72
C GLY F 237 -5.88 -14.90 -65.72
N GLU F 238 -6.16 -15.06 -67.00
CA GLU F 238 -5.73 -14.06 -67.95
C GLU F 238 -6.69 -12.88 -67.88
N ALA F 239 -6.14 -11.70 -68.22
CA ALA F 239 -6.90 -10.46 -68.18
C ALA F 239 -8.06 -10.45 -69.14
N LYS F 240 -9.15 -9.80 -68.72
CA LYS F 240 -10.37 -9.71 -69.51
C LYS F 240 -10.15 -9.06 -70.87
N GLU F 241 -9.13 -8.21 -70.92
CA GLU F 241 -8.74 -7.48 -72.12
C GLU F 241 -8.31 -8.35 -73.30
N LYS F 242 -7.68 -9.49 -72.95
CA LYS F 242 -7.24 -10.45 -73.93
C LYS F 242 -8.34 -10.95 -74.85
N TRP F 243 -9.59 -11.00 -74.40
CA TRP F 243 -10.66 -11.50 -75.22
C TRP F 243 -10.76 -10.89 -76.61
N ALA F 244 -10.70 -9.56 -76.69
CA ALA F 244 -10.78 -8.91 -77.98
C ALA F 244 -9.67 -9.28 -78.95
N GLU F 245 -8.43 -9.45 -78.50
CA GLU F 245 -7.40 -9.85 -79.42
C GLU F 245 -7.38 -11.34 -79.66
N ARG F 246 -7.74 -12.16 -78.67
CA ARG F 246 -7.75 -13.59 -78.86
C ARG F 246 -8.84 -14.02 -79.81
N ILE F 247 -9.99 -13.37 -79.79
CA ILE F 247 -11.05 -13.71 -80.74
C ILE F 247 -10.61 -13.35 -82.14
N ALA F 248 -9.93 -12.22 -82.23
CA ALA F 248 -9.41 -11.73 -83.48
C ALA F 248 -8.47 -12.72 -84.15
N LEU F 249 -7.61 -13.31 -83.34
CA LEU F 249 -6.65 -14.28 -83.82
C LEU F 249 -7.24 -15.66 -84.08
N LEU F 250 -7.90 -16.17 -83.05
CA LEU F 250 -8.37 -17.53 -83.08
C LEU F 250 -9.68 -17.85 -83.73
N ARG F 251 -10.57 -16.94 -84.15
CA ARG F 251 -11.86 -17.42 -84.65
C ARG F 251 -11.83 -18.28 -85.89
N GLU F 252 -10.82 -18.19 -86.74
CA GLU F 252 -10.78 -19.11 -87.86
C GLU F 252 -10.38 -20.51 -87.40
N TYR F 253 -10.01 -20.65 -86.13
CA TYR F 253 -9.64 -21.94 -85.60
C TYR F 253 -10.74 -22.56 -84.79
N GLN F 254 -11.96 -22.01 -84.91
CA GLN F 254 -13.15 -22.57 -84.27
C GLN F 254 -13.35 -23.99 -84.76
N VAL F 255 -13.70 -24.91 -83.87
CA VAL F 255 -13.98 -26.26 -84.27
C VAL F 255 -15.46 -26.26 -84.59
N ASN F 256 -15.72 -26.20 -85.89
CA ASN F 256 -17.06 -26.20 -86.43
C ASN F 256 -17.26 -27.45 -87.27
N SER F 257 -18.37 -27.55 -88.01
CA SER F 257 -18.68 -28.74 -88.79
C SER F 257 -17.78 -28.95 -89.99
N LYS F 258 -17.54 -27.86 -90.71
CA LYS F 258 -16.64 -27.80 -91.85
C LYS F 258 -15.25 -28.24 -91.42
N MET F 259 -14.91 -27.85 -90.21
CA MET F 259 -13.66 -28.15 -89.58
C MET F 259 -13.53 -29.65 -89.40
N MET F 260 -14.56 -30.25 -88.82
CA MET F 260 -14.66 -31.70 -88.64
C MET F 260 -14.74 -32.47 -89.95
N GLN F 261 -15.12 -31.76 -91.01
CA GLN F 261 -15.28 -32.39 -92.29
C GLN F 261 -13.96 -32.43 -93.04
N LEU F 262 -13.14 -31.39 -92.91
CA LEU F 262 -11.83 -31.36 -93.52
C LEU F 262 -10.91 -32.46 -93.01
N THR F 263 -11.28 -33.09 -91.90
CA THR F 263 -10.54 -34.20 -91.32
C THR F 263 -10.47 -35.32 -92.34
N GLY F 264 -11.64 -35.67 -92.88
CA GLY F 264 -11.73 -36.77 -93.80
C GLY F 264 -12.09 -38.06 -93.06
N ASN F 265 -11.85 -38.17 -91.75
CA ASN F 265 -12.27 -39.36 -91.00
C ASN F 265 -13.68 -39.14 -90.50
N PRO F 266 -14.68 -39.94 -90.85
CA PRO F 266 -16.05 -39.79 -90.34
C PRO F 266 -16.23 -40.34 -88.94
N GLU F 267 -15.20 -41.00 -88.44
CA GLU F 267 -15.20 -41.54 -87.09
C GLU F 267 -14.51 -40.61 -86.10
N VAL F 268 -14.10 -39.42 -86.56
CA VAL F 268 -13.39 -38.48 -85.71
C VAL F 268 -14.25 -38.03 -84.56
N LYS F 269 -13.63 -38.06 -83.40
CA LYS F 269 -14.30 -37.63 -82.21
C LYS F 269 -13.70 -36.36 -81.66
N PHE F 270 -14.63 -35.53 -81.19
CA PHE F 270 -14.31 -34.26 -80.57
C PHE F 270 -14.06 -34.36 -79.07
N LEU F 271 -13.10 -33.58 -78.60
CA LEU F 271 -12.72 -33.55 -77.20
C LEU F 271 -12.59 -32.11 -76.75
N HIS F 272 -12.87 -31.83 -75.49
CA HIS F 272 -12.76 -30.51 -74.91
C HIS F 272 -12.74 -30.69 -73.41
N CYS F 273 -11.72 -30.15 -72.75
CA CYS F 273 -11.56 -30.34 -71.32
C CYS F 273 -12.67 -29.71 -70.50
N LEU F 274 -13.38 -28.73 -71.08
CA LEU F 274 -14.45 -27.96 -70.46
C LEU F 274 -13.98 -27.01 -69.35
N PRO F 275 -14.71 -25.95 -68.94
CA PRO F 275 -15.91 -25.39 -69.55
C PRO F 275 -15.75 -24.97 -70.99
N ALA F 276 -16.82 -25.09 -71.77
CA ALA F 276 -16.74 -24.67 -73.16
C ALA F 276 -17.78 -23.63 -73.49
N PHE F 277 -17.45 -22.50 -74.12
CA PHE F 277 -18.47 -21.54 -74.49
C PHE F 277 -19.05 -21.99 -75.82
N HIS F 278 -19.95 -22.96 -75.81
CA HIS F 278 -20.49 -23.43 -77.06
C HIS F 278 -21.87 -22.89 -77.37
N ASP F 279 -22.57 -22.22 -76.47
CA ASP F 279 -23.87 -21.68 -76.82
C ASP F 279 -24.11 -20.29 -76.27
N ASP F 280 -25.19 -19.68 -76.78
CA ASP F 280 -25.58 -18.33 -76.43
C ASP F 280 -26.52 -18.35 -75.23
N GLN F 281 -26.10 -19.13 -74.24
CA GLN F 281 -26.82 -19.42 -73.01
C GLN F 281 -26.17 -18.78 -71.79
N THR F 282 -24.84 -18.72 -71.74
CA THR F 282 -24.18 -18.18 -70.56
C THR F 282 -24.14 -16.66 -70.36
N THR F 283 -23.54 -16.38 -69.21
CA THR F 283 -23.31 -15.04 -68.71
C THR F 283 -22.44 -14.27 -69.71
N LEU F 284 -21.14 -14.59 -69.74
CA LEU F 284 -20.23 -13.95 -70.68
C LEU F 284 -20.23 -14.65 -72.03
N GLY F 285 -20.97 -15.73 -72.10
CA GLY F 285 -21.14 -16.46 -73.34
C GLY F 285 -21.98 -15.64 -74.29
N LYS F 286 -23.11 -15.13 -73.81
CA LYS F 286 -24.00 -14.33 -74.64
C LYS F 286 -23.43 -12.95 -74.93
N LYS F 287 -22.75 -12.37 -73.93
CA LYS F 287 -22.14 -11.06 -74.10
C LYS F 287 -21.08 -11.08 -75.19
N MET F 288 -20.23 -12.11 -75.18
CA MET F 288 -19.22 -12.28 -76.20
C MET F 288 -19.82 -12.63 -77.56
N ALA F 289 -20.91 -13.38 -77.55
CA ALA F 289 -21.54 -13.84 -78.76
C ALA F 289 -22.22 -12.78 -79.60
N GLU F 290 -22.75 -11.74 -78.95
CA GLU F 290 -23.42 -10.67 -79.66
C GLU F 290 -22.43 -9.63 -80.14
N GLU F 291 -21.54 -9.28 -79.22
CA GLU F 291 -20.53 -8.27 -79.41
C GLU F 291 -19.64 -8.53 -80.63
N PHE F 292 -18.94 -9.66 -80.61
CA PHE F 292 -18.07 -10.05 -81.71
C PHE F 292 -18.81 -10.80 -82.80
N GLY F 293 -19.96 -11.35 -82.43
CA GLY F 293 -20.75 -12.10 -83.39
C GLY F 293 -20.37 -13.57 -83.45
N LEU F 294 -20.03 -14.23 -82.33
CA LEU F 294 -19.81 -15.67 -82.36
C LEU F 294 -21.14 -16.33 -82.03
N HIS F 295 -22.04 -16.31 -83.01
CA HIS F 295 -23.35 -16.89 -82.79
C HIS F 295 -23.35 -18.39 -82.93
N GLY F 296 -23.62 -19.02 -81.80
CA GLY F 296 -23.70 -20.47 -81.75
C GLY F 296 -22.39 -21.17 -81.47
N GLY F 297 -21.51 -20.58 -80.67
CA GLY F 297 -20.26 -21.24 -80.35
C GLY F 297 -19.06 -20.37 -80.56
N MET F 298 -18.10 -20.48 -79.65
CA MET F 298 -16.88 -19.73 -79.79
C MET F 298 -15.82 -20.72 -80.19
N GLU F 299 -15.12 -21.38 -79.26
CA GLU F 299 -14.10 -22.37 -79.66
C GLU F 299 -14.75 -23.52 -80.38
N VAL F 300 -15.97 -23.86 -79.99
CA VAL F 300 -16.66 -24.93 -80.66
C VAL F 300 -18.11 -24.55 -80.84
N THR F 301 -18.58 -24.88 -82.01
CA THR F 301 -19.97 -24.74 -82.39
C THR F 301 -20.80 -25.68 -81.50
N ASP F 302 -22.00 -25.23 -81.14
CA ASP F 302 -22.91 -26.01 -80.33
C ASP F 302 -23.35 -27.26 -81.07
N GLU F 303 -23.44 -27.17 -82.40
CA GLU F 303 -23.76 -28.30 -83.23
C GLU F 303 -22.71 -29.40 -83.08
N VAL F 304 -21.43 -29.02 -83.01
CA VAL F 304 -20.39 -30.01 -82.83
C VAL F 304 -20.35 -30.49 -81.39
N PHE F 305 -20.62 -29.61 -80.44
CA PHE F 305 -20.59 -29.99 -79.05
C PHE F 305 -21.65 -31.03 -78.74
N GLU F 306 -22.79 -30.95 -79.40
CA GLU F 306 -23.86 -31.89 -79.16
C GLU F 306 -23.91 -33.00 -80.21
N SER F 307 -22.91 -32.98 -81.09
CA SER F 307 -22.71 -33.96 -82.14
C SER F 307 -22.48 -35.34 -81.54
N ALA F 308 -22.67 -36.38 -82.35
CA ALA F 308 -22.35 -37.73 -81.90
C ALA F 308 -20.84 -37.90 -81.76
N ALA F 309 -20.07 -37.03 -82.41
CA ALA F 309 -18.63 -37.04 -82.29
C ALA F 309 -18.17 -36.59 -80.91
N SER F 310 -18.94 -35.70 -80.28
CA SER F 310 -18.59 -35.21 -78.97
C SER F 310 -18.59 -36.32 -77.94
N ILE F 311 -17.44 -36.50 -77.34
CA ILE F 311 -17.33 -37.46 -76.25
C ILE F 311 -16.81 -36.77 -75.00
N VAL F 312 -17.07 -35.46 -74.93
CA VAL F 312 -16.57 -34.64 -73.84
C VAL F 312 -17.05 -35.07 -72.47
N PHE F 313 -18.25 -35.65 -72.39
CA PHE F 313 -18.75 -36.03 -71.09
C PHE F 313 -18.14 -37.34 -70.63
N ASP F 314 -17.73 -38.20 -71.56
CA ASP F 314 -16.99 -39.39 -71.19
C ASP F 314 -15.65 -38.97 -70.63
N GLN F 315 -15.05 -38.05 -71.39
CA GLN F 315 -13.79 -37.44 -71.06
C GLN F 315 -13.88 -36.88 -69.66
N ALA F 316 -14.92 -36.08 -69.44
CA ALA F 316 -15.15 -35.49 -68.15
C ALA F 316 -15.26 -36.50 -67.01
N GLU F 317 -15.94 -37.62 -67.24
CA GLU F 317 -16.08 -38.64 -66.24
C GLU F 317 -14.72 -39.23 -65.90
N ASN F 318 -13.92 -39.37 -66.95
CA ASN F 318 -12.62 -39.97 -66.77
C ASN F 318 -11.66 -39.15 -65.98
N ARG F 319 -11.97 -37.88 -65.71
CA ARG F 319 -11.16 -37.06 -64.82
C ARG F 319 -11.03 -37.67 -63.43
N MET F 320 -12.11 -38.17 -62.87
CA MET F 320 -12.07 -38.66 -61.50
C MET F 320 -11.44 -40.02 -61.29
N HIS F 321 -11.57 -40.92 -62.27
CA HIS F 321 -10.95 -42.23 -62.14
C HIS F 321 -9.44 -42.05 -62.20
N THR F 322 -9.05 -41.21 -63.14
CA THR F 322 -7.67 -40.84 -63.34
C THR F 322 -7.01 -40.24 -62.10
N ILE F 323 -7.71 -39.32 -61.45
CA ILE F 323 -7.23 -38.73 -60.22
C ILE F 323 -7.23 -39.72 -59.07
N LYS F 324 -8.21 -40.62 -59.03
CA LYS F 324 -8.24 -41.64 -57.99
C LYS F 324 -6.99 -42.49 -58.10
N ALA F 325 -6.64 -42.77 -59.35
CA ALA F 325 -5.47 -43.53 -59.65
C ALA F 325 -4.20 -42.84 -59.18
N VAL F 326 -4.09 -41.54 -59.43
CA VAL F 326 -2.92 -40.80 -59.02
C VAL F 326 -2.79 -40.87 -57.52
N MET F 327 -3.90 -40.71 -56.84
CA MET F 327 -3.87 -40.71 -55.40
C MET F 327 -3.60 -42.06 -54.78
N VAL F 328 -4.13 -43.15 -55.31
CA VAL F 328 -3.82 -44.40 -54.69
C VAL F 328 -2.39 -44.77 -55.05
N ALA F 329 -1.88 -44.30 -56.17
CA ALA F 329 -0.52 -44.61 -56.54
C ALA F 329 0.50 -43.91 -55.65
N THR F 330 0.28 -42.65 -55.31
CA THR F 330 1.24 -41.91 -54.51
C THR F 330 1.10 -42.07 -53.02
N LEU F 331 -0.02 -42.59 -52.54
CA LEU F 331 -0.28 -42.70 -51.12
C LEU F 331 -0.30 -44.11 -50.56
N SER F 332 -0.46 -45.10 -51.41
CA SER F 332 -0.52 -46.48 -50.95
C SER F 332 0.68 -47.35 -51.28
N LYS F 333 0.84 -48.28 -50.32
CA LYS F 333 1.83 -49.36 -50.19
C LYS F 333 3.30 -49.21 -50.63
N SER G 1 1.63 26.10 54.37
CA SER G 1 1.56 27.31 55.19
C SER G 1 0.48 27.20 56.29
N GLY G 2 -0.75 27.71 56.08
CA GLY G 2 -1.84 27.55 57.04
C GLY G 2 -2.56 26.25 56.76
N PHE G 3 -1.74 25.22 56.60
CA PHE G 3 -2.17 23.87 56.30
C PHE G 3 -1.91 22.87 57.39
N TYR G 4 -0.83 23.07 58.14
CA TYR G 4 -0.44 22.14 59.19
C TYR G 4 -1.56 22.00 60.21
N HIS G 5 -1.92 20.76 60.46
CA HIS G 5 -3.02 20.37 61.33
C HIS G 5 -4.41 20.84 60.92
N LYS G 6 -4.58 21.22 59.66
CA LYS G 6 -5.90 21.58 59.16
C LYS G 6 -6.63 20.33 58.72
N HIS G 7 -7.96 20.28 58.78
CA HIS G 7 -8.66 19.11 58.24
C HIS G 7 -8.90 19.34 56.77
N PHE G 8 -9.34 18.34 56.03
CA PHE G 8 -9.67 18.54 54.63
C PHE G 8 -11.04 17.91 54.51
N LEU G 9 -12.12 18.65 54.79
CA LEU G 9 -13.46 18.08 54.77
C LEU G 9 -14.26 18.47 53.55
N LYS G 10 -14.20 19.73 53.14
CA LYS G 10 -14.86 20.20 51.93
C LYS G 10 -14.00 21.31 51.34
N LEU G 11 -14.07 21.58 50.04
CA LEU G 11 -13.21 22.60 49.47
C LEU G 11 -13.42 24.03 49.92
N LEU G 12 -14.67 24.46 50.21
CA LEU G 12 -14.90 25.83 50.59
C LEU G 12 -14.33 26.25 51.94
N ASP G 13 -13.69 25.34 52.68
CA ASP G 13 -13.01 25.73 53.90
C ASP G 13 -11.61 26.22 53.56
N PHE G 14 -11.33 26.39 52.27
CA PHE G 14 -10.04 26.86 51.80
C PHE G 14 -10.15 28.07 50.88
N THR G 15 -9.10 28.89 50.94
CA THR G 15 -9.06 30.02 50.04
C THR G 15 -8.59 29.59 48.66
N PRO G 16 -8.86 30.37 47.61
CA PRO G 16 -8.34 30.12 46.27
C PRO G 16 -6.83 29.94 46.27
N ALA G 17 -6.18 30.76 47.08
CA ALA G 17 -4.74 30.67 47.23
C ALA G 17 -4.27 29.37 47.86
N GLU G 18 -5.02 28.89 48.84
CA GLU G 18 -4.69 27.66 49.51
C GLU G 18 -4.85 26.48 48.56
N LEU G 19 -5.95 26.46 47.82
CA LEU G 19 -6.21 25.42 46.87
C LEU G 19 -5.12 25.33 45.82
N ASN G 20 -4.67 26.52 45.42
CA ASN G 20 -3.68 26.63 44.37
C ASN G 20 -2.29 26.22 44.80
N SER G 21 -2.01 26.47 46.07
CA SER G 21 -0.75 26.09 46.70
C SER G 21 -0.67 24.57 46.74
N LEU G 22 -1.81 24.02 47.11
CA LEU G 22 -1.99 22.60 47.29
C LEU G 22 -1.76 21.88 45.98
N LEU G 23 -2.43 22.43 44.98
CA LEU G 23 -2.33 21.93 43.64
C LEU G 23 -0.90 21.95 43.13
N GLN G 24 -0.18 22.99 43.53
CA GLN G 24 1.19 23.17 43.16
C GLN G 24 2.09 22.13 43.84
N LEU G 25 1.87 21.88 45.13
CA LEU G 25 2.62 20.89 45.89
C LEU G 25 2.45 19.48 45.34
N ALA G 26 1.20 19.19 44.97
CA ALA G 26 0.86 17.93 44.37
C ALA G 26 1.68 17.70 43.13
N ALA G 27 1.70 18.75 42.31
CA ALA G 27 2.42 18.73 41.06
C ALA G 27 3.92 18.51 41.22
N LYS G 28 4.46 19.07 42.31
CA LYS G 28 5.87 18.90 42.65
C LYS G 28 6.12 17.45 43.02
N LEU G 29 5.33 16.98 43.97
CA LEU G 29 5.41 15.63 44.47
C LEU G 29 5.29 14.56 43.39
N LYS G 30 4.46 14.83 42.38
CA LYS G 30 4.27 13.94 41.25
C LYS G 30 5.58 13.83 40.49
N ALA G 31 6.07 15.03 40.19
CA ALA G 31 7.30 15.22 39.46
C ALA G 31 8.50 14.63 40.18
N ASP G 32 8.55 14.79 41.50
CA ASP G 32 9.61 14.23 42.31
C ASP G 32 9.62 12.73 42.27
N LYS G 33 8.45 12.10 42.30
CA LYS G 33 8.41 10.66 42.29
C LYS G 33 8.86 10.09 40.93
N LYS G 34 8.50 10.71 39.81
CA LYS G 34 8.93 10.22 38.51
C LYS G 34 10.42 10.39 38.30
N SER G 35 10.99 11.48 38.79
CA SER G 35 12.42 11.74 38.73
C SER G 35 13.19 10.89 39.74
N GLY G 36 12.51 10.26 40.71
CA GLY G 36 13.16 9.46 41.74
C GLY G 36 13.79 10.29 42.85
N LYS G 37 13.58 11.60 42.83
CA LYS G 37 14.11 12.51 43.83
C LYS G 37 13.11 12.75 44.96
N GLU G 38 12.18 11.83 45.21
CA GLU G 38 11.18 12.05 46.23
C GLU G 38 11.79 11.98 47.62
N GLU G 39 11.69 13.10 48.32
CA GLU G 39 12.17 13.17 49.69
C GLU G 39 10.99 12.86 50.59
N ALA G 40 11.08 11.76 51.35
CA ALA G 40 10.03 11.35 52.28
C ALA G 40 9.84 12.36 53.41
N LYS G 41 8.62 12.75 53.72
CA LYS G 41 8.43 13.75 54.75
C LYS G 41 7.68 13.21 55.95
N LEU G 42 6.75 12.30 55.68
CA LEU G 42 5.95 11.72 56.73
C LEU G 42 6.52 10.48 57.42
N THR G 43 7.84 10.30 57.47
CA THR G 43 8.46 9.16 58.15
C THR G 43 8.02 8.98 59.61
N GLY G 44 7.66 7.76 59.99
CA GLY G 44 7.24 7.43 61.34
C GLY G 44 5.88 7.97 61.76
N LYS G 45 5.04 8.42 60.84
CA LYS G 45 3.70 8.84 61.15
C LYS G 45 2.75 7.67 60.91
N ASN G 46 1.78 7.45 61.78
CA ASN G 46 0.85 6.35 61.56
C ASN G 46 -0.50 6.91 61.21
N ILE G 47 -1.18 6.38 60.21
CA ILE G 47 -2.46 6.95 59.77
C ILE G 47 -3.57 5.91 59.78
N ALA G 48 -4.71 6.15 60.43
CA ALA G 48 -5.83 5.22 60.34
C ALA G 48 -6.68 5.56 59.12
N LEU G 49 -7.25 4.55 58.48
CA LEU G 49 -8.09 4.76 57.31
C LEU G 49 -9.44 4.10 57.54
N ILE G 50 -10.45 4.85 57.99
CA ILE G 50 -11.78 4.33 58.18
C ILE G 50 -12.51 4.24 56.84
N PHE G 51 -12.93 3.07 56.36
CA PHE G 51 -13.74 3.01 55.15
C PHE G 51 -15.12 2.44 55.40
N GLU G 52 -16.22 3.17 55.23
CA GLU G 52 -17.53 2.55 55.39
C GLU G 52 -18.20 2.19 54.08
N LYS G 53 -17.78 2.79 52.97
CA LYS G 53 -18.23 2.38 51.63
C LYS G 53 -17.02 1.80 50.92
N ASP G 54 -17.23 1.07 49.83
CA ASP G 54 -16.11 0.52 49.06
C ASP G 54 -15.21 1.57 48.42
N SER G 55 -14.05 1.13 47.94
CA SER G 55 -13.08 1.97 47.27
C SER G 55 -11.92 1.18 46.68
N THR G 56 -11.49 1.52 45.46
CA THR G 56 -10.26 0.98 44.94
C THR G 56 -9.30 2.16 44.93
N ARG G 57 -9.54 3.16 44.09
CA ARG G 57 -8.68 4.33 44.00
C ARG G 57 -8.41 5.05 45.29
N THR G 58 -9.40 5.64 45.95
CA THR G 58 -9.14 6.37 47.17
C THR G 58 -8.35 5.58 48.21
N ARG G 59 -8.68 4.32 48.48
CA ARG G 59 -7.91 3.52 49.41
C ARG G 59 -6.50 3.34 48.92
N CYS G 60 -6.32 2.83 47.70
CA CYS G 60 -5.00 2.60 47.20
C CYS G 60 -4.16 3.84 47.21
N SER G 61 -4.78 4.94 46.80
CA SER G 61 -4.15 6.23 46.80
C SER G 61 -3.62 6.60 48.17
N PHE G 62 -4.45 6.46 49.20
CA PHE G 62 -3.98 6.77 50.53
C PHE G 62 -2.85 5.87 50.97
N GLU G 63 -2.90 4.60 50.57
CA GLU G 63 -1.89 3.66 50.98
C GLU G 63 -0.55 3.91 50.33
N VAL G 64 -0.47 3.96 49.01
CA VAL G 64 0.81 4.18 48.36
C VAL G 64 1.38 5.56 48.70
N ALA G 65 0.56 6.61 48.72
CA ALA G 65 1.05 7.94 49.06
C ALA G 65 1.67 7.97 50.44
N ALA G 66 1.09 7.23 51.38
CA ALA G 66 1.67 7.13 52.69
C ALA G 66 2.97 6.34 52.65
N TYR G 67 2.96 5.21 51.95
CA TYR G 67 4.15 4.37 51.91
C TYR G 67 5.32 5.09 51.28
N ASP G 68 5.05 5.94 50.29
CA ASP G 68 6.10 6.68 49.64
C ASP G 68 6.71 7.69 50.58
N GLN G 69 5.83 8.33 51.32
CA GLN G 69 6.23 9.33 52.27
C GLN G 69 6.77 8.75 53.57
N GLY G 70 6.96 7.44 53.65
CA GLY G 70 7.50 6.81 54.83
C GLY G 70 6.52 6.64 55.99
N ALA G 71 5.22 6.77 55.76
CA ALA G 71 4.24 6.57 56.81
C ALA G 71 3.65 5.17 56.76
N ARG G 72 3.06 4.67 57.84
CA ARG G 72 2.35 3.41 57.78
C ARG G 72 0.84 3.63 57.94
N VAL G 73 0.10 2.62 57.51
CA VAL G 73 -1.35 2.70 57.43
C VAL G 73 -2.09 1.57 58.12
N THR G 74 -3.28 1.85 58.65
CA THR G 74 -4.11 0.82 59.24
C THR G 74 -5.47 0.92 58.58
N TYR G 75 -5.88 -0.10 57.81
CA TYR G 75 -7.16 -0.03 57.13
C TYR G 75 -8.28 -0.64 57.98
N LEU G 76 -9.20 0.19 58.47
CA LEU G 76 -10.36 -0.29 59.21
C LEU G 76 -11.50 -0.29 58.21
N GLY G 77 -11.62 -1.40 57.50
CA GLY G 77 -12.65 -1.55 56.49
C GLY G 77 -14.08 -1.59 57.01
N PRO G 78 -15.09 -1.65 56.13
CA PRO G 78 -16.49 -1.79 56.50
C PRO G 78 -16.70 -3.11 57.23
N SER G 79 -16.99 -2.95 58.51
CA SER G 79 -17.16 -4.04 59.46
C SER G 79 -15.97 -5.00 59.53
N GLY G 80 -15.30 -4.79 60.64
CA GLY G 80 -14.10 -5.49 61.08
C GLY G 80 -13.74 -5.00 62.48
N SER G 81 -13.93 -3.69 62.64
CA SER G 81 -13.68 -3.00 63.90
C SER G 81 -15.00 -2.75 64.61
N GLN G 82 -14.95 -2.02 65.72
CA GLN G 82 -16.13 -1.65 66.46
C GLN G 82 -16.84 -0.43 65.83
N ILE G 83 -16.14 0.34 64.98
CA ILE G 83 -16.66 1.55 64.33
C ILE G 83 -17.88 1.33 63.41
N GLY G 84 -18.08 0.10 62.90
CA GLY G 84 -19.22 -0.29 62.06
C GLY G 84 -20.54 0.27 62.58
N HIS G 85 -20.60 0.16 63.93
CA HIS G 85 -21.54 0.66 64.93
C HIS G 85 -22.06 -0.37 65.93
N LYS G 86 -21.53 0.02 67.08
CA LYS G 86 -21.59 -0.59 68.38
C LYS G 86 -20.92 0.44 69.31
N GLU G 87 -20.35 1.51 68.75
CA GLU G 87 -19.62 2.54 69.45
C GLU G 87 -19.81 3.91 68.76
N SER G 88 -19.91 4.99 69.56
CA SER G 88 -20.04 6.35 69.03
C SER G 88 -18.87 6.73 68.16
N ILE G 89 -19.15 7.48 67.09
CA ILE G 89 -18.07 8.03 66.28
C ILE G 89 -17.27 8.98 67.13
N LYS G 90 -18.00 9.63 68.05
CA LYS G 90 -17.41 10.51 69.03
C LYS G 90 -16.40 9.73 69.87
N ASP G 91 -16.75 8.52 70.33
CA ASP G 91 -15.79 7.73 71.06
C ASP G 91 -14.66 7.25 70.17
N THR G 92 -15.01 6.79 68.98
CA THR G 92 -14.05 6.27 68.04
C THR G 92 -12.94 7.27 67.74
N ALA G 93 -13.40 8.50 67.55
CA ALA G 93 -12.50 9.59 67.24
C ALA G 93 -11.53 9.75 68.36
N ARG G 94 -12.07 9.95 69.56
CA ARG G 94 -11.25 10.14 70.75
C ARG G 94 -10.29 8.99 71.00
N VAL G 95 -10.63 7.80 70.54
CA VAL G 95 -9.73 6.68 70.69
C VAL G 95 -8.61 6.77 69.68
N LEU G 96 -8.99 6.82 68.41
CA LEU G 96 -8.02 6.85 67.36
C LEU G 96 -7.06 8.02 67.44
N GLY G 97 -7.50 9.19 67.89
CA GLY G 97 -6.66 10.37 68.01
C GLY G 97 -5.50 10.19 68.96
N ARG G 98 -5.71 9.32 69.95
CA ARG G 98 -4.67 9.02 70.91
C ARG G 98 -3.60 8.15 70.30
N MET G 99 -3.89 7.42 69.21
CA MET G 99 -2.91 6.53 68.62
C MET G 99 -2.30 7.02 67.29
N TYR G 100 -3.13 7.59 66.43
CA TYR G 100 -2.67 8.02 65.11
C TYR G 100 -2.34 9.49 64.96
N ASP G 101 -1.67 9.78 63.86
CA ASP G 101 -1.29 11.14 63.53
C ASP G 101 -2.25 11.81 62.56
N GLY G 102 -3.08 11.01 61.89
CA GLY G 102 -4.06 11.46 60.92
C GLY G 102 -5.08 10.36 60.67
N ILE G 103 -6.28 10.74 60.25
CA ILE G 103 -7.36 9.79 60.01
C ILE G 103 -8.06 10.11 58.71
N GLN G 104 -8.29 9.09 57.91
CA GLN G 104 -9.10 9.27 56.73
C GLN G 104 -10.48 8.71 57.03
N TYR G 105 -11.51 9.29 56.42
CA TYR G 105 -12.85 8.78 56.55
C TYR G 105 -13.61 8.72 55.24
N ARG G 106 -14.09 7.56 54.86
CA ARG G 106 -14.97 7.42 53.71
C ARG G 106 -16.30 7.02 54.30
N GLY G 107 -17.43 7.62 53.95
CA GLY G 107 -18.66 7.20 54.58
C GLY G 107 -19.89 7.90 54.06
N TYR G 108 -20.83 7.92 55.00
CA TYR G 108 -22.17 8.42 54.76
C TYR G 108 -22.50 9.75 55.43
N GLY G 109 -22.40 10.88 54.77
CA GLY G 109 -22.88 12.07 55.44
C GLY G 109 -21.83 12.78 56.26
N GLN G 110 -21.81 14.05 55.89
CA GLN G 110 -20.86 15.01 56.41
C GLN G 110 -20.87 15.19 57.91
N GLU G 111 -22.03 14.98 58.55
CA GLU G 111 -22.11 15.09 60.00
C GLU G 111 -21.03 14.21 60.63
N ILE G 112 -20.98 12.96 60.14
CA ILE G 112 -20.04 11.99 60.63
C ILE G 112 -18.61 12.49 60.60
N VAL G 113 -18.11 12.86 59.42
CA VAL G 113 -16.72 13.27 59.35
C VAL G 113 -16.45 14.55 60.11
N GLU G 114 -17.44 15.41 60.26
CA GLU G 114 -17.28 16.63 61.03
C GLU G 114 -17.17 16.35 62.51
N THR G 115 -18.01 15.45 62.98
CA THR G 115 -17.97 15.03 64.36
C THR G 115 -16.64 14.33 64.61
N LEU G 116 -16.20 13.54 63.64
CA LEU G 116 -14.95 12.84 63.73
C LEU G 116 -13.82 13.84 63.84
N ALA G 117 -13.90 14.96 63.14
CA ALA G 117 -12.89 15.99 63.19
C ALA G 117 -12.87 16.85 64.44
N GLU G 118 -14.02 17.12 65.06
CA GLU G 118 -14.04 17.91 66.28
C GLU G 118 -13.31 17.25 67.43
N TYR G 119 -13.61 15.96 67.55
CA TYR G 119 -13.12 15.16 68.64
C TYR G 119 -11.81 14.45 68.49
N ALA G 120 -11.35 14.18 67.27
CA ALA G 120 -10.10 13.45 67.11
C ALA G 120 -8.81 14.14 67.54
N ARG G 121 -8.74 15.47 67.39
CA ARG G 121 -7.55 16.25 67.66
C ARG G 121 -6.34 15.96 66.79
N VAL G 122 -6.58 15.33 65.64
CA VAL G 122 -5.59 15.11 64.59
C VAL G 122 -6.25 15.44 63.25
N PRO G 123 -5.54 15.72 62.16
CA PRO G 123 -6.13 16.01 60.86
C PRO G 123 -7.06 14.92 60.36
N VAL G 124 -8.26 15.30 59.95
CA VAL G 124 -9.19 14.35 59.39
C VAL G 124 -9.43 14.74 57.95
N TRP G 125 -9.27 13.78 57.07
CA TRP G 125 -9.45 13.98 55.64
C TRP G 125 -10.70 13.25 55.19
N ASN G 126 -11.48 13.89 54.32
CA ASN G 126 -12.69 13.30 53.78
C ASN G 126 -12.42 12.48 52.52
N GLY G 127 -12.50 11.17 52.70
CA GLY G 127 -12.30 10.23 51.61
C GLY G 127 -13.46 10.14 50.63
N LEU G 128 -14.60 10.71 50.98
CA LEU G 128 -15.84 10.78 50.25
C LEU G 128 -16.83 10.54 51.35
N THR G 129 -17.74 11.48 51.25
CA THR G 129 -18.91 11.49 52.09
C THR G 129 -20.10 11.56 51.14
N ASN G 130 -21.33 11.53 51.66
CA ASN G 130 -22.50 11.58 50.80
C ASN G 130 -22.67 12.90 50.06
N GLU G 131 -22.24 13.99 50.69
CA GLU G 131 -22.41 15.32 50.11
C GLU G 131 -21.21 15.83 49.37
N PHE G 132 -20.02 15.65 49.90
CA PHE G 132 -18.82 16.15 49.25
C PHE G 132 -17.81 15.07 48.94
N HIS G 133 -16.77 15.44 48.22
CA HIS G 133 -15.75 14.50 47.82
C HIS G 133 -14.54 15.35 47.44
N PRO G 134 -13.98 16.17 48.33
CA PRO G 134 -13.03 17.21 47.97
C PRO G 134 -11.75 16.73 47.32
N THR G 135 -11.30 15.59 47.82
CA THR G 135 -10.09 14.95 47.36
C THR G 135 -10.14 14.68 45.86
N GLN G 136 -11.29 14.28 45.32
CA GLN G 136 -11.45 14.02 43.89
C GLN G 136 -11.16 15.26 43.07
N LEU G 137 -11.85 16.32 43.42
CA LEU G 137 -11.71 17.54 42.67
C LEU G 137 -10.29 18.08 42.62
N LEU G 138 -9.51 17.87 43.68
CA LEU G 138 -8.12 18.29 43.63
C LEU G 138 -7.42 17.63 42.46
N ALA G 139 -7.59 16.30 42.42
CA ALA G 139 -7.04 15.53 41.34
C ALA G 139 -7.62 16.00 40.02
N ASP G 140 -8.92 16.15 39.88
CA ASP G 140 -9.48 16.59 38.62
C ASP G 140 -8.97 17.95 38.18
N LEU G 141 -8.82 18.87 39.12
CA LEU G 141 -8.34 20.19 38.81
C LEU G 141 -6.97 20.12 38.21
N LEU G 142 -6.09 19.36 38.86
CA LEU G 142 -4.75 19.20 38.35
C LEU G 142 -4.79 18.52 37.00
N THR G 143 -5.58 17.47 36.82
CA THR G 143 -5.60 16.77 35.56
C THR G 143 -6.07 17.73 34.47
N MET G 144 -7.00 18.63 34.81
CA MET G 144 -7.50 19.60 33.85
C MET G 144 -6.43 20.58 33.44
N GLN G 145 -5.64 20.93 34.45
CA GLN G 145 -4.55 21.86 34.29
C GLN G 145 -3.42 21.26 33.47
N GLU G 146 -3.17 19.96 33.62
CA GLU G 146 -2.12 19.30 32.88
C GLU G 146 -2.49 19.10 31.42
N HIS G 147 -3.77 19.07 31.07
CA HIS G 147 -4.15 18.91 29.68
C HIS G 147 -4.45 20.21 28.94
N LEU G 148 -4.50 21.34 29.62
CA LEU G 148 -4.63 22.64 28.99
C LEU G 148 -3.62 23.53 29.67
N PRO G 149 -2.33 23.45 29.32
CA PRO G 149 -1.30 24.27 29.92
C PRO G 149 -1.46 25.71 29.45
N GLY G 150 -0.93 26.60 30.27
CA GLY G 150 -1.01 28.03 30.00
C GLY G 150 -2.42 28.59 30.05
N LYS G 151 -3.32 27.85 30.71
CA LYS G 151 -4.68 28.30 30.88
C LYS G 151 -4.99 28.37 32.36
N ALA G 152 -5.42 29.56 32.78
CA ALA G 152 -5.91 29.70 34.14
C ALA G 152 -7.26 28.99 34.20
N PHE G 153 -7.70 28.59 35.38
CA PHE G 153 -8.98 27.90 35.47
C PHE G 153 -10.16 28.69 34.98
N ASN G 154 -10.13 30.02 35.12
CA ASN G 154 -11.21 30.87 34.64
C ASN G 154 -11.32 30.93 33.11
N GLU G 155 -10.30 30.41 32.41
CA GLU G 155 -10.31 30.34 30.96
C GLU G 155 -10.84 28.99 30.44
N MET G 156 -11.25 28.09 31.34
CA MET G 156 -11.73 26.76 31.01
C MET G 156 -13.23 26.56 31.16
N THR G 157 -13.84 25.81 30.26
CA THR G 157 -15.26 25.55 30.40
C THR G 157 -15.43 24.07 30.74
N LEU G 158 -16.00 23.77 31.90
CA LEU G 158 -16.23 22.40 32.32
C LEU G 158 -17.72 22.09 32.37
N VAL G 159 -18.15 21.05 31.68
CA VAL G 159 -19.53 20.62 31.72
C VAL G 159 -19.64 19.33 32.53
N TYR G 160 -20.66 19.26 33.36
CA TYR G 160 -20.94 18.06 34.12
C TYR G 160 -22.34 17.61 33.76
N ALA G 161 -22.49 16.57 32.95
CA ALA G 161 -23.81 16.00 32.70
C ALA G 161 -24.22 15.03 33.80
N GLY G 162 -25.41 14.43 33.77
CA GLY G 162 -25.76 13.43 34.78
C GLY G 162 -26.47 13.98 36.02
N ASP G 163 -26.44 13.17 37.06
CA ASP G 163 -27.03 13.50 38.35
C ASP G 163 -26.24 14.58 39.08
N ALA G 164 -26.74 15.80 38.94
CA ALA G 164 -26.07 16.93 39.54
C ALA G 164 -26.26 17.11 41.04
N ARG G 165 -27.01 16.27 41.75
CA ARG G 165 -27.16 16.47 43.19
C ARG G 165 -26.46 15.44 44.04
N ASN G 166 -25.61 14.62 43.43
CA ASN G 166 -24.80 13.70 44.20
C ASN G 166 -23.58 14.43 44.76
N ASN G 167 -22.76 13.69 45.49
CA ASN G 167 -21.57 14.27 46.10
C ASN G 167 -20.65 14.91 45.08
N MET G 168 -20.62 14.38 43.87
CA MET G 168 -19.79 14.96 42.82
C MET G 168 -20.30 16.27 42.27
N GLY G 169 -21.61 16.42 42.18
CA GLY G 169 -22.22 17.64 41.69
C GLY G 169 -21.90 18.75 42.67
N ASN G 170 -22.17 18.45 43.94
CA ASN G 170 -21.92 19.39 45.01
C ASN G 170 -20.49 19.85 45.02
N SER G 171 -19.57 18.91 44.82
CA SER G 171 -18.17 19.23 44.78
C SER G 171 -17.77 20.13 43.62
N MET G 172 -18.42 19.97 42.45
CA MET G 172 -18.16 20.82 41.30
C MET G 172 -18.36 22.28 41.62
N LEU G 173 -19.48 22.53 42.30
CA LEU G 173 -19.86 23.85 42.74
C LEU G 173 -18.77 24.49 43.57
N GLU G 174 -18.25 23.73 44.53
CA GLU G 174 -17.19 24.25 45.35
C GLU G 174 -15.95 24.60 44.54
N ALA G 175 -15.62 23.71 43.61
CA ALA G 175 -14.46 23.87 42.78
C ALA G 175 -14.52 25.18 42.01
N ALA G 176 -15.64 25.39 41.32
CA ALA G 176 -15.85 26.60 40.57
C ALA G 176 -15.85 27.85 41.43
N ALA G 177 -16.48 27.77 42.60
CA ALA G 177 -16.49 28.87 43.54
C ALA G 177 -15.08 29.32 43.91
N LEU G 178 -14.14 28.41 43.83
CA LEU G 178 -12.76 28.68 44.14
C LEU G 178 -11.89 28.90 42.92
N THR G 179 -12.32 28.59 41.70
CA THR G 179 -11.43 28.69 40.56
C THR G 179 -11.87 29.58 39.43
N GLY G 180 -13.14 29.96 39.45
CA GLY G 180 -13.71 30.77 38.40
C GLY G 180 -13.90 29.95 37.14
N LEU G 181 -14.01 28.62 37.22
CA LEU G 181 -14.33 27.80 36.06
C LEU G 181 -15.70 28.19 35.54
N ASP G 182 -15.91 28.05 34.24
CA ASP G 182 -17.24 28.23 33.71
C ASP G 182 -17.96 26.88 33.87
N LEU G 183 -18.51 26.66 35.06
CA LEU G 183 -19.24 25.44 35.35
C LEU G 183 -20.56 25.36 34.62
N ARG G 184 -20.85 24.19 34.09
CA ARG G 184 -22.13 23.95 33.47
C ARG G 184 -22.62 22.61 33.95
N LEU G 185 -23.73 22.66 34.64
CA LEU G 185 -24.34 21.45 35.15
C LEU G 185 -25.48 21.10 34.23
N VAL G 186 -25.27 20.20 33.28
CA VAL G 186 -26.36 19.81 32.39
C VAL G 186 -27.06 18.64 33.03
N ALA G 187 -28.26 18.88 33.54
CA ALA G 187 -29.00 17.87 34.26
C ALA G 187 -30.50 18.16 34.20
N PRO G 188 -31.40 17.20 34.39
CA PRO G 188 -32.81 17.47 34.61
C PRO G 188 -32.94 18.23 35.92
N GLN G 189 -33.98 19.03 35.99
CA GLN G 189 -34.23 19.87 37.15
C GLN G 189 -34.38 19.06 38.43
N ALA G 190 -34.99 17.87 38.28
CA ALA G 190 -35.16 16.98 39.41
C ALA G 190 -33.87 16.56 40.08
N CYS G 191 -32.78 16.60 39.30
CA CYS G 191 -31.47 16.29 39.82
C CYS G 191 -30.62 17.53 40.05
N TRP G 192 -31.14 18.75 40.04
CA TRP G 192 -30.29 19.90 40.28
C TRP G 192 -29.84 20.00 41.73
N PRO G 193 -28.63 20.51 41.98
CA PRO G 193 -28.13 20.68 43.33
C PRO G 193 -28.96 21.69 44.08
N GLU G 194 -28.93 21.54 45.40
CA GLU G 194 -29.63 22.43 46.32
C GLU G 194 -29.28 23.89 46.05
N ALA G 195 -30.35 24.68 45.87
CA ALA G 195 -30.19 26.07 45.49
C ALA G 195 -29.39 26.94 46.43
N ALA G 196 -29.44 26.68 47.74
CA ALA G 196 -28.66 27.50 48.65
C ALA G 196 -27.17 27.44 48.35
N LEU G 197 -26.71 26.25 47.99
CA LEU G 197 -25.31 26.05 47.69
C LEU G 197 -24.93 26.61 46.32
N VAL G 198 -25.86 26.52 45.38
CA VAL G 198 -25.63 27.03 44.04
C VAL G 198 -25.38 28.53 44.12
N THR G 199 -26.26 29.23 44.81
CA THR G 199 -26.21 30.66 45.01
C THR G 199 -24.90 31.15 45.62
N GLU G 200 -24.49 30.50 46.72
CA GLU G 200 -23.26 30.83 47.41
C GLU G 200 -22.05 30.62 46.52
N CYS G 201 -22.02 29.46 45.88
CA CYS G 201 -20.93 29.14 45.00
C CYS G 201 -20.92 29.96 43.74
N ARG G 202 -22.09 30.38 43.25
CA ARG G 202 -22.16 31.16 42.03
C ARG G 202 -21.56 32.53 42.26
N ALA G 203 -21.96 33.11 43.39
CA ALA G 203 -21.48 34.39 43.81
C ALA G 203 -19.96 34.44 43.89
N LEU G 204 -19.40 33.38 44.44
CA LEU G 204 -17.98 33.25 44.57
C LEU G 204 -17.28 32.95 43.27
N ALA G 205 -17.92 32.16 42.42
CA ALA G 205 -17.35 31.84 41.13
C ALA G 205 -17.19 33.10 40.28
N GLN G 206 -18.27 33.88 40.20
CA GLN G 206 -18.31 35.12 39.46
C GLN G 206 -17.25 36.11 39.93
N GLN G 207 -17.00 36.17 41.25
CA GLN G 207 -15.94 37.01 41.80
C GLN G 207 -14.60 36.66 41.20
N ASN G 208 -14.40 35.37 40.98
CA ASN G 208 -13.17 34.88 40.41
C ASN G 208 -13.19 34.76 38.91
N GLY G 209 -14.26 35.23 38.27
CA GLY G 209 -14.37 35.27 36.83
C GLY G 209 -15.11 34.11 36.17
N GLY G 210 -15.79 33.26 36.95
CA GLY G 210 -16.52 32.14 36.38
C GLY G 210 -18.01 32.38 36.40
N ASN G 211 -18.81 31.32 36.30
CA ASN G 211 -20.26 31.38 36.34
C ASN G 211 -20.80 29.97 36.34
N ILE G 212 -21.77 29.69 37.21
CA ILE G 212 -22.35 28.37 37.27
C ILE G 212 -23.67 28.39 36.53
N THR G 213 -23.70 27.74 35.39
CA THR G 213 -24.93 27.64 34.62
C THR G 213 -25.60 26.30 34.88
N LEU G 214 -26.89 26.25 35.21
CA LEU G 214 -27.61 24.98 35.31
C LEU G 214 -28.59 24.93 34.16
N THR G 215 -28.74 23.82 33.44
CA THR G 215 -29.68 23.74 32.34
C THR G 215 -30.05 22.31 31.95
N GLU G 216 -31.33 22.10 31.67
CA GLU G 216 -31.77 20.81 31.18
C GLU G 216 -31.44 20.60 29.70
N ASP G 217 -31.09 21.67 28.97
CA ASP G 217 -30.77 21.50 27.57
C ASP G 217 -29.33 21.06 27.41
N VAL G 218 -29.21 19.93 26.72
CA VAL G 218 -27.90 19.37 26.51
C VAL G 218 -27.10 20.22 25.56
N ALA G 219 -27.77 20.54 24.46
CA ALA G 219 -27.17 21.30 23.39
C ALA G 219 -26.59 22.65 23.76
N LYS G 220 -27.30 23.48 24.54
CA LYS G 220 -26.68 24.75 24.89
C LYS G 220 -25.70 24.64 26.04
N GLY G 221 -25.76 23.54 26.79
CA GLY G 221 -24.87 23.32 27.90
C GLY G 221 -23.48 22.91 27.47
N VAL G 222 -23.39 21.84 26.67
CA VAL G 222 -22.11 21.32 26.24
C VAL G 222 -21.29 22.19 25.30
N GLU G 223 -21.95 23.15 24.65
CA GLU G 223 -21.31 24.03 23.68
C GLU G 223 -20.06 24.78 24.17
N GLY G 224 -18.95 24.54 23.48
CA GLY G 224 -17.68 25.18 23.78
C GLY G 224 -16.90 24.62 24.97
N ALA G 225 -17.36 23.52 25.53
CA ALA G 225 -16.70 22.91 26.68
C ALA G 225 -15.27 22.48 26.38
N ASP G 226 -14.37 22.65 27.35
CA ASP G 226 -13.06 22.07 27.21
C ASP G 226 -13.10 20.65 27.77
N PHE G 227 -13.99 20.41 28.74
CA PHE G 227 -14.13 19.11 29.36
C PHE G 227 -15.57 18.67 29.57
N ILE G 228 -15.89 17.44 29.22
CA ILE G 228 -17.16 16.85 29.59
C ILE G 228 -16.84 15.93 30.76
N TYR G 229 -17.65 15.93 31.80
CA TYR G 229 -17.44 15.09 32.97
C TYR G 229 -18.77 14.44 33.35
N THR G 230 -18.79 13.19 33.80
CA THR G 230 -20.02 12.57 34.27
C THR G 230 -19.76 11.51 35.34
N ASP G 231 -20.80 10.90 35.92
CA ASP G 231 -20.68 9.92 36.98
C ASP G 231 -21.86 8.97 36.94
N VAL G 232 -21.76 7.85 37.67
CA VAL G 232 -22.83 6.87 37.75
C VAL G 232 -24.15 7.51 38.16
N TRP G 233 -25.28 7.00 37.67
CA TRP G 233 -26.51 7.66 38.02
C TRP G 233 -27.00 7.38 39.42
N VAL G 234 -26.67 6.22 39.99
CA VAL G 234 -26.97 5.97 41.39
C VAL G 234 -25.63 5.82 42.11
N SER G 235 -25.46 6.59 43.17
CA SER G 235 -24.22 6.56 43.91
C SER G 235 -24.18 5.49 44.97
N MET G 236 -22.99 5.26 45.52
CA MET G 236 -22.83 4.36 46.63
C MET G 236 -23.67 4.77 47.82
N GLY G 237 -24.42 3.82 48.36
CA GLY G 237 -25.22 4.11 49.53
C GLY G 237 -26.68 4.43 49.21
N GLU G 238 -26.99 4.80 47.97
CA GLU G 238 -28.38 5.01 47.62
C GLU G 238 -29.05 3.66 47.39
N ALA G 239 -30.36 3.65 47.65
CA ALA G 239 -31.15 2.43 47.50
C ALA G 239 -31.19 1.91 46.08
N LYS G 240 -31.21 0.58 45.96
CA LYS G 240 -31.21 -0.09 44.67
C LYS G 240 -32.42 0.30 43.80
N GLU G 241 -33.49 0.70 44.49
CA GLU G 241 -34.74 1.12 43.86
C GLU G 241 -34.63 2.35 42.98
N LYS G 242 -33.73 3.25 43.37
CA LYS G 242 -33.46 4.46 42.63
C LYS G 242 -33.07 4.24 41.19
N TRP G 243 -32.43 3.12 40.86
CA TRP G 243 -32.00 2.86 39.50
C TRP G 243 -33.08 3.04 38.44
N ALA G 244 -34.25 2.46 38.66
CA ALA G 244 -35.32 2.60 37.70
C ALA G 244 -35.78 4.03 37.44
N GLU G 245 -35.83 4.89 38.45
CA GLU G 245 -36.22 6.25 38.20
C GLU G 245 -35.06 7.10 37.71
N ARG G 246 -33.84 6.83 38.16
CA ARG G 246 -32.70 7.61 37.73
C ARG G 246 -32.38 7.35 36.27
N ILE G 247 -32.55 6.13 35.78
CA ILE G 247 -32.31 5.87 34.37
C ILE G 247 -33.35 6.60 33.54
N ALA G 248 -34.57 6.60 34.06
CA ALA G 248 -35.68 7.25 33.42
C ALA G 248 -35.43 8.74 33.20
N LEU G 249 -34.86 9.37 34.22
CA LEU G 249 -34.54 10.78 34.16
C LEU G 249 -33.30 11.11 33.36
N LEU G 250 -32.22 10.44 33.74
CA LEU G 250 -30.94 10.76 33.20
C LEU G 250 -30.50 10.16 31.88
N ARG G 251 -31.17 9.20 31.22
CA ARG G 251 -30.56 8.63 30.03
C ARG G 251 -30.36 9.58 28.86
N GLU G 252 -31.11 10.66 28.74
CA GLU G 252 -30.81 11.60 27.67
C GLU G 252 -29.56 12.41 27.99
N TYR G 253 -29.03 12.26 29.20
CA TYR G 253 -27.83 12.97 29.59
C TYR G 253 -26.61 12.09 29.52
N GLN G 254 -26.73 10.93 28.87
CA GLN G 254 -25.61 10.03 28.64
C GLN G 254 -24.54 10.77 27.85
N VAL G 255 -23.27 10.59 28.21
CA VAL G 255 -22.21 11.20 27.45
C VAL G 255 -21.86 10.19 26.39
N ASN G 256 -22.37 10.48 25.21
CA ASN G 256 -22.17 9.68 24.03
C ASN G 256 -21.40 10.47 22.99
N SER G 257 -21.26 9.96 21.77
CA SER G 257 -20.47 10.62 20.73
C SER G 257 -21.08 11.90 20.19
N LYS G 258 -22.40 11.84 19.96
CA LYS G 258 -23.22 12.96 19.54
C LYS G 258 -23.11 14.08 20.56
N MET G 259 -23.05 13.66 21.81
CA MET G 259 -22.93 14.52 22.94
C MET G 259 -21.63 15.29 22.87
N MET G 260 -20.54 14.56 22.66
CA MET G 260 -19.21 15.11 22.48
C MET G 260 -19.09 15.97 21.22
N GLN G 261 -20.00 15.74 20.28
CA GLN G 261 -19.95 16.45 19.03
C GLN G 261 -20.66 17.79 19.13
N LEU G 262 -21.75 17.85 19.89
CA LEU G 262 -22.46 19.09 20.11
C LEU G 262 -21.61 20.14 20.82
N THR G 263 -20.49 19.73 21.40
CA THR G 263 -19.55 20.61 22.06
C THR G 263 -19.04 21.62 21.05
N GLY G 264 -18.60 21.11 19.91
CA GLY G 264 -18.02 21.96 18.90
C GLY G 264 -16.51 22.02 19.05
N ASN G 265 -15.93 21.73 20.22
CA ASN G 265 -14.48 21.69 20.38
C ASN G 265 -13.99 20.29 20.05
N PRO G 266 -13.13 20.06 19.06
CA PRO G 266 -12.61 18.74 18.76
C PRO G 266 -11.50 18.29 19.70
N GLU G 267 -11.06 19.22 20.55
CA GLU G 267 -10.04 18.94 21.53
C GLU G 267 -10.64 18.61 22.89
N VAL G 268 -11.97 18.52 22.99
CA VAL G 268 -12.64 18.28 24.24
C VAL G 268 -12.25 16.92 24.79
N LYS G 269 -11.95 16.95 26.07
CA LYS G 269 -11.59 15.74 26.76
C LYS G 269 -12.63 15.36 27.78
N PHE G 270 -12.84 14.05 27.81
CA PHE G 270 -13.76 13.41 28.74
C PHE G 270 -13.12 13.06 30.08
N LEU G 271 -13.90 13.22 31.14
CA LEU G 271 -13.46 12.94 32.50
C LEU G 271 -14.55 12.15 33.21
N HIS G 272 -14.16 11.29 34.14
CA HIS G 272 -15.08 10.49 34.94
C HIS G 272 -14.29 10.00 36.12
N CYS G 273 -14.81 10.25 37.31
CA CYS G 273 -14.10 9.89 38.53
C CYS G 273 -13.92 8.40 38.72
N LEU G 274 -14.77 7.60 38.06
CA LEU G 274 -14.82 6.15 38.11
C LEU G 274 -15.32 5.59 39.46
N PRO G 275 -15.80 4.34 39.61
CA PRO G 275 -16.14 3.38 38.57
C PRO G 275 -17.16 3.87 37.55
N ALA G 276 -17.03 3.43 36.31
CA ALA G 276 -18.00 3.84 35.31
C ALA G 276 -18.69 2.66 34.67
N PHE G 277 -20.02 2.61 34.57
CA PHE G 277 -20.66 1.49 33.89
C PHE G 277 -20.64 1.79 32.40
N HIS G 278 -19.52 1.58 31.72
CA HIS G 278 -19.47 1.90 30.32
C HIS G 278 -19.61 0.69 29.43
N ASP G 279 -19.58 -0.54 29.90
CA ASP G 279 -19.76 -1.67 29.00
C ASP G 279 -20.63 -2.77 29.59
N ASP G 280 -21.00 -3.69 28.71
CA ASP G 280 -21.89 -4.81 29.04
C ASP G 280 -21.06 -6.00 29.50
N GLN G 281 -20.12 -5.68 30.38
CA GLN G 281 -19.14 -6.60 30.94
C GLN G 281 -19.37 -6.89 32.40
N THR G 282 -19.83 -5.92 33.19
CA THR G 282 -20.00 -6.15 34.61
C THR G 282 -21.22 -6.95 35.09
N THR G 283 -21.16 -7.09 36.41
CA THR G 283 -22.17 -7.77 37.20
C THR G 283 -23.53 -7.08 37.02
N LEU G 284 -23.69 -5.91 37.64
CA LEU G 284 -24.92 -5.14 37.50
C LEU G 284 -24.91 -4.26 36.27
N GLY G 285 -23.76 -4.26 35.58
CA GLY G 285 -23.61 -3.54 34.34
C GLY G 285 -24.44 -4.21 33.27
N LYS G 286 -24.30 -5.52 33.14
CA LYS G 286 -25.04 -6.27 32.13
C LYS G 286 -26.52 -6.39 32.48
N LYS G 287 -26.82 -6.56 33.77
CA LYS G 287 -28.18 -6.66 34.22
C LYS G 287 -28.96 -5.39 33.91
N MET G 288 -28.37 -4.23 34.18
CA MET G 288 -28.98 -2.96 33.87
C MET G 288 -29.07 -2.71 32.37
N ALA G 289 -28.06 -3.19 31.64
CA ALA G 289 -27.98 -2.95 30.22
C ALA G 289 -29.01 -3.67 29.37
N GLU G 290 -29.43 -4.86 29.81
CA GLU G 290 -30.43 -5.61 29.07
C GLU G 290 -31.84 -5.17 29.42
N GLU G 291 -32.04 -5.03 30.73
CA GLU G 291 -33.31 -4.67 31.31
C GLU G 291 -33.88 -3.36 30.76
N PHE G 292 -33.14 -2.28 30.94
CA PHE G 292 -33.56 -0.97 30.46
C PHE G 292 -33.14 -0.74 29.02
N GLY G 293 -32.14 -1.49 28.57
CA GLY G 293 -31.66 -1.35 27.23
C GLY G 293 -30.56 -0.31 27.10
N LEU G 294 -29.65 -0.17 28.07
CA LEU G 294 -28.50 0.72 27.88
C LEU G 294 -27.36 -0.12 27.29
N HIS G 295 -27.50 -0.42 26.01
CA HIS G 295 -26.50 -1.24 25.37
C HIS G 295 -25.29 -0.44 24.95
N GLY G 296 -24.19 -0.79 25.60
CA GLY G 296 -22.92 -0.16 25.31
C GLY G 296 -22.62 1.09 26.12
N GLY G 297 -23.08 1.15 27.37
CA GLY G 297 -22.78 2.31 28.19
C GLY G 297 -24.01 2.90 28.85
N MET G 298 -23.83 3.33 30.09
CA MET G 298 -24.93 3.95 30.79
C MET G 298 -24.60 5.42 30.86
N GLU G 299 -23.87 5.92 31.86
CA GLU G 299 -23.54 7.34 31.91
C GLU G 299 -22.65 7.70 30.75
N VAL G 300 -21.80 6.77 30.33
CA VAL G 300 -20.96 7.04 29.19
C VAL G 300 -20.88 5.80 28.33
N THR G 301 -20.94 6.07 27.05
CA THR G 301 -20.77 5.08 26.01
C THR G 301 -19.33 4.54 26.09
N ASP G 302 -19.17 3.25 25.82
CA ASP G 302 -17.87 2.61 25.83
C ASP G 302 -16.98 3.19 24.75
N GLU G 303 -17.59 3.60 23.63
CA GLU G 303 -16.87 4.25 22.56
C GLU G 303 -16.22 5.54 23.05
N VAL G 304 -16.92 6.30 23.88
CA VAL G 304 -16.34 7.54 24.39
C VAL G 304 -15.35 7.22 25.50
N PHE G 305 -15.61 6.20 26.30
CA PHE G 305 -14.71 5.86 27.37
C PHE G 305 -13.35 5.42 26.84
N GLU G 306 -13.33 4.77 25.70
CA GLU G 306 -12.08 4.32 25.13
C GLU G 306 -11.59 5.24 24.03
N SER G 307 -12.29 6.36 23.86
CA SER G 307 -11.96 7.42 22.93
C SER G 307 -10.61 8.03 23.28
N ALA G 308 -10.00 8.72 22.31
CA ALA G 308 -8.78 9.46 22.58
C ALA G 308 -9.06 10.65 23.49
N ALA G 309 -10.33 11.07 23.56
CA ALA G 309 -10.74 12.14 24.44
C ALA G 309 -10.68 11.73 25.90
N SER G 310 -10.92 10.44 26.16
CA SER G 310 -10.89 9.94 27.52
C SER G 310 -9.53 10.07 28.13
N ILE G 311 -9.49 10.81 29.23
CA ILE G 311 -8.27 10.93 29.98
C ILE G 311 -8.49 10.48 31.42
N VAL G 312 -9.49 9.61 31.60
CA VAL G 312 -9.89 9.16 32.92
C VAL G 312 -8.80 8.45 33.69
N PHE G 313 -7.88 7.78 32.98
CA PHE G 313 -6.84 7.07 33.70
C PHE G 313 -5.74 7.99 34.15
N ASP G 314 -5.54 9.11 33.44
CA ASP G 314 -4.61 10.11 33.92
C ASP G 314 -5.17 10.72 35.19
N GLN G 315 -6.47 11.02 35.08
CA GLN G 315 -7.25 11.58 36.16
C GLN G 315 -7.10 10.67 37.35
N ALA G 316 -7.35 9.39 37.12
CA ALA G 316 -7.24 8.40 38.16
C ALA G 316 -5.87 8.35 38.82
N GLU G 317 -4.80 8.47 38.05
CA GLU G 317 -3.46 8.47 38.60
C GLU G 317 -3.26 9.66 39.50
N ASN G 318 -3.84 10.77 39.06
CA ASN G 318 -3.68 12.00 39.78
C ASN G 318 -4.36 12.02 41.13
N ARG G 319 -5.22 11.05 41.42
CA ARG G 319 -5.80 10.91 42.75
C ARG G 319 -4.74 10.76 43.83
N MET G 320 -3.72 9.94 43.61
CA MET G 320 -2.76 9.67 44.65
C MET G 320 -1.73 10.75 44.90
N HIS G 321 -1.32 11.47 43.85
CA HIS G 321 -0.36 12.55 44.05
C HIS G 321 -1.02 13.65 44.86
N THR G 322 -2.26 13.92 44.47
CA THR G 322 -3.11 14.88 45.13
C THR G 322 -3.31 14.59 46.61
N ILE G 323 -3.59 13.34 46.94
CA ILE G 323 -3.73 12.91 48.32
C ILE G 323 -2.41 12.95 49.07
N LYS G 324 -1.30 12.62 48.39
CA LYS G 324 0.00 12.68 49.02
C LYS G 324 0.26 14.11 49.45
N ALA G 325 -0.13 15.02 48.57
CA ALA G 325 0.00 16.43 48.82
C ALA G 325 -0.79 16.88 50.03
N VAL G 326 -2.04 16.41 50.13
CA VAL G 326 -2.87 16.80 51.25
C VAL G 326 -2.22 16.33 52.54
N MET G 327 -1.71 15.11 52.51
CA MET G 327 -1.12 14.57 53.70
C MET G 327 0.20 15.19 54.10
N VAL G 328 1.07 15.52 53.15
CA VAL G 328 2.30 16.14 53.58
C VAL G 328 2.00 17.57 54.00
N ALA G 329 0.95 18.18 53.46
CA ALA G 329 0.63 19.52 53.85
C ALA G 329 0.07 19.61 55.26
N THR G 330 -0.77 18.68 55.67
CA THR G 330 -1.38 18.74 56.98
C THR G 330 -0.57 18.11 58.10
N LEU G 331 0.44 17.31 57.76
CA LEU G 331 1.20 16.60 58.76
C LEU G 331 2.64 17.05 58.94
N SER G 332 3.18 17.76 57.97
CA SER G 332 4.55 18.20 58.04
C SER G 332 4.77 19.69 58.26
N LYS G 333 5.91 19.90 58.96
CA LYS G 333 6.56 21.14 59.38
C LYS G 333 5.77 22.37 59.86
N SER H 1 13.73 -9.83 80.98
CA SER H 1 14.52 -10.89 81.61
C SER H 1 14.04 -12.29 81.23
N GLY H 2 13.18 -12.97 82.02
CA GLY H 2 12.61 -14.26 81.65
C GLY H 2 11.33 -14.03 80.86
N PHE H 3 11.48 -13.13 79.89
CA PHE H 3 10.42 -12.72 79.00
C PHE H 3 10.61 -13.11 77.55
N TYR H 4 11.87 -13.17 77.12
CA TYR H 4 12.17 -13.48 75.74
C TYR H 4 11.61 -14.85 75.37
N HIS H 5 10.86 -14.86 74.27
CA HIS H 5 10.14 -16.00 73.77
C HIS H 5 9.07 -16.59 74.67
N LYS H 6 8.61 -15.83 75.66
CA LYS H 6 7.52 -16.26 76.49
C LYS H 6 6.19 -15.93 75.82
N HIS H 7 5.11 -16.69 76.04
CA HIS H 7 3.83 -16.29 75.47
C HIS H 7 3.15 -15.34 76.46
N PHE H 8 2.07 -14.69 76.07
CA PHE H 8 1.35 -13.85 77.01
C PHE H 8 -0.09 -14.29 76.84
N LEU H 9 -0.51 -15.33 77.57
CA LEU H 9 -1.85 -15.87 77.40
C LEU H 9 -2.81 -15.48 78.50
N LYS H 10 -2.36 -15.51 79.75
CA LYS H 10 -3.16 -15.08 80.89
C LYS H 10 -2.20 -14.50 81.92
N LEU H 11 -2.65 -13.61 82.81
CA LEU H 11 -1.73 -13.02 83.75
C LEU H 11 -1.09 -13.93 84.80
N LEU H 12 -1.79 -14.95 85.27
CA LEU H 12 -1.23 -15.81 86.30
C LEU H 12 -0.06 -16.69 85.85
N ASP H 13 0.34 -16.63 84.59
CA ASP H 13 1.55 -17.33 84.16
C ASP H 13 2.77 -16.45 84.42
N PHE H 14 2.57 -15.35 85.14
CA PHE H 14 3.63 -14.43 85.48
C PHE H 14 3.73 -14.15 86.98
N THR H 15 4.95 -13.88 87.41
CA THR H 15 5.14 -13.51 88.79
C THR H 15 4.78 -12.05 89.01
N PRO H 16 4.50 -11.62 90.24
CA PRO H 16 4.30 -10.22 90.57
C PRO H 16 5.44 -9.34 90.08
N ALA H 17 6.64 -9.87 90.23
CA ALA H 17 7.82 -9.18 89.76
C ALA H 17 7.87 -9.00 88.25
N GLU H 18 7.44 -10.03 87.53
CA GLU H 18 7.41 -9.99 86.09
C GLU H 18 6.40 -8.96 85.60
N LEU H 19 5.22 -8.98 86.19
CA LEU H 19 4.18 -8.06 85.85
C LEU H 19 4.62 -6.62 86.05
N ASN H 20 5.34 -6.43 87.14
CA ASN H 20 5.78 -5.10 87.53
C ASN H 20 6.90 -4.56 86.67
N SER H 21 7.72 -5.47 86.18
CA SER H 21 8.82 -5.17 85.28
C SER H 21 8.23 -4.67 83.96
N LEU H 22 7.21 -5.41 83.57
CA LEU H 22 6.50 -5.20 82.33
C LEU H 22 5.87 -3.85 82.31
N LEU H 23 5.18 -3.59 83.42
CA LEU H 23 4.51 -2.33 83.64
C LEU H 23 5.48 -1.17 83.59
N GLN H 24 6.68 -1.42 84.11
CA GLN H 24 7.73 -0.43 84.13
C GLN H 24 8.25 -0.15 82.72
N LEU H 25 8.46 -1.20 81.92
CA LEU H 25 8.93 -1.07 80.55
C LEU H 25 7.96 -0.30 79.68
N ALA H 26 6.68 -0.61 79.89
CA ALA H 26 5.62 0.07 79.20
C ALA H 26 5.69 1.56 79.44
N ALA H 27 5.86 1.88 80.71
CA ALA H 27 5.94 3.26 81.16
C ALA H 27 7.12 4.01 80.55
N LYS H 28 8.23 3.29 80.36
CA LYS H 28 9.42 3.83 79.75
C LYS H 28 9.14 4.14 78.29
N LEU H 29 8.65 3.11 77.60
CA LEU H 29 8.31 3.20 76.20
C LEU H 29 7.31 4.30 75.86
N LYS H 30 6.38 4.55 76.77
CA LYS H 30 5.39 5.61 76.61
C LYS H 30 6.11 6.94 76.61
N ALA H 31 6.92 7.07 77.66
CA ALA H 31 7.71 8.25 77.90
C ALA H 31 8.70 8.51 76.78
N ASP H 32 9.33 7.47 76.25
CA ASP H 32 10.26 7.60 75.15
C ASP H 32 9.57 8.10 73.91
N LYS H 33 8.36 7.64 73.62
CA LYS H 33 7.69 8.07 72.42
C LYS H 33 7.27 9.54 72.51
N LYS H 34 6.83 10.03 73.66
CA LYS H 34 6.45 11.43 73.80
C LYS H 34 7.65 12.37 73.71
N SER H 35 8.78 11.95 74.27
CA SER H 35 10.03 12.69 74.18
C SER H 35 10.66 12.58 72.80
N GLY H 36 10.22 11.65 71.94
CA GLY H 36 10.79 11.46 70.62
C GLY H 36 12.11 10.68 70.64
N LYS H 37 12.51 10.18 71.81
CA LYS H 37 13.71 9.40 71.95
C LYS H 37 13.45 7.89 71.83
N GLU H 38 12.39 7.48 71.12
CA GLU H 38 12.09 6.08 71.03
C GLU H 38 13.09 5.35 70.16
N GLU H 39 13.77 4.39 70.78
CA GLU H 39 14.71 3.58 70.06
C GLU H 39 13.98 2.33 69.61
N ALA H 40 13.86 2.13 68.30
CA ALA H 40 13.19 0.96 67.73
C ALA H 40 13.92 -0.34 68.07
N LYS H 41 13.23 -1.37 68.51
CA LYS H 41 13.92 -2.59 68.88
C LYS H 41 13.54 -3.76 68.01
N LEU H 42 12.28 -3.77 67.57
CA LEU H 42 11.79 -4.85 66.76
C LEU H 42 11.96 -4.68 65.25
N THR H 43 12.97 -3.95 64.76
CA THR H 43 13.22 -3.79 63.34
C THR H 43 13.37 -5.11 62.58
N GLY H 44 12.68 -5.21 61.43
CA GLY H 44 12.73 -6.40 60.59
C GLY H 44 12.03 -7.64 61.13
N LYS H 45 11.18 -7.50 62.16
CA LYS H 45 10.42 -8.62 62.66
C LYS H 45 9.03 -8.58 62.01
N ASN H 46 8.48 -9.72 61.61
CA ASN H 46 7.17 -9.72 60.99
C ASN H 46 6.19 -10.36 61.95
N ILE H 47 5.01 -9.78 62.14
CA ILE H 47 4.06 -10.30 63.11
C ILE H 47 2.70 -10.59 62.48
N ALA H 48 2.14 -11.79 62.63
CA ALA H 48 0.80 -12.04 62.14
C ALA H 48 -0.22 -11.66 63.20
N LEU H 49 -1.38 -11.16 62.80
CA LEU H 49 -2.42 -10.77 63.75
C LEU H 49 -3.71 -11.48 63.38
N ILE H 50 -4.01 -12.61 64.01
CA ILE H 50 -5.25 -13.34 63.77
C ILE H 50 -6.40 -12.65 64.53
N PHE H 51 -7.45 -12.15 63.88
CA PHE H 51 -8.59 -11.62 64.59
C PHE H 51 -9.87 -12.40 64.31
N GLU H 52 -10.50 -13.09 65.25
CA GLU H 52 -11.77 -13.74 64.94
C GLU H 52 -12.99 -12.96 65.43
N LYS H 53 -12.82 -12.05 66.38
CA LYS H 53 -13.86 -11.13 66.81
C LYS H 53 -13.43 -9.73 66.39
N ASP H 54 -14.34 -8.77 66.37
CA ASP H 54 -13.98 -7.40 66.03
C ASP H 54 -13.04 -6.72 67.04
N SER H 55 -12.48 -5.58 66.63
CA SER H 55 -11.58 -4.80 67.46
C SER H 55 -11.22 -3.46 66.81
N THR H 56 -11.21 -2.39 67.61
CA THR H 56 -10.65 -1.14 67.13
C THR H 56 -9.36 -0.98 67.92
N ARG H 57 -9.44 -0.77 69.23
CA ARG H 57 -8.26 -0.59 70.06
C ARG H 57 -7.22 -1.67 69.98
N THR H 58 -7.51 -2.91 70.38
CA THR H 58 -6.50 -3.95 70.33
C THR H 58 -5.80 -4.09 68.99
N ARG H 59 -6.52 -4.09 67.85
CA ARG H 59 -5.89 -4.14 66.55
C ARG H 59 -5.02 -2.93 66.32
N CYS H 60 -5.58 -1.73 66.46
CA CYS H 60 -4.80 -0.53 66.21
C CYS H 60 -3.56 -0.48 67.07
N SER H 61 -3.75 -0.84 68.33
CA SER H 61 -2.67 -0.90 69.28
C SER H 61 -1.54 -1.79 68.79
N PHE H 62 -1.87 -3.01 68.35
CA PHE H 62 -0.84 -3.88 67.86
C PHE H 62 -0.16 -3.32 66.64
N GLU H 63 -0.91 -2.65 65.77
CA GLU H 63 -0.35 -2.13 64.55
C GLU H 63 0.60 -0.97 64.78
N VAL H 64 0.17 0.09 65.46
CA VAL H 64 1.05 1.23 65.68
C VAL H 64 2.24 0.84 66.54
N ALA H 65 2.05 0.05 67.60
CA ALA H 65 3.16 -0.36 68.44
C ALA H 65 4.21 -1.10 67.65
N ALA H 66 3.80 -1.92 66.70
CA ALA H 66 4.74 -2.59 65.84
C ALA H 66 5.41 -1.62 64.90
N TYR H 67 4.64 -0.72 64.30
CA TYR H 67 5.21 0.22 63.35
C TYR H 67 6.22 1.12 64.00
N ASP H 68 6.00 1.48 65.26
CA ASP H 68 6.93 2.33 65.97
C ASP H 68 8.24 1.61 66.22
N GLN H 69 8.09 0.36 66.59
CA GLN H 69 9.23 -0.47 66.88
C GLN H 69 9.91 -1.01 65.63
N GLY H 70 9.51 -0.56 64.44
CA GLY H 70 10.12 -1.00 63.20
C GLY H 70 9.71 -2.37 62.72
N ALA H 71 8.64 -2.95 63.23
CA ALA H 71 8.16 -4.24 62.77
C ALA H 71 7.05 -4.08 61.74
N ARG H 72 6.77 -5.08 60.92
CA ARG H 72 5.61 -5.04 60.05
C ARG H 72 4.55 -6.05 60.49
N VAL H 73 3.34 -5.81 60.02
CA VAL H 73 2.17 -6.55 60.46
C VAL H 73 1.34 -7.14 59.33
N THR H 74 0.71 -8.29 59.56
CA THR H 74 -0.19 -8.89 58.58
C THR H 74 -1.51 -9.14 59.30
N TYR H 75 -2.58 -8.45 58.92
CA TYR H 75 -3.85 -8.63 59.60
C TYR H 75 -4.70 -9.71 58.92
N LEU H 76 -4.88 -10.85 59.57
CA LEU H 76 -5.75 -11.91 59.06
C LEU H 76 -7.05 -11.76 59.81
N GLY H 77 -7.92 -10.92 59.25
CA GLY H 77 -9.21 -10.65 59.86
C GLY H 77 -10.18 -11.82 59.88
N PRO H 78 -11.37 -11.67 60.49
CA PRO H 78 -12.42 -12.68 60.50
C PRO H 78 -12.88 -12.94 59.08
N SER H 79 -12.55 -14.16 58.65
CA SER H 79 -12.80 -14.65 57.31
C SER H 79 -12.24 -13.74 56.20
N GLY H 80 -11.17 -14.31 55.67
CA GLY H 80 -10.34 -13.78 54.61
C GLY H 80 -9.29 -14.84 54.25
N SER H 81 -8.80 -15.47 55.31
CA SER H 81 -7.81 -16.52 55.22
C SER H 81 -8.49 -17.88 55.37
N GLN H 82 -7.69 -18.94 55.43
CA GLN H 82 -8.19 -20.29 55.64
C GLN H 82 -8.48 -20.56 57.13
N ILE H 83 -7.90 -19.76 58.04
CA ILE H 83 -8.04 -19.90 59.50
C ILE H 83 -9.48 -19.79 60.04
N GLY H 84 -10.37 -19.12 59.30
CA GLY H 84 -11.80 -18.96 59.64
C GLY H 84 -12.42 -20.26 60.14
N HIS H 85 -12.00 -21.30 59.41
CA HIS H 85 -12.14 -22.76 59.54
C HIS H 85 -12.62 -23.50 58.30
N LYS H 86 -11.57 -24.21 57.94
CA LYS H 86 -11.40 -25.08 56.80
C LYS H 86 -10.04 -25.76 57.06
N GLU H 87 -9.32 -25.34 58.10
CA GLU H 87 -8.00 -25.81 58.47
C GLU H 87 -7.81 -25.82 60.00
N SER H 88 -7.12 -26.82 60.54
CA SER H 88 -6.83 -26.90 61.97
C SER H 88 -6.05 -25.71 62.46
N ILE H 89 -6.36 -25.26 63.68
CA ILE H 89 -5.56 -24.21 64.30
C ILE H 89 -4.16 -24.74 64.51
N LYS H 90 -4.11 -26.05 64.76
CA LYS H 90 -2.86 -26.76 64.88
C LYS H 90 -2.07 -26.63 63.59
N ASP H 91 -2.70 -26.79 62.44
CA ASP H 91 -1.98 -26.60 61.19
C ASP H 91 -1.63 -25.14 60.97
N THR H 92 -2.58 -24.26 61.25
CA THR H 92 -2.39 -22.83 61.06
C THR H 92 -1.18 -22.32 61.81
N ALA H 93 -1.08 -22.80 63.04
CA ALA H 93 0.00 -22.40 63.90
C ALA H 93 1.31 -22.81 63.26
N ARG H 94 1.43 -24.10 62.96
CA ARG H 94 2.63 -24.62 62.36
C ARG H 94 2.98 -23.95 61.05
N VAL H 95 2.01 -23.40 60.35
CA VAL H 95 2.31 -22.68 59.13
C VAL H 95 2.85 -21.31 59.46
N LEU H 96 2.08 -20.55 60.21
CA LEU H 96 2.47 -19.20 60.54
C LEU H 96 3.79 -19.11 61.27
N GLY H 97 4.12 -20.07 62.14
CA GLY H 97 5.37 -20.07 62.88
C GLY H 97 6.61 -20.13 61.99
N ARG H 98 6.44 -20.73 60.83
CA ARG H 98 7.51 -20.83 59.87
C ARG H 98 7.75 -19.50 59.18
N MET H 99 6.78 -18.58 59.18
CA MET H 99 6.96 -17.31 58.51
C MET H 99 7.13 -16.11 59.43
N TYR H 100 6.38 -16.05 60.53
CA TYR H 100 6.43 -14.92 61.42
C TYR H 100 7.30 -15.08 62.66
N ASP H 101 7.54 -13.94 63.32
CA ASP H 101 8.32 -13.90 64.53
C ASP H 101 7.46 -13.88 65.78
N GLY H 102 6.18 -13.55 65.63
CA GLY H 102 5.21 -13.48 66.70
C GLY H 102 3.80 -13.49 66.12
N ILE H 103 2.84 -13.94 66.92
CA ILE H 103 1.45 -14.05 66.47
C ILE H 103 0.52 -13.52 67.54
N GLN H 104 -0.44 -12.69 67.14
CA GLN H 104 -1.48 -12.28 68.05
C GLN H 104 -2.72 -13.09 67.74
N TYR H 105 -3.53 -13.35 68.76
CA TYR H 105 -4.79 -14.03 68.55
C TYR H 105 -5.93 -13.41 69.33
N ARG H 106 -6.99 -13.00 68.64
CA ARG H 106 -8.20 -12.54 69.28
C ARG H 106 -9.23 -13.60 68.95
N GLY H 107 -10.00 -14.13 69.88
CA GLY H 107 -10.95 -15.16 69.50
C GLY H 107 -11.84 -15.65 70.62
N TYR H 108 -12.22 -16.90 70.38
CA TYR H 108 -13.18 -17.59 71.21
C TYR H 108 -12.60 -18.71 72.07
N GLY H 109 -12.27 -18.49 73.33
CA GLY H 109 -11.88 -19.65 74.10
C GLY H 109 -10.39 -19.93 74.08
N GLN H 110 -9.96 -20.03 75.32
CA GLN H 110 -8.57 -20.22 75.66
C GLN H 110 -7.92 -21.44 75.07
N GLU H 111 -8.69 -22.51 74.84
CA GLU H 111 -8.14 -23.72 74.24
C GLU H 111 -7.42 -23.35 72.94
N ILE H 112 -8.11 -22.55 72.13
CA ILE H 112 -7.60 -22.12 70.85
C ILE H 112 -6.23 -21.47 70.97
N VAL H 113 -6.12 -20.39 71.74
CA VAL H 113 -4.85 -19.71 71.82
C VAL H 113 -3.76 -20.55 72.47
N GLU H 114 -4.12 -21.48 73.34
CA GLU H 114 -3.15 -22.37 73.95
C GLU H 114 -2.61 -23.38 72.96
N THR H 115 -3.51 -23.92 72.15
CA THR H 115 -3.12 -24.84 71.11
C THR H 115 -2.26 -24.09 70.11
N LEU H 116 -2.63 -22.85 69.82
CA LEU H 116 -1.89 -22.03 68.90
C LEU H 116 -0.50 -21.81 69.45
N ALA H 117 -0.35 -21.66 70.76
CA ALA H 117 0.96 -21.46 71.36
C ALA H 117 1.84 -22.69 71.47
N GLU H 118 1.27 -23.89 71.64
CA GLU H 118 2.07 -25.09 71.72
C GLU H 118 2.81 -25.38 70.43
N TYR H 119 2.04 -25.24 69.36
CA TYR H 119 2.51 -25.58 68.04
C TYR H 119 3.20 -24.52 67.22
N ALA H 120 2.99 -23.23 67.49
CA ALA H 120 3.61 -22.21 66.67
C ALA H 120 5.12 -22.05 66.76
N ARG H 121 5.70 -22.31 67.94
CA ARG H 121 7.12 -22.13 68.20
C ARG H 121 7.63 -20.69 68.11
N VAL H 122 6.71 -19.72 68.19
CA VAL H 122 7.01 -18.31 68.30
C VAL H 122 6.09 -17.73 69.39
N PRO H 123 6.36 -16.57 70.01
CA PRO H 123 5.52 -15.98 71.02
C PRO H 123 4.10 -15.75 70.56
N VAL H 124 3.14 -16.20 71.35
CA VAL H 124 1.74 -15.98 71.03
C VAL H 124 1.15 -15.11 72.13
N TRP H 125 0.51 -14.04 71.70
CA TRP H 125 -0.09 -13.10 72.63
C TRP H 125 -1.60 -13.19 72.52
N ASN H 126 -2.28 -13.12 73.66
CA ASN H 126 -3.73 -13.19 73.69
C ASN H 126 -4.37 -11.81 73.56
N GLY H 127 -4.94 -11.58 72.39
CA GLY H 127 -5.62 -10.33 72.08
C GLY H 127 -6.98 -10.17 72.75
N LEU H 128 -7.51 -11.25 73.32
CA LEU H 128 -8.77 -11.37 74.01
C LEU H 128 -9.25 -12.69 73.50
N THR H 129 -9.61 -13.41 74.53
CA THR H 129 -10.21 -14.70 74.39
C THR H 129 -11.52 -14.64 75.19
N ASN H 130 -12.32 -15.69 75.18
CA ASN H 130 -13.58 -15.69 75.90
C ASN H 130 -13.42 -15.60 77.41
N GLU H 131 -12.36 -16.19 77.93
CA GLU H 131 -12.13 -16.26 79.36
C GLU H 131 -11.22 -15.19 79.89
N PHE H 132 -10.12 -14.89 79.21
CA PHE H 132 -9.19 -13.88 79.68
C PHE H 132 -8.98 -12.76 78.71
N HIS H 133 -8.25 -11.74 79.14
CA HIS H 133 -7.99 -10.59 78.33
C HIS H 133 -6.79 -9.90 78.95
N PRO H 134 -5.63 -10.54 79.09
CA PRO H 134 -4.54 -10.07 79.92
C PRO H 134 -3.97 -8.71 79.55
N THR H 135 -3.92 -8.51 78.25
CA THR H 135 -3.40 -7.29 77.67
C THR H 135 -4.14 -6.07 78.19
N GLN H 136 -5.46 -6.15 78.37
CA GLN H 136 -6.25 -5.04 78.89
C GLN H 136 -5.79 -4.62 80.27
N LEU H 137 -5.75 -5.61 81.15
CA LEU H 137 -5.38 -5.33 82.51
C LEU H 137 -4.03 -4.68 82.67
N LEU H 138 -3.07 -5.01 81.81
CA LEU H 138 -1.78 -4.35 81.87
C LEU H 138 -1.97 -2.85 81.73
N ALA H 139 -2.70 -2.50 80.68
CA ALA H 139 -3.02 -1.13 80.43
C ALA H 139 -3.78 -0.55 81.61
N ASP H 140 -4.84 -1.20 82.09
CA ASP H 140 -5.58 -0.66 83.20
C ASP H 140 -4.74 -0.46 84.46
N LEU H 141 -3.84 -1.41 84.73
CA LEU H 141 -2.99 -1.31 85.89
C LEU H 141 -2.14 -0.07 85.82
N LEU H 142 -1.51 0.13 84.67
CA LEU H 142 -0.71 1.31 84.49
C LEU H 142 -1.56 2.55 84.58
N THR H 143 -2.73 2.59 83.96
CA THR H 143 -3.55 3.78 84.01
C THR H 143 -3.92 4.08 85.45
N MET H 144 -4.15 3.02 86.25
CA MET H 144 -4.50 3.21 87.65
C MET H 144 -3.36 3.79 88.43
N GLN H 145 -2.18 3.33 88.06
CA GLN H 145 -0.95 3.75 88.68
C GLN H 145 -0.62 5.20 88.33
N GLU H 146 -0.92 5.61 87.09
CA GLU H 146 -0.66 6.97 86.67
C GLU H 146 -1.61 7.96 87.31
N HIS H 147 -2.80 7.55 87.74
CA HIS H 147 -3.72 8.48 88.38
C HIS H 147 -3.68 8.50 89.90
N LEU H 148 -2.95 7.58 90.53
CA LEU H 148 -2.73 7.60 91.97
C LEU H 148 -1.25 7.34 92.16
N PRO H 149 -0.39 8.34 91.96
CA PRO H 149 1.05 8.18 92.14
C PRO H 149 1.36 8.01 93.61
N GLY H 150 2.52 7.38 93.84
CA GLY H 150 2.98 7.10 95.20
C GLY H 150 2.09 6.11 95.95
N LYS H 151 1.31 5.34 95.21
CA LYS H 151 0.46 4.33 95.81
C LYS H 151 0.84 3.00 95.20
N ALA H 152 1.16 2.05 96.09
CA ALA H 152 1.35 0.68 95.65
C ALA H 152 -0.03 0.13 95.33
N PHE H 153 -0.10 -0.91 94.50
CA PHE H 153 -1.39 -1.46 94.16
C PHE H 153 -2.20 -1.97 95.34
N ASN H 154 -1.52 -2.47 96.38
CA ASN H 154 -2.21 -2.94 97.57
C ASN H 154 -2.87 -1.84 98.39
N GLU H 155 -2.55 -0.58 98.08
CA GLU H 155 -3.15 0.57 98.73
C GLU H 155 -4.37 1.10 97.97
N MET H 156 -4.75 0.45 96.86
CA MET H 156 -5.86 0.88 96.02
C MET H 156 -7.10 0.00 96.10
N THR H 157 -8.28 0.60 96.06
CA THR H 157 -9.48 -0.20 96.08
C THR H 157 -10.15 -0.10 94.71
N LEU H 158 -10.28 -1.22 94.00
CA LEU H 158 -10.92 -1.23 92.70
C LEU H 158 -12.23 -2.00 92.75
N VAL H 159 -13.32 -1.36 92.31
CA VAL H 159 -14.61 -2.02 92.24
C VAL H 159 -14.95 -2.30 90.78
N TYR H 160 -15.48 -3.49 90.54
CA TYR H 160 -15.95 -3.85 89.22
C TYR H 160 -17.42 -4.21 89.34
N ALA H 161 -18.31 -3.33 88.88
CA ALA H 161 -19.73 -3.66 88.83
C ALA H 161 -20.06 -4.45 87.56
N GLY H 162 -21.30 -4.88 87.33
CA GLY H 162 -21.62 -5.55 86.07
C GLY H 162 -21.48 -7.07 86.09
N ASP H 163 -21.41 -7.62 84.88
CA ASP H 163 -21.23 -9.04 84.66
C ASP H 163 -19.84 -9.52 85.03
N ALA H 164 -19.75 -10.06 86.23
CA ALA H 164 -18.48 -10.51 86.74
C ALA H 164 -17.97 -11.84 86.20
N ARG H 165 -18.67 -12.54 85.31
CA ARG H 165 -18.15 -13.80 84.80
C ARG H 165 -17.70 -13.77 83.35
N ASN H 166 -17.63 -12.57 82.78
CA ASN H 166 -17.07 -12.45 81.45
C ASN H 166 -15.55 -12.45 81.51
N ASN H 167 -14.92 -12.33 80.35
CA ASN H 167 -13.47 -12.34 80.27
C ASN H 167 -12.84 -11.25 81.12
N MET H 168 -13.52 -10.12 81.25
CA MET H 168 -13.01 -9.04 82.07
C MET H 168 -13.04 -9.29 83.56
N GLY H 169 -14.08 -9.99 84.01
CA GLY H 169 -14.22 -10.32 85.41
C GLY H 169 -13.10 -11.26 85.80
N ASN H 170 -12.95 -12.28 84.99
CA ASN H 170 -11.93 -13.28 85.19
C ASN H 170 -10.55 -12.65 85.25
N SER H 171 -10.30 -11.70 84.36
CA SER H 171 -9.03 -11.01 84.33
C SER H 171 -8.78 -10.17 85.57
N MET H 172 -9.81 -9.57 86.16
CA MET H 172 -9.69 -8.79 87.38
C MET H 172 -9.08 -9.61 88.50
N LEU H 173 -9.62 -10.82 88.62
CA LEU H 173 -9.16 -11.78 89.60
C LEU H 173 -7.68 -12.03 89.48
N GLU H 174 -7.21 -12.25 88.26
CA GLU H 174 -5.80 -12.49 88.06
C GLU H 174 -4.97 -11.30 88.47
N ALA H 175 -5.46 -10.11 88.11
CA ALA H 175 -4.76 -8.88 88.40
C ALA H 175 -4.54 -8.72 89.89
N ALA H 176 -5.62 -8.86 90.66
CA ALA H 176 -5.55 -8.77 92.09
C ALA H 176 -4.64 -9.83 92.72
N ALA H 177 -4.74 -11.05 92.21
CA ALA H 177 -3.90 -12.13 92.69
C ALA H 177 -2.42 -11.81 92.57
N LEU H 178 -2.10 -10.94 91.63
CA LEU H 178 -0.75 -10.51 91.39
C LEU H 178 -0.42 -9.16 91.99
N THR H 179 -1.38 -8.35 92.42
CA THR H 179 -1.06 -7.01 92.87
C THR H 179 -1.45 -6.64 94.27
N GLY H 180 -2.31 -7.47 94.87
CA GLY H 180 -2.82 -7.20 96.18
C GLY H 180 -3.82 -6.08 96.16
N LEU H 181 -4.46 -5.78 95.03
CA LEU H 181 -5.53 -4.81 94.98
C LEU H 181 -6.68 -5.25 95.87
N ASP H 182 -7.42 -4.32 96.45
CA ASP H 182 -8.61 -4.69 97.15
C ASP H 182 -9.73 -4.79 96.10
N LEU H 183 -9.82 -5.95 95.44
CA LEU H 183 -10.84 -6.18 94.44
C LEU H 183 -12.21 -6.31 95.02
N ARG H 184 -13.17 -5.69 94.36
CA ARG H 184 -14.55 -5.84 94.76
C ARG H 184 -15.35 -6.05 93.50
N LEU H 185 -15.97 -7.22 93.45
CA LEU H 185 -16.79 -7.56 92.33
C LEU H 185 -18.23 -7.35 92.73
N VAL H 186 -18.83 -6.22 92.41
CA VAL H 186 -20.22 -6.01 92.75
C VAL H 186 -21.06 -6.52 91.61
N ALA H 187 -21.72 -7.65 91.83
CA ALA H 187 -22.49 -8.30 90.79
C ALA H 187 -23.59 -9.15 91.39
N PRO H 188 -24.69 -9.49 90.69
CA PRO H 188 -25.61 -10.52 91.13
C PRO H 188 -24.87 -11.85 91.15
N GLN H 189 -25.33 -12.72 92.03
CA GLN H 189 -24.71 -14.02 92.22
C GLN H 189 -24.70 -14.83 90.94
N ALA H 190 -25.76 -14.69 90.15
CA ALA H 190 -25.86 -15.38 88.87
C ALA H 190 -24.74 -15.06 87.91
N CYS H 191 -24.15 -13.88 88.08
CA CYS H 191 -23.03 -13.48 87.28
C CYS H 191 -21.70 -13.57 88.01
N TRP H 192 -21.59 -14.23 89.16
CA TRP H 192 -20.30 -14.32 89.81
C TRP H 192 -19.32 -15.24 89.09
N PRO H 193 -18.03 -14.93 89.12
CA PRO H 193 -17.02 -15.76 88.49
C PRO H 193 -16.95 -17.11 89.16
N GLU H 194 -16.48 -18.08 88.38
CA GLU H 194 -16.30 -19.44 88.82
C GLU H 194 -15.49 -19.50 90.11
N ALA H 195 -16.06 -20.19 91.10
CA ALA H 195 -15.46 -20.24 92.41
C ALA H 195 -14.07 -20.81 92.50
N ALA H 196 -13.71 -21.78 91.65
CA ALA H 196 -12.37 -22.31 91.73
C ALA H 196 -11.31 -21.25 91.50
N LEU H 197 -11.60 -20.35 90.56
CA LEU H 197 -10.68 -19.29 90.24
C LEU H 197 -10.65 -18.19 91.29
N VAL H 198 -11.81 -17.93 91.89
CA VAL H 198 -11.91 -16.93 92.93
C VAL H 198 -11.02 -17.32 94.09
N THR H 199 -11.16 -18.56 94.53
CA THR H 199 -10.40 -19.13 95.63
C THR H 199 -8.89 -19.04 95.44
N GLU H 200 -8.42 -19.47 94.26
CA GLU H 200 -7.01 -19.44 93.93
C GLU H 200 -6.47 -18.02 93.93
N CYS H 201 -7.21 -17.16 93.27
CA CYS H 201 -6.81 -15.77 93.19
C CYS H 201 -6.93 -15.04 94.49
N ARG H 202 -7.89 -15.43 95.34
CA ARG H 202 -8.08 -14.75 96.61
C ARG H 202 -6.89 -15.04 97.51
N ALA H 203 -6.52 -16.31 97.54
CA ALA H 203 -5.40 -16.79 98.31
C ALA H 203 -4.11 -16.03 97.98
N LEU H 204 -3.92 -15.83 96.68
CA LEU H 204 -2.77 -15.11 96.18
C LEU H 204 -2.86 -13.62 96.42
N ALA H 205 -4.05 -13.06 96.32
CA ALA H 205 -4.22 -11.64 96.56
C ALA H 205 -3.88 -11.30 98.00
N GLN H 206 -4.44 -12.06 98.94
CA GLN H 206 -4.21 -11.90 100.36
C GLN H 206 -2.73 -12.00 100.72
N GLN H 207 -1.98 -12.89 100.06
CA GLN H 207 -0.55 -13.01 100.26
C GLN H 207 0.16 -11.71 99.96
N ASN H 208 -0.34 -11.03 98.94
CA ASN H 208 0.22 -9.77 98.53
C ASN H 208 -0.44 -8.56 99.18
N GLY H 209 -1.34 -8.80 100.12
CA GLY H 209 -1.97 -7.75 100.89
C GLY H 209 -3.33 -7.29 100.41
N GLY H 210 -3.96 -7.98 99.47
CA GLY H 210 -5.27 -7.59 98.97
C GLY H 210 -6.35 -8.50 99.49
N ASN H 211 -7.51 -8.52 98.82
CA ASN H 211 -8.65 -9.36 99.18
C ASN H 211 -9.71 -9.22 98.11
N ILE H 212 -10.26 -10.33 97.67
CA ILE H 212 -11.30 -10.29 96.66
C ILE H 212 -12.65 -10.44 97.33
N THR H 213 -13.40 -9.36 97.36
CA THR H 213 -14.73 -9.39 97.92
C THR H 213 -15.78 -9.55 96.81
N LEU H 214 -16.72 -10.50 96.90
CA LEU H 214 -17.82 -10.58 95.95
C LEU H 214 -19.08 -10.19 96.69
N THR H 215 -19.96 -9.36 96.14
CA THR H 215 -21.20 -9.00 96.81
C THR H 215 -22.27 -8.45 95.90
N GLU H 216 -23.51 -8.86 96.14
CA GLU H 216 -24.63 -8.32 95.40
C GLU H 216 -25.02 -6.92 95.87
N ASP H 217 -24.56 -6.50 97.05
CA ASP H 217 -24.92 -5.17 97.53
C ASP H 217 -24.01 -4.14 96.93
N VAL H 218 -24.67 -3.18 96.28
CA VAL H 218 -23.95 -2.12 95.61
C VAL H 218 -23.29 -1.21 96.63
N ALA H 219 -24.12 -0.83 97.59
CA ALA H 219 -23.73 0.10 98.62
C ALA H 219 -22.52 -0.30 99.45
N LYS H 220 -22.41 -1.55 99.91
CA LYS H 220 -21.22 -1.87 100.68
C LYS H 220 -20.02 -2.20 99.80
N GLY H 221 -20.27 -2.48 98.52
CA GLY H 221 -19.21 -2.79 97.59
C GLY H 221 -18.44 -1.57 97.14
N VAL H 222 -19.14 -0.57 96.62
CA VAL H 222 -18.50 0.63 96.09
C VAL H 222 -17.83 1.53 97.11
N GLU H 223 -18.19 1.38 98.39
CA GLU H 223 -17.66 2.21 99.46
C GLU H 223 -16.13 2.29 99.56
N GLY H 224 -15.60 3.49 99.47
CA GLY H 224 -14.17 3.75 99.58
C GLY H 224 -13.34 3.43 98.36
N ALA H 225 -13.97 3.08 97.24
CA ALA H 225 -13.26 2.75 96.03
C ALA H 225 -12.41 3.87 95.48
N ASP H 226 -11.24 3.56 94.95
CA ASP H 226 -10.49 4.57 94.23
C ASP H 226 -10.93 4.55 92.79
N PHE H 227 -11.38 3.39 92.29
CA PHE H 227 -11.82 3.23 90.93
C PHE H 227 -13.09 2.43 90.78
N ILE H 228 -14.04 2.91 89.98
CA ILE H 228 -15.18 2.11 89.60
C ILE H 228 -14.88 1.66 88.17
N TYR H 229 -15.13 0.40 87.84
CA TYR H 229 -14.87 -0.13 86.50
C TYR H 229 -16.08 -0.95 86.07
N THR H 230 -16.48 -0.92 84.80
CA THR H 230 -17.57 -1.76 84.32
C THR H 230 -17.41 -2.12 82.84
N ASP H 231 -18.29 -2.96 82.28
CA ASP H 231 -18.21 -3.40 80.91
C ASP H 231 -19.60 -3.73 80.39
N VAL H 232 -19.73 -3.89 79.07
CA VAL H 232 -21.00 -4.22 78.44
C VAL H 232 -21.62 -5.46 79.07
N TRP H 233 -22.95 -5.53 79.13
CA TRP H 233 -23.53 -6.68 79.79
C TRP H 233 -23.50 -7.95 78.97
N VAL H 234 -23.52 -7.86 77.64
CA VAL H 234 -23.33 -9.04 76.82
C VAL H 234 -22.04 -8.82 76.04
N SER H 235 -21.15 -9.79 76.12
CA SER H 235 -19.87 -9.68 75.45
C SER H 235 -19.90 -10.15 74.02
N MET H 236 -18.82 -9.86 73.29
CA MET H 236 -18.66 -10.36 71.95
C MET H 236 -18.70 -11.88 71.90
N GLY H 237 -19.51 -12.40 71.00
CA GLY H 237 -19.58 -13.84 70.86
C GLY H 237 -20.74 -14.48 71.60
N GLU H 238 -21.32 -13.81 72.59
CA GLU H 238 -22.48 -14.36 73.25
C GLU H 238 -23.70 -14.12 72.38
N ALA H 239 -24.68 -15.03 72.53
CA ALA H 239 -25.90 -14.97 71.75
C ALA H 239 -26.71 -13.71 72.03
N LYS H 240 -27.37 -13.22 70.97
CA LYS H 240 -28.17 -12.01 71.06
C LYS H 240 -29.30 -12.11 72.08
N GLU H 241 -29.73 -13.35 72.31
CA GLU H 241 -30.79 -13.68 73.25
C GLU H 241 -30.51 -13.31 74.69
N LYS H 242 -29.23 -13.41 75.06
CA LYS H 242 -28.77 -13.06 76.38
C LYS H 242 -29.10 -11.65 76.81
N TRP H 243 -29.22 -10.70 75.88
CA TRP H 243 -29.51 -9.34 76.25
C TRP H 243 -30.71 -9.15 77.15
N ALA H 244 -31.83 -9.78 76.83
CA ALA H 244 -33.01 -9.66 77.66
C ALA H 244 -32.85 -10.15 79.10
N GLU H 245 -32.12 -11.24 79.32
CA GLU H 245 -31.93 -11.67 80.69
C GLU H 245 -30.80 -10.92 81.38
N ARG H 246 -29.77 -10.52 80.66
CA ARG H 246 -28.67 -9.82 81.27
C ARG H 246 -29.09 -8.43 81.70
N ILE H 247 -29.95 -7.75 80.95
CA ILE H 247 -30.43 -6.44 81.36
C ILE H 247 -31.27 -6.58 82.62
N ALA H 248 -32.06 -7.66 82.64
CA ALA H 248 -32.91 -7.96 83.76
C ALA H 248 -32.14 -8.11 85.06
N LEU H 249 -30.99 -8.80 84.97
CA LEU H 249 -30.14 -9.03 86.10
C LEU H 249 -29.30 -7.83 86.49
N LEU H 250 -28.58 -7.32 85.51
CA LEU H 250 -27.61 -6.31 85.76
C LEU H 250 -28.04 -4.85 85.81
N ARG H 251 -29.25 -4.41 85.47
CA ARG H 251 -29.48 -2.97 85.45
C ARG H 251 -29.34 -2.24 86.77
N GLU H 252 -29.52 -2.90 87.91
CA GLU H 252 -29.28 -2.20 89.16
C GLU H 252 -27.79 -2.02 89.41
N TYR H 253 -26.96 -2.63 88.57
CA TYR H 253 -25.53 -2.50 88.70
C TYR H 253 -24.95 -1.50 87.72
N GLN H 254 -25.81 -0.70 87.10
CA GLN H 254 -25.39 0.37 86.21
C GLN H 254 -24.51 1.34 86.98
N VAL H 255 -23.42 1.80 86.37
CA VAL H 255 -22.58 2.78 87.02
C VAL H 255 -23.16 4.11 86.61
N ASN H 256 -23.91 4.66 87.55
CA ASN H 256 -24.56 5.95 87.41
C ASN H 256 -23.98 6.93 88.42
N SER H 257 -24.58 8.11 88.55
CA SER H 257 -24.06 9.15 89.44
C SER H 257 -24.19 8.83 90.93
N LYS H 258 -25.38 8.31 91.27
CA LYS H 258 -25.70 7.85 92.62
C LYS H 258 -24.73 6.76 93.03
N MET H 259 -24.38 5.96 92.05
CA MET H 259 -23.46 4.87 92.20
C MET H 259 -22.10 5.40 92.58
N MET H 260 -21.62 6.38 91.83
CA MET H 260 -20.37 7.07 92.09
C MET H 260 -20.38 7.85 93.40
N GLN H 261 -21.58 8.16 93.87
CA GLN H 261 -21.71 8.94 95.07
C GLN H 261 -21.67 8.06 96.31
N LEU H 262 -22.21 6.85 96.23
CA LEU H 262 -22.15 5.91 97.33
C LEU H 262 -20.73 5.50 97.68
N THR H 263 -19.78 5.78 96.78
CA THR H 263 -18.37 5.50 96.99
C THR H 263 -17.91 6.24 98.23
N GLY H 264 -18.22 7.54 98.26
CA GLY H 264 -17.77 8.37 99.34
C GLY H 264 -16.47 9.06 98.98
N ASN H 265 -15.67 8.55 98.03
CA ASN H 265 -14.45 9.23 97.60
C ASN H 265 -14.81 10.19 96.47
N PRO H 266 -14.59 11.49 96.57
CA PRO H 266 -14.88 12.44 95.49
C PRO H 266 -13.81 12.45 94.41
N GLU H 267 -12.71 11.74 94.67
CA GLU H 267 -11.63 11.61 93.72
C GLU H 267 -11.72 10.31 92.91
N VAL H 268 -12.81 9.56 93.09
CA VAL H 268 -12.98 8.30 92.42
C VAL H 268 -13.05 8.49 90.92
N LYS H 269 -12.28 7.65 90.24
CA LYS H 269 -12.26 7.70 88.81
C LYS H 269 -12.88 6.45 88.22
N PHE H 270 -13.62 6.72 87.15
CA PHE H 270 -14.28 5.69 86.36
C PHE H 270 -13.40 5.10 85.26
N LEU H 271 -13.55 3.80 85.05
CA LEU H 271 -12.79 3.08 84.05
C LEU H 271 -13.73 2.18 83.27
N HIS H 272 -13.44 1.94 82.00
CA HIS H 272 -14.23 1.06 81.15
C HIS H 272 -13.35 0.72 79.96
N CYS H 273 -13.19 -0.58 79.71
CA CYS H 273 -12.31 -1.02 78.65
C CYS H 273 -12.74 -0.61 77.26
N LEU H 274 -14.04 -0.30 77.10
CA LEU H 274 -14.70 0.08 75.86
C LEU H 274 -14.83 -1.06 74.85
N PRO H 275 -15.72 -1.06 73.83
CA PRO H 275 -16.82 -0.13 73.61
C PRO H 275 -17.81 -0.05 74.76
N ALA H 276 -18.40 1.13 74.96
CA ALA H 276 -19.39 1.25 76.01
C ALA H 276 -20.71 1.74 75.49
N PHE H 277 -21.85 1.12 75.79
CA PHE H 277 -23.13 1.64 75.33
C PHE H 277 -23.56 2.72 76.32
N HIS H 278 -23.01 3.91 76.22
CA HIS H 278 -23.38 4.94 77.16
C HIS H 278 -24.37 5.94 76.62
N ASP H 279 -24.70 5.97 75.35
CA ASP H 279 -25.70 6.92 74.88
C ASP H 279 -26.66 6.33 73.86
N ASP H 280 -27.71 7.10 73.60
CA ASP H 280 -28.78 6.71 72.70
C ASP H 280 -28.47 7.18 71.29
N GLN H 281 -27.22 6.90 70.90
CA GLN H 281 -26.61 7.29 69.64
C GLN H 281 -26.36 6.11 68.72
N THR H 282 -26.00 4.94 69.26
CA THR H 282 -25.70 3.81 68.41
C THR H 282 -26.84 3.04 67.76
N THR H 283 -26.35 2.07 66.99
CA THR H 283 -27.15 1.12 66.25
C THR H 283 -28.02 0.31 67.22
N LEU H 284 -27.39 -0.63 67.93
CA LEU H 284 -28.09 -1.42 68.93
C LEU H 284 -28.17 -0.73 70.28
N GLY H 285 -27.52 0.43 70.35
CA GLY H 285 -27.56 1.24 71.54
C GLY H 285 -28.94 1.85 71.68
N LYS H 286 -29.47 2.43 70.61
CA LYS H 286 -30.78 3.04 70.64
C LYS H 286 -31.89 2.01 70.70
N LYS H 287 -31.70 0.88 69.99
CA LYS H 287 -32.68 -0.18 69.99
C LYS H 287 -32.87 -0.75 71.38
N MET H 288 -31.77 -1.01 72.09
CA MET H 288 -31.83 -1.49 73.45
C MET H 288 -32.37 -0.44 74.42
N ALA H 289 -32.05 0.81 74.15
CA ALA H 289 -32.43 1.90 75.03
C ALA H 289 -33.92 2.21 75.08
N GLU H 290 -34.61 2.02 73.95
CA GLU H 290 -36.04 2.28 73.92
C GLU H 290 -36.84 1.11 74.42
N GLU H 291 -36.43 -0.07 73.94
CA GLU H 291 -37.07 -1.33 74.24
C GLU H 291 -37.18 -1.61 75.74
N PHE H 292 -36.03 -1.69 76.41
CA PHE H 292 -35.97 -1.94 77.83
C PHE H 292 -36.09 -0.67 78.65
N GLY H 293 -35.80 0.46 78.00
CA GLY H 293 -35.86 1.73 78.67
C GLY H 293 -34.56 2.10 79.37
N LEU H 294 -33.38 1.80 78.81
CA LEU H 294 -32.14 2.29 79.39
C LEU H 294 -31.82 3.63 78.72
N HIS H 295 -32.57 4.65 79.13
CA HIS H 295 -32.37 5.95 78.54
C HIS H 295 -31.20 6.68 79.14
N GLY H 296 -30.20 6.89 78.28
CA GLY H 296 -29.01 7.60 78.67
C GLY H 296 -27.91 6.74 79.26
N GLY H 297 -27.76 5.51 78.79
CA GLY H 297 -26.70 4.67 79.30
C GLY H 297 -27.16 3.31 79.75
N MET H 298 -26.36 2.30 79.46
CA MET H 298 -26.70 0.96 79.88
C MET H 298 -25.75 0.63 81.01
N GLU H 299 -24.56 0.09 80.77
CA GLU H 299 -23.64 -0.20 81.88
C GLU H 299 -23.21 1.07 82.55
N VAL H 300 -23.10 2.14 81.79
CA VAL H 300 -22.74 3.41 82.37
C VAL H 300 -23.55 4.50 81.74
N THR H 301 -23.98 5.39 82.61
CA THR H 301 -24.68 6.60 82.26
C THR H 301 -23.74 7.48 81.45
N ASP H 302 -24.28 8.19 80.45
CA ASP H 302 -23.51 9.08 79.62
C ASP H 302 -22.95 10.23 80.44
N GLU H 303 -23.70 10.64 81.47
CA GLU H 303 -23.24 11.67 82.39
C GLU H 303 -21.95 11.24 83.09
N VAL H 304 -21.87 9.97 83.48
CA VAL H 304 -20.65 9.50 84.13
C VAL H 304 -19.56 9.28 83.10
N PHE H 305 -19.91 8.84 81.91
CA PHE H 305 -18.92 8.60 80.89
C PHE H 305 -18.22 9.88 80.48
N GLU H 306 -18.94 10.99 80.49
CA GLU H 306 -18.35 12.25 80.11
C GLU H 306 -17.96 13.10 81.32
N SER H 307 -18.11 12.50 82.50
CA SER H 307 -17.74 13.07 83.78
C SER H 307 -16.23 13.35 83.82
N ALA H 308 -15.81 14.21 84.74
CA ALA H 308 -14.39 14.43 84.95
C ALA H 308 -13.74 13.19 85.56
N ALA H 309 -14.55 12.33 86.18
CA ALA H 309 -14.07 11.09 86.74
C ALA H 309 -13.64 10.11 85.65
N SER H 310 -14.29 10.17 84.49
CA SER H 310 -13.97 9.28 83.40
C SER H 310 -12.57 9.51 82.90
N ILE H 311 -11.78 8.45 82.98
CA ILE H 311 -10.45 8.49 82.43
C ILE H 311 -10.27 7.38 81.40
N VAL H 312 -11.40 6.98 80.80
CA VAL H 312 -11.40 5.88 79.86
C VAL H 312 -10.54 6.10 78.64
N PHE H 313 -10.36 7.35 78.21
CA PHE H 313 -9.57 7.57 77.04
C PHE H 313 -8.09 7.54 77.35
N ASP H 314 -7.71 7.85 78.59
CA ASP H 314 -6.33 7.67 78.99
C ASP H 314 -6.02 6.18 79.01
N GLN H 315 -6.97 5.47 79.60
CA GLN H 315 -6.94 4.04 79.71
C GLN H 315 -6.76 3.47 78.32
N ALA H 316 -7.62 3.90 77.41
CA ALA H 316 -7.57 3.47 76.04
C ALA H 316 -6.23 3.71 75.37
N GLU H 317 -5.60 4.87 75.62
CA GLU H 317 -4.31 5.16 75.04
C GLU H 317 -3.27 4.19 75.57
N ASN H 318 -3.42 3.88 76.84
CA ASN H 318 -2.46 3.01 77.48
C ASN H 318 -2.47 1.59 76.99
N ARG H 319 -3.49 1.19 76.22
CA ARG H 319 -3.51 -0.10 75.59
C ARG H 319 -2.29 -0.33 74.68
N MET H 320 -1.93 0.66 73.88
CA MET H 320 -0.85 0.46 72.91
C MET H 320 0.55 0.49 73.48
N HIS H 321 0.80 1.31 74.51
CA HIS H 321 2.12 1.33 75.10
C HIS H 321 2.39 0.00 75.78
N THR H 322 1.36 -0.45 76.47
CA THR H 322 1.35 -1.73 77.14
C THR H 322 1.64 -2.90 76.22
N ILE H 323 0.98 -2.92 75.06
CA ILE H 323 1.22 -3.94 74.06
C ILE H 323 2.60 -3.81 73.42
N LYS H 324 3.08 -2.58 73.24
CA LYS H 324 4.40 -2.38 72.69
C LYS H 324 5.42 -3.02 73.61
N ALA H 325 5.15 -2.84 74.91
CA ALA H 325 5.99 -3.39 75.94
C ALA H 325 6.01 -4.90 75.89
N VAL H 326 4.84 -5.52 75.74
CA VAL H 326 4.77 -6.96 75.68
C VAL H 326 5.58 -7.47 74.52
N MET H 327 5.45 -6.79 73.39
CA MET H 327 6.15 -7.22 72.21
C MET H 327 7.64 -7.01 72.25
N VAL H 328 8.12 -5.90 72.80
CA VAL H 328 9.56 -5.77 72.84
C VAL H 328 10.12 -6.69 73.90
N ALA H 329 9.33 -7.03 74.91
CA ALA H 329 9.81 -7.94 75.92
C ALA H 329 9.95 -9.35 75.43
N THR H 330 9.01 -9.85 74.64
CA THR H 330 9.05 -11.22 74.17
C THR H 330 9.87 -11.46 72.91
N LEU H 331 10.20 -10.40 72.17
CA LEU H 331 10.89 -10.54 70.91
C LEU H 331 12.32 -10.03 70.89
N SER H 332 12.70 -9.20 71.84
CA SER H 332 14.02 -8.64 71.88
C SER H 332 14.94 -9.16 72.98
N LYS H 333 16.23 -9.15 72.54
CA LYS H 333 17.47 -9.51 73.24
C LYS H 333 17.56 -10.70 74.20
N SER I 1 17.43 -12.83 34.70
CA SER I 1 17.81 -12.56 33.32
C SER I 1 16.63 -12.09 32.45
N GLY I 2 15.95 -12.98 31.69
CA GLY I 2 14.77 -12.61 30.93
C GLY I 2 13.54 -12.76 31.82
N PHE I 3 13.69 -12.20 33.02
CA PHE I 3 12.69 -12.22 34.06
C PHE I 3 12.11 -10.88 34.40
N TYR I 4 12.91 -9.83 34.27
CA TYR I 4 12.48 -8.49 34.63
C TYR I 4 11.27 -8.09 33.80
N HIS I 5 10.25 -7.65 34.53
CA HIS I 5 8.95 -7.31 33.99
C HIS I 5 8.17 -8.41 33.30
N LYS I 6 8.53 -9.66 33.56
CA LYS I 6 7.77 -10.79 33.04
C LYS I 6 6.61 -11.10 33.97
N HIS I 7 5.49 -11.62 33.47
CA HIS I 7 4.42 -12.02 34.39
C HIS I 7 4.69 -13.44 34.85
N PHE I 8 3.96 -13.94 35.84
CA PHE I 8 4.14 -15.32 36.25
C PHE I 8 2.72 -15.84 36.29
N LEU I 9 2.19 -16.32 35.17
CA LEU I 9 0.80 -16.77 35.12
C LEU I 9 0.64 -18.26 35.13
N LYS I 10 1.46 -18.98 34.36
CA LYS I 10 1.46 -20.43 34.35
C LYS I 10 2.89 -20.88 34.09
N LEU I 11 3.29 -22.09 34.49
CA LEU I 11 4.66 -22.49 34.30
C LEU I 11 5.15 -22.68 32.88
N LEU I 12 4.30 -23.13 31.94
CA LEU I 12 4.76 -23.35 30.58
C LEU I 12 5.13 -22.08 29.81
N ASP I 13 4.99 -20.90 30.39
CA ASP I 13 5.46 -19.69 29.73
C ASP I 13 6.95 -19.50 30.04
N PHE I 14 7.57 -20.50 30.65
CA PHE I 14 8.97 -20.47 31.00
C PHE I 14 9.75 -21.66 30.47
N THR I 15 11.02 -21.41 30.19
CA THR I 15 11.88 -22.49 29.76
C THR I 15 12.34 -23.30 30.96
N PRO I 16 12.79 -24.55 30.76
CA PRO I 16 13.39 -25.34 31.82
C PRO I 16 14.51 -24.61 32.53
N ALA I 17 15.30 -23.90 31.73
CA ALA I 17 16.38 -23.10 32.25
C ALA I 17 15.91 -21.96 33.14
N GLU I 18 14.82 -21.32 32.75
CA GLU I 18 14.27 -20.23 33.51
C GLU I 18 13.73 -20.71 34.85
N LEU I 19 13.01 -21.83 34.82
CA LEU I 19 12.46 -22.41 36.01
C LEU I 19 13.54 -22.77 36.99
N ASN I 20 14.64 -23.28 36.45
CA ASN I 20 15.75 -23.75 37.25
C ASN I 20 16.56 -22.63 37.87
N SER I 21 16.61 -21.51 37.16
CA SER I 21 17.28 -20.31 37.61
C SER I 21 16.53 -19.75 38.82
N LEU I 22 15.22 -19.80 38.64
CA LEU I 22 14.27 -19.28 39.59
C LEU I 22 14.37 -20.04 40.88
N LEU I 23 14.38 -21.35 40.70
CA LEU I 23 14.49 -22.28 41.79
C LEU I 23 15.79 -22.07 42.56
N GLN I 24 16.83 -21.73 41.82
CA GLN I 24 18.13 -21.47 42.38
C GLN I 24 18.14 -20.18 43.19
N LEU I 25 17.52 -19.12 42.67
CA LEU I 25 17.43 -17.84 43.35
C LEU I 25 16.66 -17.94 44.65
N ALA I 26 15.57 -18.71 44.60
CA ALA I 26 14.77 -18.97 45.76
C ALA I 26 15.59 -19.58 46.86
N ALA I 27 16.37 -20.57 46.46
CA ALA I 27 17.24 -21.28 47.36
C ALA I 27 18.30 -20.40 48.01
N LYS I 28 18.78 -19.43 47.24
CA LYS I 28 19.74 -18.46 47.73
C LYS I 28 19.10 -17.57 48.77
N LEU I 29 17.97 -16.99 48.37
CA LEU I 29 17.20 -16.13 49.23
C LEU I 29 16.77 -16.74 50.55
N LYS I 30 16.48 -18.04 50.53
CA LYS I 30 16.12 -18.78 51.72
C LYS I 30 17.30 -18.80 52.67
N ALA I 31 18.41 -19.21 52.06
CA ALA I 31 19.68 -19.33 52.73
C ALA I 31 20.17 -18.00 53.28
N ASP I 32 19.98 -16.92 52.51
CA ASP I 32 20.36 -15.60 52.96
C ASP I 32 19.57 -15.16 54.15
N LYS I 33 18.27 -15.46 54.20
CA LYS I 33 17.47 -15.03 55.32
C LYS I 33 17.85 -15.78 56.60
N LYS I 34 18.16 -17.08 56.54
CA LYS I 34 18.55 -17.81 57.72
C LYS I 34 19.90 -17.38 58.27
N SER I 35 20.84 -17.06 57.37
CA SER I 35 22.13 -16.54 57.74
C SER I 35 22.07 -15.08 58.19
N GLY I 36 20.95 -14.37 57.94
CA GLY I 36 20.81 -12.97 58.31
C GLY I 36 21.51 -12.02 57.34
N LYS I 37 22.05 -12.55 56.25
CA LYS I 37 22.73 -11.75 55.23
C LYS I 37 21.78 -11.34 54.11
N GLU I 38 20.47 -11.26 54.36
CA GLU I 38 19.55 -10.92 53.30
C GLU I 38 19.68 -9.47 52.91
N GLU I 39 20.02 -9.28 51.64
CA GLU I 39 20.13 -7.94 51.09
C GLU I 39 18.79 -7.62 50.44
N ALA I 40 18.11 -6.60 50.96
CA ALA I 40 16.82 -6.17 50.43
C ALA I 40 16.94 -5.63 49.01
N LYS I 41 16.08 -6.04 48.09
CA LYS I 41 16.22 -5.57 46.73
C LYS I 41 15.05 -4.74 46.27
N LEU I 42 13.87 -5.09 46.77
CA LEU I 42 12.66 -4.39 46.40
C LEU I 42 12.29 -3.18 47.25
N THR I 43 13.25 -2.47 47.85
CA THR I 43 12.98 -1.28 48.64
C THR I 43 12.19 -0.20 47.89
N GLY I 44 11.16 0.34 48.54
CA GLY I 44 10.32 1.39 47.96
C GLY I 44 9.40 0.96 46.83
N LYS I 45 9.19 -0.33 46.62
CA LYS I 45 8.25 -0.80 45.62
C LYS I 45 6.92 -1.07 46.30
N ASN I 46 5.80 -0.71 45.68
CA ASN I 46 4.50 -0.96 46.30
C ASN I 46 3.80 -2.04 45.53
N ILE I 47 3.20 -3.02 46.18
CA ILE I 47 2.57 -4.14 45.49
C ILE I 47 1.10 -4.30 45.88
N ALA I 48 0.16 -4.35 44.94
CA ALA I 48 -1.22 -4.63 45.29
C ALA I 48 -1.44 -6.13 45.32
N LEU I 49 -2.30 -6.62 46.21
CA LEU I 49 -2.59 -8.04 46.30
C LEU I 49 -4.10 -8.25 46.20
N ILE I 50 -4.60 -8.56 45.02
CA ILE I 50 -6.02 -8.84 44.84
C ILE I 50 -6.34 -10.26 45.29
N PHE I 51 -7.20 -10.48 46.30
CA PHE I 51 -7.60 -11.84 46.64
C PHE I 51 -9.08 -12.07 46.44
N GLU I 52 -9.55 -12.94 45.54
CA GLU I 52 -10.98 -13.19 45.46
C GLU I 52 -11.41 -14.49 46.14
N LYS I 53 -10.49 -15.41 46.38
CA LYS I 53 -10.74 -16.60 47.18
C LYS I 53 -9.92 -16.46 48.46
N ASP I 54 -10.22 -17.25 49.49
CA ASP I 54 -9.43 -17.21 50.72
C ASP I 54 -7.98 -17.68 50.56
N SER I 55 -7.17 -17.41 51.57
CA SER I 55 -5.78 -17.81 51.61
C SER I 55 -5.12 -17.52 52.96
N THR I 56 -4.30 -18.46 53.45
CA THR I 56 -3.48 -18.17 54.60
C THR I 56 -2.06 -18.11 54.03
N ARG I 57 -1.53 -19.25 53.58
CA ARG I 57 -0.18 -19.30 53.04
C ARG I 57 0.13 -18.32 51.93
N THR I 58 -0.51 -18.41 50.76
CA THR I 58 -0.20 -17.50 49.68
C THR I 58 -0.23 -16.03 50.08
N ARG I 59 -1.23 -15.55 50.81
CA ARG I 59 -1.26 -14.17 51.26
C ARG I 59 -0.09 -13.88 52.18
N CYS I 60 0.06 -14.67 53.24
CA CYS I 60 1.14 -14.43 54.18
C CYS I 60 2.48 -14.42 53.51
N SER I 61 2.66 -15.39 52.62
CA SER I 61 3.86 -15.52 51.84
C SER I 61 4.16 -14.25 51.08
N PHE I 62 3.17 -13.71 50.37
CA PHE I 62 3.41 -12.49 49.64
C PHE I 62 3.74 -11.34 50.55
N GLU I 63 3.10 -11.29 51.72
CA GLU I 63 3.33 -10.19 52.63
C GLU I 63 4.71 -10.21 53.26
N VAL I 64 5.11 -11.30 53.90
CA VAL I 64 6.41 -11.33 54.54
C VAL I 64 7.53 -11.23 53.50
N ALA I 65 7.43 -11.92 52.36
CA ALA I 65 8.45 -11.83 51.34
C ALA I 65 8.65 -10.40 50.87
N ALA I 66 7.57 -9.65 50.75
CA ALA I 66 7.70 -8.25 50.40
C ALA I 66 8.31 -7.46 51.52
N TYR I 67 7.87 -7.69 52.76
CA TYR I 67 8.39 -6.93 53.88
C TYR I 67 9.87 -7.15 54.06
N ASP I 68 10.34 -8.36 53.79
CA ASP I 68 11.75 -8.66 53.92
C ASP I 68 12.56 -7.93 52.89
N GLN I 69 12.01 -7.91 51.70
CA GLN I 69 12.66 -7.25 50.59
C GLN I 69 12.47 -5.74 50.61
N GLY I 70 11.91 -5.17 51.66
CA GLY I 70 11.72 -3.73 51.77
C GLY I 70 10.57 -3.16 50.96
N ALA I 71 9.64 -3.97 50.49
CA ALA I 71 8.49 -3.48 49.76
C ALA I 71 7.28 -3.35 50.66
N ARG I 72 6.28 -2.54 50.29
CA ARG I 72 5.03 -2.53 51.04
C ARG I 72 3.90 -3.14 50.22
N VAL I 73 2.85 -3.52 50.94
CA VAL I 73 1.75 -4.27 50.39
C VAL I 73 0.37 -3.66 50.66
N THR I 74 -0.56 -3.83 49.73
CA THR I 74 -1.94 -3.39 49.93
C THR I 74 -2.82 -4.59 49.67
N TYR I 75 -3.52 -5.11 50.69
CA TYR I 75 -4.37 -6.26 50.50
C TYR I 75 -5.80 -5.87 50.15
N LEU I 76 -6.21 -6.14 48.91
CA LEU I 76 -7.58 -5.89 48.48
C LEU I 76 -8.27 -7.24 48.54
N GLY I 77 -8.80 -7.53 49.73
CA GLY I 77 -9.48 -8.79 49.95
C GLY I 77 -10.78 -8.99 49.20
N PRO I 78 -11.43 -10.16 49.29
CA PRO I 78 -12.73 -10.44 48.70
C PRO I 78 -13.77 -9.50 49.29
N SER I 79 -14.22 -8.62 48.41
CA SER I 79 -15.17 -7.56 48.74
C SER I 79 -14.74 -6.67 49.91
N GLY I 80 -14.34 -5.49 49.45
CA GLY I 80 -13.84 -4.37 50.23
C GLY I 80 -13.62 -3.20 49.28
N SER I 81 -13.10 -3.55 48.11
CA SER I 81 -12.83 -2.62 47.04
C SER I 81 -13.93 -2.69 45.98
N GLN I 82 -13.75 -1.96 44.88
CA GLN I 82 -14.69 -1.99 43.77
C GLN I 82 -14.48 -3.22 42.88
N ILE I 83 -13.29 -3.85 42.95
CA ILE I 83 -12.91 -5.02 42.14
C ILE I 83 -13.80 -6.26 42.30
N GLY I 84 -14.50 -6.39 43.45
CA GLY I 84 -15.43 -7.49 43.74
C GLY I 84 -16.33 -7.81 42.56
N HIS I 85 -16.76 -6.69 41.94
CA HIS I 85 -17.49 -6.43 40.71
C HIS I 85 -18.69 -5.50 40.82
N LYS I 86 -18.31 -4.42 40.15
CA LYS I 86 -19.00 -3.18 39.95
C LYS I 86 -18.13 -2.42 38.95
N GLU I 87 -16.96 -2.97 38.60
CA GLU I 87 -15.97 -2.38 37.71
C GLU I 87 -15.24 -3.47 36.91
N SER I 88 -14.93 -3.19 35.63
CA SER I 88 -14.18 -4.11 34.79
C SER I 88 -12.82 -4.43 35.35
N ILE I 89 -12.40 -5.69 35.19
CA ILE I 89 -11.04 -6.06 35.58
C ILE I 89 -10.08 -5.28 34.69
N LYS I 90 -10.54 -5.05 33.46
CA LYS I 90 -9.81 -4.24 32.51
C LYS I 90 -9.62 -2.84 33.07
N ASP I 91 -10.65 -2.24 33.67
CA ASP I 91 -10.47 -0.94 34.27
C ASP I 91 -9.60 -1.03 35.52
N THR I 92 -9.85 -2.04 36.34
CA THR I 92 -9.12 -2.22 37.58
C THR I 92 -7.63 -2.30 37.35
N ALA I 93 -7.29 -3.05 36.31
CA ALA I 93 -5.92 -3.24 35.96
C ALA I 93 -5.30 -1.91 35.63
N ARG I 94 -5.91 -1.22 34.67
CA ARG I 94 -5.42 0.08 34.26
C ARG I 94 -5.33 1.08 35.39
N VAL I 95 -6.13 0.93 36.42
CA VAL I 95 -6.04 1.80 37.55
C VAL I 95 -4.84 1.43 38.41
N LEU I 96 -4.82 0.19 38.86
CA LEU I 96 -3.76 -0.26 39.72
C LEU I 96 -2.38 -0.13 39.12
N GLY I 97 -2.23 -0.33 37.81
CA GLY I 97 -0.93 -0.22 37.15
C GLY I 97 -0.31 1.17 37.24
N ARG I 98 -1.18 2.17 37.36
CA ARG I 98 -0.73 3.53 37.51
C ARG I 98 -0.18 3.78 38.90
N MET I 99 -0.56 2.97 39.90
CA MET I 99 -0.09 3.19 41.26
C MET I 99 0.96 2.21 41.76
N TYR I 100 0.81 0.92 41.43
CA TYR I 100 1.71 -0.10 41.92
C TYR I 100 2.81 -0.53 40.97
N ASP I 101 3.77 -1.25 41.53
CA ASP I 101 4.88 -1.78 40.77
C ASP I 101 4.69 -3.24 40.37
N GLY I 102 3.74 -3.92 41.03
CA GLY I 102 3.42 -5.31 40.78
C GLY I 102 2.06 -5.64 41.38
N ILE I 103 1.39 -6.64 40.85
CA ILE I 103 0.06 -7.03 41.30
C ILE I 103 -0.03 -8.53 41.45
N GLN I 104 -0.57 -9.00 42.55
CA GLN I 104 -0.86 -10.41 42.69
C GLN I 104 -2.35 -10.59 42.46
N TYR I 105 -2.73 -11.75 41.92
CA TYR I 105 -4.12 -12.07 41.76
C TYR I 105 -4.45 -13.50 42.17
N ARG I 106 -5.39 -13.67 43.09
CA ARG I 106 -5.89 -14.98 43.45
C ARG I 106 -7.33 -14.96 42.96
N GLY I 107 -7.84 -15.94 42.24
CA GLY I 107 -9.21 -15.85 41.80
C GLY I 107 -9.72 -17.06 41.04
N TYR I 108 -10.68 -16.69 40.21
CA TYR I 108 -11.45 -17.65 39.44
C TYR I 108 -11.17 -17.66 37.94
N GLY I 109 -10.31 -18.52 37.42
CA GLY I 109 -10.23 -18.55 35.98
C GLY I 109 -9.19 -17.62 35.40
N GLN I 110 -8.40 -18.32 34.60
CA GLN I 110 -7.23 -17.76 33.95
C GLN I 110 -7.50 -16.57 33.06
N GLU I 111 -8.70 -16.48 32.48
CA GLU I 111 -9.05 -15.34 31.63
C GLU I 111 -8.80 -14.05 32.41
N ILE I 112 -9.31 -14.05 33.65
CA ILE I 112 -9.19 -12.91 34.53
C ILE I 112 -7.74 -12.45 34.68
N VAL I 113 -6.87 -13.32 35.17
CA VAL I 113 -5.51 -12.89 35.41
C VAL I 113 -4.77 -12.54 34.13
N GLU I 114 -5.15 -13.12 33.00
CA GLU I 114 -4.55 -12.79 31.72
C GLU I 114 -4.96 -11.41 31.25
N THR I 115 -6.24 -11.12 31.41
CA THR I 115 -6.75 -9.82 31.07
C THR I 115 -6.10 -8.79 32.00
N LEU I 116 -5.95 -9.15 33.25
CA LEU I 116 -5.33 -8.29 34.22
C LEU I 116 -3.90 -8.01 33.81
N ALA I 117 -3.20 -8.99 33.25
CA ALA I 117 -1.83 -8.81 32.80
C ALA I 117 -1.66 -8.02 31.51
N GLU I 118 -2.59 -8.10 30.56
CA GLU I 118 -2.47 -7.35 29.33
C GLU I 118 -2.50 -5.86 29.55
N TYR I 119 -3.47 -5.49 30.39
CA TYR I 119 -3.76 -4.11 30.65
C TYR I 119 -3.03 -3.42 31.78
N ALA I 120 -2.52 -4.13 32.78
CA ALA I 120 -1.86 -3.47 33.89
C ALA I 120 -0.55 -2.76 33.61
N ARG I 121 0.26 -3.27 32.68
CA ARG I 121 1.58 -2.75 32.37
C ARG I 121 2.61 -2.85 33.49
N VAL I 122 2.34 -3.72 34.47
CA VAL I 122 3.28 -4.08 35.52
C VAL I 122 3.22 -5.61 35.68
N PRO I 123 4.21 -6.28 36.28
CA PRO I 123 4.20 -7.72 36.47
C PRO I 123 2.97 -8.21 37.22
N VAL I 124 2.31 -9.22 36.68
CA VAL I 124 1.17 -9.80 37.35
C VAL I 124 1.53 -11.25 37.68
N TRP I 125 1.33 -11.61 38.93
CA TRP I 125 1.63 -12.94 39.40
C TRP I 125 0.35 -13.66 39.73
N ASN I 126 0.27 -14.94 39.38
CA ASN I 126 -0.91 -15.75 39.65
C ASN I 126 -0.85 -16.42 41.01
N GLY I 127 -1.65 -15.89 41.93
CA GLY I 127 -1.74 -16.42 43.28
C GLY I 127 -2.50 -17.72 43.40
N LEU I 128 -3.19 -18.13 42.34
CA LEU I 128 -4.00 -19.32 42.19
C LEU I 128 -5.18 -18.77 41.46
N THR I 129 -5.40 -19.55 40.43
CA THR I 129 -6.52 -19.38 39.57
C THR I 129 -7.24 -20.74 39.54
N ASN I 130 -8.37 -20.85 38.84
CA ASN I 130 -9.09 -22.11 38.79
C ASN I 130 -8.35 -23.21 38.07
N GLU I 131 -7.56 -22.85 37.07
CA GLU I 131 -6.85 -23.81 36.24
C GLU I 131 -5.43 -24.06 36.66
N PHE I 132 -4.68 -23.02 36.98
CA PHE I 132 -3.29 -23.18 37.37
C PHE I 132 -2.98 -22.64 38.74
N HIS I 133 -1.77 -22.90 39.19
CA HIS I 133 -1.35 -22.48 40.51
C HIS I 133 0.17 -22.52 40.49
N PRO I 134 0.86 -21.79 39.61
CA PRO I 134 2.27 -21.98 39.34
C PRO I 134 3.21 -21.80 40.52
N THR I 135 2.84 -20.82 41.33
CA THR I 135 3.59 -20.46 42.51
C THR I 135 3.76 -21.66 43.45
N GLN I 136 2.73 -22.49 43.59
CA GLN I 136 2.80 -23.67 44.45
C GLN I 136 3.90 -24.62 44.00
N LEU I 137 3.82 -24.98 42.74
CA LEU I 137 4.77 -25.92 42.20
C LEU I 137 6.20 -25.49 42.33
N LEU I 138 6.49 -24.19 42.27
CA LEU I 138 7.85 -23.74 42.49
C LEU I 138 8.33 -24.20 43.85
N ALA I 139 7.50 -23.89 44.83
CA ALA I 139 7.78 -24.30 46.19
C ALA I 139 7.89 -25.81 46.25
N ASP I 140 6.93 -26.57 45.72
CA ASP I 140 7.01 -28.01 45.79
C ASP I 140 8.26 -28.58 45.14
N LEU I 141 8.65 -28.00 44.00
CA LEU I 141 9.82 -28.47 43.30
C LEU I 141 11.04 -28.32 44.17
N LEU I 142 11.20 -27.16 44.77
CA LEU I 142 12.30 -26.93 45.65
C LEU I 142 12.23 -27.85 46.84
N THR I 143 11.07 -28.03 47.46
CA THR I 143 10.98 -28.88 48.62
C THR I 143 11.37 -30.30 48.23
N MET I 144 11.01 -30.72 47.01
CA MET I 144 11.35 -32.05 46.55
C MET I 144 12.84 -32.21 46.37
N GLN I 145 13.44 -31.13 45.90
CA GLN I 145 14.85 -31.07 45.65
C GLN I 145 15.64 -31.05 46.96
N GLU I 146 15.11 -30.40 47.99
CA GLU I 146 15.77 -30.35 49.27
C GLU I 146 15.72 -31.67 50.00
N HIS I 147 14.75 -32.53 49.73
CA HIS I 147 14.68 -33.81 50.40
C HIS I 147 15.31 -34.98 49.64
N LEU I 148 15.71 -34.78 48.40
CA LEU I 148 16.45 -35.78 47.65
C LEU I 148 17.59 -35.04 46.98
N PRO I 149 18.67 -34.72 47.71
CA PRO I 149 19.82 -34.02 47.16
C PRO I 149 20.55 -34.93 46.20
N GLY I 150 21.27 -34.29 45.29
CA GLY I 150 22.04 -35.00 44.27
C GLY I 150 21.17 -35.76 43.28
N LYS I 151 19.91 -35.38 43.19
CA LYS I 151 19.00 -36.00 42.26
C LYS I 151 18.44 -34.93 41.35
N ALA I 152 18.62 -35.13 40.05
CA ALA I 152 17.98 -34.27 39.08
C ALA I 152 16.50 -34.61 39.10
N PHE I 153 15.64 -33.69 38.66
CA PHE I 153 14.23 -33.96 38.68
C PHE I 153 13.80 -35.16 37.85
N ASN I 154 14.51 -35.44 36.77
CA ASN I 154 14.21 -36.61 35.93
C ASN I 154 14.50 -37.95 36.60
N GLU I 155 15.22 -37.91 37.73
CA GLU I 155 15.51 -39.11 38.51
C GLU I 155 14.48 -39.35 39.62
N MET I 156 13.45 -38.50 39.72
CA MET I 156 12.43 -38.57 40.76
C MET I 156 11.07 -39.06 40.27
N THR I 157 10.38 -39.85 41.08
CA THR I 157 9.06 -40.28 40.68
C THR I 157 8.04 -39.62 41.61
N LEU I 158 7.15 -38.81 41.05
CA LEU I 158 6.13 -38.14 41.84
C LEU I 158 4.75 -38.66 41.50
N VAL I 159 4.01 -39.11 42.49
CA VAL I 159 2.64 -39.56 42.30
C VAL I 159 1.68 -38.54 42.86
N TYR I 160 0.61 -38.27 42.13
CA TYR I 160 -0.43 -37.40 42.58
C TYR I 160 -1.73 -38.18 42.58
N ALA I 161 -2.22 -38.59 43.75
CA ALA I 161 -3.53 -39.22 43.82
C ALA I 161 -4.65 -38.18 43.88
N GLY I 162 -5.93 -38.54 43.92
CA GLY I 162 -6.98 -37.56 44.07
C GLY I 162 -7.54 -37.01 42.76
N ASP I 163 -8.21 -35.87 42.89
CA ASP I 163 -8.81 -35.15 41.78
C ASP I 163 -7.77 -34.54 40.86
N ALA I 164 -7.48 -35.26 39.79
CA ALA I 164 -6.47 -34.81 38.86
C ALA I 164 -6.88 -33.70 37.90
N ARG I 165 -8.11 -33.18 37.92
CA ARG I 165 -8.45 -32.10 37.01
C ARG I 165 -8.65 -30.74 37.65
N ASN I 166 -8.25 -30.63 38.91
CA ASN I 166 -8.27 -29.32 39.55
C ASN I 166 -7.02 -28.53 39.16
N ASN I 167 -6.91 -27.32 39.69
CA ASN I 167 -5.78 -26.47 39.38
C ASN I 167 -4.45 -27.10 39.72
N MET I 168 -4.43 -27.94 40.75
CA MET I 168 -3.21 -28.62 41.13
C MET I 168 -2.79 -29.72 40.18
N GLY I 169 -3.75 -30.43 39.61
CA GLY I 169 -3.48 -31.49 38.67
C GLY I 169 -2.85 -30.89 37.44
N ASN I 170 -3.53 -29.85 36.94
CA ASN I 170 -3.08 -29.14 35.77
C ASN I 170 -1.67 -28.63 35.94
N SER I 171 -1.38 -28.09 37.12
CA SER I 171 -0.06 -27.59 37.41
C SER I 171 1.01 -28.66 37.44
N MET I 172 0.68 -29.88 37.89
CA MET I 172 1.61 -31.00 37.90
C MET I 172 2.16 -31.28 36.52
N LEU I 173 1.22 -31.29 35.57
CA LEU I 173 1.52 -31.51 34.18
C LEU I 173 2.55 -30.53 33.68
N GLU I 174 2.34 -29.25 33.99
CA GLU I 174 3.29 -28.25 33.56
C GLU I 174 4.66 -28.48 34.15
N ALA I 175 4.68 -28.83 35.44
CA ALA I 175 5.90 -29.06 36.16
C ALA I 175 6.73 -30.14 35.49
N ALA I 176 6.10 -31.28 35.25
CA ALA I 176 6.75 -32.39 34.59
C ALA I 176 7.23 -32.05 33.19
N ALA I 177 6.40 -31.34 32.44
CA ALA I 177 6.77 -30.91 31.10
C ALA I 177 8.06 -30.10 31.09
N LEU I 178 8.34 -29.46 32.20
CA LEU I 178 9.53 -28.67 32.35
C LEU I 178 10.65 -29.36 33.11
N THR I 179 10.41 -30.48 33.79
CA THR I 179 11.46 -31.07 34.62
C THR I 179 11.85 -32.48 34.31
N GLY I 180 11.02 -33.16 33.53
CA GLY I 180 11.24 -34.55 33.22
C GLY I 180 10.94 -35.43 34.40
N LEU I 181 10.13 -34.99 35.35
CA LEU I 181 9.70 -35.85 36.46
C LEU I 181 8.92 -37.03 35.91
N ASP I 182 8.97 -38.16 36.58
CA ASP I 182 8.12 -39.26 36.19
C ASP I 182 6.77 -39.02 36.90
N LEU I 183 5.92 -38.21 36.28
CA LEU I 183 4.61 -37.91 36.82
C LEU I 183 3.67 -39.09 36.76
N ARG I 184 2.94 -39.29 37.83
CA ARG I 184 1.91 -40.31 37.83
C ARG I 184 0.68 -39.72 38.47
N LEU I 185 -0.37 -39.65 37.67
CA LEU I 185 -1.61 -39.12 38.14
C LEU I 185 -2.51 -40.29 38.45
N VAL I 186 -2.60 -40.72 39.69
CA VAL I 186 -3.48 -41.82 40.04
C VAL I 186 -4.83 -41.23 40.36
N ALA I 187 -5.79 -41.42 39.48
CA ALA I 187 -7.11 -40.84 39.64
C ALA I 187 -8.15 -41.65 38.88
N PRO I 188 -9.45 -41.60 39.21
CA PRO I 188 -10.49 -42.13 38.35
C PRO I 188 -10.50 -41.33 37.06
N GLN I 189 -10.92 -42.00 36.00
CA GLN I 189 -10.96 -41.40 34.68
C GLN I 189 -11.81 -40.15 34.63
N ALA I 190 -12.90 -40.17 35.40
CA ALA I 190 -13.79 -39.02 35.47
C ALA I 190 -13.12 -37.75 35.96
N CYS I 191 -12.04 -37.92 36.72
CA CYS I 191 -11.26 -36.80 37.20
C CYS I 191 -9.96 -36.62 36.44
N TRP I 192 -9.73 -37.24 35.28
CA TRP I 192 -8.48 -37.01 34.57
C TRP I 192 -8.39 -35.64 33.95
N PRO I 193 -7.20 -35.04 33.88
CA PRO I 193 -7.02 -33.74 33.26
C PRO I 193 -7.32 -33.81 31.79
N GLU I 194 -7.70 -32.65 31.26
CA GLU I 194 -8.01 -32.47 29.86
C GLU I 194 -6.88 -33.00 28.97
N ALA I 195 -7.27 -33.87 28.04
CA ALA I 195 -6.31 -34.55 27.21
C ALA I 195 -5.41 -33.68 26.35
N ALA I 196 -5.90 -32.53 25.88
CA ALA I 196 -5.04 -31.68 25.08
C ALA I 196 -3.79 -31.25 25.83
N LEU I 197 -3.98 -30.96 27.12
CA LEU I 197 -2.88 -30.52 27.95
C LEU I 197 -1.95 -31.66 28.33
N VAL I 198 -2.53 -32.85 28.53
CA VAL I 198 -1.75 -34.02 28.87
C VAL I 198 -0.77 -34.31 27.75
N THR I 199 -1.27 -34.35 26.53
CA THR I 199 -0.50 -34.61 25.33
C THR I 199 0.67 -33.66 25.14
N GLU I 200 0.40 -32.36 25.26
CA GLU I 200 1.41 -31.33 25.12
C GLU I 200 2.50 -31.47 26.18
N CYS I 201 2.04 -31.62 27.41
CA CYS I 201 2.96 -31.77 28.51
C CYS I 201 3.71 -33.08 28.50
N ARG I 202 3.10 -34.15 27.97
CA ARG I 202 3.74 -35.44 27.95
C ARG I 202 4.90 -35.40 26.98
N ALA I 203 4.62 -34.82 25.81
CA ALA I 203 5.61 -34.66 24.77
C ALA I 203 6.86 -33.93 25.26
N LEU I 204 6.60 -32.87 26.03
CA LEU I 204 7.66 -32.08 26.61
C LEU I 204 8.37 -32.77 27.75
N ALA I 205 7.63 -33.52 28.55
CA ALA I 205 8.22 -34.23 29.65
C ALA I 205 9.22 -35.27 29.14
N GLN I 206 8.78 -36.08 28.17
CA GLN I 206 9.58 -37.10 27.54
C GLN I 206 10.87 -36.54 26.93
N GLN I 207 10.81 -35.34 26.34
CA GLN I 207 11.98 -34.68 25.80
C GLN I 207 13.02 -34.46 26.87
N ASN I 208 12.53 -34.15 28.06
CA ASN I 208 13.42 -33.91 29.19
C ASN I 208 13.67 -35.15 30.02
N GLY I 209 13.21 -36.30 29.57
CA GLY I 209 13.48 -37.57 30.22
C GLY I 209 12.41 -38.08 31.17
N GLY I 210 11.23 -37.48 31.19
CA GLY I 210 10.17 -37.93 32.07
C GLY I 210 9.08 -38.65 31.32
N ASN I 211 7.90 -38.77 31.91
CA ASN I 211 6.74 -39.41 31.30
C ASN I 211 5.54 -39.22 32.19
N ILE I 212 4.41 -38.82 31.62
CA ILE I 212 3.22 -38.63 32.41
C ILE I 212 2.33 -39.84 32.26
N THR I 213 2.22 -40.62 33.33
CA THR I 213 1.35 -41.77 33.33
C THR I 213 0.02 -41.43 34.00
N LEU I 214 -1.13 -41.73 33.39
CA LEU I 214 -2.41 -41.56 34.07
C LEU I 214 -2.97 -42.95 34.31
N THR I 215 -3.51 -43.27 35.49
CA THR I 215 -4.07 -44.59 35.74
C THR I 215 -5.03 -44.64 36.92
N GLU I 216 -6.12 -45.38 36.74
CA GLU I 216 -7.05 -45.58 37.82
C GLU I 216 -6.54 -46.60 38.84
N ASP I 217 -5.53 -47.40 38.50
CA ASP I 217 -5.02 -48.37 39.45
C ASP I 217 -4.05 -47.72 40.41
N VAL I 218 -4.39 -47.88 41.68
CA VAL I 218 -3.59 -47.30 42.73
C VAL I 218 -2.25 -47.99 42.82
N ALA I 219 -2.37 -49.32 42.86
CA ALA I 219 -1.23 -50.18 43.03
C ALA I 219 -0.13 -50.03 42.00
N LYS I 220 -0.44 -49.96 40.70
CA LYS I 220 0.66 -49.79 39.77
C LYS I 220 1.14 -48.35 39.65
N GLY I 221 0.31 -47.41 40.11
CA GLY I 221 0.66 -46.01 40.06
C GLY I 221 1.67 -45.61 41.13
N VAL I 222 1.35 -45.90 42.39
CA VAL I 222 2.21 -45.52 43.50
C VAL I 222 3.56 -46.22 43.58
N GLU I 223 3.71 -47.35 42.90
CA GLU I 223 4.92 -48.15 42.93
C GLU I 223 6.21 -47.42 42.59
N GLY I 224 7.16 -47.42 43.52
CA GLY I 224 8.46 -46.80 43.34
C GLY I 224 8.51 -45.28 43.49
N ALA I 225 7.41 -44.66 43.91
CA ALA I 225 7.36 -43.23 44.06
C ALA I 225 8.35 -42.69 45.08
N ASP I 226 8.94 -41.53 44.80
CA ASP I 226 9.73 -40.88 45.82
C ASP I 226 8.80 -39.99 46.64
N PHE I 227 7.73 -39.49 46.01
CA PHE I 227 6.77 -38.63 46.68
C PHE I 227 5.32 -38.97 46.37
N ILE I 228 4.48 -39.01 47.40
CA ILE I 228 3.05 -39.09 47.19
C ILE I 228 2.54 -37.68 47.45
N TYR I 229 1.62 -37.18 46.62
CA TYR I 229 1.08 -35.83 46.78
C TYR I 229 -0.43 -35.91 46.60
N THR I 230 -1.24 -35.15 47.36
CA THR I 230 -2.67 -35.12 47.15
C THR I 230 -3.27 -33.78 47.55
N ASP I 231 -4.58 -33.57 47.34
CA ASP I 231 -5.25 -32.32 47.64
C ASP I 231 -6.72 -32.58 47.95
N VAL I 232 -7.40 -31.58 48.50
CA VAL I 232 -8.82 -31.68 48.84
C VAL I 232 -9.64 -32.14 47.64
N TRP I 233 -10.71 -32.89 47.86
CA TRP I 233 -11.45 -33.38 46.71
C TRP I 233 -12.32 -32.33 46.06
N VAL I 234 -12.81 -31.33 46.80
CA VAL I 234 -13.51 -30.22 46.18
C VAL I 234 -12.68 -28.97 46.45
N SER I 235 -12.38 -28.24 45.38
CA SER I 235 -11.56 -27.06 45.51
C SER I 235 -12.36 -25.82 45.84
N MET I 236 -11.64 -24.76 46.18
CA MET I 236 -12.26 -23.46 46.40
C MET I 236 -13.00 -22.98 45.17
N GLY I 237 -14.23 -22.57 45.37
CA GLY I 237 -15.01 -22.05 44.26
C GLY I 237 -15.94 -23.07 43.63
N GLU I 238 -15.70 -24.36 43.83
CA GLU I 238 -16.64 -25.34 43.32
C GLU I 238 -17.84 -25.42 44.24
N ALA I 239 -18.98 -25.79 43.63
CA ALA I 239 -20.24 -25.88 44.36
C ALA I 239 -20.21 -26.92 45.46
N LYS I 240 -20.91 -26.62 46.56
CA LYS I 240 -20.97 -27.50 47.71
C LYS I 240 -21.53 -28.88 47.39
N GLU I 241 -22.35 -28.91 46.34
CA GLU I 241 -22.99 -30.12 45.84
C GLU I 241 -22.03 -31.20 45.37
N LYS I 242 -20.92 -30.75 44.80
CA LYS I 242 -19.87 -31.63 44.32
C LYS I 242 -19.34 -32.59 45.37
N TRP I 243 -19.35 -32.23 46.65
CA TRP I 243 -18.82 -33.09 47.68
C TRP I 243 -19.34 -34.51 47.67
N ALA I 244 -20.65 -34.68 47.56
CA ALA I 244 -21.23 -36.00 47.53
C ALA I 244 -20.76 -36.88 46.37
N GLU I 245 -20.59 -36.33 45.18
CA GLU I 245 -20.11 -37.15 44.09
C GLU I 245 -18.60 -37.29 44.10
N ARG I 246 -17.86 -36.28 44.55
CA ARG I 246 -16.43 -36.37 44.57
C ARG I 246 -15.95 -37.36 45.62
N ILE I 247 -16.64 -37.47 46.75
CA ILE I 247 -16.26 -38.46 47.75
C ILE I 247 -16.51 -39.85 47.20
N ALA I 248 -17.62 -39.97 46.49
CA ALA I 248 -18.01 -41.21 45.88
C ALA I 248 -16.96 -41.74 44.92
N LEU I 249 -16.40 -40.84 44.13
CA LEU I 249 -15.38 -41.18 43.17
C LEU I 249 -14.01 -41.39 43.78
N LEU I 250 -13.58 -40.39 44.51
CA LEU I 250 -12.25 -40.36 45.01
C LEU I 250 -11.90 -41.08 46.29
N ARG I 251 -12.80 -41.62 47.13
CA ARG I 251 -12.32 -42.17 48.39
C ARG I 251 -11.38 -43.35 48.31
N GLU I 252 -11.38 -44.13 47.23
CA GLU I 252 -10.39 -45.19 47.15
C GLU I 252 -9.02 -44.62 46.81
N TYR I 253 -8.95 -43.31 46.53
CA TYR I 253 -7.69 -42.67 46.23
C TYR I 253 -7.15 -41.91 47.41
N GLN I 254 -7.72 -42.14 48.60
CA GLN I 254 -7.23 -41.55 49.84
C GLN I 254 -5.79 -41.95 50.05
N VAL I 255 -4.94 -41.03 50.49
CA VAL I 255 -3.57 -41.37 50.79
C VAL I 255 -3.59 -41.79 52.24
N ASN I 256 -3.56 -43.10 52.39
CA ASN I 256 -3.56 -43.74 53.69
C ASN I 256 -2.25 -44.51 53.88
N SER I 257 -2.14 -45.31 54.93
CA SER I 257 -0.90 -46.03 55.23
C SER I 257 -0.59 -47.16 54.26
N LYS I 258 -1.63 -47.92 53.93
CA LYS I 258 -1.59 -48.99 52.96
C LYS I 258 -1.15 -48.45 51.61
N MET I 259 -1.61 -47.25 51.35
CA MET I 259 -1.33 -46.52 50.14
C MET I 259 0.16 -46.23 50.07
N MET I 260 0.71 -45.69 51.16
CA MET I 260 2.12 -45.41 51.30
C MET I 260 2.98 -46.68 51.31
N GLN I 261 2.34 -47.80 51.61
CA GLN I 261 3.05 -49.05 51.70
C GLN I 261 3.16 -49.70 50.33
N LEU I 262 2.14 -49.58 49.50
CA LEU I 262 2.18 -50.10 48.15
C LEU I 262 3.27 -49.46 47.29
N THR I 263 3.81 -48.34 47.75
CA THR I 263 4.89 -47.64 47.09
C THR I 263 6.08 -48.58 46.98
N GLY I 264 6.44 -49.17 48.12
CA GLY I 264 7.60 -50.03 48.17
C GLY I 264 8.82 -49.23 48.62
N ASN I 265 8.86 -47.90 48.48
CA ASN I 265 9.98 -47.11 48.97
C ASN I 265 9.70 -46.73 50.41
N PRO I 266 10.50 -47.08 51.40
CA PRO I 266 10.29 -46.69 52.79
C PRO I 266 10.74 -45.26 53.08
N GLU I 267 11.39 -44.65 52.11
CA GLU I 267 11.83 -43.28 52.21
C GLU I 267 10.85 -42.31 51.56
N VAL I 268 9.71 -42.81 51.10
CA VAL I 268 8.73 -41.98 50.42
C VAL I 268 8.18 -40.92 51.35
N LYS I 269 8.15 -39.72 50.81
CA LYS I 269 7.64 -38.61 51.55
C LYS I 269 6.34 -38.10 50.95
N PHE I 270 5.46 -37.76 51.88
CA PHE I 270 4.16 -37.19 51.58
C PHE I 270 4.17 -35.68 51.43
N LEU I 271 3.38 -35.19 50.48
CA LEU I 271 3.26 -33.77 50.20
C LEU I 271 1.80 -33.42 50.06
N HIS I 272 1.43 -32.19 50.41
CA HIS I 272 0.07 -31.70 50.30
C HIS I 272 0.16 -30.19 50.39
N CYS I 273 -0.40 -29.50 49.40
CA CYS I 273 -0.31 -28.06 49.35
C CYS I 273 -1.00 -27.34 50.50
N LEU I 274 -1.96 -28.03 51.13
CA LEU I 274 -2.80 -27.55 52.22
C LEU I 274 -3.81 -26.47 51.81
N PRO I 275 -4.92 -26.18 52.53
CA PRO I 275 -5.46 -26.90 53.67
C PRO I 275 -5.77 -28.36 53.40
N ALA I 276 -5.63 -29.20 54.41
CA ALA I 276 -5.95 -30.60 54.24
C ALA I 276 -7.00 -31.08 55.21
N PHE I 277 -8.07 -31.74 54.81
CA PHE I 277 -9.03 -32.25 55.78
C PHE I 277 -8.51 -33.59 56.29
N HIS I 278 -7.56 -33.58 57.21
CA HIS I 278 -7.02 -34.82 57.68
C HIS I 278 -7.56 -35.26 59.02
N ASP I 279 -8.32 -34.46 59.76
CA ASP I 279 -8.86 -34.94 61.02
C ASP I 279 -10.29 -34.49 61.26
N ASP I 280 -10.88 -35.11 62.27
CA ASP I 280 -12.27 -34.88 62.66
C ASP I 280 -12.34 -33.74 63.68
N GLN I 281 -11.62 -32.69 63.34
CA GLN I 281 -11.45 -31.49 64.15
C GLN I 281 -12.13 -30.27 63.57
N THR I 282 -12.18 -30.14 62.24
CA THR I 282 -12.77 -28.95 61.65
C THR I 282 -14.29 -28.84 61.59
N THR I 283 -14.64 -27.67 61.06
CA THR I 283 -16.00 -27.25 60.82
C THR I 283 -16.70 -28.24 59.87
N LEU I 284 -16.35 -28.16 58.59
CA LEU I 284 -16.89 -29.06 57.59
C LEU I 284 -16.11 -30.37 57.52
N GLY I 285 -15.03 -30.42 58.28
CA GLY I 285 -14.23 -31.62 58.39
C GLY I 285 -15.01 -32.68 59.14
N LYS I 286 -15.58 -32.32 60.29
CA LYS I 286 -16.33 -33.24 61.10
C LYS I 286 -17.68 -33.58 60.47
N LYS I 287 -18.32 -32.59 59.84
CA LYS I 287 -19.59 -32.79 59.19
C LYS I 287 -19.47 -33.80 58.05
N MET I 288 -18.43 -33.67 57.23
CA MET I 288 -18.17 -34.60 56.16
C MET I 288 -17.75 -35.98 56.68
N ALA I 289 -17.02 -35.99 57.78
CA ALA I 289 -16.49 -37.21 58.35
C ALA I 289 -17.52 -38.16 58.93
N GLU I 290 -18.60 -37.61 59.49
CA GLU I 290 -19.63 -38.44 60.07
C GLU I 290 -20.63 -38.92 59.03
N GLU I 291 -21.01 -37.96 58.20
CA GLU I 291 -21.99 -38.16 57.14
C GLU I 291 -21.62 -39.29 56.19
N PHE I 292 -20.48 -39.15 55.52
CA PHE I 292 -20.00 -40.15 54.58
C PHE I 292 -19.20 -41.23 55.26
N GLY I 293 -18.70 -40.92 56.45
CA GLY I 293 -17.92 -41.87 57.20
C GLY I 293 -16.43 -41.81 56.85
N LEU I 294 -15.84 -40.64 56.60
CA LEU I 294 -14.39 -40.56 56.43
C LEU I 294 -13.78 -40.27 57.80
N HIS I 295 -13.76 -41.31 58.63
CA HIS I 295 -13.24 -41.15 59.96
C HIS I 295 -11.73 -41.19 59.99
N GLY I 296 -11.17 -40.05 60.35
CA GLY I 296 -9.74 -39.91 60.48
C GLY I 296 -9.02 -39.50 59.21
N GLY I 297 -9.65 -38.68 58.38
CA GLY I 297 -8.97 -38.22 57.17
C GLY I 297 -9.81 -38.41 55.92
N MET I 298 -9.73 -37.43 55.03
CA MET I 298 -10.45 -37.53 53.79
C MET I 298 -9.41 -37.79 52.73
N GLU I 299 -8.79 -36.78 52.11
CA GLU I 299 -7.77 -37.04 51.10
C GLU I 299 -6.58 -37.73 51.73
N VAL I 300 -6.30 -37.40 52.98
CA VAL I 300 -5.21 -38.06 53.65
C VAL I 300 -5.59 -38.35 55.07
N THR I 301 -5.20 -39.53 55.48
CA THR I 301 -5.35 -40.02 56.84
C THR I 301 -4.49 -39.13 57.75
N ASP I 302 -5.00 -38.87 58.96
CA ASP I 302 -4.29 -38.08 59.94
C ASP I 302 -2.99 -38.77 60.36
N GLU I 303 -3.01 -40.10 60.36
CA GLU I 303 -1.82 -40.88 60.65
C GLU I 303 -0.72 -40.58 59.64
N VAL I 304 -1.07 -40.45 58.37
CA VAL I 304 -0.06 -40.14 57.37
C VAL I 304 0.32 -38.67 57.44
N PHE I 305 -0.63 -37.80 57.75
CA PHE I 305 -0.34 -36.39 57.82
C PHE I 305 0.66 -36.08 58.93
N GLU I 306 0.59 -36.84 60.02
CA GLU I 306 1.49 -36.60 61.12
C GLU I 306 2.65 -37.59 61.14
N SER I 307 2.72 -38.40 60.08
CA SER I 307 3.77 -39.36 59.83
C SER I 307 5.12 -38.66 59.68
N ALA I 308 6.20 -39.41 59.85
CA ALA I 308 7.51 -38.86 59.60
C ALA I 308 7.72 -38.59 58.11
N ALA I 309 6.90 -39.25 57.27
CA ALA I 309 6.94 -39.03 55.84
C ALA I 309 6.41 -37.66 55.46
N SER I 310 5.48 -37.14 56.25
CA SER I 310 4.91 -35.83 55.97
C SER I 310 5.94 -34.74 56.08
N ILE I 311 6.11 -34.04 54.97
CA ILE I 311 6.99 -32.90 54.96
C ILE I 311 6.23 -31.67 54.51
N VAL I 312 4.91 -31.69 54.74
CA VAL I 312 4.04 -30.63 54.29
C VAL I 312 4.37 -29.28 54.88
N PHE I 313 4.91 -29.23 56.09
CA PHE I 313 5.19 -27.95 56.68
C PHE I 313 6.48 -27.36 56.14
N ASP I 314 7.41 -28.21 55.69
CA ASP I 314 8.59 -27.71 55.02
C ASP I 314 8.16 -27.09 53.70
N GLN I 315 7.31 -27.86 53.03
CA GLN I 315 6.71 -27.49 51.77
C GLN I 315 6.06 -26.13 51.95
N ALA I 316 5.22 -26.04 52.98
CA ALA I 316 4.54 -24.81 53.27
C ALA I 316 5.47 -23.62 53.50
N GLU I 317 6.59 -23.83 54.20
CA GLU I 317 7.54 -22.77 54.42
C GLU I 317 8.14 -22.29 53.10
N ASN I 318 8.36 -23.27 52.24
CA ASN I 318 8.98 -22.98 50.97
C ASN I 318 8.13 -22.17 50.03
N ARG I 319 6.84 -22.01 50.33
CA ARG I 319 5.98 -21.12 49.56
C ARG I 319 6.50 -19.68 49.55
N MET I 320 6.94 -19.16 50.68
CA MET I 320 7.33 -17.77 50.74
C MET I 320 8.69 -17.43 50.15
N HIS I 321 9.66 -18.35 50.26
CA HIS I 321 10.96 -18.10 49.67
C HIS I 321 10.83 -18.07 48.17
N THR I 322 10.06 -19.03 47.69
CA THR I 322 9.73 -19.16 46.29
C THR I 322 9.08 -17.91 45.71
N ILE I 323 8.09 -17.38 46.42
CA ILE I 323 7.43 -16.16 46.01
C ILE I 323 8.35 -14.95 46.11
N LYS I 324 9.22 -14.92 47.11
CA LYS I 324 10.16 -13.82 47.24
C LYS I 324 11.03 -13.78 46.01
N ALA I 325 11.41 -14.99 45.58
CA ALA I 325 12.23 -15.16 44.41
C ALA I 325 11.53 -14.65 43.16
N VAL I 326 10.25 -14.98 43.00
CA VAL I 326 9.52 -14.53 41.85
C VAL I 326 9.48 -13.02 41.82
N MET I 327 9.26 -12.43 42.98
CA MET I 327 9.16 -11.00 43.04
C MET I 327 10.47 -10.27 42.83
N VAL I 328 11.57 -10.78 43.37
CA VAL I 328 12.81 -10.06 43.13
C VAL I 328 13.23 -10.29 41.69
N ALA I 329 12.83 -11.40 41.10
CA ALA I 329 13.20 -11.65 39.72
C ALA I 329 12.48 -10.74 38.74
N THR I 330 11.19 -10.50 38.95
CA THR I 330 10.42 -9.69 38.03
C THR I 330 10.48 -8.19 38.28
N LEU I 331 10.94 -7.77 39.45
CA LEU I 331 10.95 -6.37 39.79
C LEU I 331 12.31 -5.71 39.89
N SER I 332 13.36 -6.50 40.02
CA SER I 332 14.70 -5.97 40.15
C SER I 332 15.62 -6.15 38.96
N LYS I 333 16.48 -5.13 38.87
CA LYS I 333 17.58 -4.87 37.93
C LYS I 333 17.48 -5.20 36.44
N PAO J . 9.04 16.92 6.07
CA PAO J . 10.19 16.96 5.17
CB PAO J . 9.68 17.14 3.72
CG PAO J . 10.76 17.13 2.65
CD PAO J . 10.19 17.46 1.28
NE PAO J . 11.14 17.13 0.23
C PAO J . 11.15 18.08 5.54
O PAO J . 12.34 17.77 5.67
OXT PAO J . 10.73 19.22 5.70
C1 PAO J . 11.25 17.85 -0.88
O1 PAO J . 10.58 18.86 -1.11
C1P PAO J . 12.29 17.33 -1.85
P PAO J . 13.66 18.49 -1.94
O1P PAO J . 14.24 18.77 -0.47
O2P PAO J . 13.16 19.84 -2.60
O3P PAO J . 14.85 17.91 -2.84
N PAO K . 25.16 52.68 2.28
CA PAO K . 24.35 51.50 2.07
CB PAO K . 23.80 51.52 0.63
CG PAO K . 22.86 50.37 0.27
CD PAO K . 22.49 50.38 -1.20
NE PAO K . 21.36 49.50 -1.45
C PAO K . 25.14 50.22 2.33
O PAO K . 24.64 49.40 3.10
OXT PAO K . 26.23 50.06 1.77
C1 PAO K . 21.24 48.81 -2.59
O1 PAO K . 22.07 48.84 -3.49
C1P PAO K . 19.98 47.98 -2.65
P PAO K . 20.41 46.24 -2.60
O1P PAO K . 21.31 45.94 -1.31
O2P PAO K . 21.23 45.84 -3.91
O3P PAO K . 19.11 45.31 -2.52
N PAO L . 45.68 21.08 -8.16
CA PAO L . 44.90 22.30 -8.22
CB PAO L . 44.23 22.40 -9.61
CG PAO L . 43.42 23.67 -9.85
CD PAO L . 42.69 23.62 -11.19
NE PAO L . 42.20 24.93 -11.55
C PAO L . 43.83 22.32 -7.12
O PAO L . 43.79 23.33 -6.41
OXT PAO L . 43.08 21.36 -6.97
C1 PAO L . 41.06 25.11 -12.20
O1 PAO L . 40.32 24.19 -12.54
C1P PAO L . 40.75 26.56 -12.50
P PAO L . 39.31 27.07 -11.54
O1P PAO L . 39.58 26.78 -9.99
O2P PAO L . 38.03 26.28 -12.03
O3P PAO L . 39.02 28.65 -11.71
N PAO M . -3.40 -11.91 -32.75
CA PAO M . -3.39 -12.72 -33.97
CB PAO M . -3.46 -14.20 -33.57
CG PAO M . -3.40 -15.19 -34.74
CD PAO M . -3.62 -16.62 -34.27
NE PAO M . -3.24 -17.56 -35.31
C PAO M . -4.55 -12.35 -34.88
O PAO M . -4.29 -12.10 -36.06
OXT PAO M . -5.70 -12.31 -34.42
C1 PAO M . -3.88 -18.71 -35.49
O1 PAO M . -4.85 -19.07 -34.82
C1P PAO M . -3.31 -19.55 -36.61
P PAO M . -4.49 -19.62 -37.97
O1P PAO M . -4.89 -18.14 -38.42
O2P PAO M . -5.78 -20.41 -37.50
O3P PAO M . -3.87 -20.39 -39.23
N PAO N . -38.84 -16.53 -48.68
CA PAO N . -37.63 -16.75 -47.89
CB PAO N . -37.57 -18.23 -47.47
CG PAO N . -36.40 -18.60 -46.59
CD PAO N . -36.32 -20.11 -46.35
NE PAO N . -35.43 -20.41 -45.25
C PAO N . -36.38 -16.35 -48.66
O PAO N . -35.60 -15.59 -48.11
OXT PAO N . -36.21 -16.80 -49.80
C1 PAO N . -34.67 -21.51 -45.23
O1 PAO N . -34.67 -22.35 -46.15
C1P PAO N . -33.82 -21.65 -43.99
P PAO N . -32.09 -21.46 -44.43
O1P PAO N . -31.87 -20.07 -45.20
O2P PAO N . -31.64 -22.67 -45.36
O3P PAO N . -31.15 -21.45 -43.13
N PAO O . -6.90 -23.47 -70.29
CA PAO O . -8.10 -23.66 -69.50
CB PAO O . -8.12 -25.10 -68.96
CG PAO O . -9.37 -25.49 -68.16
CD PAO O . -9.23 -26.87 -67.54
NE PAO O . -10.52 -27.35 -67.08
C PAO O . -8.20 -22.66 -68.35
O PAO O . -9.25 -22.02 -68.25
OXT PAO O . -7.23 -22.51 -67.59
C1 PAO O . -10.65 -28.11 -65.99
O1 PAO O . -9.70 -28.45 -65.29
C1P PAO O . -12.08 -28.52 -65.70
P PAO O . -12.63 -27.71 -64.20
O1P PAO O . -12.44 -26.12 -64.33
O2P PAO O . -11.81 -28.25 -62.96
O3P PAO O . -14.19 -27.99 -63.92
N PAO P . -21.00 9.69 43.27
CA PAO P . -20.12 8.54 43.21
CB PAO P . -18.66 9.02 43.36
CG PAO P . -17.59 7.93 43.25
CD PAO P . -16.21 8.46 43.55
NE PAO P . -15.19 7.52 43.14
C PAO P . -20.46 7.52 44.28
O PAO P . -20.62 6.34 43.92
OXT PAO P . -20.57 7.88 45.46
C1 PAO P . -14.06 7.36 43.81
O1 PAO P . -13.77 7.98 44.84
C1P PAO P . -13.12 6.34 43.18
P PAO P . -13.00 4.90 44.26
O1P PAO P . -14.46 4.33 44.57
O2P PAO P . -12.28 5.32 45.62
O3P PAO P . -12.13 3.74 43.59
N PAO Q . -16.14 -8.40 77.69
CA PAO Q . -15.95 -7.51 76.55
CB PAO Q . -14.51 -6.99 76.55
CG PAO Q . -14.17 -5.99 75.45
CD PAO Q . -12.69 -5.64 75.44
NE PAO Q . -12.44 -4.47 74.63
C PAO Q . -16.26 -8.22 75.23
O PAO Q . -17.05 -7.67 74.47
OXT PAO Q . -15.74 -9.31 74.99
C1 PAO Q . -11.33 -4.32 73.91
O1 PAO Q . -10.44 -5.15 73.86
C1P PAO Q . -11.27 -3.00 73.15
P PAO Q . -11.39 -3.33 71.39
O1P PAO Q . -12.71 -4.18 71.09
O2P PAO Q . -10.11 -4.14 70.91
O3P PAO Q . -11.47 -1.96 70.55
N PAO R . -7.12 -27.14 44.58
CA PAO R . -7.01 -26.43 45.84
CB PAO R . -5.60 -25.80 45.93
CG PAO R . -5.29 -25.07 47.24
CD PAO R . -3.96 -24.35 47.19
NE PAO R . -3.54 -23.94 48.51
C PAO R . -8.09 -25.36 45.98
O PAO R . -8.75 -25.36 47.02
OXT PAO R . -8.25 -24.54 45.07
C1 PAO R . -2.87 -22.83 48.74
O1 PAO R . -2.55 -22.04 47.85
C1P PAO R . -2.50 -22.60 50.20
P PAO R . -3.43 -21.20 50.82
O1P PAO R . -4.99 -21.42 50.57
O2P PAO R . -2.95 -19.88 50.10
O3P PAO R . -3.19 -21.02 52.41
#